data_5YI4
#
_entry.id   5YI4
#
_cell.length_a   1.000
_cell.length_b   1.000
_cell.length_c   1.000
_cell.angle_alpha   90.00
_cell.angle_beta   90.00
_cell.angle_gamma   90.00
#
_symmetry.space_group_name_H-M   'P 1'
#
_entity_poly.entity_id   1
_entity_poly.type   'polypeptide(L)'
_entity_poly.pdbx_seq_one_letter_code
;GSEFGPWKEDSHIVSAEVGEKCEAIGVKLLHLEDQLLGAMYSHDEALFQSLQGELQTVKETLQAMILQLQPTKEAGEASA
SYPTAGAQETEALVPRGSGFGTSPLTPSARISALNIVGDLLRKVGALESKLAACRNFAKDQASRK
;
_entity_poly.pdbx_strand_id   A
#
# COMPACT_ATOMS: atom_id res chain seq x y z
N GLY A 1 -11.94 15.23 -21.18
CA GLY A 1 -13.38 15.17 -20.79
C GLY A 1 -13.94 13.77 -20.87
N SER A 2 -13.48 12.98 -21.84
CA SER A 2 -13.95 11.62 -22.02
C SER A 2 -15.46 11.59 -22.27
N GLU A 3 -15.83 11.51 -23.55
CA GLU A 3 -17.23 11.47 -23.93
C GLU A 3 -17.86 10.13 -23.54
N PHE A 4 -17.06 9.07 -23.57
CA PHE A 4 -17.55 7.74 -23.22
C PHE A 4 -16.93 7.26 -21.91
N GLY A 5 -15.63 7.01 -21.93
CA GLY A 5 -14.94 6.56 -20.74
C GLY A 5 -14.66 5.06 -20.77
N PRO A 6 -13.43 4.66 -21.15
CA PRO A 6 -13.05 3.25 -21.21
C PRO A 6 -13.00 2.59 -19.84
N TRP A 7 -12.99 3.41 -18.79
CA TRP A 7 -12.95 2.89 -17.43
C TRP A 7 -14.26 3.19 -16.70
N LYS A 8 -14.40 2.62 -15.51
CA LYS A 8 -15.61 2.81 -14.71
C LYS A 8 -15.26 3.19 -13.28
N GLU A 9 -14.49 2.33 -12.61
CA GLU A 9 -14.09 2.57 -11.23
C GLU A 9 -12.57 2.63 -11.11
N ASP A 10 -11.90 1.56 -11.54
CA ASP A 10 -10.45 1.48 -11.47
C ASP A 10 -9.88 1.01 -12.81
N SER A 11 -8.92 1.75 -13.34
CA SER A 11 -8.29 1.40 -14.60
C SER A 11 -6.97 2.14 -14.78
N HIS A 12 -7.01 3.47 -14.64
CA HIS A 12 -5.82 4.29 -14.79
C HIS A 12 -5.44 4.94 -13.46
N ILE A 13 -6.45 5.37 -12.70
CA ILE A 13 -6.22 6.01 -11.41
C ILE A 13 -5.51 5.05 -10.45
N VAL A 14 -6.00 3.81 -10.39
CA VAL A 14 -5.42 2.80 -9.52
C VAL A 14 -4.04 2.39 -10.01
N SER A 15 -3.84 2.43 -11.33
CA SER A 15 -2.56 2.08 -11.93
C SER A 15 -1.56 3.22 -11.79
N ALA A 16 -2.09 4.44 -11.73
CA ALA A 16 -1.25 5.62 -11.59
C ALA A 16 -0.85 5.84 -10.13
N GLU A 17 -1.78 5.54 -9.22
CA GLU A 17 -1.53 5.69 -7.79
C GLU A 17 -0.41 4.77 -7.33
N VAL A 18 -0.32 3.60 -7.95
CA VAL A 18 0.71 2.62 -7.61
C VAL A 18 2.06 3.03 -8.19
N GLY A 19 2.03 3.69 -9.34
CA GLY A 19 3.26 4.12 -9.99
C GLY A 19 3.99 5.19 -9.19
N GLU A 20 3.28 6.24 -8.83
CA GLU A 20 3.88 7.33 -8.06
C GLU A 20 4.19 6.86 -6.64
N LYS A 21 3.24 6.14 -6.04
CA LYS A 21 3.41 5.63 -4.69
C LYS A 21 4.63 4.70 -4.61
N CYS A 22 4.68 3.74 -5.54
CA CYS A 22 5.79 2.79 -5.59
C CYS A 22 7.12 3.51 -5.66
N GLU A 23 7.23 4.48 -6.56
CA GLU A 23 8.45 5.25 -6.71
C GLU A 23 8.86 5.86 -5.37
N ALA A 24 7.86 6.32 -4.61
CA ALA A 24 8.10 6.91 -3.31
C ALA A 24 8.61 5.86 -2.32
N ILE A 25 8.08 4.65 -2.43
CA ILE A 25 8.48 3.55 -1.55
C ILE A 25 9.97 3.28 -1.65
N GLY A 26 10.46 3.11 -2.87
CA GLY A 26 11.87 2.84 -3.09
C GLY A 26 12.76 3.97 -2.62
N VAL A 27 12.47 5.18 -3.08
CA VAL A 27 13.26 6.34 -2.69
C VAL A 27 13.29 6.48 -1.17
N LYS A 28 12.25 5.98 -0.52
CA LYS A 28 12.16 6.05 0.94
C LYS A 28 13.18 5.12 1.59
N LEU A 29 13.15 3.85 1.23
CA LEU A 29 14.07 2.87 1.80
C LEU A 29 15.52 3.21 1.45
N LEU A 30 15.71 3.86 0.31
CA LEU A 30 17.05 4.25 -0.12
C LEU A 30 17.61 5.36 0.77
N HIS A 31 16.82 6.40 0.97
CA HIS A 31 17.24 7.52 1.82
C HIS A 31 17.33 7.10 3.28
N LEU A 32 16.41 6.24 3.70
CA LEU A 32 16.38 5.76 5.07
C LEU A 32 17.60 4.91 5.38
N GLU A 33 17.85 3.91 4.53
CA GLU A 33 18.99 3.02 4.71
C GLU A 33 20.30 3.79 4.75
N ASP A 34 20.51 4.65 3.75
CA ASP A 34 21.72 5.45 3.67
C ASP A 34 21.85 6.37 4.88
N GLN A 35 20.72 6.87 5.36
CA GLN A 35 20.71 7.77 6.52
C GLN A 35 20.85 6.98 7.81
N LEU A 36 20.38 5.74 7.80
CA LEU A 36 20.45 4.88 8.97
C LEU A 36 21.89 4.53 9.32
N LEU A 37 22.62 4.00 8.34
CA LEU A 37 24.01 3.63 8.55
C LEU A 37 24.86 4.84 8.93
N GLY A 38 24.74 5.90 8.14
CA GLY A 38 25.49 7.12 8.41
C GLY A 38 25.19 7.70 9.77
N ALA A 39 23.89 7.84 10.07
CA ALA A 39 23.47 8.40 11.35
C ALA A 39 23.65 7.39 12.48
N MET A 40 23.76 6.11 12.14
CA MET A 40 23.93 5.06 13.14
C MET A 40 25.14 5.33 14.01
N TYR A 41 26.32 5.44 13.39
CA TYR A 41 27.55 5.71 14.11
C TYR A 41 27.70 7.19 14.45
N SER A 42 26.72 8.00 14.03
CA SER A 42 26.76 9.44 14.30
C SER A 42 26.17 9.74 15.67
N HIS A 43 24.85 9.70 15.76
CA HIS A 43 24.15 9.98 17.01
C HIS A 43 23.08 8.93 17.32
N ASP A 44 23.00 7.91 16.48
CA ASP A 44 22.02 6.83 16.65
C ASP A 44 20.65 7.39 17.04
N GLU A 45 20.35 8.59 16.57
CA GLU A 45 19.08 9.24 16.85
C GLU A 45 18.38 9.66 15.56
N ALA A 46 19.18 10.08 14.59
CA ALA A 46 18.65 10.51 13.30
C ALA A 46 17.85 9.39 12.63
N LEU A 47 18.29 8.15 12.83
CA LEU A 47 17.61 7.01 12.25
C LEU A 47 16.28 6.74 12.95
N PHE A 48 16.24 7.05 14.25
CA PHE A 48 15.02 6.85 15.04
C PHE A 48 13.91 7.77 14.57
N GLN A 49 14.24 9.05 14.39
CA GLN A 49 13.26 10.03 13.93
C GLN A 49 12.83 9.74 12.51
N SER A 50 13.80 9.39 11.67
CA SER A 50 13.52 9.08 10.27
C SER A 50 12.57 7.90 10.15
N LEU A 51 12.80 6.88 10.98
CA LEU A 51 11.97 5.69 10.97
C LEU A 51 10.53 6.03 11.36
N GLN A 52 10.37 6.86 12.38
CA GLN A 52 9.06 7.26 12.85
C GLN A 52 8.26 7.93 11.73
N GLY A 53 8.88 8.93 11.09
CA GLY A 53 8.21 9.62 10.00
C GLY A 53 8.05 8.75 8.78
N GLU A 54 8.97 7.82 8.59
CA GLU A 54 8.91 6.91 7.44
C GLU A 54 7.84 5.85 7.64
N LEU A 55 7.64 5.44 8.90
CA LEU A 55 6.65 4.43 9.23
C LEU A 55 5.23 5.01 9.16
N GLN A 56 5.09 6.28 9.53
CA GLN A 56 3.80 6.95 9.51
C GLN A 56 3.36 7.23 8.09
N THR A 57 4.27 7.79 7.29
CA THR A 57 3.99 8.11 5.90
C THR A 57 3.67 6.85 5.11
N VAL A 58 4.52 5.83 5.26
CA VAL A 58 4.32 4.58 4.55
C VAL A 58 2.97 3.96 4.91
N LYS A 59 2.62 4.01 6.19
CA LYS A 59 1.35 3.46 6.66
C LYS A 59 0.19 4.14 5.95
N GLU A 60 0.33 5.45 5.74
CA GLU A 60 -0.70 6.23 5.07
C GLU A 60 -0.91 5.72 3.64
N THR A 61 0.20 5.47 2.94
CA THR A 61 0.12 4.98 1.57
C THR A 61 -0.36 3.52 1.55
N LEU A 62 -0.01 2.77 2.58
CA LEU A 62 -0.41 1.37 2.67
C LEU A 62 -1.90 1.25 2.95
N GLN A 63 -2.43 2.20 3.70
CA GLN A 63 -3.85 2.21 4.04
C GLN A 63 -4.70 2.56 2.82
N ALA A 64 -4.31 3.62 2.12
CA ALA A 64 -5.03 4.05 0.94
C ALA A 64 -5.00 2.99 -0.16
N MET A 65 -3.87 2.30 -0.26
CA MET A 65 -3.71 1.26 -1.27
C MET A 65 -4.58 0.05 -0.96
N ILE A 66 -4.49 -0.45 0.27
CA ILE A 66 -5.27 -1.61 0.68
C ILE A 66 -6.77 -1.31 0.61
N LEU A 67 -7.13 -0.07 0.91
CA LEU A 67 -8.53 0.34 0.88
C LEU A 67 -9.05 0.40 -0.55
N GLN A 68 -8.24 0.97 -1.44
CA GLN A 68 -8.62 1.09 -2.84
C GLN A 68 -8.72 -0.27 -3.50
N LEU A 69 -7.94 -1.23 -3.02
CA LEU A 69 -7.96 -2.58 -3.57
C LEU A 69 -9.12 -3.39 -3.01
N GLN A 70 -9.52 -3.08 -1.79
CA GLN A 70 -10.63 -3.77 -1.14
C GLN A 70 -11.85 -2.86 -1.02
N PRO A 71 -12.81 -2.97 -1.97
CA PRO A 71 -14.02 -2.16 -1.96
C PRO A 71 -14.74 -2.21 -0.62
N THR A 72 -15.24 -1.06 -0.17
CA THR A 72 -15.96 -0.98 1.09
C THR A 72 -16.86 0.25 1.13
N LYS A 73 -17.38 0.63 -0.03
CA LYS A 73 -18.26 1.78 -0.14
C LYS A 73 -19.45 1.48 -1.05
N GLU A 74 -20.65 1.72 -0.56
CA GLU A 74 -21.86 1.48 -1.33
C GLU A 74 -22.86 2.63 -1.16
N ALA A 75 -23.86 2.66 -2.03
CA ALA A 75 -24.88 3.71 -1.97
C ALA A 75 -25.91 3.40 -0.89
N GLY A 76 -26.70 2.36 -1.11
CA GLY A 76 -27.73 1.99 -0.14
C GLY A 76 -27.68 0.51 0.21
N GLU A 77 -27.97 0.19 1.47
CA GLU A 77 -27.95 -1.18 1.93
C GLU A 77 -29.26 -1.89 1.57
N ALA A 78 -29.27 -3.21 1.68
CA ALA A 78 -30.45 -4.00 1.38
C ALA A 78 -30.88 -3.81 -0.07
N SER A 79 -29.90 -3.56 -0.94
CA SER A 79 -30.18 -3.37 -2.36
C SER A 79 -29.30 -4.27 -3.22
N ALA A 80 -29.73 -5.52 -3.39
CA ALA A 80 -28.99 -6.48 -4.18
C ALA A 80 -29.85 -7.69 -4.54
N SER A 81 -30.50 -7.62 -5.70
CA SER A 81 -31.37 -8.71 -6.15
C SER A 81 -31.02 -9.13 -7.57
N TYR A 82 -30.90 -8.15 -8.47
CA TYR A 82 -30.57 -8.43 -9.85
C TYR A 82 -29.36 -7.61 -10.30
N PRO A 83 -28.38 -8.24 -10.96
CA PRO A 83 -27.17 -7.56 -11.43
C PRO A 83 -27.44 -6.70 -12.65
N THR A 84 -27.15 -5.40 -12.53
CA THR A 84 -27.36 -4.47 -13.63
C THR A 84 -26.06 -3.75 -13.99
N ALA A 85 -25.78 -3.64 -15.28
CA ALA A 85 -24.58 -2.98 -15.76
C ALA A 85 -24.59 -2.84 -17.27
N GLY A 86 -24.14 -1.68 -17.76
CA GLY A 86 -24.10 -1.44 -19.19
C GLY A 86 -23.17 -2.39 -19.91
N ALA A 87 -21.92 -2.44 -19.47
CA ALA A 87 -20.92 -3.31 -20.09
C ALA A 87 -19.67 -3.42 -19.21
N GLN A 88 -19.43 -4.60 -18.67
CA GLN A 88 -18.27 -4.83 -17.81
C GLN A 88 -17.05 -5.21 -18.65
N GLU A 89 -17.25 -6.10 -19.61
CA GLU A 89 -16.18 -6.55 -20.49
C GLU A 89 -16.73 -7.11 -21.80
N THR A 90 -17.40 -6.25 -22.56
CA THR A 90 -17.98 -6.66 -23.84
C THR A 90 -17.09 -6.25 -25.00
N GLU A 91 -16.42 -5.10 -24.85
CA GLU A 91 -15.53 -4.60 -25.89
C GLU A 91 -14.39 -5.59 -26.15
N ALA A 92 -14.00 -6.32 -25.13
CA ALA A 92 -12.93 -7.30 -25.25
C ALA A 92 -13.43 -8.57 -25.92
N LEU A 93 -12.49 -9.43 -26.32
CA LEU A 93 -12.84 -10.69 -26.97
C LEU A 93 -13.53 -11.64 -26.00
N VAL A 94 -13.17 -11.54 -24.73
CA VAL A 94 -13.76 -12.38 -23.69
C VAL A 94 -14.94 -11.69 -23.01
N PRO A 95 -16.17 -12.08 -23.37
CA PRO A 95 -17.38 -11.48 -22.78
C PRO A 95 -17.55 -11.84 -21.31
N ARG A 96 -17.21 -10.90 -20.44
CA ARG A 96 -17.32 -11.13 -19.00
C ARG A 96 -18.53 -10.39 -18.43
N GLY A 97 -19.41 -11.14 -17.74
CA GLY A 97 -20.59 -10.55 -17.16
C GLY A 97 -20.35 -10.04 -15.75
N SER A 98 -21.39 -10.12 -14.92
CA SER A 98 -21.29 -9.67 -13.53
C SER A 98 -22.20 -10.50 -12.63
N GLY A 99 -21.73 -10.73 -11.40
CA GLY A 99 -22.50 -11.51 -10.45
C GLY A 99 -21.64 -12.43 -9.61
N PHE A 100 -22.11 -12.74 -8.41
CA PHE A 100 -21.38 -13.62 -7.51
C PHE A 100 -20.00 -13.03 -7.17
N GLY A 101 -19.93 -11.70 -7.15
CA GLY A 101 -18.68 -11.03 -6.84
C GLY A 101 -18.65 -9.60 -7.35
N THR A 102 -17.77 -8.79 -6.75
CA THR A 102 -17.64 -7.40 -7.15
C THR A 102 -16.67 -7.25 -8.32
N SER A 103 -15.57 -7.99 -8.26
CA SER A 103 -14.56 -7.94 -9.31
C SER A 103 -14.00 -6.52 -9.46
N PRO A 104 -12.75 -6.29 -9.01
CA PRO A 104 -12.11 -4.97 -9.11
C PRO A 104 -11.70 -4.62 -10.53
N LEU A 105 -11.10 -5.59 -11.22
CA LEU A 105 -10.65 -5.39 -12.60
C LEU A 105 -10.01 -6.66 -13.15
N THR A 106 -9.53 -6.58 -14.39
CA THR A 106 -8.89 -7.72 -15.04
C THR A 106 -7.72 -8.24 -14.21
N PRO A 107 -7.48 -9.56 -14.25
CA PRO A 107 -6.39 -10.19 -13.50
C PRO A 107 -5.01 -9.72 -13.99
N SER A 108 -4.59 -8.55 -13.51
CA SER A 108 -3.30 -8.00 -13.90
C SER A 108 -2.84 -6.95 -12.89
N ALA A 109 -3.70 -5.96 -12.63
CA ALA A 109 -3.38 -4.90 -11.68
C ALA A 109 -3.66 -5.35 -10.24
N ARG A 110 -4.65 -6.21 -10.07
CA ARG A 110 -5.01 -6.72 -8.75
C ARG A 110 -3.83 -7.43 -8.11
N ILE A 111 -3.21 -8.33 -8.85
CA ILE A 111 -2.06 -9.08 -8.35
C ILE A 111 -0.87 -8.17 -8.12
N SER A 112 -0.62 -7.27 -9.08
CA SER A 112 0.50 -6.33 -8.98
C SER A 112 0.37 -5.47 -7.73
N ALA A 113 -0.83 -4.93 -7.50
CA ALA A 113 -1.07 -4.08 -6.35
C ALA A 113 -0.76 -4.83 -5.04
N LEU A 114 -1.37 -6.00 -4.88
CA LEU A 114 -1.15 -6.81 -3.69
C LEU A 114 0.30 -7.25 -3.60
N ASN A 115 0.98 -7.29 -4.75
CA ASN A 115 2.38 -7.70 -4.80
C ASN A 115 3.27 -6.68 -4.11
N ILE A 116 3.07 -5.40 -4.43
CA ILE A 116 3.87 -4.34 -3.82
C ILE A 116 3.54 -4.18 -2.34
N VAL A 117 2.27 -4.36 -2.00
CA VAL A 117 1.84 -4.23 -0.61
C VAL A 117 2.59 -5.23 0.27
N GLY A 118 2.59 -6.49 -0.13
CA GLY A 118 3.28 -7.52 0.62
C GLY A 118 4.79 -7.32 0.60
N ASP A 119 5.31 -6.95 -0.56
CA ASP A 119 6.75 -6.72 -0.72
C ASP A 119 7.18 -5.50 0.08
N LEU A 120 6.28 -4.52 0.18
CA LEU A 120 6.57 -3.30 0.93
C LEU A 120 6.64 -3.58 2.42
N LEU A 121 5.55 -4.14 2.96
CA LEU A 121 5.49 -4.47 4.38
C LEU A 121 6.66 -5.38 4.77
N ARG A 122 7.09 -6.21 3.82
CA ARG A 122 8.20 -7.12 4.07
C ARG A 122 9.50 -6.35 4.23
N LYS A 123 9.73 -5.38 3.36
CA LYS A 123 10.93 -4.56 3.41
C LYS A 123 10.98 -3.76 4.70
N VAL A 124 9.83 -3.25 5.13
CA VAL A 124 9.74 -2.47 6.35
C VAL A 124 10.09 -3.32 7.57
N GLY A 125 9.57 -4.54 7.59
CA GLY A 125 9.84 -5.44 8.69
C GLY A 125 11.32 -5.73 8.86
N ALA A 126 11.98 -6.05 7.76
CA ALA A 126 13.41 -6.34 7.77
C ALA A 126 14.21 -5.13 8.23
N LEU A 127 13.84 -3.96 7.72
CA LEU A 127 14.53 -2.72 8.09
C LEU A 127 14.30 -2.39 9.56
N GLU A 128 13.07 -2.58 10.03
CA GLU A 128 12.73 -2.30 11.41
C GLU A 128 13.51 -3.21 12.35
N SER A 129 13.60 -4.49 12.00
CA SER A 129 14.33 -5.45 12.82
C SER A 129 15.81 -5.09 12.89
N LYS A 130 16.35 -4.60 11.78
CA LYS A 130 17.76 -4.21 11.72
C LYS A 130 18.02 -3.02 12.63
N LEU A 131 17.11 -2.06 12.61
CA LEU A 131 17.25 -0.86 13.43
C LEU A 131 17.16 -1.20 14.92
N ALA A 132 16.17 -2.02 15.27
CA ALA A 132 15.97 -2.43 16.66
C ALA A 132 17.14 -3.29 17.14
N ALA A 133 17.67 -4.10 16.23
CA ALA A 133 18.79 -4.97 16.57
C ALA A 133 20.07 -4.17 16.77
N CYS A 134 20.31 -3.23 15.87
CA CYS A 134 21.50 -2.38 15.95
C CYS A 134 21.47 -1.52 17.20
N ARG A 135 20.31 -0.95 17.49
CA ARG A 135 20.14 -0.09 18.67
C ARG A 135 20.45 -0.88 19.94
N ASN A 136 19.89 -2.08 20.04
CA ASN A 136 20.09 -2.93 21.21
C ASN A 136 21.57 -3.32 21.34
N PHE A 137 22.22 -3.52 20.20
CA PHE A 137 23.63 -3.90 20.19
C PHE A 137 24.50 -2.76 20.70
N ALA A 138 24.16 -1.54 20.30
CA ALA A 138 24.91 -0.36 20.72
C ALA A 138 24.51 0.08 22.12
N LYS A 139 23.25 -0.16 22.47
CA LYS A 139 22.73 0.22 23.79
C LYS A 139 23.25 -0.74 24.86
N ASP A 140 23.48 -1.98 24.48
CA ASP A 140 23.97 -3.00 25.41
C ASP A 140 25.50 -3.13 25.31
N GLN A 141 26.14 -2.09 24.81
CA GLN A 141 27.60 -2.08 24.66
C GLN A 141 28.24 -1.08 25.62
N ALA A 142 27.55 0.03 25.85
CA ALA A 142 28.05 1.07 26.74
C ALA A 142 28.16 0.55 28.18
N SER A 143 27.12 -0.15 28.63
CA SER A 143 27.10 -0.69 29.98
C SER A 143 28.00 -1.92 30.09
N ARG A 144 27.82 -2.86 29.16
CA ARG A 144 28.62 -4.09 29.15
C ARG A 144 28.29 -4.96 30.36
N LYS A 145 28.69 -4.51 31.54
CA LYS A 145 28.43 -5.25 32.77
C LYS A 145 26.96 -5.21 33.15
N GLY A 1 -23.00 1.88 -28.71
CA GLY A 1 -23.04 1.04 -27.48
C GLY A 1 -21.68 0.47 -27.12
N SER A 2 -21.20 0.81 -25.92
CA SER A 2 -19.90 0.34 -25.46
C SER A 2 -20.07 -0.75 -24.41
N GLU A 3 -19.86 -2.00 -24.81
CA GLU A 3 -19.98 -3.13 -23.91
C GLU A 3 -19.02 -3.00 -22.73
N PHE A 4 -17.89 -2.35 -22.97
CA PHE A 4 -16.88 -2.16 -21.93
C PHE A 4 -16.01 -0.95 -22.23
N GLY A 5 -16.09 0.06 -21.38
CA GLY A 5 -15.31 1.27 -21.57
C GLY A 5 -14.11 1.34 -20.64
N PRO A 6 -13.00 1.96 -21.08
CA PRO A 6 -11.80 2.09 -20.26
C PRO A 6 -12.06 2.79 -18.93
N TRP A 7 -13.00 3.73 -18.94
CA TRP A 7 -13.35 4.47 -17.74
C TRP A 7 -14.73 4.06 -17.21
N LYS A 8 -14.74 3.47 -16.02
CA LYS A 8 -15.99 3.02 -15.40
C LYS A 8 -15.72 2.37 -14.05
N GLU A 9 -14.61 1.64 -13.94
CA GLU A 9 -14.24 0.97 -12.71
C GLU A 9 -12.80 1.26 -12.32
N ASP A 10 -12.24 2.34 -12.87
CA ASP A 10 -10.85 2.71 -12.58
C ASP A 10 -9.89 1.56 -12.89
N SER A 11 -9.25 1.63 -14.05
CA SER A 11 -8.31 0.59 -14.46
C SER A 11 -6.94 1.19 -14.77
N HIS A 12 -6.93 2.29 -15.52
CA HIS A 12 -5.69 2.96 -15.88
C HIS A 12 -5.25 3.92 -14.77
N ILE A 13 -6.22 4.53 -14.12
CA ILE A 13 -5.94 5.48 -13.03
C ILE A 13 -5.36 4.76 -11.82
N VAL A 14 -5.97 3.64 -11.46
CA VAL A 14 -5.52 2.87 -10.31
C VAL A 14 -4.08 2.40 -10.49
N SER A 15 -3.75 1.97 -11.70
CA SER A 15 -2.40 1.50 -12.00
C SER A 15 -1.39 2.65 -11.89
N ALA A 16 -1.85 3.87 -12.18
CA ALA A 16 -0.99 5.04 -12.12
C ALA A 16 -0.72 5.44 -10.67
N GLU A 17 -1.72 5.28 -9.82
CA GLU A 17 -1.59 5.62 -8.41
C GLU A 17 -0.47 4.83 -7.76
N VAL A 18 -0.46 3.52 -7.99
CA VAL A 18 0.56 2.64 -7.42
C VAL A 18 1.94 2.95 -8.01
N GLY A 19 1.95 3.34 -9.28
CA GLY A 19 3.21 3.66 -9.93
C GLY A 19 3.91 4.84 -9.30
N GLU A 20 3.18 5.95 -9.15
CA GLU A 20 3.74 7.16 -8.55
C GLU A 20 4.11 6.92 -7.09
N LYS A 21 3.26 6.16 -6.40
CA LYS A 21 3.49 5.85 -4.99
C LYS A 21 4.67 4.90 -4.83
N CYS A 22 4.79 3.96 -5.76
CA CYS A 22 5.88 2.98 -5.73
C CYS A 22 7.23 3.66 -5.92
N GLU A 23 7.24 4.69 -6.77
CA GLU A 23 8.47 5.43 -7.05
C GLU A 23 8.90 6.25 -5.83
N ALA A 24 7.96 6.99 -5.26
CA ALA A 24 8.25 7.82 -4.09
C ALA A 24 8.51 6.97 -2.86
N ILE A 25 7.66 5.99 -2.62
CA ILE A 25 7.80 5.12 -1.46
C ILE A 25 9.14 4.40 -1.47
N GLY A 26 9.56 3.94 -2.65
CA GLY A 26 10.83 3.23 -2.77
C GLY A 26 12.01 4.13 -2.48
N VAL A 27 12.07 5.27 -3.17
CA VAL A 27 13.17 6.21 -2.98
C VAL A 27 13.24 6.61 -1.51
N LYS A 28 12.11 6.56 -0.82
CA LYS A 28 12.05 6.93 0.58
C LYS A 28 12.70 5.86 1.45
N LEU A 29 12.24 4.63 1.30
CA LEU A 29 12.79 3.51 2.08
C LEU A 29 14.29 3.36 1.84
N LEU A 30 14.70 3.55 0.59
CA LEU A 30 16.10 3.44 0.23
C LEU A 30 16.93 4.52 0.92
N HIS A 31 16.43 5.75 0.87
CA HIS A 31 17.13 6.88 1.50
C HIS A 31 17.24 6.67 3.01
N LEU A 32 16.17 6.16 3.62
CA LEU A 32 16.15 5.91 5.05
C LEU A 32 17.21 4.89 5.44
N GLU A 33 17.38 3.87 4.61
CA GLU A 33 18.37 2.83 4.87
C GLU A 33 19.79 3.39 4.84
N ASP A 34 20.07 4.22 3.84
CA ASP A 34 21.39 4.83 3.71
C ASP A 34 21.64 5.82 4.84
N GLN A 35 20.61 6.57 5.21
CA GLN A 35 20.71 7.55 6.28
C GLN A 35 20.80 6.87 7.65
N LEU A 36 20.14 5.71 7.76
CA LEU A 36 20.15 4.96 9.02
C LEU A 36 21.54 4.43 9.33
N LEU A 37 22.16 3.77 8.35
CA LEU A 37 23.49 3.21 8.53
C LEU A 37 24.50 4.31 8.87
N GLY A 38 24.49 5.38 8.09
CA GLY A 38 25.41 6.47 8.32
C GLY A 38 25.16 7.17 9.64
N ALA A 39 23.89 7.40 9.96
CA ALA A 39 23.51 8.06 11.20
C ALA A 39 23.85 7.20 12.41
N MET A 40 23.92 5.89 12.20
CA MET A 40 24.23 4.95 13.28
C MET A 40 25.53 5.34 13.98
N TYR A 41 26.61 5.47 13.20
CA TYR A 41 27.91 5.84 13.74
C TYR A 41 28.00 7.34 13.99
N SER A 42 27.34 8.11 13.14
CA SER A 42 27.36 9.57 13.27
C SER A 42 26.56 10.02 14.49
N HIS A 43 25.25 9.77 14.47
CA HIS A 43 24.37 10.15 15.57
C HIS A 43 23.21 9.18 15.69
N ASP A 44 23.13 8.49 16.83
CA ASP A 44 22.06 7.53 17.06
C ASP A 44 20.81 8.22 17.60
N GLU A 45 20.36 9.24 16.89
CA GLU A 45 19.16 9.99 17.27
C GLU A 45 18.31 10.32 16.05
N ALA A 46 18.97 10.79 14.99
CA ALA A 46 18.28 11.13 13.76
C ALA A 46 17.55 9.93 13.18
N LEU A 47 18.17 8.75 13.29
CA LEU A 47 17.58 7.53 12.77
C LEU A 47 16.27 7.21 13.51
N PHE A 48 16.28 7.38 14.83
CA PHE A 48 15.11 7.12 15.64
C PHE A 48 13.94 8.00 15.20
N GLN A 49 14.19 9.29 15.09
CA GLN A 49 13.17 10.25 14.68
C GLN A 49 12.76 9.99 13.23
N SER A 50 13.76 9.75 12.39
CA SER A 50 13.51 9.50 10.98
C SER A 50 12.64 8.26 10.79
N LEU A 51 12.95 7.21 11.54
CA LEU A 51 12.21 5.97 11.46
C LEU A 51 10.76 6.18 11.90
N GLN A 52 10.57 7.03 12.91
CA GLN A 52 9.24 7.32 13.42
C GLN A 52 8.36 7.89 12.32
N GLY A 53 8.82 8.96 11.69
CA GLY A 53 8.07 9.59 10.62
C GLY A 53 7.94 8.69 9.41
N GLU A 54 8.98 7.88 9.17
CA GLU A 54 8.98 6.97 8.03
C GLU A 54 7.96 5.86 8.22
N LEU A 55 8.11 5.08 9.29
CA LEU A 55 7.20 3.98 9.58
C LEU A 55 5.75 4.47 9.60
N GLN A 56 5.54 5.67 10.12
CA GLN A 56 4.20 6.24 10.20
C GLN A 56 3.62 6.49 8.81
N THR A 57 4.45 7.03 7.92
CA THR A 57 4.01 7.32 6.56
C THR A 57 3.71 6.04 5.78
N VAL A 58 4.42 4.97 6.11
CA VAL A 58 4.21 3.69 5.43
C VAL A 58 2.90 3.05 5.88
N LYS A 59 2.56 3.25 7.15
CA LYS A 59 1.33 2.70 7.69
C LYS A 59 0.12 3.37 7.04
N GLU A 60 0.17 4.70 6.95
CA GLU A 60 -0.92 5.46 6.34
C GLU A 60 -1.00 5.21 4.84
N THR A 61 0.15 5.30 4.17
CA THR A 61 0.21 5.09 2.73
C THR A 61 -0.30 3.70 2.36
N LEU A 62 0.11 2.70 3.15
CA LEU A 62 -0.30 1.32 2.90
C LEU A 62 -1.82 1.20 3.02
N GLN A 63 -2.37 1.83 4.06
CA GLN A 63 -3.81 1.80 4.28
C GLN A 63 -4.57 2.34 3.07
N ALA A 64 -4.01 3.39 2.47
CA ALA A 64 -4.62 4.00 1.28
C ALA A 64 -4.64 3.02 0.12
N MET A 65 -3.52 2.31 -0.07
CA MET A 65 -3.40 1.34 -1.15
C MET A 65 -4.46 0.25 -1.01
N ILE A 66 -4.56 -0.32 0.18
CA ILE A 66 -5.53 -1.37 0.44
C ILE A 66 -6.95 -0.85 0.31
N LEU A 67 -7.19 0.35 0.82
CA LEU A 67 -8.51 0.97 0.74
C LEU A 67 -8.94 1.16 -0.70
N GLN A 68 -8.00 1.59 -1.54
CA GLN A 68 -8.27 1.81 -2.96
C GLN A 68 -8.41 0.48 -3.69
N LEU A 69 -7.58 -0.49 -3.31
CA LEU A 69 -7.60 -1.81 -3.93
C LEU A 69 -8.95 -2.48 -3.73
N GLN A 70 -9.40 -2.52 -2.47
CA GLN A 70 -10.69 -3.12 -2.15
C GLN A 70 -11.75 -2.05 -1.90
N PRO A 71 -12.49 -1.67 -2.95
CA PRO A 71 -13.54 -0.65 -2.84
C PRO A 71 -14.71 -1.10 -1.97
N THR A 72 -15.00 -0.34 -0.93
CA THR A 72 -16.10 -0.67 -0.02
C THR A 72 -16.89 0.58 0.34
N LYS A 73 -16.94 1.54 -0.58
CA LYS A 73 -17.66 2.79 -0.35
C LYS A 73 -17.11 3.52 0.87
N GLU A 74 -17.63 4.73 1.11
CA GLU A 74 -17.19 5.54 2.24
C GLU A 74 -18.37 5.95 3.10
N ALA A 75 -19.35 6.61 2.48
CA ALA A 75 -20.54 7.06 3.19
C ALA A 75 -21.66 6.03 3.11
N GLY A 76 -21.45 4.89 3.76
CA GLY A 76 -22.45 3.84 3.74
C GLY A 76 -22.23 2.80 4.82
N GLU A 77 -21.77 3.25 5.99
CA GLU A 77 -21.52 2.37 7.11
C GLU A 77 -22.80 2.04 7.86
N ALA A 78 -22.71 1.11 8.81
CA ALA A 78 -23.87 0.71 9.60
C ALA A 78 -24.98 0.16 8.71
N SER A 79 -24.59 -0.46 7.60
CA SER A 79 -25.56 -1.03 6.67
C SER A 79 -26.21 -2.27 7.26
N ALA A 80 -25.40 -3.20 7.75
CA ALA A 80 -25.90 -4.43 8.33
C ALA A 80 -26.74 -4.14 9.57
N SER A 81 -27.83 -4.87 9.72
CA SER A 81 -28.72 -4.69 10.87
C SER A 81 -28.28 -5.57 12.03
N TYR A 82 -28.10 -6.86 11.76
CA TYR A 82 -27.69 -7.80 12.79
C TYR A 82 -27.21 -9.11 12.16
N PRO A 83 -25.95 -9.17 11.72
CA PRO A 83 -25.37 -10.37 11.11
C PRO A 83 -25.18 -11.51 12.12
N THR A 84 -25.87 -12.62 11.89
CA THR A 84 -25.78 -13.77 12.77
C THR A 84 -25.42 -15.03 11.99
N ALA A 85 -24.14 -15.33 11.90
CA ALA A 85 -23.67 -16.50 11.18
C ALA A 85 -22.30 -16.96 11.68
N GLY A 86 -21.77 -18.02 11.08
CA GLY A 86 -20.48 -18.53 11.47
C GLY A 86 -19.36 -18.01 10.60
N ALA A 87 -19.49 -16.78 10.14
CA ALA A 87 -18.48 -16.17 9.28
C ALA A 87 -17.30 -15.66 10.11
N GLN A 88 -16.09 -15.88 9.60
CA GLN A 88 -14.88 -15.44 10.30
C GLN A 88 -14.88 -13.92 10.49
N GLU A 89 -13.78 -13.40 11.03
CA GLU A 89 -13.66 -11.97 11.27
C GLU A 89 -12.92 -11.29 10.12
N THR A 90 -13.23 -11.70 8.90
CA THR A 90 -12.59 -11.13 7.72
C THR A 90 -13.36 -9.89 7.24
N GLU A 91 -14.66 -9.90 7.45
CA GLU A 91 -15.51 -8.77 7.04
C GLU A 91 -15.11 -7.51 7.78
N ALA A 92 -14.68 -7.65 9.03
CA ALA A 92 -14.27 -6.51 9.84
C ALA A 92 -12.79 -6.22 9.67
N LEU A 93 -11.95 -7.15 10.12
CA LEU A 93 -10.50 -6.98 10.01
C LEU A 93 -9.89 -8.04 9.11
N VAL A 94 -8.71 -7.76 8.58
CA VAL A 94 -8.02 -8.70 7.70
C VAL A 94 -8.81 -8.92 6.41
N PRO A 95 -8.12 -8.91 5.25
CA PRO A 95 -8.77 -9.10 3.95
C PRO A 95 -9.59 -10.38 3.90
N ARG A 96 -10.66 -10.37 3.11
CA ARG A 96 -11.53 -11.54 2.98
C ARG A 96 -11.13 -12.36 1.76
N GLY A 97 -11.54 -13.63 1.75
CA GLY A 97 -11.23 -14.52 0.65
C GLY A 97 -12.29 -14.51 -0.42
N SER A 98 -12.03 -15.17 -1.54
CA SER A 98 -12.99 -15.24 -2.64
C SER A 98 -13.30 -13.85 -3.18
N GLY A 99 -12.78 -13.55 -4.37
CA GLY A 99 -13.02 -12.26 -4.97
C GLY A 99 -14.17 -12.28 -5.97
N PHE A 100 -15.22 -13.02 -5.64
CA PHE A 100 -16.38 -13.12 -6.51
C PHE A 100 -17.17 -11.82 -6.54
N GLY A 101 -17.79 -11.53 -7.68
CA GLY A 101 -18.56 -10.30 -7.80
C GLY A 101 -18.28 -9.57 -9.11
N THR A 102 -17.21 -8.79 -9.13
CA THR A 102 -16.83 -8.04 -10.32
C THR A 102 -15.35 -7.67 -10.29
N SER A 103 -14.55 -8.39 -11.09
CA SER A 103 -13.13 -8.14 -11.16
C SER A 103 -12.83 -6.85 -11.92
N PRO A 104 -12.29 -5.82 -11.23
CA PRO A 104 -11.97 -4.54 -11.86
C PRO A 104 -11.08 -4.70 -13.09
N LEU A 105 -10.07 -5.55 -12.98
CA LEU A 105 -9.15 -5.80 -14.09
C LEU A 105 -8.48 -7.16 -13.94
N THR A 106 -7.77 -7.57 -14.99
CA THR A 106 -7.08 -8.86 -14.97
C THR A 106 -6.07 -8.93 -13.83
N PRO A 107 -5.59 -10.14 -13.50
CA PRO A 107 -4.62 -10.34 -12.42
C PRO A 107 -3.25 -9.75 -12.76
N SER A 108 -3.21 -8.44 -12.93
CA SER A 108 -1.96 -7.75 -13.25
C SER A 108 -1.71 -6.59 -12.30
N ALA A 109 -2.74 -5.76 -12.10
CA ALA A 109 -2.63 -4.62 -11.20
C ALA A 109 -2.84 -5.04 -9.75
N ARG A 110 -3.75 -5.99 -9.55
CA ARG A 110 -4.04 -6.48 -8.21
C ARG A 110 -2.87 -7.30 -7.67
N ILE A 111 -2.35 -8.21 -8.49
CA ILE A 111 -1.23 -9.05 -8.08
C ILE A 111 -0.01 -8.20 -7.75
N SER A 112 0.25 -7.20 -8.57
CA SER A 112 1.39 -6.30 -8.36
C SER A 112 1.21 -5.50 -7.07
N ALA A 113 -0.04 -5.13 -6.79
CA ALA A 113 -0.35 -4.36 -5.59
C ALA A 113 0.00 -5.14 -4.34
N LEU A 114 -0.59 -6.33 -4.20
CA LEU A 114 -0.34 -7.18 -3.05
C LEU A 114 1.15 -7.54 -2.95
N ASN A 115 1.81 -7.59 -4.10
CA ASN A 115 3.23 -7.92 -4.15
C ASN A 115 4.07 -6.81 -3.55
N ILE A 116 3.79 -5.56 -3.92
CA ILE A 116 4.53 -4.42 -3.41
C ILE A 116 4.19 -4.17 -1.94
N VAL A 117 2.92 -4.38 -1.58
CA VAL A 117 2.48 -4.18 -0.20
C VAL A 117 3.27 -5.06 0.76
N GLY A 118 3.29 -6.36 0.47
CA GLY A 118 4.03 -7.29 1.32
C GLY A 118 5.51 -6.99 1.33
N ASP A 119 6.06 -6.66 0.17
CA ASP A 119 7.48 -6.35 0.05
C ASP A 119 7.80 -5.06 0.79
N LEU A 120 6.84 -4.13 0.82
CA LEU A 120 7.03 -2.87 1.50
C LEU A 120 7.10 -3.07 3.02
N LEU A 121 6.09 -3.77 3.56
CA LEU A 121 6.04 -4.04 4.99
C LEU A 121 7.28 -4.81 5.44
N ARG A 122 7.80 -5.65 4.54
CA ARG A 122 8.98 -6.45 4.85
C ARG A 122 10.22 -5.56 4.95
N LYS A 123 10.34 -4.61 4.03
CA LYS A 123 11.47 -3.70 4.01
C LYS A 123 11.46 -2.80 5.24
N VAL A 124 10.35 -2.12 5.46
CA VAL A 124 10.20 -1.23 6.62
C VAL A 124 10.26 -2.02 7.91
N GLY A 125 9.67 -3.21 7.90
CA GLY A 125 9.67 -4.05 9.08
C GLY A 125 11.07 -4.48 9.48
N ALA A 126 11.92 -4.72 8.48
CA ALA A 126 13.29 -5.14 8.73
C ALA A 126 14.12 -3.97 9.26
N LEU A 127 13.84 -2.78 8.75
CA LEU A 127 14.55 -1.58 9.17
C LEU A 127 14.30 -1.29 10.65
N GLU A 128 13.04 -1.30 11.04
CA GLU A 128 12.67 -1.04 12.43
C GLU A 128 13.24 -2.12 13.34
N SER A 129 13.19 -3.37 12.88
CA SER A 129 13.70 -4.49 13.65
C SER A 129 15.19 -4.32 13.92
N LYS A 130 15.92 -3.95 12.87
CA LYS A 130 17.37 -3.73 13.00
C LYS A 130 17.65 -2.61 13.98
N LEU A 131 16.76 -1.61 14.00
CA LEU A 131 16.91 -0.47 14.89
C LEU A 131 16.86 -0.92 16.35
N ALA A 132 15.91 -1.79 16.65
CA ALA A 132 15.75 -2.31 18.01
C ALA A 132 16.99 -3.09 18.43
N ALA A 133 17.49 -3.92 17.53
CA ALA A 133 18.68 -4.72 17.81
C ALA A 133 19.88 -3.84 18.16
N CYS A 134 20.08 -2.81 17.34
CA CYS A 134 21.18 -1.88 17.56
C CYS A 134 20.97 -1.07 18.83
N ARG A 135 19.71 -0.82 19.17
CA ARG A 135 19.37 -0.06 20.37
C ARG A 135 19.91 -0.77 21.62
N ASN A 136 19.54 -2.03 21.78
CA ASN A 136 19.98 -2.81 22.93
C ASN A 136 21.49 -3.03 22.88
N PHE A 137 22.03 -3.14 21.67
CA PHE A 137 23.47 -3.34 21.50
C PHE A 137 24.25 -2.15 22.04
N ALA A 138 23.79 -0.95 21.72
CA ALA A 138 24.44 0.27 22.17
C ALA A 138 24.12 0.55 23.63
N LYS A 139 22.87 0.30 24.02
CA LYS A 139 22.43 0.52 25.39
C LYS A 139 23.20 -0.36 26.36
N ASP A 140 23.39 -1.63 25.98
CA ASP A 140 24.11 -2.57 26.81
C ASP A 140 25.61 -2.30 26.78
N GLN A 141 26.09 -1.79 25.65
CA GLN A 141 27.50 -1.48 25.49
C GLN A 141 27.92 -0.32 26.40
N ALA A 142 27.00 0.61 26.60
CA ALA A 142 27.27 1.76 27.45
C ALA A 142 27.25 1.38 28.92
N SER A 143 26.43 0.38 29.26
CA SER A 143 26.32 -0.09 30.64
C SER A 143 27.49 -1.00 30.99
N ARG A 144 27.88 -1.85 30.06
CA ARG A 144 28.99 -2.78 30.28
C ARG A 144 30.29 -2.21 29.75
N LYS A 145 30.46 -2.26 28.42
CA LYS A 145 31.67 -1.74 27.79
C LYS A 145 31.51 -1.73 26.28
N GLY A 1 -21.51 17.99 0.10
CA GLY A 1 -20.85 16.78 -0.43
C GLY A 1 -19.58 17.09 -1.19
N SER A 2 -19.16 16.17 -2.05
CA SER A 2 -17.95 16.35 -2.83
C SER A 2 -18.15 17.42 -3.91
N GLU A 3 -17.84 18.65 -3.57
CA GLU A 3 -17.99 19.77 -4.52
C GLU A 3 -17.13 19.54 -5.76
N PHE A 4 -15.95 18.95 -5.57
CA PHE A 4 -15.05 18.68 -6.67
C PHE A 4 -15.48 17.43 -7.43
N GLY A 5 -16.14 16.51 -6.75
CA GLY A 5 -16.60 15.28 -7.38
C GLY A 5 -15.54 14.20 -7.38
N PRO A 6 -15.91 12.96 -7.03
CA PRO A 6 -14.96 11.83 -6.99
C PRO A 6 -14.65 11.29 -8.38
N TRP A 7 -14.17 12.16 -9.26
CA TRP A 7 -13.83 11.77 -10.63
C TRP A 7 -15.01 11.08 -11.30
N LYS A 8 -14.79 10.62 -12.53
CA LYS A 8 -15.84 9.94 -13.29
C LYS A 8 -15.61 8.44 -13.33
N GLU A 9 -14.81 7.93 -12.40
CA GLU A 9 -14.51 6.51 -12.34
C GLU A 9 -13.61 6.19 -11.15
N ASP A 10 -12.34 6.59 -11.24
CA ASP A 10 -11.38 6.36 -10.17
C ASP A 10 -11.25 4.87 -9.88
N SER A 11 -11.01 4.08 -10.92
CA SER A 11 -10.87 2.64 -10.77
C SER A 11 -9.62 2.14 -11.48
N HIS A 12 -9.62 2.24 -12.81
CA HIS A 12 -8.49 1.79 -13.62
C HIS A 12 -7.22 2.54 -13.22
N ILE A 13 -7.38 3.73 -12.66
CA ILE A 13 -6.25 4.54 -12.23
C ILE A 13 -5.45 3.86 -11.13
N VAL A 14 -6.05 2.85 -10.50
CA VAL A 14 -5.39 2.11 -9.42
C VAL A 14 -3.97 1.71 -9.81
N SER A 15 -3.74 1.53 -11.10
CA SER A 15 -2.43 1.14 -11.60
C SER A 15 -1.45 2.32 -11.54
N ALA A 16 -1.99 3.52 -11.72
CA ALA A 16 -1.16 4.72 -11.68
C ALA A 16 -0.76 5.05 -10.25
N GLU A 17 -1.68 4.87 -9.31
CA GLU A 17 -1.41 5.16 -7.91
C GLU A 17 -0.26 4.30 -7.39
N VAL A 18 -0.29 3.02 -7.74
CA VAL A 18 0.75 2.09 -7.32
C VAL A 18 2.11 2.48 -7.91
N GLY A 19 2.08 3.02 -9.13
CA GLY A 19 3.31 3.42 -9.79
C GLY A 19 3.98 4.58 -9.09
N GLU A 20 3.22 5.64 -8.84
CA GLU A 20 3.75 6.82 -8.16
C GLU A 20 4.16 6.49 -6.75
N LYS A 21 3.35 5.67 -6.07
CA LYS A 21 3.64 5.27 -4.70
C LYS A 21 4.90 4.41 -4.64
N CYS A 22 5.05 3.52 -5.61
CA CYS A 22 6.22 2.63 -5.66
C CYS A 22 7.49 3.45 -5.84
N GLU A 23 7.40 4.51 -6.65
CA GLU A 23 8.56 5.37 -6.90
C GLU A 23 8.98 6.10 -5.63
N ALA A 24 8.00 6.61 -4.89
CA ALA A 24 8.27 7.34 -3.65
C ALA A 24 8.73 6.38 -2.56
N ILE A 25 8.11 5.21 -2.50
CA ILE A 25 8.47 4.20 -1.50
C ILE A 25 9.92 3.78 -1.66
N GLY A 26 10.36 3.54 -2.90
CA GLY A 26 11.72 3.14 -3.15
C GLY A 26 12.72 4.21 -2.79
N VAL A 27 12.50 5.42 -3.31
CA VAL A 27 13.40 6.53 -3.01
C VAL A 27 13.47 6.76 -1.51
N LYS A 28 12.40 6.39 -0.82
CA LYS A 28 12.33 6.54 0.62
C LYS A 28 13.29 5.58 1.31
N LEU A 29 13.27 4.31 0.88
CA LEU A 29 14.14 3.30 1.45
C LEU A 29 15.61 3.65 1.22
N LEU A 30 15.89 4.23 0.06
CA LEU A 30 17.25 4.63 -0.28
C LEU A 30 17.77 5.70 0.68
N HIS A 31 16.97 6.75 0.87
CA HIS A 31 17.33 7.83 1.77
C HIS A 31 17.41 7.35 3.21
N LEU A 32 16.61 6.34 3.54
CA LEU A 32 16.58 5.79 4.88
C LEU A 32 17.87 5.01 5.17
N GLU A 33 18.20 4.07 4.28
CA GLU A 33 19.41 3.27 4.44
C GLU A 33 20.65 4.14 4.48
N ASP A 34 20.72 5.12 3.58
CA ASP A 34 21.85 6.03 3.51
C ASP A 34 21.93 6.89 4.78
N GLN A 35 20.78 7.22 5.34
CA GLN A 35 20.72 8.03 6.55
C GLN A 35 20.94 7.18 7.79
N LEU A 36 20.55 5.92 7.72
CA LEU A 36 20.70 5.01 8.85
C LEU A 36 22.18 4.73 9.12
N LEU A 37 22.90 4.30 8.09
CA LEU A 37 24.32 4.00 8.24
C LEU A 37 25.10 5.23 8.69
N GLY A 38 24.72 6.39 8.16
CA GLY A 38 25.39 7.63 8.53
C GLY A 38 25.08 8.06 9.95
N ALA A 39 23.80 8.13 10.28
CA ALA A 39 23.37 8.52 11.62
C ALA A 39 23.80 7.49 12.67
N MET A 40 24.07 6.27 12.22
CA MET A 40 24.50 5.20 13.12
C MET A 40 25.66 5.64 13.99
N TYR A 41 26.75 6.06 13.36
CA TYR A 41 27.94 6.50 14.09
C TYR A 41 27.77 7.94 14.57
N SER A 42 27.01 8.73 13.82
CA SER A 42 26.78 10.14 14.17
C SER A 42 25.78 10.25 15.31
N HIS A 43 24.50 10.06 14.99
CA HIS A 43 23.44 10.15 15.98
C HIS A 43 22.53 8.92 15.92
N ASP A 44 22.69 8.03 16.90
CA ASP A 44 21.88 6.82 16.97
C ASP A 44 20.41 7.14 17.23
N GLU A 45 20.12 8.38 17.63
CA GLU A 45 18.76 8.80 17.91
C GLU A 45 18.08 9.34 16.64
N ALA A 46 18.89 9.92 15.76
CA ALA A 46 18.37 10.48 14.51
C ALA A 46 17.75 9.39 13.63
N LEU A 47 18.35 8.20 13.66
CA LEU A 47 17.85 7.09 12.86
C LEU A 47 16.57 6.53 13.46
N PHE A 48 16.45 6.61 14.78
CA PHE A 48 15.26 6.11 15.46
C PHE A 48 14.03 6.94 15.12
N GLN A 49 14.18 8.26 15.25
CA GLN A 49 13.08 9.18 14.93
C GLN A 49 12.79 9.19 13.43
N SER A 50 13.85 9.14 12.64
CA SER A 50 13.72 9.15 11.19
C SER A 50 12.98 7.90 10.71
N LEU A 51 13.37 6.75 11.23
CA LEU A 51 12.74 5.50 10.85
C LEU A 51 11.27 5.50 11.23
N GLN A 52 10.97 6.02 12.42
CA GLN A 52 9.60 6.10 12.89
C GLN A 52 8.77 6.97 11.95
N GLY A 53 9.41 7.99 11.40
CA GLY A 53 8.73 8.88 10.48
C GLY A 53 8.38 8.20 9.18
N GLU A 54 9.27 7.31 8.72
CA GLU A 54 9.04 6.59 7.46
C GLU A 54 7.95 5.53 7.66
N LEU A 55 7.84 5.01 8.88
CA LEU A 55 6.84 3.99 9.18
C LEU A 55 5.44 4.59 9.21
N GLN A 56 5.31 5.79 9.79
CA GLN A 56 4.02 6.45 9.87
C GLN A 56 3.57 6.92 8.49
N THR A 57 4.47 7.57 7.76
CA THR A 57 4.17 8.06 6.43
C THR A 57 3.83 6.90 5.49
N VAL A 58 4.66 5.87 5.52
CA VAL A 58 4.46 4.69 4.68
C VAL A 58 3.17 3.98 5.06
N LYS A 59 2.88 3.94 6.36
CA LYS A 59 1.68 3.29 6.85
C LYS A 59 0.44 3.99 6.28
N GLU A 60 0.54 5.30 6.13
CA GLU A 60 -0.56 6.09 5.60
C GLU A 60 -0.78 5.78 4.12
N THR A 61 0.30 5.72 3.35
CA THR A 61 0.22 5.44 1.93
C THR A 61 -0.31 4.03 1.69
N LEU A 62 0.04 3.11 2.59
CA LEU A 62 -0.42 1.73 2.47
C LEU A 62 -1.88 1.61 2.88
N GLN A 63 -2.29 2.44 3.84
CA GLN A 63 -3.67 2.43 4.31
C GLN A 63 -4.61 2.91 3.21
N ALA A 64 -4.14 3.87 2.43
CA ALA A 64 -4.94 4.41 1.34
C ALA A 64 -5.02 3.42 0.18
N MET A 65 -3.88 2.80 -0.15
CA MET A 65 -3.83 1.83 -1.23
C MET A 65 -4.73 0.64 -0.92
N ILE A 66 -4.56 0.07 0.27
CA ILE A 66 -5.36 -1.08 0.68
C ILE A 66 -6.85 -0.76 0.67
N LEU A 67 -7.20 0.41 1.21
CA LEU A 67 -8.60 0.85 1.26
C LEU A 67 -9.15 1.03 -0.15
N GLN A 68 -8.30 1.47 -1.06
CA GLN A 68 -8.71 1.70 -2.44
C GLN A 68 -8.98 0.37 -3.14
N LEU A 69 -8.19 -0.64 -2.80
CA LEU A 69 -8.34 -1.97 -3.39
C LEU A 69 -9.57 -2.68 -2.84
N GLN A 70 -9.86 -2.42 -1.56
CA GLN A 70 -11.01 -3.03 -0.91
C GLN A 70 -12.28 -2.21 -1.15
N PRO A 71 -13.46 -2.81 -0.92
CA PRO A 71 -14.74 -2.13 -1.12
C PRO A 71 -14.95 -1.00 -0.11
N THR A 72 -16.00 -0.21 -0.33
CA THR A 72 -16.32 0.91 0.56
C THR A 72 -17.22 0.45 1.70
N LYS A 73 -18.27 -0.29 1.35
CA LYS A 73 -19.22 -0.78 2.34
C LYS A 73 -19.59 -2.24 2.06
N GLU A 74 -19.00 -3.16 2.83
CA GLU A 74 -19.26 -4.58 2.66
C GLU A 74 -20.61 -4.96 3.28
N ALA A 75 -21.51 -5.46 2.44
CA ALA A 75 -22.84 -5.87 2.91
C ALA A 75 -23.32 -7.11 2.15
N GLY A 76 -23.94 -8.02 2.89
CA GLY A 76 -24.45 -9.24 2.28
C GLY A 76 -25.96 -9.36 2.40
N GLU A 77 -26.64 -8.22 2.45
CA GLU A 77 -28.09 -8.21 2.58
C GLU A 77 -28.70 -7.08 1.75
N ALA A 78 -30.01 -6.90 1.86
CA ALA A 78 -30.70 -5.86 1.13
C ALA A 78 -31.94 -5.38 1.88
N SER A 79 -31.81 -5.22 3.19
CA SER A 79 -32.91 -4.78 4.03
C SER A 79 -32.84 -3.27 4.27
N ALA A 80 -32.47 -2.52 3.24
CA ALA A 80 -32.35 -1.08 3.34
C ALA A 80 -33.46 -0.39 2.55
N SER A 81 -33.88 -1.01 1.45
CA SER A 81 -34.93 -0.45 0.60
C SER A 81 -36.22 -1.24 0.76
N TYR A 82 -36.10 -2.54 0.95
CA TYR A 82 -37.27 -3.40 1.12
C TYR A 82 -38.17 -3.34 -0.10
N PRO A 83 -37.92 -4.23 -1.09
CA PRO A 83 -38.72 -4.28 -2.32
C PRO A 83 -40.22 -4.34 -2.04
N THR A 84 -41.02 -3.98 -3.04
CA THR A 84 -42.47 -4.00 -2.90
C THR A 84 -43.04 -5.37 -3.25
N ALA A 85 -42.63 -5.89 -4.41
CA ALA A 85 -43.10 -7.20 -4.85
C ALA A 85 -41.94 -8.07 -5.32
N GLY A 86 -42.03 -9.36 -5.04
CA GLY A 86 -40.98 -10.29 -5.44
C GLY A 86 -40.77 -10.32 -6.94
N ALA A 87 -41.87 -10.47 -7.68
CA ALA A 87 -41.79 -10.52 -9.14
C ALA A 87 -41.31 -9.20 -9.70
N GLN A 88 -40.17 -9.24 -10.41
CA GLN A 88 -39.60 -8.05 -11.02
C GLN A 88 -39.02 -8.35 -12.38
N GLU A 89 -38.73 -7.30 -13.15
CA GLU A 89 -38.17 -7.44 -14.49
C GLU A 89 -39.26 -7.75 -15.52
N THR A 90 -40.07 -8.76 -15.23
CA THR A 90 -41.15 -9.15 -16.13
C THR A 90 -42.49 -8.60 -15.65
N GLU A 91 -42.65 -8.51 -14.32
CA GLU A 91 -43.88 -8.00 -13.74
C GLU A 91 -43.97 -6.49 -13.90
N ALA A 92 -42.88 -5.79 -13.59
CA ALA A 92 -42.84 -4.34 -13.69
C ALA A 92 -42.75 -3.91 -15.16
N LEU A 93 -42.60 -2.60 -15.38
CA LEU A 93 -42.49 -2.06 -16.71
C LEU A 93 -41.03 -1.86 -17.12
N VAL A 94 -40.22 -1.43 -16.16
CA VAL A 94 -38.80 -1.20 -16.41
C VAL A 94 -37.95 -2.31 -15.77
N PRO A 95 -37.15 -3.03 -16.58
CA PRO A 95 -36.29 -4.10 -16.08
C PRO A 95 -35.13 -3.57 -15.24
N ARG A 96 -34.48 -4.47 -14.51
CA ARG A 96 -33.35 -4.08 -13.67
C ARG A 96 -32.08 -3.91 -14.51
N GLY A 97 -31.03 -3.39 -13.89
CA GLY A 97 -29.78 -3.19 -14.59
C GLY A 97 -28.67 -2.70 -13.67
N SER A 98 -28.68 -3.18 -12.43
CA SER A 98 -27.67 -2.79 -11.46
C SER A 98 -27.08 -4.01 -10.77
N GLY A 99 -26.03 -3.80 -9.98
CA GLY A 99 -25.39 -4.90 -9.28
C GLY A 99 -24.10 -4.47 -8.59
N PHE A 100 -24.03 -4.70 -7.28
CA PHE A 100 -22.85 -4.34 -6.51
C PHE A 100 -21.66 -5.22 -6.88
N GLY A 101 -20.46 -4.70 -6.67
CA GLY A 101 -19.26 -5.46 -6.99
C GLY A 101 -18.64 -5.04 -8.32
N THR A 102 -18.80 -5.88 -9.33
CA THR A 102 -18.26 -5.59 -10.65
C THR A 102 -16.74 -5.47 -10.61
N SER A 103 -16.05 -6.52 -11.05
CA SER A 103 -14.60 -6.53 -11.06
C SER A 103 -14.04 -5.41 -11.94
N PRO A 104 -13.40 -4.39 -11.32
CA PRO A 104 -12.84 -3.25 -12.07
C PRO A 104 -11.93 -3.71 -13.20
N LEU A 105 -11.31 -4.87 -13.03
CA LEU A 105 -10.41 -5.41 -14.04
C LEU A 105 -10.09 -6.88 -13.76
N THR A 106 -9.24 -7.46 -14.59
CA THR A 106 -8.85 -8.87 -14.44
C THR A 106 -7.75 -9.02 -13.41
N PRO A 107 -7.49 -10.25 -12.94
CA PRO A 107 -6.45 -10.53 -11.95
C PRO A 107 -5.06 -10.14 -12.44
N SER A 108 -4.73 -8.87 -12.31
CA SER A 108 -3.44 -8.36 -12.75
C SER A 108 -3.08 -7.07 -12.02
N ALA A 109 -4.05 -6.18 -11.90
CA ALA A 109 -3.84 -4.90 -11.22
C ALA A 109 -3.97 -5.06 -9.71
N ARG A 110 -4.78 -6.03 -9.29
CA ARG A 110 -4.99 -6.29 -7.87
C ARG A 110 -3.77 -6.96 -7.24
N ILE A 111 -3.27 -8.00 -7.90
CA ILE A 111 -2.10 -8.73 -7.41
C ILE A 111 -0.92 -7.80 -7.19
N SER A 112 -0.72 -6.86 -8.11
CA SER A 112 0.37 -5.90 -8.01
C SER A 112 0.22 -5.03 -6.77
N ALA A 113 -1.03 -4.71 -6.44
CA ALA A 113 -1.31 -3.87 -5.27
C ALA A 113 -1.09 -4.62 -3.97
N LEU A 114 -1.70 -5.80 -3.86
CA LEU A 114 -1.56 -6.61 -2.65
C LEU A 114 -0.14 -7.16 -2.51
N ASN A 115 0.43 -7.58 -3.63
CA ASN A 115 1.79 -8.14 -3.64
C ASN A 115 2.81 -7.08 -3.19
N ILE A 116 2.71 -5.89 -3.75
CA ILE A 116 3.64 -4.81 -3.40
C ILE A 116 3.48 -4.40 -1.94
N VAL A 117 2.25 -4.41 -1.44
CA VAL A 117 1.98 -4.04 -0.06
C VAL A 117 2.74 -4.97 0.90
N GLY A 118 2.58 -6.27 0.71
CA GLY A 118 3.28 -7.24 1.55
C GLY A 118 4.78 -7.04 1.51
N ASP A 119 5.32 -6.88 0.30
CA ASP A 119 6.75 -6.68 0.11
C ASP A 119 7.18 -5.35 0.74
N LEU A 120 6.30 -4.36 0.63
CA LEU A 120 6.58 -3.03 1.17
C LEU A 120 6.76 -3.10 2.68
N LEU A 121 5.74 -3.62 3.37
CA LEU A 121 5.78 -3.75 4.82
C LEU A 121 6.98 -4.59 5.25
N ARG A 122 7.36 -5.55 4.42
CA ARG A 122 8.49 -6.42 4.71
C ARG A 122 9.79 -5.62 4.73
N LYS A 123 9.91 -4.67 3.80
CA LYS A 123 11.11 -3.84 3.71
C LYS A 123 11.23 -2.94 4.94
N VAL A 124 10.18 -2.17 5.22
CA VAL A 124 10.18 -1.28 6.36
C VAL A 124 10.24 -2.07 7.66
N GLY A 125 9.51 -3.19 7.69
CA GLY A 125 9.50 -4.02 8.88
C GLY A 125 10.88 -4.53 9.23
N ALA A 126 11.64 -4.92 8.21
CA ALA A 126 12.99 -5.41 8.41
C ALA A 126 13.89 -4.29 8.90
N LEU A 127 13.64 -3.08 8.39
CA LEU A 127 14.43 -1.91 8.77
C LEU A 127 14.32 -1.67 10.27
N GLU A 128 13.12 -1.84 10.82
CA GLU A 128 12.89 -1.65 12.24
C GLU A 128 13.61 -2.72 13.05
N SER A 129 13.44 -3.98 12.63
CA SER A 129 14.08 -5.10 13.32
C SER A 129 15.60 -4.95 13.28
N LYS A 130 16.13 -4.59 12.12
CA LYS A 130 17.57 -4.41 11.96
C LYS A 130 18.04 -3.15 12.67
N LEU A 131 17.22 -2.10 12.62
CA LEU A 131 17.56 -0.84 13.27
C LEU A 131 17.59 -1.01 14.78
N ALA A 132 16.63 -1.76 15.30
CA ALA A 132 16.55 -2.00 16.74
C ALA A 132 17.74 -2.83 17.22
N ALA A 133 18.09 -3.85 16.45
CA ALA A 133 19.22 -4.71 16.79
C ALA A 133 20.53 -3.94 16.76
N CYS A 134 20.69 -3.08 15.76
CA CYS A 134 21.89 -2.28 15.61
C CYS A 134 22.00 -1.25 16.74
N ARG A 135 20.86 -0.68 17.13
CA ARG A 135 20.83 0.30 18.19
C ARG A 135 21.32 -0.30 19.50
N ASN A 136 20.75 -1.44 19.88
CA ASN A 136 21.14 -2.11 21.11
C ASN A 136 22.58 -2.62 21.02
N PHE A 137 22.97 -3.07 19.83
CA PHE A 137 24.31 -3.59 19.60
C PHE A 137 25.35 -2.50 19.90
N ALA A 138 25.07 -1.29 19.47
CA ALA A 138 25.98 -0.16 19.68
C ALA A 138 25.86 0.36 21.10
N LYS A 139 24.67 0.26 21.68
CA LYS A 139 24.43 0.73 23.04
C LYS A 139 25.03 -0.23 24.05
N ASP A 140 25.05 -1.52 23.72
CA ASP A 140 25.60 -2.53 24.61
C ASP A 140 27.13 -2.49 24.59
N GLN A 141 27.70 -2.21 23.43
CA GLN A 141 29.15 -2.14 23.29
C GLN A 141 29.73 -1.05 24.19
N ALA A 142 28.96 0.00 24.41
CA ALA A 142 29.39 1.11 25.26
C ALA A 142 29.71 0.62 26.68
N SER A 143 28.90 -0.33 27.16
CA SER A 143 29.08 -0.87 28.49
C SER A 143 29.81 -2.21 28.43
N ARG A 144 30.72 -2.35 27.48
CA ARG A 144 31.48 -3.58 27.32
C ARG A 144 32.91 -3.28 26.89
N LYS A 145 33.07 -2.41 25.91
CA LYS A 145 34.38 -2.04 25.40
C LYS A 145 35.03 -0.98 26.29
N GLY A 1 -17.64 23.90 -5.80
CA GLY A 1 -17.58 23.40 -7.20
C GLY A 1 -17.71 21.89 -7.28
N SER A 2 -18.55 21.41 -8.19
CA SER A 2 -18.75 19.98 -8.36
C SER A 2 -18.89 19.63 -9.84
N GLU A 3 -17.75 19.58 -10.53
CA GLU A 3 -17.74 19.25 -11.95
C GLU A 3 -17.66 17.73 -12.16
N PHE A 4 -17.09 17.03 -11.18
CA PHE A 4 -16.95 15.58 -11.25
C PHE A 4 -16.48 15.13 -12.64
N GLY A 5 -15.16 15.00 -12.79
CA GLY A 5 -14.61 14.58 -14.07
C GLY A 5 -15.05 13.18 -14.46
N PRO A 6 -14.78 12.76 -15.70
CA PRO A 6 -15.15 11.43 -16.18
C PRO A 6 -14.30 10.33 -15.56
N TRP A 7 -14.39 10.19 -14.24
CA TRP A 7 -13.63 9.18 -13.52
C TRP A 7 -14.29 8.84 -12.19
N LYS A 8 -15.21 7.89 -12.21
CA LYS A 8 -15.91 7.47 -11.00
C LYS A 8 -15.92 5.95 -10.87
N GLU A 9 -15.00 5.29 -11.57
CA GLU A 9 -14.91 3.83 -11.51
C GLU A 9 -13.57 3.40 -10.95
N ASP A 10 -12.53 4.19 -11.19
CA ASP A 10 -11.20 3.88 -10.70
C ASP A 10 -10.67 2.61 -11.35
N SER A 11 -9.87 2.77 -12.40
CA SER A 11 -9.30 1.63 -13.11
C SER A 11 -7.96 2.00 -13.73
N HIS A 12 -7.93 3.10 -14.47
CA HIS A 12 -6.71 3.56 -15.12
C HIS A 12 -5.94 4.52 -14.22
N ILE A 13 -6.66 5.41 -13.54
CA ILE A 13 -6.05 6.36 -12.64
C ILE A 13 -5.31 5.67 -11.51
N VAL A 14 -5.80 4.48 -11.12
CA VAL A 14 -5.18 3.72 -10.05
C VAL A 14 -3.71 3.44 -10.34
N SER A 15 -3.39 3.29 -11.62
CA SER A 15 -2.01 3.03 -12.03
C SER A 15 -1.09 4.18 -11.62
N ALA A 16 -1.64 5.38 -11.61
CA ALA A 16 -0.88 6.56 -11.23
C ALA A 16 -0.57 6.56 -9.74
N GLU A 17 -1.59 6.30 -8.92
CA GLU A 17 -1.42 6.28 -7.47
C GLU A 17 -0.37 5.25 -7.07
N VAL A 18 -0.49 4.05 -7.62
CA VAL A 18 0.45 2.97 -7.32
C VAL A 18 1.83 3.28 -7.88
N GLY A 19 1.86 4.01 -8.98
CA GLY A 19 3.12 4.36 -9.61
C GLY A 19 3.93 5.33 -8.77
N GLU A 20 3.31 6.42 -8.36
CA GLU A 20 3.98 7.43 -7.54
C GLU A 20 4.31 6.87 -6.16
N LYS A 21 3.45 6.00 -5.66
CA LYS A 21 3.65 5.39 -4.35
C LYS A 21 4.81 4.42 -4.39
N CYS A 22 4.84 3.57 -5.41
CA CYS A 22 5.90 2.58 -5.55
C CYS A 22 7.26 3.27 -5.69
N GLU A 23 7.29 4.39 -6.39
CA GLU A 23 8.51 5.15 -6.59
C GLU A 23 8.97 5.78 -5.28
N ALA A 24 8.02 6.32 -4.52
CA ALA A 24 8.33 6.96 -3.24
C ALA A 24 8.74 5.93 -2.20
N ILE A 25 8.06 4.80 -2.19
CA ILE A 25 8.34 3.73 -1.24
C ILE A 25 9.77 3.22 -1.42
N GLY A 26 10.17 2.98 -2.66
CA GLY A 26 11.51 2.49 -2.94
C GLY A 26 12.58 3.49 -2.55
N VAL A 27 12.45 4.71 -3.04
CA VAL A 27 13.41 5.76 -2.71
C VAL A 27 13.52 5.93 -1.21
N LYS A 28 12.44 5.60 -0.50
CA LYS A 28 12.40 5.70 0.94
C LYS A 28 13.33 4.68 1.59
N LEU A 29 13.14 3.42 1.24
CA LEU A 29 13.97 2.34 1.79
C LEU A 29 15.44 2.57 1.47
N LEU A 30 15.72 3.20 0.34
CA LEU A 30 17.09 3.48 -0.07
C LEU A 30 17.68 4.62 0.75
N HIS A 31 16.95 5.73 0.83
CA HIS A 31 17.40 6.89 1.59
C HIS A 31 17.43 6.59 3.08
N LEU A 32 16.53 5.72 3.52
CA LEU A 32 16.45 5.36 4.93
C LEU A 32 17.62 4.48 5.35
N GLU A 33 17.82 3.39 4.62
CA GLU A 33 18.92 2.47 4.91
C GLU A 33 20.27 3.17 4.82
N ASP A 34 20.43 3.98 3.78
CA ASP A 34 21.68 4.70 3.57
C ASP A 34 21.90 5.74 4.67
N GLN A 35 20.80 6.34 5.14
CA GLN A 35 20.86 7.35 6.19
C GLN A 35 20.97 6.69 7.56
N LEU A 36 20.42 5.49 7.69
CA LEU A 36 20.44 4.76 8.96
C LEU A 36 21.87 4.31 9.29
N LEU A 37 22.60 3.88 8.27
CA LEU A 37 23.98 3.42 8.47
C LEU A 37 24.83 4.53 9.09
N GLY A 38 24.80 5.70 8.48
CA GLY A 38 25.58 6.82 8.99
C GLY A 38 25.04 7.35 10.29
N ALA A 39 23.72 7.51 10.37
CA ALA A 39 23.07 8.02 11.58
C ALA A 39 23.38 7.13 12.78
N MET A 40 23.65 5.86 12.52
CA MET A 40 23.96 4.91 13.59
C MET A 40 25.15 5.39 14.41
N TYR A 41 26.27 5.63 13.75
CA TYR A 41 27.48 6.09 14.43
C TYR A 41 27.41 7.59 14.69
N SER A 42 26.73 8.32 13.81
CA SER A 42 26.60 9.76 13.94
C SER A 42 25.67 10.12 15.10
N HIS A 43 24.38 9.81 14.92
CA HIS A 43 23.39 10.10 15.95
C HIS A 43 22.16 9.19 15.80
N ASP A 44 21.89 8.40 16.84
CA ASP A 44 20.76 7.49 16.82
C ASP A 44 19.45 8.24 16.71
N GLU A 45 19.46 9.51 17.13
CA GLU A 45 18.26 10.34 17.08
C GLU A 45 17.93 10.72 15.64
N ALA A 46 18.96 10.86 14.81
CA ALA A 46 18.76 11.23 13.41
C ALA A 46 17.96 10.16 12.67
N LEU A 47 18.39 8.91 12.79
CA LEU A 47 17.71 7.80 12.14
C LEU A 47 16.37 7.52 12.81
N PHE A 48 16.30 7.76 14.12
CA PHE A 48 15.07 7.54 14.87
C PHE A 48 13.94 8.43 14.34
N GLN A 49 14.24 9.71 14.17
CA GLN A 49 13.26 10.66 13.68
C GLN A 49 12.87 10.33 12.23
N SER A 50 13.89 10.10 11.41
CA SER A 50 13.67 9.77 10.00
C SER A 50 12.82 8.51 9.88
N LEU A 51 13.16 7.48 10.65
CA LEU A 51 12.44 6.22 10.63
C LEU A 51 11.02 6.41 11.16
N GLN A 52 10.87 7.32 12.13
CA GLN A 52 9.57 7.58 12.72
C GLN A 52 8.58 8.05 11.66
N GLY A 53 9.00 9.03 10.87
CA GLY A 53 8.14 9.55 9.81
C GLY A 53 8.05 8.60 8.64
N GLU A 54 9.11 7.83 8.41
CA GLU A 54 9.15 6.87 7.31
C GLU A 54 8.17 5.73 7.56
N LEU A 55 8.05 5.33 8.81
CA LEU A 55 7.14 4.24 9.18
C LEU A 55 5.71 4.75 9.25
N GLN A 56 5.54 5.98 9.71
CA GLN A 56 4.22 6.58 9.82
C GLN A 56 3.61 6.80 8.45
N THR A 57 4.42 7.32 7.53
CA THR A 57 3.96 7.58 6.16
C THR A 57 3.68 6.27 5.43
N VAL A 58 4.59 5.31 5.55
CA VAL A 58 4.43 4.01 4.89
C VAL A 58 3.19 3.30 5.42
N LYS A 59 2.90 3.48 6.70
CA LYS A 59 1.74 2.86 7.32
C LYS A 59 0.45 3.42 6.73
N GLU A 60 0.41 4.74 6.61
CA GLU A 60 -0.77 5.43 6.07
C GLU A 60 -0.92 5.15 4.56
N THR A 61 0.17 5.33 3.82
CA THR A 61 0.15 5.11 2.38
C THR A 61 -0.33 3.69 2.04
N LEU A 62 0.21 2.71 2.76
CA LEU A 62 -0.16 1.31 2.53
C LEU A 62 -1.62 1.07 2.94
N GLN A 63 -2.05 1.76 3.99
CA GLN A 63 -3.42 1.63 4.47
C GLN A 63 -4.42 2.07 3.40
N ALA A 64 -4.08 3.16 2.73
CA ALA A 64 -4.94 3.69 1.67
C ALA A 64 -4.96 2.76 0.47
N MET A 65 -3.80 2.20 0.15
CA MET A 65 -3.68 1.28 -0.98
C MET A 65 -4.50 0.02 -0.75
N ILE A 66 -4.30 -0.60 0.41
CA ILE A 66 -5.03 -1.82 0.76
C ILE A 66 -6.53 -1.57 0.76
N LEU A 67 -6.93 -0.38 1.20
CA LEU A 67 -8.33 -0.01 1.26
C LEU A 67 -8.90 0.14 -0.16
N GLN A 68 -8.09 0.70 -1.05
CA GLN A 68 -8.50 0.89 -2.43
C GLN A 68 -8.46 -0.42 -3.21
N LEU A 69 -7.60 -1.33 -2.77
CA LEU A 69 -7.46 -2.63 -3.43
C LEU A 69 -8.54 -3.60 -2.98
N GLN A 70 -9.09 -3.38 -1.79
CA GLN A 70 -10.13 -4.25 -1.25
C GLN A 70 -11.29 -4.40 -2.25
N PRO A 71 -11.89 -3.28 -2.69
CA PRO A 71 -13.01 -3.30 -3.64
C PRO A 71 -12.60 -3.87 -4.99
N THR A 72 -12.41 -5.19 -5.04
CA THR A 72 -12.01 -5.85 -6.28
C THR A 72 -12.62 -7.25 -6.36
N LYS A 73 -13.87 -7.38 -5.93
CA LYS A 73 -14.57 -8.66 -5.95
C LYS A 73 -15.71 -8.63 -6.96
N GLU A 74 -15.70 -9.59 -7.88
CA GLU A 74 -16.74 -9.68 -8.90
C GLU A 74 -18.12 -9.85 -8.27
N ALA A 75 -19.12 -9.21 -8.87
CA ALA A 75 -20.49 -9.29 -8.36
C ALA A 75 -21.12 -10.63 -8.71
N GLY A 76 -20.83 -11.63 -7.90
CA GLY A 76 -21.38 -12.96 -8.13
C GLY A 76 -22.71 -13.17 -7.43
N GLU A 77 -23.79 -12.77 -8.08
CA GLU A 77 -25.13 -12.91 -7.51
C GLU A 77 -26.20 -12.77 -8.59
N ALA A 78 -27.19 -13.66 -8.55
CA ALA A 78 -28.28 -13.64 -9.53
C ALA A 78 -29.63 -13.80 -8.84
N SER A 79 -29.71 -14.76 -7.93
CA SER A 79 -30.95 -15.03 -7.20
C SER A 79 -31.41 -13.79 -6.44
N ALA A 80 -30.59 -13.35 -5.48
CA ALA A 80 -30.93 -12.18 -4.67
C ALA A 80 -32.23 -12.38 -3.93
N SER A 81 -32.14 -12.48 -2.60
CA SER A 81 -33.32 -12.68 -1.76
C SER A 81 -33.33 -11.69 -0.61
N TYR A 82 -32.22 -11.62 0.13
CA TYR A 82 -32.11 -10.71 1.26
C TYR A 82 -30.68 -10.19 1.41
N PRO A 83 -30.41 -8.97 0.91
CA PRO A 83 -29.08 -8.36 0.99
C PRO A 83 -28.69 -8.01 2.42
N THR A 84 -27.40 -8.15 2.74
CA THR A 84 -26.90 -7.84 4.07
C THR A 84 -25.99 -6.63 4.04
N ALA A 85 -25.14 -6.56 3.03
CA ALA A 85 -24.20 -5.45 2.89
C ALA A 85 -24.78 -4.36 1.99
N GLY A 86 -24.06 -3.25 1.87
CA GLY A 86 -24.50 -2.16 1.03
C GLY A 86 -25.13 -1.03 1.83
N ALA A 87 -24.39 0.06 1.99
CA ALA A 87 -24.88 1.21 2.75
C ALA A 87 -25.87 2.03 1.92
N GLN A 88 -25.57 2.18 0.63
CA GLN A 88 -26.43 2.94 -0.26
C GLN A 88 -26.54 4.39 0.19
N GLU A 89 -25.44 4.93 0.70
CA GLU A 89 -25.41 6.31 1.18
C GLU A 89 -24.52 7.17 0.29
N THR A 90 -23.21 7.03 0.45
CA THR A 90 -22.25 7.80 -0.33
C THR A 90 -20.84 7.23 -0.17
N GLU A 91 -20.43 7.05 1.08
CA GLU A 91 -19.10 6.51 1.37
C GLU A 91 -18.94 5.11 0.79
N ALA A 92 -20.04 4.38 0.72
CA ALA A 92 -20.01 3.02 0.18
C ALA A 92 -20.43 3.00 -1.28
N LEU A 93 -21.74 3.09 -1.52
CA LEU A 93 -22.26 3.09 -2.89
C LEU A 93 -23.27 4.21 -3.08
N VAL A 94 -23.42 4.66 -4.33
CA VAL A 94 -24.37 5.73 -4.65
C VAL A 94 -25.79 5.33 -4.31
N PRO A 95 -26.61 6.30 -3.85
CA PRO A 95 -28.02 6.03 -3.49
C PRO A 95 -28.79 5.38 -4.63
N ARG A 96 -29.91 4.75 -4.29
CA ARG A 96 -30.75 4.08 -5.28
C ARG A 96 -29.96 2.99 -6.02
N GLY A 97 -30.67 2.19 -6.79
CA GLY A 97 -30.01 1.11 -7.53
C GLY A 97 -29.81 1.46 -9.00
N SER A 98 -28.56 1.38 -9.45
CA SER A 98 -28.25 1.68 -10.84
C SER A 98 -27.69 0.46 -11.55
N GLY A 99 -27.27 0.64 -12.81
CA GLY A 99 -26.73 -0.46 -13.57
C GLY A 99 -25.40 -0.12 -14.23
N PHE A 100 -24.32 -0.24 -13.48
CA PHE A 100 -22.99 0.06 -13.98
C PHE A 100 -21.92 -0.68 -13.18
N GLY A 101 -20.68 -0.62 -13.66
CA GLY A 101 -19.59 -1.28 -12.98
C GLY A 101 -19.40 -2.72 -13.45
N THR A 102 -18.18 -3.05 -13.82
CA THR A 102 -17.86 -4.40 -14.29
C THR A 102 -16.36 -4.56 -14.54
N SER A 103 -15.66 -5.18 -13.60
CA SER A 103 -14.23 -5.39 -13.72
C SER A 103 -13.49 -4.05 -13.81
N PRO A 104 -12.71 -3.70 -12.77
CA PRO A 104 -11.96 -2.44 -12.75
C PRO A 104 -10.93 -2.36 -13.86
N LEU A 105 -10.00 -3.32 -13.87
CA LEU A 105 -8.95 -3.35 -14.88
C LEU A 105 -8.37 -4.76 -15.00
N THR A 106 -7.51 -4.95 -16.00
CA THR A 106 -6.88 -6.25 -16.23
C THR A 106 -6.01 -6.65 -15.04
N PRO A 107 -5.62 -7.93 -14.97
CA PRO A 107 -4.79 -8.44 -13.88
C PRO A 107 -3.34 -8.00 -14.00
N SER A 108 -3.01 -6.87 -13.39
CA SER A 108 -1.66 -6.34 -13.43
C SER A 108 -1.42 -5.36 -12.29
N ALA A 109 -2.39 -4.47 -12.07
CA ALA A 109 -2.30 -3.47 -11.02
C ALA A 109 -2.51 -4.11 -9.65
N ARG A 110 -3.41 -5.08 -9.59
CA ARG A 110 -3.72 -5.77 -8.35
C ARG A 110 -2.53 -6.61 -7.88
N ILE A 111 -1.98 -7.40 -8.78
CA ILE A 111 -0.82 -8.24 -8.45
C ILE A 111 0.40 -7.39 -8.16
N SER A 112 0.63 -6.39 -8.99
CA SER A 112 1.78 -5.50 -8.80
C SER A 112 1.68 -4.74 -7.49
N ALA A 113 0.45 -4.44 -7.07
CA ALA A 113 0.21 -3.72 -5.83
C ALA A 113 0.51 -4.61 -4.62
N LEU A 114 0.14 -5.87 -4.72
CA LEU A 114 0.37 -6.82 -3.64
C LEU A 114 1.85 -7.17 -3.53
N ASN A 115 2.53 -7.16 -4.67
CA ASN A 115 3.96 -7.48 -4.70
C ASN A 115 4.78 -6.37 -4.05
N ILE A 116 4.50 -5.12 -4.42
CA ILE A 116 5.21 -3.99 -3.87
C ILE A 116 4.97 -3.86 -2.37
N VAL A 117 3.72 -4.07 -1.94
CA VAL A 117 3.39 -3.99 -0.53
C VAL A 117 4.22 -4.99 0.27
N GLY A 118 4.14 -6.26 -0.12
CA GLY A 118 4.91 -7.28 0.56
C GLY A 118 6.40 -6.98 0.53
N ASP A 119 6.82 -6.26 -0.51
CA ASP A 119 8.21 -5.90 -0.67
C ASP A 119 8.62 -4.79 0.29
N LEU A 120 7.78 -3.75 0.39
CA LEU A 120 8.07 -2.64 1.28
C LEU A 120 7.84 -3.02 2.74
N LEU A 121 6.71 -3.65 3.02
CA LEU A 121 6.38 -4.09 4.37
C LEU A 121 7.44 -5.06 4.89
N ARG A 122 7.83 -6.01 4.05
CA ARG A 122 8.84 -6.99 4.43
C ARG A 122 10.17 -6.31 4.74
N LYS A 123 10.57 -5.39 3.87
CA LYS A 123 11.81 -4.66 4.05
C LYS A 123 11.79 -3.90 5.37
N VAL A 124 10.63 -3.35 5.72
CA VAL A 124 10.47 -2.61 6.95
C VAL A 124 10.58 -3.53 8.15
N GLY A 125 10.05 -4.74 8.03
CA GLY A 125 10.11 -5.70 9.12
C GLY A 125 11.53 -6.03 9.51
N ALA A 126 12.35 -6.35 8.52
CA ALA A 126 13.75 -6.69 8.76
C ALA A 126 14.53 -5.46 9.22
N LEU A 127 14.18 -4.31 8.65
CA LEU A 127 14.84 -3.06 8.99
C LEU A 127 14.54 -2.67 10.44
N GLU A 128 13.29 -2.83 10.85
CA GLU A 128 12.87 -2.50 12.20
C GLU A 128 13.56 -3.42 13.22
N SER A 129 13.69 -4.70 12.86
CA SER A 129 14.34 -5.67 13.72
C SER A 129 15.78 -5.27 14.01
N LYS A 130 16.50 -4.91 12.96
CA LYS A 130 17.90 -4.50 13.09
C LYS A 130 18.00 -3.25 13.96
N LEU A 131 17.05 -2.34 13.82
CA LEU A 131 17.03 -1.11 14.60
C LEU A 131 16.78 -1.40 16.06
N ALA A 132 15.79 -2.26 16.33
CA ALA A 132 15.44 -2.63 17.69
C ALA A 132 16.65 -3.19 18.44
N ALA A 133 17.43 -4.02 17.74
CA ALA A 133 18.62 -4.62 18.32
C ALA A 133 19.73 -3.59 18.50
N CYS A 134 19.76 -2.61 17.60
CA CYS A 134 20.78 -1.56 17.64
C CYS A 134 20.50 -0.60 18.80
N ARG A 135 19.25 -0.18 18.93
CA ARG A 135 18.87 0.74 20.00
C ARG A 135 18.96 0.06 21.36
N ASN A 136 18.70 -1.24 21.38
CA ASN A 136 18.74 -2.01 22.62
C ASN A 136 20.18 -2.10 23.14
N PHE A 137 21.11 -2.43 22.25
CA PHE A 137 22.51 -2.54 22.62
C PHE A 137 23.06 -1.21 23.09
N ALA A 138 22.66 -0.13 22.41
CA ALA A 138 23.11 1.21 22.76
C ALA A 138 22.49 1.67 24.07
N LYS A 139 21.23 1.30 24.28
CA LYS A 139 20.52 1.67 25.50
C LYS A 139 21.03 0.87 26.70
N ASP A 140 21.45 -0.37 26.44
CA ASP A 140 21.97 -1.23 27.49
C ASP A 140 23.35 -0.78 27.94
N GLN A 141 24.24 -0.57 26.99
CA GLN A 141 25.60 -0.12 27.29
C GLN A 141 25.59 1.25 27.95
N ALA A 142 24.64 2.09 27.53
CA ALA A 142 24.53 3.44 28.08
C ALA A 142 24.21 3.39 29.58
N SER A 143 23.47 2.36 29.98
CA SER A 143 23.10 2.21 31.38
C SER A 143 24.32 1.92 32.25
N ARG A 144 25.17 1.00 31.79
CA ARG A 144 26.38 0.63 32.51
C ARG A 144 27.62 1.12 31.78
N LYS A 145 28.30 2.10 32.38
CA LYS A 145 29.51 2.65 31.79
C LYS A 145 30.75 2.17 32.51
N GLY A 1 -9.12 21.40 -20.97
CA GLY A 1 -9.74 20.86 -19.72
C GLY A 1 -9.79 19.35 -19.72
N SER A 2 -9.09 18.74 -18.75
CA SER A 2 -9.07 17.29 -18.64
C SER A 2 -8.55 16.87 -17.26
N GLU A 3 -7.31 17.25 -16.96
CA GLU A 3 -6.69 16.91 -15.69
C GLU A 3 -6.43 15.40 -15.58
N PHE A 4 -6.38 14.73 -16.73
CA PHE A 4 -6.14 13.30 -16.75
C PHE A 4 -5.11 12.93 -17.82
N GLY A 5 -5.20 13.59 -18.97
CA GLY A 5 -4.28 13.33 -20.05
C GLY A 5 -4.57 12.03 -20.78
N PRO A 6 -3.65 11.05 -20.75
CA PRO A 6 -3.84 9.76 -21.41
C PRO A 6 -4.86 8.88 -20.69
N TRP A 7 -6.13 9.26 -20.80
CA TRP A 7 -7.21 8.52 -20.16
C TRP A 7 -7.66 7.36 -21.04
N LYS A 8 -7.62 6.15 -20.50
CA LYS A 8 -8.04 4.96 -21.25
C LYS A 8 -9.54 4.73 -21.12
N GLU A 9 -9.96 4.20 -19.97
CA GLU A 9 -11.37 3.94 -19.73
C GLU A 9 -11.70 4.06 -18.25
N ASP A 10 -11.16 3.15 -17.45
CA ASP A 10 -11.40 3.16 -16.00
C ASP A 10 -10.59 2.06 -15.32
N SER A 11 -9.38 1.83 -15.81
CA SER A 11 -8.50 0.81 -15.23
C SER A 11 -7.04 1.24 -15.30
N HIS A 12 -6.82 2.55 -15.45
CA HIS A 12 -5.46 3.08 -15.51
C HIS A 12 -5.15 3.96 -14.31
N ILE A 13 -6.19 4.63 -13.79
CA ILE A 13 -6.03 5.51 -12.63
C ILE A 13 -5.53 4.73 -11.42
N VAL A 14 -6.12 3.56 -11.18
CA VAL A 14 -5.73 2.72 -10.06
C VAL A 14 -4.28 2.25 -10.20
N SER A 15 -3.80 2.18 -11.44
CA SER A 15 -2.44 1.76 -11.70
C SER A 15 -1.46 2.91 -11.50
N ALA A 16 -1.93 4.13 -11.79
CA ALA A 16 -1.10 5.31 -11.64
C ALA A 16 -0.77 5.57 -10.18
N GLU A 17 -1.74 5.32 -9.30
CA GLU A 17 -1.54 5.51 -7.87
C GLU A 17 -0.41 4.63 -7.35
N VAL A 18 -0.36 3.40 -7.84
CA VAL A 18 0.67 2.45 -7.42
C VAL A 18 2.02 2.82 -8.02
N GLY A 19 2.01 3.35 -9.24
CA GLY A 19 3.24 3.73 -9.90
C GLY A 19 3.95 4.84 -9.16
N GLU A 20 3.22 5.92 -8.87
CA GLU A 20 3.79 7.06 -8.16
C GLU A 20 4.12 6.68 -6.72
N LYS A 21 3.18 5.99 -6.07
CA LYS A 21 3.37 5.56 -4.69
C LYS A 21 4.58 4.65 -4.57
N CYS A 22 4.64 3.63 -5.43
CA CYS A 22 5.75 2.69 -5.43
C CYS A 22 7.08 3.42 -5.55
N GLU A 23 7.13 4.38 -6.47
CA GLU A 23 8.35 5.17 -6.68
C GLU A 23 8.80 5.82 -5.37
N ALA A 24 7.86 6.40 -4.65
CA ALA A 24 8.15 7.04 -3.38
C ALA A 24 8.71 6.05 -2.38
N ILE A 25 8.20 4.82 -2.42
CA ILE A 25 8.66 3.77 -1.51
C ILE A 25 10.16 3.51 -1.69
N GLY A 26 10.57 3.30 -2.95
CA GLY A 26 11.97 3.04 -3.21
C GLY A 26 12.86 4.17 -2.76
N VAL A 27 12.54 5.39 -3.17
CA VAL A 27 13.31 6.55 -2.77
C VAL A 27 13.37 6.66 -1.25
N LYS A 28 12.34 6.11 -0.60
CA LYS A 28 12.26 6.13 0.86
C LYS A 28 13.30 5.21 1.48
N LEU A 29 13.29 3.95 1.07
CA LEU A 29 14.25 2.97 1.59
C LEU A 29 15.68 3.40 1.31
N LEU A 30 15.88 4.07 0.18
CA LEU A 30 17.20 4.54 -0.20
C LEU A 30 17.70 5.61 0.76
N HIS A 31 16.86 6.62 1.00
CA HIS A 31 17.21 7.71 1.90
C HIS A 31 17.30 7.20 3.34
N LEU A 32 16.38 6.31 3.70
CA LEU A 32 16.36 5.75 5.05
C LEU A 32 17.61 4.93 5.34
N GLU A 33 18.06 4.18 4.33
CA GLU A 33 19.25 3.35 4.47
C GLU A 33 20.49 4.21 4.63
N ASP A 34 20.60 5.26 3.82
CA ASP A 34 21.73 6.17 3.87
C ASP A 34 21.75 6.96 5.18
N GLN A 35 20.56 7.26 5.69
CA GLN A 35 20.43 8.01 6.93
C GLN A 35 20.53 7.08 8.14
N LEU A 36 20.09 5.85 7.97
CA LEU A 36 20.14 4.86 9.05
C LEU A 36 21.57 4.44 9.34
N LEU A 37 22.36 4.30 8.29
CA LEU A 37 23.76 3.90 8.43
C LEU A 37 24.60 5.04 9.01
N GLY A 38 24.48 6.22 8.39
CA GLY A 38 25.22 7.37 8.86
C GLY A 38 24.91 7.72 10.29
N ALA A 39 23.63 7.82 10.62
CA ALA A 39 23.20 8.16 11.98
C ALA A 39 23.67 7.10 12.98
N MET A 40 23.81 5.87 12.51
CA MET A 40 24.25 4.77 13.38
C MET A 40 25.56 5.12 14.09
N TYR A 41 26.59 5.40 13.32
CA TYR A 41 27.89 5.75 13.88
C TYR A 41 27.94 7.21 14.30
N SER A 42 27.18 8.06 13.62
CA SER A 42 27.14 9.48 13.93
C SER A 42 26.36 9.75 15.21
N HIS A 43 25.07 9.44 15.19
CA HIS A 43 24.21 9.65 16.35
C HIS A 43 22.93 8.84 16.22
N ASP A 44 22.65 8.05 17.24
CA ASP A 44 21.46 7.20 17.25
C ASP A 44 20.21 8.00 17.61
N GLU A 45 20.01 9.12 16.91
CA GLU A 45 18.86 9.97 17.13
C GLU A 45 18.15 10.29 15.82
N ALA A 46 18.94 10.62 14.80
CA ALA A 46 18.39 10.94 13.49
C ALA A 46 17.72 9.72 12.86
N LEU A 47 18.39 8.57 12.96
CA LEU A 47 17.85 7.33 12.40
C LEU A 47 16.50 6.99 13.02
N PHE A 48 16.39 7.20 14.34
CA PHE A 48 15.15 6.92 15.04
C PHE A 48 14.05 7.87 14.58
N GLN A 49 14.42 9.12 14.33
CA GLN A 49 13.47 10.13 13.87
C GLN A 49 13.03 9.84 12.45
N SER A 50 13.98 9.51 11.58
CA SER A 50 13.69 9.20 10.19
C SER A 50 12.78 7.98 10.09
N LEU A 51 13.10 6.96 10.87
CA LEU A 51 12.32 5.72 10.87
C LEU A 51 10.89 5.99 11.35
N GLN A 52 10.77 6.87 12.34
CA GLN A 52 9.47 7.22 12.89
C GLN A 52 8.56 7.77 11.81
N GLY A 53 9.02 8.81 11.13
CA GLY A 53 8.24 9.42 10.06
C GLY A 53 8.06 8.50 8.88
N GLU A 54 9.04 7.62 8.67
CA GLU A 54 9.01 6.67 7.56
C GLU A 54 8.02 5.54 7.86
N LEU A 55 7.92 5.16 9.13
CA LEU A 55 7.02 4.10 9.55
C LEU A 55 5.58 4.60 9.57
N GLN A 56 5.39 5.86 9.95
CA GLN A 56 4.06 6.45 10.01
C GLN A 56 3.54 6.73 8.61
N THR A 57 4.37 7.34 7.78
CA THR A 57 3.99 7.66 6.41
C THR A 57 3.67 6.38 5.63
N VAL A 58 4.50 5.36 5.81
CA VAL A 58 4.29 4.09 5.14
C VAL A 58 3.04 3.39 5.67
N LYS A 59 2.79 3.56 6.97
CA LYS A 59 1.61 2.97 7.59
C LYS A 59 0.37 3.42 6.86
N GLU A 60 0.27 4.73 6.62
CA GLU A 60 -0.86 5.29 5.89
C GLU A 60 -0.81 4.86 4.43
N THR A 61 0.41 4.70 3.93
CA THR A 61 0.62 4.28 2.54
C THR A 61 0.00 2.90 2.31
N LEU A 62 0.25 1.98 3.23
CA LEU A 62 -0.28 0.63 3.13
C LEU A 62 -1.81 0.65 3.23
N GLN A 63 -2.32 1.36 4.23
CA GLN A 63 -3.76 1.46 4.43
C GLN A 63 -4.42 2.09 3.22
N ALA A 64 -3.78 3.12 2.66
CA ALA A 64 -4.31 3.80 1.49
C ALA A 64 -4.43 2.85 0.30
N MET A 65 -3.41 2.03 0.11
CA MET A 65 -3.40 1.07 -0.98
C MET A 65 -4.55 0.09 -0.84
N ILE A 66 -4.84 -0.31 0.40
CA ILE A 66 -5.93 -1.24 0.68
C ILE A 66 -7.28 -0.57 0.48
N LEU A 67 -7.37 0.70 0.85
CA LEU A 67 -8.61 1.46 0.71
C LEU A 67 -8.98 1.64 -0.76
N GLN A 68 -8.04 2.16 -1.53
CA GLN A 68 -8.26 2.38 -2.96
C GLN A 68 -8.46 1.05 -3.69
N LEU A 69 -7.82 0.00 -3.19
CA LEU A 69 -7.93 -1.32 -3.80
C LEU A 69 -9.30 -1.95 -3.50
N GLN A 70 -9.59 -2.13 -2.22
CA GLN A 70 -10.86 -2.72 -1.81
C GLN A 70 -12.03 -1.82 -2.21
N PRO A 71 -13.19 -2.41 -2.55
CA PRO A 71 -14.37 -1.66 -2.95
C PRO A 71 -14.76 -0.60 -1.93
N THR A 72 -15.35 0.50 -2.40
CA THR A 72 -15.76 1.57 -1.51
C THR A 72 -17.28 1.58 -1.33
N LYS A 73 -17.99 1.13 -2.35
CA LYS A 73 -19.45 1.09 -2.30
C LYS A 73 -19.95 -0.36 -2.35
N GLU A 74 -20.08 -0.98 -1.18
CA GLU A 74 -20.54 -2.35 -1.09
C GLU A 74 -21.83 -2.45 -0.27
N ALA A 75 -21.94 -1.62 0.76
CA ALA A 75 -23.11 -1.61 1.62
C ALA A 75 -23.30 -2.96 2.31
N GLY A 76 -23.12 -2.98 3.62
CA GLY A 76 -23.27 -4.22 4.37
C GLY A 76 -22.09 -5.14 4.20
N GLU A 77 -22.35 -6.34 3.66
CA GLU A 77 -21.29 -7.32 3.44
C GLU A 77 -20.64 -7.72 4.76
N ALA A 78 -21.09 -8.84 5.32
CA ALA A 78 -20.55 -9.33 6.58
C ALA A 78 -20.03 -10.76 6.44
N SER A 79 -20.80 -11.59 5.75
CA SER A 79 -20.42 -12.99 5.54
C SER A 79 -20.96 -13.50 4.21
N ALA A 80 -20.05 -13.82 3.29
CA ALA A 80 -20.42 -14.32 1.97
C ALA A 80 -20.51 -15.84 1.97
N SER A 81 -20.88 -16.42 0.83
CA SER A 81 -21.00 -17.86 0.70
C SER A 81 -20.15 -18.36 -0.46
N TYR A 82 -19.78 -19.64 -0.40
CA TYR A 82 -18.96 -20.26 -1.45
C TYR A 82 -19.83 -21.07 -2.41
N PRO A 83 -19.42 -21.15 -3.68
CA PRO A 83 -20.17 -21.89 -4.70
C PRO A 83 -20.46 -23.32 -4.27
N THR A 84 -21.52 -23.90 -4.83
CA THR A 84 -21.92 -25.26 -4.49
C THR A 84 -22.65 -25.91 -5.66
N ALA A 85 -22.17 -27.08 -6.08
CA ALA A 85 -22.77 -27.81 -7.19
C ALA A 85 -22.71 -29.31 -6.96
N GLY A 86 -21.52 -29.82 -6.65
CA GLY A 86 -21.35 -31.23 -6.41
C GLY A 86 -20.64 -31.93 -7.55
N ALA A 87 -21.39 -32.20 -8.63
CA ALA A 87 -20.83 -32.88 -9.79
C ALA A 87 -20.66 -31.90 -10.95
N GLN A 88 -19.62 -32.14 -11.76
CA GLN A 88 -19.35 -31.28 -12.91
C GLN A 88 -18.35 -31.95 -13.85
N GLU A 89 -18.86 -32.72 -14.79
CA GLU A 89 -18.01 -33.41 -15.76
C GLU A 89 -18.84 -33.95 -16.92
N THR A 90 -19.73 -34.89 -16.63
CA THR A 90 -20.58 -35.48 -17.66
C THR A 90 -21.99 -34.91 -17.58
N GLU A 91 -22.44 -34.62 -16.37
CA GLU A 91 -23.78 -34.07 -16.17
C GLU A 91 -23.83 -32.61 -16.59
N ALA A 92 -22.84 -31.84 -16.17
CA ALA A 92 -22.77 -30.42 -16.52
C ALA A 92 -21.72 -30.16 -17.58
N LEU A 93 -22.08 -29.41 -18.61
CA LEU A 93 -21.16 -29.09 -19.69
C LEU A 93 -20.16 -28.01 -19.25
N VAL A 94 -19.01 -27.98 -19.92
CA VAL A 94 -17.95 -27.02 -19.64
C VAL A 94 -17.90 -26.64 -18.15
N PRO A 95 -17.23 -27.46 -17.33
CA PRO A 95 -17.11 -27.20 -15.89
C PRO A 95 -16.25 -25.98 -15.58
N ARG A 96 -16.87 -24.96 -15.01
CA ARG A 96 -16.16 -23.72 -14.68
C ARG A 96 -16.88 -22.98 -13.56
N GLY A 97 -16.43 -23.20 -12.33
CA GLY A 97 -17.04 -22.54 -11.19
C GLY A 97 -16.44 -21.18 -10.92
N SER A 98 -16.58 -20.26 -11.88
CA SER A 98 -16.04 -18.91 -11.74
C SER A 98 -17.07 -17.98 -11.12
N GLY A 99 -16.68 -16.74 -10.87
CA GLY A 99 -17.58 -15.78 -10.27
C GLY A 99 -16.92 -14.43 -10.04
N PHE A 100 -17.62 -13.36 -10.40
CA PHE A 100 -17.11 -12.01 -10.23
C PHE A 100 -17.75 -11.32 -9.04
N GLY A 101 -19.06 -11.12 -9.12
CA GLY A 101 -19.78 -10.47 -8.03
C GLY A 101 -19.55 -8.96 -8.00
N THR A 102 -18.34 -8.57 -7.64
CA THR A 102 -17.99 -7.15 -7.57
C THR A 102 -16.47 -6.96 -7.59
N SER A 103 -15.93 -6.63 -8.75
CA SER A 103 -14.50 -6.41 -8.89
C SER A 103 -14.21 -5.28 -9.88
N PRO A 104 -13.32 -4.34 -9.51
CA PRO A 104 -12.97 -3.21 -10.38
C PRO A 104 -12.53 -3.66 -11.76
N LEU A 105 -11.77 -4.74 -11.81
CA LEU A 105 -11.26 -5.27 -13.08
C LEU A 105 -10.75 -6.70 -12.90
N THR A 106 -10.21 -7.26 -13.97
CA THR A 106 -9.68 -8.63 -13.94
C THR A 106 -8.40 -8.71 -13.12
N PRO A 107 -7.99 -9.92 -12.72
CA PRO A 107 -6.78 -10.13 -11.92
C PRO A 107 -5.52 -9.75 -12.68
N SER A 108 -5.22 -8.45 -12.72
CA SER A 108 -4.04 -7.95 -13.42
C SER A 108 -3.54 -6.66 -12.77
N ALA A 109 -4.46 -5.72 -12.57
CA ALA A 109 -4.11 -4.44 -11.96
C ALA A 109 -4.09 -4.55 -10.43
N ARG A 110 -5.07 -5.26 -9.88
CA ARG A 110 -5.17 -5.45 -8.44
C ARG A 110 -4.11 -6.43 -7.94
N ILE A 111 -3.89 -7.49 -8.70
CA ILE A 111 -2.91 -8.51 -8.33
C ILE A 111 -1.54 -7.88 -8.10
N SER A 112 -1.13 -6.99 -9.00
CA SER A 112 0.16 -6.32 -8.88
C SER A 112 0.18 -5.43 -7.65
N ALA A 113 -0.98 -4.87 -7.31
CA ALA A 113 -1.09 -4.00 -6.15
C ALA A 113 -0.83 -4.78 -4.86
N LEU A 114 -1.45 -5.95 -4.74
CA LEU A 114 -1.27 -6.78 -3.56
C LEU A 114 0.16 -7.32 -3.49
N ASN A 115 0.79 -7.48 -4.65
CA ASN A 115 2.16 -7.98 -4.72
C ASN A 115 3.14 -6.99 -4.10
N ILE A 116 2.99 -5.72 -4.47
CA ILE A 116 3.87 -4.68 -3.93
C ILE A 116 3.62 -4.45 -2.44
N VAL A 117 2.35 -4.53 -2.05
CA VAL A 117 1.98 -4.34 -0.65
C VAL A 117 2.72 -5.34 0.24
N GLY A 118 2.67 -6.61 -0.14
CA GLY A 118 3.34 -7.64 0.63
C GLY A 118 4.84 -7.42 0.67
N ASP A 119 5.42 -7.16 -0.49
CA ASP A 119 6.86 -6.92 -0.58
C ASP A 119 7.25 -5.69 0.23
N LEU A 120 6.37 -4.70 0.24
CA LEU A 120 6.62 -3.46 0.98
C LEU A 120 6.74 -3.74 2.48
N LEU A 121 5.71 -4.36 3.04
CA LEU A 121 5.70 -4.69 4.46
C LEU A 121 6.92 -5.53 4.83
N ARG A 122 7.35 -6.37 3.90
CA ARG A 122 8.51 -7.23 4.11
C ARG A 122 9.78 -6.40 4.23
N LYS A 123 9.95 -5.46 3.31
CA LYS A 123 11.12 -4.58 3.31
C LYS A 123 11.22 -3.81 4.61
N VAL A 124 10.08 -3.28 5.07
CA VAL A 124 10.04 -2.51 6.31
C VAL A 124 10.42 -3.39 7.49
N GLY A 125 9.96 -4.63 7.48
CA GLY A 125 10.27 -5.54 8.56
C GLY A 125 11.76 -5.82 8.68
N ALA A 126 12.42 -5.91 7.54
CA ALA A 126 13.87 -6.17 7.51
C ALA A 126 14.65 -4.94 7.98
N LEU A 127 14.17 -3.77 7.58
CA LEU A 127 14.82 -2.52 7.96
C LEU A 127 14.62 -2.22 9.44
N GLU A 128 13.37 -2.31 9.89
CA GLU A 128 13.05 -2.06 11.30
C GLU A 128 13.74 -3.09 12.19
N SER A 129 13.92 -4.30 11.67
CA SER A 129 14.56 -5.37 12.42
C SER A 129 16.05 -5.08 12.58
N LYS A 130 16.66 -4.56 11.53
CA LYS A 130 18.08 -4.24 11.55
C LYS A 130 18.36 -3.09 12.51
N LEU A 131 17.41 -2.17 12.61
CA LEU A 131 17.54 -1.02 13.50
C LEU A 131 17.51 -1.46 14.96
N ALA A 132 16.53 -2.27 15.31
CA ALA A 132 16.40 -2.77 16.67
C ALA A 132 17.63 -3.57 17.09
N ALA A 133 18.14 -4.37 16.16
CA ALA A 133 19.32 -5.18 16.44
C ALA A 133 20.55 -4.30 16.65
N CYS A 134 20.72 -3.31 15.78
CA CYS A 134 21.85 -2.40 15.89
C CYS A 134 21.82 -1.65 17.21
N ARG A 135 20.63 -1.26 17.64
CA ARG A 135 20.46 -0.54 18.89
C ARG A 135 20.91 -1.39 20.07
N ASN A 136 20.50 -2.65 20.07
CA ASN A 136 20.87 -3.58 21.14
C ASN A 136 22.36 -3.87 21.12
N PHE A 137 22.93 -3.96 19.92
CA PHE A 137 24.35 -4.23 19.76
C PHE A 137 25.19 -3.11 20.35
N ALA A 138 24.75 -1.86 20.12
CA ALA A 138 25.45 -0.70 20.63
C ALA A 138 25.28 -0.57 22.14
N LYS A 139 24.14 -1.02 22.64
CA LYS A 139 23.85 -0.95 24.08
C LYS A 139 24.77 -1.87 24.86
N ASP A 140 24.78 -3.14 24.49
CA ASP A 140 25.62 -4.13 25.16
C ASP A 140 27.09 -3.76 25.04
N GLN A 141 27.45 -3.10 23.94
CA GLN A 141 28.82 -2.69 23.70
C GLN A 141 29.31 -1.73 24.78
N ALA A 142 28.50 -0.72 25.07
CA ALA A 142 28.84 0.28 26.08
C ALA A 142 29.11 -0.38 27.43
N SER A 143 28.54 -1.57 27.64
CA SER A 143 28.72 -2.29 28.89
C SER A 143 30.17 -2.74 29.06
N ARG A 144 30.95 -2.69 27.98
CA ARG A 144 32.36 -3.09 28.03
C ARG A 144 33.09 -2.41 29.18
N LYS A 145 32.65 -1.21 29.54
CA LYS A 145 33.27 -0.46 30.62
C LYS A 145 32.21 0.04 31.61
N GLY A 1 -15.98 1.26 -24.26
CA GLY A 1 -14.57 1.73 -24.12
C GLY A 1 -14.40 2.75 -23.01
N SER A 2 -14.13 4.00 -23.38
CA SER A 2 -13.94 5.06 -22.41
C SER A 2 -14.93 6.20 -22.64
N GLU A 3 -16.06 6.15 -21.93
CA GLU A 3 -17.08 7.17 -22.07
C GLU A 3 -16.58 8.52 -21.53
N PHE A 4 -15.87 8.47 -20.41
CA PHE A 4 -15.32 9.69 -19.81
C PHE A 4 -13.86 9.86 -20.17
N GLY A 5 -13.02 8.97 -19.65
CA GLY A 5 -11.59 9.04 -19.93
C GLY A 5 -10.78 9.37 -18.69
N PRO A 6 -10.62 10.68 -18.37
CA PRO A 6 -9.86 11.12 -17.21
C PRO A 6 -10.32 10.43 -15.92
N TRP A 7 -11.58 10.65 -15.56
CA TRP A 7 -12.14 10.05 -14.35
C TRP A 7 -13.50 9.42 -14.65
N LYS A 8 -13.48 8.18 -15.12
CA LYS A 8 -14.70 7.45 -15.45
C LYS A 8 -15.43 7.03 -14.19
N GLU A 9 -14.71 6.36 -13.29
CA GLU A 9 -15.30 5.90 -12.03
C GLU A 9 -14.20 5.49 -11.04
N ASP A 10 -13.39 4.51 -11.44
CA ASP A 10 -12.31 4.03 -10.59
C ASP A 10 -11.32 3.20 -11.40
N SER A 11 -11.17 3.54 -12.67
CA SER A 11 -10.25 2.83 -13.55
C SER A 11 -9.20 3.78 -14.13
N HIS A 12 -7.97 3.28 -14.30
CA HIS A 12 -6.86 4.07 -14.84
C HIS A 12 -6.21 4.92 -13.77
N ILE A 13 -6.94 5.22 -12.70
CA ILE A 13 -6.42 6.03 -11.61
C ILE A 13 -5.77 5.16 -10.53
N VAL A 14 -6.35 3.98 -10.30
CA VAL A 14 -5.84 3.06 -9.30
C VAL A 14 -4.44 2.58 -9.67
N SER A 15 -4.27 2.22 -10.94
CA SER A 15 -2.98 1.74 -11.43
C SER A 15 -1.93 2.85 -11.36
N ALA A 16 -2.36 4.08 -11.54
CA ALA A 16 -1.46 5.22 -11.50
C ALA A 16 -0.96 5.48 -10.08
N GLU A 17 -1.82 5.28 -9.10
CA GLU A 17 -1.47 5.47 -7.70
C GLU A 17 -0.39 4.49 -7.27
N VAL A 18 -0.56 3.23 -7.64
CA VAL A 18 0.41 2.19 -7.28
C VAL A 18 1.77 2.47 -7.91
N GLY A 19 1.76 2.92 -9.16
CA GLY A 19 3.00 3.21 -9.85
C GLY A 19 3.77 4.33 -9.18
N GLU A 20 3.11 5.45 -8.94
CA GLU A 20 3.74 6.60 -8.30
C GLU A 20 4.14 6.25 -6.87
N LYS A 21 3.23 5.59 -6.17
CA LYS A 21 3.48 5.19 -4.78
C LYS A 21 4.72 4.31 -4.69
N CYS A 22 4.78 3.28 -5.54
CA CYS A 22 5.92 2.36 -5.56
C CYS A 22 7.22 3.13 -5.72
N GLU A 23 7.25 4.03 -6.70
CA GLU A 23 8.45 4.84 -6.95
C GLU A 23 8.88 5.55 -5.67
N ALA A 24 7.90 6.05 -4.92
CA ALA A 24 8.18 6.74 -3.67
C ALA A 24 8.79 5.79 -2.65
N ILE A 25 8.33 4.55 -2.64
CA ILE A 25 8.85 3.55 -1.71
C ILE A 25 10.36 3.36 -1.91
N GLY A 26 10.76 3.13 -3.15
CA GLY A 26 12.17 2.95 -3.44
C GLY A 26 13.01 4.13 -3.03
N VAL A 27 12.63 5.32 -3.47
CA VAL A 27 13.36 6.53 -3.12
C VAL A 27 13.42 6.68 -1.61
N LYS A 28 12.41 6.13 -0.94
CA LYS A 28 12.33 6.20 0.51
C LYS A 28 13.36 5.29 1.17
N LEU A 29 13.33 4.02 0.80
CA LEU A 29 14.27 3.05 1.35
C LEU A 29 15.71 3.44 1.05
N LEU A 30 15.89 4.16 -0.06
CA LEU A 30 17.22 4.61 -0.46
C LEU A 30 17.73 5.69 0.49
N HIS A 31 16.90 6.71 0.73
CA HIS A 31 17.26 7.79 1.63
C HIS A 31 17.37 7.30 3.07
N LEU A 32 16.47 6.40 3.45
CA LEU A 32 16.46 5.84 4.79
C LEU A 32 17.71 5.00 5.04
N GLU A 33 18.14 4.28 4.01
CA GLU A 33 19.33 3.42 4.12
C GLU A 33 20.59 4.27 4.33
N ASP A 34 20.73 5.32 3.53
CA ASP A 34 21.88 6.20 3.63
C ASP A 34 21.90 6.93 4.98
N GLN A 35 20.71 7.20 5.52
CA GLN A 35 20.60 7.88 6.80
C GLN A 35 20.80 6.92 7.97
N LEU A 36 20.26 5.71 7.83
CA LEU A 36 20.38 4.70 8.87
C LEU A 36 21.84 4.30 9.09
N LEU A 37 22.54 4.04 7.98
CA LEU A 37 23.94 3.64 8.06
C LEU A 37 24.78 4.73 8.74
N GLY A 38 24.63 5.96 8.28
CA GLY A 38 25.39 7.06 8.86
C GLY A 38 24.97 7.37 10.28
N ALA A 39 23.66 7.32 10.53
CA ALA A 39 23.13 7.60 11.86
C ALA A 39 23.39 6.44 12.81
N MET A 40 23.72 5.28 12.27
CA MET A 40 24.00 4.09 13.08
C MET A 40 25.09 4.38 14.12
N TYR A 41 26.27 4.78 13.65
CA TYR A 41 27.38 5.07 14.54
C TYR A 41 27.25 6.45 15.17
N SER A 42 26.99 7.45 14.34
CA SER A 42 26.84 8.83 14.81
C SER A 42 25.37 9.18 15.03
N HIS A 43 25.06 9.69 16.22
CA HIS A 43 23.69 10.07 16.54
C HIS A 43 22.74 8.90 16.37
N ASP A 44 22.47 8.18 17.46
CA ASP A 44 21.58 7.03 17.43
C ASP A 44 20.13 7.44 17.63
N GLU A 45 19.91 8.67 18.08
CA GLU A 45 18.56 9.17 18.31
C GLU A 45 17.96 9.74 17.03
N ALA A 46 18.80 10.32 16.19
CA ALA A 46 18.35 10.89 14.92
C ALA A 46 17.66 9.84 14.05
N LEU A 47 18.28 8.67 13.94
CA LEU A 47 17.73 7.59 13.14
C LEU A 47 16.39 7.13 13.71
N PHE A 48 16.28 7.15 15.04
CA PHE A 48 15.05 6.73 15.71
C PHE A 48 13.87 7.60 15.25
N GLN A 49 14.06 8.91 15.30
CA GLN A 49 13.02 9.84 14.89
C GLN A 49 12.81 9.78 13.38
N SER A 50 13.92 9.76 12.64
CA SER A 50 13.87 9.70 11.19
C SER A 50 13.07 8.49 10.73
N LEU A 51 13.37 7.33 11.32
CA LEU A 51 12.68 6.09 10.97
C LEU A 51 11.20 6.20 11.30
N GLN A 52 10.90 6.81 12.43
CA GLN A 52 9.51 7.00 12.86
C GLN A 52 8.73 7.72 11.76
N GLY A 53 9.39 8.68 11.12
CA GLY A 53 8.76 9.43 10.05
C GLY A 53 8.55 8.59 8.80
N GLU A 54 9.52 7.73 8.51
CA GLU A 54 9.43 6.87 7.33
C GLU A 54 8.37 5.80 7.54
N LEU A 55 8.14 5.41 8.78
CA LEU A 55 7.15 4.39 9.11
C LEU A 55 5.73 4.97 9.06
N GLN A 56 5.59 6.23 9.46
CA GLN A 56 4.28 6.87 9.45
C GLN A 56 3.82 7.13 8.02
N THR A 57 4.72 7.68 7.22
CA THR A 57 4.42 7.99 5.82
C THR A 57 4.12 6.72 5.04
N VAL A 58 4.97 5.70 5.22
CA VAL A 58 4.78 4.44 4.53
C VAL A 58 3.45 3.80 4.90
N LYS A 59 3.15 3.81 6.20
CA LYS A 59 1.89 3.24 6.68
C LYS A 59 0.72 3.94 6.01
N GLU A 60 0.88 5.24 5.76
CA GLU A 60 -0.16 6.02 5.11
C GLU A 60 -0.39 5.53 3.69
N THR A 61 0.69 5.28 2.95
CA THR A 61 0.59 4.82 1.58
C THR A 61 0.08 3.38 1.52
N LEU A 62 0.39 2.61 2.55
CA LEU A 62 -0.05 1.21 2.62
C LEU A 62 -1.55 1.14 2.84
N GLN A 63 -2.05 1.94 3.78
CA GLN A 63 -3.47 1.97 4.09
C GLN A 63 -4.26 2.48 2.90
N ALA A 64 -3.68 3.44 2.18
CA ALA A 64 -4.32 4.01 1.00
C ALA A 64 -4.51 2.96 -0.08
N MET A 65 -3.48 2.17 -0.32
CA MET A 65 -3.51 1.11 -1.33
C MET A 65 -4.63 0.13 -1.02
N ILE A 66 -4.62 -0.44 0.17
CA ILE A 66 -5.63 -1.39 0.59
C ILE A 66 -7.02 -0.79 0.51
N LEU A 67 -7.12 0.51 0.77
CA LEU A 67 -8.39 1.22 0.71
C LEU A 67 -8.96 1.20 -0.70
N GLN A 68 -8.09 1.44 -1.68
CA GLN A 68 -8.50 1.45 -3.08
C GLN A 68 -8.69 0.03 -3.60
N LEU A 69 -7.88 -0.89 -3.10
CA LEU A 69 -7.95 -2.28 -3.50
C LEU A 69 -9.31 -2.88 -3.17
N GLN A 70 -9.84 -2.49 -2.01
CA GLN A 70 -11.14 -2.99 -1.57
C GLN A 70 -12.24 -1.95 -1.81
N PRO A 71 -13.42 -2.39 -2.28
CA PRO A 71 -14.54 -1.49 -2.55
C PRO A 71 -14.92 -0.64 -1.35
N THR A 72 -14.53 -1.10 -0.16
CA THR A 72 -14.83 -0.36 1.07
C THR A 72 -16.32 -0.42 1.38
N LYS A 73 -16.74 -1.49 2.05
CA LYS A 73 -18.14 -1.66 2.41
C LYS A 73 -18.50 -0.78 3.61
N GLU A 74 -19.62 -0.06 3.49
CA GLU A 74 -20.07 0.82 4.56
C GLU A 74 -20.49 0.01 5.79
N ALA A 75 -20.97 0.70 6.81
CA ALA A 75 -21.41 0.05 8.05
C ALA A 75 -22.62 0.75 8.64
N GLY A 76 -23.39 0.02 9.42
CA GLY A 76 -24.58 0.59 10.04
C GLY A 76 -25.86 0.21 9.32
N GLU A 77 -26.77 -0.43 10.03
CA GLU A 77 -28.04 -0.84 9.45
C GLU A 77 -27.81 -1.80 8.28
N ALA A 78 -27.85 -3.09 8.57
CA ALA A 78 -27.65 -4.11 7.55
C ALA A 78 -28.95 -4.40 6.79
N SER A 79 -29.02 -3.90 5.56
CA SER A 79 -30.20 -4.10 4.73
C SER A 79 -29.93 -5.11 3.62
N ALA A 80 -29.03 -4.76 2.71
CA ALA A 80 -28.67 -5.64 1.60
C ALA A 80 -27.20 -6.02 1.66
N SER A 81 -26.89 -7.08 2.40
CA SER A 81 -25.52 -7.55 2.55
C SER A 81 -25.31 -8.86 1.81
N TYR A 82 -26.38 -9.63 1.64
CA TYR A 82 -26.29 -10.91 0.95
C TYR A 82 -27.69 -11.44 0.58
N PRO A 83 -28.52 -11.75 1.58
CA PRO A 83 -29.88 -12.26 1.34
C PRO A 83 -30.74 -11.26 0.58
N THR A 84 -31.31 -11.71 -0.54
CA THR A 84 -32.16 -10.87 -1.38
C THR A 84 -33.59 -11.37 -1.38
N ALA A 85 -33.75 -12.69 -1.54
CA ALA A 85 -35.07 -13.30 -1.56
C ALA A 85 -35.91 -12.75 -2.71
N GLY A 86 -36.11 -13.58 -3.73
CA GLY A 86 -36.90 -13.16 -4.89
C GLY A 86 -36.07 -13.09 -6.15
N ALA A 87 -36.25 -14.08 -7.03
CA ALA A 87 -35.52 -14.13 -8.30
C ALA A 87 -34.06 -14.50 -8.08
N GLN A 88 -33.35 -13.68 -7.32
CA GLN A 88 -31.94 -13.91 -7.04
C GLN A 88 -31.12 -13.84 -8.33
N GLU A 89 -31.49 -12.92 -9.21
CA GLU A 89 -30.79 -12.74 -10.47
C GLU A 89 -30.92 -14.00 -11.34
N THR A 90 -32.06 -14.15 -11.99
CA THR A 90 -32.32 -15.29 -12.85
C THR A 90 -31.78 -15.05 -14.25
N GLU A 91 -31.90 -13.82 -14.72
CA GLU A 91 -31.42 -13.45 -16.04
C GLU A 91 -29.90 -13.54 -16.12
N ALA A 92 -29.24 -13.25 -15.01
CA ALA A 92 -27.78 -13.30 -14.95
C ALA A 92 -27.31 -14.56 -14.23
N LEU A 93 -26.07 -14.95 -14.48
CA LEU A 93 -25.50 -16.14 -13.86
C LEU A 93 -24.81 -15.79 -12.54
N VAL A 94 -25.56 -15.87 -11.45
CA VAL A 94 -25.04 -15.57 -10.13
C VAL A 94 -24.92 -16.83 -9.28
N PRO A 95 -23.98 -16.84 -8.31
CA PRO A 95 -23.78 -17.99 -7.42
C PRO A 95 -24.93 -18.17 -6.43
N ARG A 96 -25.03 -19.36 -5.87
CA ARG A 96 -26.08 -19.67 -4.91
C ARG A 96 -25.60 -19.42 -3.48
N GLY A 97 -24.35 -19.74 -3.21
CA GLY A 97 -23.79 -19.54 -1.89
C GLY A 97 -22.46 -18.83 -1.92
N SER A 98 -22.24 -17.92 -0.96
CA SER A 98 -20.99 -17.18 -0.90
C SER A 98 -20.78 -16.35 -2.16
N GLY A 99 -21.20 -15.09 -2.13
CA GLY A 99 -21.04 -14.22 -3.27
C GLY A 99 -19.93 -13.21 -3.08
N PHE A 100 -19.82 -12.27 -4.01
CA PHE A 100 -18.79 -11.24 -3.95
C PHE A 100 -19.40 -9.85 -4.09
N GLY A 101 -18.56 -8.82 -3.97
CA GLY A 101 -19.04 -7.46 -4.09
C GLY A 101 -18.97 -6.94 -5.50
N THR A 102 -17.77 -6.60 -5.96
CA THR A 102 -17.58 -6.09 -7.31
C THR A 102 -16.08 -5.93 -7.63
N SER A 103 -15.57 -6.80 -8.48
CA SER A 103 -14.17 -6.76 -8.86
C SER A 103 -13.82 -5.41 -9.50
N PRO A 104 -13.01 -4.58 -8.81
CA PRO A 104 -12.62 -3.26 -9.31
C PRO A 104 -12.06 -3.33 -10.73
N LEU A 105 -11.40 -4.45 -11.05
CA LEU A 105 -10.83 -4.64 -12.38
C LEU A 105 -10.32 -6.06 -12.56
N THR A 106 -9.83 -6.37 -13.76
CA THR A 106 -9.32 -7.70 -14.06
C THR A 106 -8.16 -8.05 -13.13
N PRO A 107 -7.91 -9.37 -12.94
CA PRO A 107 -6.83 -9.84 -12.07
C PRO A 107 -5.45 -9.49 -12.60
N SER A 108 -5.12 -8.20 -12.58
CA SER A 108 -3.83 -7.74 -13.07
C SER A 108 -3.23 -6.71 -12.12
N ALA A 109 -4.05 -5.74 -11.71
CA ALA A 109 -3.60 -4.71 -10.78
C ALA A 109 -3.69 -5.18 -9.34
N ARG A 110 -4.65 -6.06 -9.08
CA ARG A 110 -4.84 -6.60 -7.73
C ARG A 110 -3.58 -7.32 -7.25
N ILE A 111 -3.02 -8.17 -8.11
CA ILE A 111 -1.82 -8.91 -7.77
C ILE A 111 -0.64 -7.96 -7.58
N SER A 112 -0.49 -7.02 -8.50
CA SER A 112 0.61 -6.05 -8.43
C SER A 112 0.53 -5.25 -7.14
N ALA A 113 -0.64 -4.68 -6.87
CA ALA A 113 -0.84 -3.90 -5.65
C ALA A 113 -0.52 -4.71 -4.41
N LEU A 114 -1.16 -5.87 -4.28
CA LEU A 114 -0.94 -6.75 -3.14
C LEU A 114 0.51 -7.18 -3.08
N ASN A 115 1.17 -7.22 -4.24
CA ASN A 115 2.57 -7.62 -4.31
C ASN A 115 3.45 -6.53 -3.71
N ILE A 116 3.00 -5.28 -3.84
CA ILE A 116 3.75 -4.14 -3.31
C ILE A 116 3.65 -4.10 -1.79
N VAL A 117 2.45 -4.23 -1.26
CA VAL A 117 2.24 -4.20 0.17
C VAL A 117 3.02 -5.32 0.86
N GLY A 118 3.00 -6.51 0.26
CA GLY A 118 3.71 -7.63 0.82
C GLY A 118 5.21 -7.41 0.86
N ASP A 119 5.80 -7.16 -0.30
CA ASP A 119 7.24 -6.93 -0.40
C ASP A 119 7.64 -5.70 0.41
N LEU A 120 6.80 -4.67 0.36
CA LEU A 120 7.08 -3.43 1.09
C LEU A 120 7.16 -3.70 2.59
N LEU A 121 6.11 -4.27 3.15
CA LEU A 121 6.06 -4.58 4.57
C LEU A 121 7.27 -5.44 4.98
N ARG A 122 7.70 -6.31 4.07
CA ARG A 122 8.84 -7.17 4.33
C ARG A 122 10.10 -6.35 4.50
N LYS A 123 10.25 -5.32 3.67
CA LYS A 123 11.41 -4.44 3.72
C LYS A 123 11.48 -3.74 5.07
N VAL A 124 10.40 -3.07 5.45
CA VAL A 124 10.34 -2.36 6.73
C VAL A 124 10.54 -3.32 7.89
N GLY A 125 10.05 -4.55 7.72
CA GLY A 125 10.20 -5.55 8.77
C GLY A 125 11.64 -5.82 9.12
N ALA A 126 12.44 -6.14 8.11
CA ALA A 126 13.86 -6.42 8.31
C ALA A 126 14.60 -5.17 8.76
N LEU A 127 14.22 -4.03 8.19
CA LEU A 127 14.85 -2.76 8.53
C LEU A 127 14.59 -2.40 9.98
N GLU A 128 13.35 -2.57 10.42
CA GLU A 128 12.98 -2.26 11.80
C GLU A 128 13.77 -3.13 12.78
N SER A 129 13.87 -4.41 12.48
CA SER A 129 14.61 -5.35 13.33
C SER A 129 16.08 -4.94 13.42
N LYS A 130 16.61 -4.42 12.31
CA LYS A 130 18.00 -3.99 12.27
C LYS A 130 18.23 -2.81 13.20
N LEU A 131 17.29 -1.87 13.20
CA LEU A 131 17.39 -0.69 14.05
C LEU A 131 17.36 -1.07 15.53
N ALA A 132 16.39 -1.90 15.90
CA ALA A 132 16.26 -2.35 17.28
C ALA A 132 17.45 -3.21 17.69
N ALA A 133 17.99 -3.96 16.74
CA ALA A 133 19.13 -4.83 17.00
C ALA A 133 20.38 -4.01 17.31
N CYS A 134 20.73 -3.10 16.40
CA CYS A 134 21.91 -2.26 16.58
C CYS A 134 21.75 -1.38 17.81
N ARG A 135 20.52 -0.92 18.06
CA ARG A 135 20.25 -0.07 19.20
C ARG A 135 20.44 -0.83 20.50
N ASN A 136 19.87 -2.03 20.58
CA ASN A 136 19.99 -2.86 21.77
C ASN A 136 21.43 -3.32 21.97
N PHE A 137 22.03 -3.83 20.90
CA PHE A 137 23.42 -4.31 20.95
C PHE A 137 24.37 -3.18 21.31
N ALA A 138 24.19 -2.02 20.67
CA ALA A 138 25.02 -0.86 20.92
C ALA A 138 24.93 -0.43 22.38
N LYS A 139 23.73 -0.45 22.93
CA LYS A 139 23.50 -0.06 24.32
C LYS A 139 24.09 -1.09 25.27
N ASP A 140 23.95 -2.37 24.92
CA ASP A 140 24.46 -3.45 25.74
C ASP A 140 25.99 -3.48 25.70
N GLN A 141 26.55 -3.20 24.53
CA GLN A 141 27.99 -3.20 24.35
C GLN A 141 28.65 -2.17 25.27
N ALA A 142 27.93 -1.09 25.57
CA ALA A 142 28.44 -0.04 26.44
C ALA A 142 28.83 -0.60 27.81
N SER A 143 28.20 -1.70 28.20
CA SER A 143 28.48 -2.33 29.48
C SER A 143 29.46 -3.49 29.32
N ARG A 144 30.32 -3.39 28.32
CA ARG A 144 31.31 -4.43 28.06
C ARG A 144 32.60 -3.82 27.49
N LYS A 145 32.45 -2.95 26.51
CA LYS A 145 33.59 -2.30 25.88
C LYS A 145 33.38 -0.79 25.78
N GLY A 1 -11.83 13.32 -21.00
CA GLY A 1 -13.16 13.99 -21.01
C GLY A 1 -14.31 13.01 -21.06
N SER A 2 -15.42 13.37 -20.45
CA SER A 2 -16.60 12.51 -20.43
C SER A 2 -17.87 13.33 -20.65
N GLU A 3 -18.78 12.79 -21.47
CA GLU A 3 -20.03 13.48 -21.77
C GLU A 3 -21.16 12.90 -20.92
N PHE A 4 -20.84 12.57 -19.67
CA PHE A 4 -21.83 12.03 -18.74
C PHE A 4 -21.22 11.81 -17.37
N GLY A 5 -19.99 11.32 -17.34
CA GLY A 5 -19.31 11.06 -16.09
C GLY A 5 -20.07 10.09 -15.20
N PRO A 6 -20.28 8.85 -15.66
CA PRO A 6 -21.00 7.83 -14.88
C PRO A 6 -20.26 7.45 -13.61
N TRP A 7 -19.00 7.04 -13.75
CA TRP A 7 -18.18 6.65 -12.62
C TRP A 7 -16.70 6.67 -12.97
N LYS A 8 -15.91 7.36 -12.17
CA LYS A 8 -14.47 7.47 -12.40
C LYS A 8 -13.74 7.86 -11.12
N GLU A 9 -13.38 6.85 -10.32
CA GLU A 9 -12.67 7.09 -9.07
C GLU A 9 -11.47 6.14 -8.93
N ASP A 10 -11.71 4.87 -9.21
CA ASP A 10 -10.65 3.87 -9.12
C ASP A 10 -10.42 3.19 -10.46
N SER A 11 -10.65 3.92 -11.54
CA SER A 11 -10.46 3.39 -12.90
C SER A 11 -9.17 3.93 -13.50
N HIS A 12 -8.19 3.04 -13.68
CA HIS A 12 -6.89 3.42 -14.25
C HIS A 12 -6.04 4.19 -13.25
N ILE A 13 -6.63 5.19 -12.60
CA ILE A 13 -5.91 5.99 -11.62
C ILE A 13 -5.39 5.14 -10.48
N VAL A 14 -6.10 4.06 -10.18
CA VAL A 14 -5.70 3.16 -9.11
C VAL A 14 -4.33 2.55 -9.38
N SER A 15 -4.09 2.20 -10.64
CA SER A 15 -2.82 1.61 -11.04
C SER A 15 -1.71 2.66 -11.05
N ALA A 16 -2.08 3.89 -11.39
CA ALA A 16 -1.12 4.99 -11.44
C ALA A 16 -0.67 5.37 -10.03
N GLU A 17 -1.60 5.34 -9.08
CA GLU A 17 -1.29 5.68 -7.70
C GLU A 17 -0.23 4.75 -7.12
N VAL A 18 -0.33 3.47 -7.45
CA VAL A 18 0.63 2.48 -6.98
C VAL A 18 1.99 2.68 -7.64
N GLY A 19 1.98 3.16 -8.87
CA GLY A 19 3.22 3.39 -9.59
C GLY A 19 4.05 4.49 -8.97
N GLU A 20 3.44 5.64 -8.74
CA GLU A 20 4.14 6.77 -8.14
C GLU A 20 4.52 6.46 -6.69
N LYS A 21 3.66 5.70 -6.02
CA LYS A 21 3.91 5.31 -4.64
C LYS A 21 5.09 4.36 -4.54
N CYS A 22 5.30 3.57 -5.58
CA CYS A 22 6.41 2.62 -5.61
C CYS A 22 7.72 3.33 -5.88
N GLU A 23 7.68 4.33 -6.75
CA GLU A 23 8.88 5.10 -7.09
C GLU A 23 9.31 5.96 -5.90
N ALA A 24 8.34 6.66 -5.32
CA ALA A 24 8.61 7.53 -4.18
C ALA A 24 9.03 6.72 -2.95
N ILE A 25 8.28 5.65 -2.67
CA ILE A 25 8.58 4.81 -1.53
C ILE A 25 9.99 4.24 -1.62
N GLY A 26 10.39 3.85 -2.83
CA GLY A 26 11.72 3.30 -3.02
C GLY A 26 12.81 4.29 -2.70
N VAL A 27 12.71 5.47 -3.30
CA VAL A 27 13.69 6.52 -3.05
C VAL A 27 13.69 6.88 -1.56
N LYS A 28 12.53 6.68 -0.92
CA LYS A 28 12.38 6.97 0.49
C LYS A 28 13.16 5.98 1.36
N LEU A 29 12.91 4.69 1.16
CA LEU A 29 13.59 3.65 1.92
C LEU A 29 15.08 3.63 1.61
N LEU A 30 15.42 4.01 0.38
CA LEU A 30 16.82 4.03 -0.04
C LEU A 30 17.57 5.17 0.64
N HIS A 31 16.98 6.35 0.63
CA HIS A 31 17.58 7.52 1.25
C HIS A 31 17.75 7.31 2.75
N LEU A 32 16.72 6.77 3.39
CA LEU A 32 16.75 6.52 4.83
C LEU A 32 17.89 5.56 5.19
N GLU A 33 18.00 4.49 4.41
CA GLU A 33 19.04 3.49 4.65
C GLU A 33 20.43 4.12 4.63
N ASP A 34 20.71 4.90 3.59
CA ASP A 34 22.01 5.56 3.44
C ASP A 34 22.28 6.50 4.60
N GLN A 35 21.21 7.13 5.12
CA GLN A 35 21.34 8.07 6.23
C GLN A 35 21.36 7.33 7.57
N LEU A 36 20.73 6.16 7.61
CA LEU A 36 20.66 5.37 8.83
C LEU A 36 22.02 4.73 9.14
N LEU A 37 22.66 4.19 8.11
CA LEU A 37 23.95 3.54 8.26
C LEU A 37 24.94 4.44 8.99
N GLY A 38 25.07 5.68 8.52
CA GLY A 38 25.99 6.61 9.14
C GLY A 38 25.53 7.06 10.51
N ALA A 39 24.29 7.54 10.60
CA ALA A 39 23.74 8.00 11.86
C ALA A 39 23.68 6.88 12.89
N MET A 40 23.61 5.64 12.42
CA MET A 40 23.54 4.49 13.31
C MET A 40 24.66 4.54 14.35
N TYR A 41 25.91 4.54 13.89
CA TYR A 41 27.05 4.58 14.78
C TYR A 41 27.33 6.00 15.27
N SER A 42 27.00 6.98 14.43
CA SER A 42 27.22 8.39 14.77
C SER A 42 26.20 8.86 15.83
N HIS A 43 24.95 8.99 15.41
CA HIS A 43 23.89 9.43 16.31
C HIS A 43 22.70 8.49 16.23
N ASP A 44 22.51 7.70 17.28
CA ASP A 44 21.41 6.74 17.35
C ASP A 44 20.12 7.42 17.82
N GLU A 45 19.75 8.51 17.14
CA GLU A 45 18.56 9.25 17.48
C GLU A 45 17.85 9.74 16.22
N ALA A 46 18.63 10.25 15.28
CA ALA A 46 18.09 10.75 14.02
C ALA A 46 17.36 9.65 13.26
N LEU A 47 17.85 8.42 13.38
CA LEU A 47 17.23 7.28 12.70
C LEU A 47 15.92 6.92 13.37
N PHE A 48 15.86 7.06 14.69
CA PHE A 48 14.66 6.73 15.45
C PHE A 48 13.49 7.63 15.01
N GLN A 49 13.74 8.94 14.99
CA GLN A 49 12.72 9.90 14.58
C GLN A 49 12.32 9.67 13.13
N SER A 50 13.31 9.45 12.28
CA SER A 50 13.06 9.21 10.87
C SER A 50 12.25 7.94 10.66
N LEU A 51 12.50 6.94 11.51
CA LEU A 51 11.79 5.67 11.42
C LEU A 51 10.31 5.88 11.70
N GLN A 52 10.01 6.64 12.74
CA GLN A 52 8.62 6.92 13.11
C GLN A 52 7.87 7.58 11.97
N GLY A 53 8.43 8.67 11.45
CA GLY A 53 7.80 9.38 10.35
C GLY A 53 7.73 8.53 9.10
N GLU A 54 8.86 7.97 8.69
CA GLU A 54 8.93 7.13 7.50
C GLU A 54 7.93 5.99 7.59
N LEU A 55 7.77 5.44 8.79
CA LEU A 55 6.83 4.33 9.01
C LEU A 55 5.40 4.79 8.75
N GLN A 56 5.05 5.95 9.28
CA GLN A 56 3.70 6.50 9.10
C GLN A 56 3.40 6.70 7.62
N THR A 57 4.44 7.03 6.86
CA THR A 57 4.29 7.26 5.43
C THR A 57 3.89 5.97 4.71
N VAL A 58 4.69 4.92 4.92
CA VAL A 58 4.42 3.63 4.30
C VAL A 58 3.14 3.01 4.86
N LYS A 59 2.90 3.23 6.15
CA LYS A 59 1.71 2.68 6.79
C LYS A 59 0.47 3.39 6.29
N GLU A 60 0.54 4.72 6.21
CA GLU A 60 -0.57 5.52 5.72
C GLU A 60 -0.78 5.30 4.23
N THR A 61 0.31 5.25 3.48
CA THR A 61 0.24 5.04 2.04
C THR A 61 -0.31 3.65 1.72
N LEU A 62 0.16 2.65 2.46
CA LEU A 62 -0.29 1.28 2.26
C LEU A 62 -1.74 1.13 2.69
N GLN A 63 -2.11 1.84 3.76
CA GLN A 63 -3.48 1.79 4.27
C GLN A 63 -4.46 2.27 3.21
N ALA A 64 -4.07 3.33 2.49
CA ALA A 64 -4.91 3.88 1.44
C ALA A 64 -5.00 2.92 0.26
N MET A 65 -3.87 2.29 -0.07
CA MET A 65 -3.83 1.35 -1.18
C MET A 65 -4.76 0.16 -0.94
N ILE A 66 -4.70 -0.40 0.28
CA ILE A 66 -5.55 -1.52 0.64
C ILE A 66 -7.02 -1.14 0.56
N LEU A 67 -7.36 0.01 1.13
CA LEU A 67 -8.75 0.49 1.12
C LEU A 67 -9.25 0.65 -0.30
N GLN A 68 -8.35 1.04 -1.20
CA GLN A 68 -8.71 1.24 -2.61
C GLN A 68 -8.85 -0.11 -3.31
N LEU A 69 -8.08 -1.10 -2.86
CA LEU A 69 -8.12 -2.44 -3.44
C LEU A 69 -9.40 -3.16 -3.05
N GLN A 70 -9.89 -2.89 -1.84
CA GLN A 70 -11.11 -3.52 -1.35
C GLN A 70 -12.27 -2.53 -1.37
N PRO A 71 -13.08 -2.55 -2.45
CA PRO A 71 -14.23 -1.64 -2.58
C PRO A 71 -15.34 -1.97 -1.58
N THR A 72 -15.27 -1.35 -0.41
CA THR A 72 -16.27 -1.57 0.64
C THR A 72 -16.67 -0.26 1.29
N LYS A 73 -15.67 0.56 1.63
CA LYS A 73 -15.92 1.85 2.26
C LYS A 73 -15.92 2.97 1.23
N GLU A 74 -16.99 3.76 1.22
CA GLU A 74 -17.11 4.87 0.27
C GLU A 74 -17.74 6.09 0.93
N ALA A 75 -16.91 7.03 1.35
CA ALA A 75 -17.39 8.24 2.00
C ALA A 75 -18.16 7.91 3.27
N GLY A 76 -17.44 7.83 4.39
CA GLY A 76 -18.08 7.51 5.66
C GLY A 76 -18.79 6.17 5.64
N GLU A 77 -19.85 6.05 6.42
CA GLU A 77 -20.61 4.81 6.49
C GLU A 77 -21.70 4.78 5.42
N ALA A 78 -22.71 5.62 5.58
CA ALA A 78 -23.81 5.69 4.63
C ALA A 78 -24.53 4.35 4.53
N SER A 79 -25.47 4.13 5.46
CA SER A 79 -26.24 2.89 5.48
C SER A 79 -25.32 1.68 5.67
N ALA A 80 -25.90 0.58 6.14
CA ALA A 80 -25.14 -0.64 6.35
C ALA A 80 -24.82 -1.35 5.04
N SER A 81 -23.58 -1.76 4.88
CA SER A 81 -23.15 -2.44 3.66
C SER A 81 -23.09 -3.95 3.87
N TYR A 82 -22.85 -4.69 2.80
CA TYR A 82 -22.77 -6.14 2.87
C TYR A 82 -21.79 -6.68 1.82
N PRO A 83 -20.67 -7.28 2.27
CA PRO A 83 -19.65 -7.83 1.36
C PRO A 83 -20.26 -8.77 0.32
N THR A 84 -20.03 -8.48 -0.95
CA THR A 84 -20.55 -9.30 -2.04
C THR A 84 -19.51 -9.47 -3.14
N ALA A 85 -19.00 -10.69 -3.28
CA ALA A 85 -17.99 -10.98 -4.29
C ALA A 85 -17.81 -12.48 -4.47
N GLY A 86 -17.94 -12.95 -5.70
CA GLY A 86 -17.77 -14.37 -5.97
C GLY A 86 -18.40 -14.78 -7.28
N ALA A 87 -17.57 -15.00 -8.30
CA ALA A 87 -18.05 -15.40 -9.61
C ALA A 87 -18.98 -14.35 -10.20
N GLN A 88 -19.15 -14.37 -11.52
CA GLN A 88 -20.01 -13.41 -12.20
C GLN A 88 -21.43 -13.95 -12.32
N GLU A 89 -21.55 -15.27 -12.51
CA GLU A 89 -22.85 -15.91 -12.64
C GLU A 89 -22.68 -17.38 -13.04
N THR A 90 -22.77 -18.27 -12.04
CA THR A 90 -22.62 -19.69 -12.28
C THR A 90 -23.79 -20.47 -11.67
N GLU A 91 -24.16 -20.12 -10.45
CA GLU A 91 -25.26 -20.78 -9.75
C GLU A 91 -26.56 -20.65 -10.54
N ALA A 92 -26.78 -19.47 -11.12
CA ALA A 92 -27.99 -19.22 -11.90
C ALA A 92 -27.79 -19.61 -13.36
N LEU A 93 -27.11 -18.74 -14.11
CA LEU A 93 -26.85 -18.99 -15.53
C LEU A 93 -25.71 -18.12 -16.03
N VAL A 94 -24.96 -18.63 -16.99
CA VAL A 94 -23.83 -17.89 -17.56
C VAL A 94 -24.19 -17.32 -18.94
N PRO A 95 -24.67 -16.07 -18.98
CA PRO A 95 -25.04 -15.42 -20.23
C PRO A 95 -23.83 -15.08 -21.10
N ARG A 96 -22.80 -14.52 -20.46
CA ARG A 96 -21.57 -14.16 -21.17
C ARG A 96 -21.86 -13.14 -22.27
N GLY A 97 -22.81 -12.25 -22.01
CA GLY A 97 -23.18 -11.24 -22.99
C GLY A 97 -24.19 -10.25 -22.45
N SER A 98 -23.75 -9.37 -21.56
CA SER A 98 -24.63 -8.37 -20.97
C SER A 98 -24.39 -7.00 -21.60
N GLY A 99 -23.12 -6.69 -21.86
CA GLY A 99 -22.78 -5.41 -22.45
C GLY A 99 -21.29 -5.25 -22.65
N PHE A 100 -20.87 -4.05 -23.04
CA PHE A 100 -19.47 -3.75 -23.26
C PHE A 100 -18.69 -3.74 -21.94
N GLY A 101 -19.05 -2.82 -21.07
CA GLY A 101 -18.38 -2.71 -19.78
C GLY A 101 -16.91 -2.39 -19.91
N THR A 102 -16.37 -1.69 -18.92
CA THR A 102 -14.95 -1.32 -18.94
C THR A 102 -14.30 -1.62 -17.58
N SER A 103 -13.61 -2.75 -17.52
CA SER A 103 -12.94 -3.16 -16.29
C SER A 103 -11.52 -2.61 -16.24
N PRO A 104 -11.26 -1.60 -15.38
CA PRO A 104 -9.93 -1.00 -15.25
C PRO A 104 -8.92 -1.94 -14.60
N LEU A 105 -9.38 -2.67 -13.58
CA LEU A 105 -8.52 -3.60 -12.88
C LEU A 105 -8.21 -4.83 -13.74
N THR A 106 -7.01 -5.37 -13.59
CA THR A 106 -6.59 -6.54 -14.35
C THR A 106 -5.77 -7.49 -13.48
N PRO A 107 -5.55 -8.73 -13.96
CA PRO A 107 -4.78 -9.73 -13.22
C PRO A 107 -3.31 -9.35 -13.09
N SER A 108 -3.04 -8.26 -12.39
CA SER A 108 -1.68 -7.78 -12.20
C SER A 108 -1.66 -6.55 -11.29
N ALA A 109 -2.66 -5.70 -11.44
CA ALA A 109 -2.75 -4.48 -10.65
C ALA A 109 -3.10 -4.79 -9.20
N ARG A 110 -3.85 -5.88 -9.00
CA ARG A 110 -4.25 -6.29 -7.65
C ARG A 110 -3.09 -6.97 -6.92
N ILE A 111 -2.46 -7.93 -7.59
CA ILE A 111 -1.34 -8.67 -7.01
C ILE A 111 -0.16 -7.73 -6.73
N SER A 112 0.01 -6.75 -7.60
CA SER A 112 1.11 -5.79 -7.44
C SER A 112 0.90 -4.93 -6.20
N ALA A 113 -0.35 -4.54 -5.95
CA ALA A 113 -0.68 -3.72 -4.79
C ALA A 113 -0.59 -4.51 -3.50
N LEU A 114 -1.02 -5.77 -3.55
CA LEU A 114 -0.98 -6.63 -2.37
C LEU A 114 0.43 -7.16 -2.16
N ASN A 115 1.15 -7.39 -3.24
CA ASN A 115 2.52 -7.90 -3.17
C ASN A 115 3.47 -6.79 -2.73
N ILE A 116 3.22 -5.57 -3.19
CA ILE A 116 4.06 -4.43 -2.83
C ILE A 116 3.86 -4.06 -1.36
N VAL A 117 2.60 -4.01 -0.93
CA VAL A 117 2.29 -3.68 0.45
C VAL A 117 2.94 -4.68 1.40
N GLY A 118 2.76 -5.98 1.10
CA GLY A 118 3.35 -7.01 1.91
C GLY A 118 4.86 -6.92 1.96
N ASP A 119 5.45 -6.53 0.83
CA ASP A 119 6.90 -6.40 0.73
C ASP A 119 7.39 -5.22 1.58
N LEU A 120 6.61 -4.14 1.58
CA LEU A 120 6.96 -2.96 2.36
C LEU A 120 7.08 -3.30 3.84
N LEU A 121 6.01 -3.86 4.40
CA LEU A 121 6.01 -4.24 5.80
C LEU A 121 7.15 -5.20 6.10
N ARG A 122 7.40 -6.13 5.19
CA ARG A 122 8.47 -7.10 5.35
C ARG A 122 9.82 -6.38 5.45
N LYS A 123 10.04 -5.44 4.55
CA LYS A 123 11.27 -4.66 4.53
C LYS A 123 11.42 -3.86 5.82
N VAL A 124 10.30 -3.34 6.31
CA VAL A 124 10.30 -2.56 7.54
C VAL A 124 10.67 -3.44 8.73
N GLY A 125 10.15 -4.65 8.75
CA GLY A 125 10.45 -5.58 9.83
C GLY A 125 11.93 -5.88 9.93
N ALA A 126 12.55 -6.15 8.79
CA ALA A 126 13.98 -6.44 8.76
C ALA A 126 14.79 -5.20 9.07
N LEU A 127 14.30 -4.04 8.64
CA LEU A 127 14.99 -2.78 8.88
C LEU A 127 14.96 -2.42 10.36
N GLU A 128 13.78 -2.52 10.96
CA GLU A 128 13.62 -2.21 12.38
C GLU A 128 14.37 -3.22 13.25
N SER A 129 14.49 -4.44 12.75
CA SER A 129 15.18 -5.50 13.47
C SER A 129 16.67 -5.19 13.59
N LYS A 130 17.29 -4.83 12.46
CA LYS A 130 18.70 -4.49 12.44
C LYS A 130 18.98 -3.28 13.32
N LEU A 131 18.09 -2.29 13.26
CA LEU A 131 18.23 -1.08 14.05
C LEU A 131 18.21 -1.40 15.54
N ALA A 132 17.33 -2.34 15.92
CA ALA A 132 17.21 -2.73 17.32
C ALA A 132 18.45 -3.47 17.78
N ALA A 133 19.00 -4.31 16.91
CA ALA A 133 20.20 -5.08 17.23
C ALA A 133 21.36 -4.16 17.57
N CYS A 134 21.53 -3.10 16.76
CA CYS A 134 22.61 -2.14 16.99
C CYS A 134 22.32 -1.29 18.22
N ARG A 135 21.05 -1.04 18.48
CA ARG A 135 20.63 -0.24 19.62
C ARG A 135 20.89 -1.00 20.92
N ASN A 136 20.45 -2.25 20.98
CA ASN A 136 20.64 -3.07 22.16
C ASN A 136 22.12 -3.30 22.43
N PHE A 137 22.90 -3.45 21.37
CA PHE A 137 24.34 -3.67 21.49
C PHE A 137 25.03 -2.43 22.04
N ALA A 138 24.60 -1.27 21.56
CA ALA A 138 25.18 0.00 22.01
C ALA A 138 24.73 0.33 23.43
N LYS A 139 23.45 0.15 23.70
CA LYS A 139 22.89 0.43 25.01
C LYS A 139 23.49 -0.50 26.07
N ASP A 140 23.86 -1.70 25.64
CA ASP A 140 24.45 -2.68 26.54
C ASP A 140 25.98 -2.66 26.45
N GLN A 141 26.52 -1.53 26.03
CA GLN A 141 27.96 -1.38 25.89
C GLN A 141 28.50 -0.33 26.86
N ALA A 142 27.71 0.72 27.07
CA ALA A 142 28.11 1.78 27.99
C ALA A 142 28.02 1.33 29.45
N SER A 143 27.04 0.46 29.73
CA SER A 143 26.84 -0.06 31.07
C SER A 143 27.89 -1.11 31.41
N ARG A 144 28.33 -1.85 30.39
CA ARG A 144 29.33 -2.89 30.58
C ARG A 144 30.70 -2.28 30.88
N LYS A 145 31.08 -1.28 30.10
CA LYS A 145 32.36 -0.61 30.28
C LYS A 145 32.25 0.88 29.94
N GLY A 1 -22.27 16.49 -1.11
CA GLY A 1 -22.03 17.95 -1.28
C GLY A 1 -20.64 18.25 -1.82
N SER A 2 -20.09 17.30 -2.58
CA SER A 2 -18.76 17.47 -3.17
C SER A 2 -18.86 17.67 -4.68
N GLU A 3 -19.88 17.07 -5.28
CA GLU A 3 -20.08 17.17 -6.72
C GLU A 3 -18.92 16.54 -7.48
N PHE A 4 -18.32 15.51 -6.88
CA PHE A 4 -17.20 14.82 -7.50
C PHE A 4 -16.94 13.49 -6.80
N GLY A 5 -16.44 13.57 -5.57
CA GLY A 5 -16.16 12.36 -4.82
C GLY A 5 -15.13 11.48 -5.50
N PRO A 6 -13.88 11.94 -5.62
CA PRO A 6 -12.81 11.18 -6.27
C PRO A 6 -12.22 10.10 -5.36
N TRP A 7 -13.10 9.27 -4.78
CA TRP A 7 -12.67 8.21 -3.89
C TRP A 7 -12.64 6.86 -4.62
N LYS A 8 -13.46 6.75 -5.65
CA LYS A 8 -13.55 5.52 -6.44
C LYS A 8 -14.58 5.66 -7.55
N GLU A 9 -14.20 6.36 -8.61
CA GLU A 9 -15.11 6.57 -9.75
C GLU A 9 -14.31 6.70 -11.05
N ASP A 10 -13.52 5.69 -11.35
CA ASP A 10 -12.71 5.70 -12.57
C ASP A 10 -11.97 4.37 -12.73
N SER A 11 -11.55 4.09 -13.96
CA SER A 11 -10.83 2.85 -14.25
C SER A 11 -9.49 3.15 -14.92
N HIS A 12 -8.58 2.19 -14.87
CA HIS A 12 -7.24 2.33 -15.47
C HIS A 12 -6.33 3.18 -14.60
N ILE A 13 -6.86 4.27 -14.04
CA ILE A 13 -6.07 5.15 -13.20
C ILE A 13 -5.54 4.41 -11.97
N VAL A 14 -6.29 3.42 -11.52
CA VAL A 14 -5.89 2.63 -10.35
C VAL A 14 -4.49 2.05 -10.53
N SER A 15 -4.11 1.82 -11.77
CA SER A 15 -2.78 1.27 -12.08
C SER A 15 -1.70 2.32 -11.87
N ALA A 16 -2.05 3.58 -12.10
CA ALA A 16 -1.10 4.67 -11.94
C ALA A 16 -0.75 4.90 -10.47
N GLU A 17 -1.74 4.71 -9.60
CA GLU A 17 -1.53 4.89 -8.17
C GLU A 17 -0.45 3.94 -7.65
N VAL A 18 -0.42 2.73 -8.18
CA VAL A 18 0.57 1.74 -7.78
C VAL A 18 1.97 2.12 -8.27
N GLY A 19 2.02 2.79 -9.40
CA GLY A 19 3.30 3.21 -9.96
C GLY A 19 3.93 4.35 -9.18
N GLU A 20 3.16 5.40 -8.95
CA GLU A 20 3.65 6.56 -8.22
C GLU A 20 4.01 6.17 -6.78
N LYS A 21 3.22 5.26 -6.21
CA LYS A 21 3.45 4.80 -4.85
C LYS A 21 4.76 4.02 -4.75
N CYS A 22 5.00 3.17 -5.75
CA CYS A 22 6.21 2.36 -5.77
C CYS A 22 7.46 3.25 -5.81
N GLU A 23 7.43 4.27 -6.65
CA GLU A 23 8.55 5.20 -6.78
C GLU A 23 8.79 5.95 -5.46
N ALA A 24 7.71 6.41 -4.86
CA ALA A 24 7.80 7.15 -3.60
C ALA A 24 8.27 6.25 -2.47
N ILE A 25 7.75 5.02 -2.45
CA ILE A 25 8.11 4.05 -1.40
C ILE A 25 9.62 3.78 -1.42
N GLY A 26 10.19 3.66 -2.62
CA GLY A 26 11.61 3.39 -2.73
C GLY A 26 12.46 4.56 -2.28
N VAL A 27 12.18 5.74 -2.82
CA VAL A 27 12.93 6.93 -2.45
C VAL A 27 12.87 7.15 -0.94
N LYS A 28 11.79 6.66 -0.32
CA LYS A 28 11.59 6.80 1.11
C LYS A 28 12.58 5.90 1.87
N LEU A 29 12.58 4.62 1.53
CA LEU A 29 13.46 3.65 2.18
C LEU A 29 14.92 3.92 1.81
N LEU A 30 15.14 4.43 0.60
CA LEU A 30 16.49 4.73 0.15
C LEU A 30 17.10 5.84 0.98
N HIS A 31 16.36 6.93 1.15
CA HIS A 31 16.83 8.07 1.92
C HIS A 31 17.03 7.67 3.39
N LEU A 32 16.14 6.83 3.89
CA LEU A 32 16.21 6.36 5.27
C LEU A 32 17.43 5.47 5.48
N GLU A 33 17.66 4.56 4.54
CA GLU A 33 18.79 3.65 4.61
C GLU A 33 20.11 4.41 4.69
N ASP A 34 20.26 5.42 3.84
CA ASP A 34 21.47 6.24 3.81
C ASP A 34 21.66 6.97 5.15
N GLN A 35 20.57 7.53 5.67
CA GLN A 35 20.63 8.26 6.93
C GLN A 35 20.82 7.30 8.11
N LEU A 36 20.30 6.08 7.96
CA LEU A 36 20.43 5.07 9.01
C LEU A 36 21.89 4.67 9.21
N LEU A 37 22.53 4.26 8.13
CA LEU A 37 23.93 3.85 8.18
C LEU A 37 24.81 4.94 8.79
N GLY A 38 24.73 6.13 8.22
CA GLY A 38 25.52 7.25 8.72
C GLY A 38 25.19 7.60 10.15
N ALA A 39 23.90 7.77 10.44
CA ALA A 39 23.46 8.10 11.78
C ALA A 39 23.84 7.02 12.79
N MET A 40 23.90 5.77 12.32
CA MET A 40 24.25 4.66 13.18
C MET A 40 25.64 4.83 13.76
N TYR A 41 26.61 5.08 12.89
CA TYR A 41 28.00 5.27 13.33
C TYR A 41 28.22 6.69 13.84
N SER A 42 27.45 7.64 13.33
CA SER A 42 27.56 9.03 13.74
C SER A 42 26.85 9.27 15.07
N HIS A 43 25.53 9.15 15.05
CA HIS A 43 24.72 9.37 16.25
C HIS A 43 23.90 8.12 16.57
N ASP A 44 22.67 8.31 17.07
CA ASP A 44 21.81 7.19 17.40
C ASP A 44 20.34 7.62 17.43
N GLU A 45 20.08 8.80 17.97
CA GLU A 45 18.72 9.32 18.05
C GLU A 45 18.27 9.88 16.71
N ALA A 46 19.23 10.21 15.85
CA ALA A 46 18.93 10.77 14.53
C ALA A 46 18.19 9.75 13.66
N LEU A 47 18.74 8.55 13.56
CA LEU A 47 18.13 7.50 12.76
C LEU A 47 16.75 7.13 13.29
N PHE A 48 16.59 7.23 14.61
CA PHE A 48 15.32 6.91 15.25
C PHE A 48 14.23 7.88 14.80
N GLN A 49 14.57 9.18 14.78
CA GLN A 49 13.62 10.21 14.37
C GLN A 49 13.17 9.99 12.93
N SER A 50 14.15 9.82 12.04
CA SER A 50 13.87 9.59 10.63
C SER A 50 13.01 8.35 10.44
N LEU A 51 13.27 7.32 11.24
CA LEU A 51 12.52 6.08 11.17
C LEU A 51 11.05 6.32 11.52
N GLN A 52 10.82 7.10 12.56
CA GLN A 52 9.46 7.41 13.00
C GLN A 52 8.66 8.06 11.88
N GLY A 53 9.21 9.13 11.30
CA GLY A 53 8.53 9.82 10.22
C GLY A 53 8.36 8.95 8.99
N GLU A 54 9.37 8.13 8.70
CA GLU A 54 9.33 7.25 7.54
C GLU A 54 8.32 6.13 7.75
N LEU A 55 8.22 5.64 8.98
CA LEU A 55 7.30 4.55 9.29
C LEU A 55 5.85 5.02 9.20
N GLN A 56 5.57 6.20 9.76
CA GLN A 56 4.22 6.75 9.72
C GLN A 56 3.79 7.00 8.27
N THR A 57 4.69 7.56 7.48
CA THR A 57 4.43 7.85 6.09
C THR A 57 4.00 6.58 5.35
N VAL A 58 4.86 5.56 5.40
CA VAL A 58 4.57 4.30 4.73
C VAL A 58 3.27 3.70 5.28
N LYS A 59 3.02 3.90 6.57
CA LYS A 59 1.82 3.38 7.21
C LYS A 59 0.58 3.86 6.45
N GLU A 60 0.55 5.16 6.14
CA GLU A 60 -0.56 5.75 5.42
C GLU A 60 -0.59 5.22 3.99
N THR A 61 0.60 4.96 3.44
CA THR A 61 0.73 4.45 2.08
C THR A 61 0.07 3.08 1.96
N LEU A 62 0.45 2.16 2.84
CA LEU A 62 -0.11 0.81 2.83
C LEU A 62 -1.62 0.84 3.02
N GLN A 63 -2.07 1.67 3.94
CA GLN A 63 -3.50 1.80 4.22
C GLN A 63 -4.25 2.33 3.00
N ALA A 64 -3.65 3.28 2.30
CA ALA A 64 -4.26 3.88 1.12
C ALA A 64 -4.35 2.86 -0.01
N MET A 65 -3.25 2.15 -0.25
CA MET A 65 -3.20 1.15 -1.31
C MET A 65 -4.24 0.06 -1.08
N ILE A 66 -4.29 -0.46 0.14
CA ILE A 66 -5.23 -1.51 0.50
C ILE A 66 -6.67 -0.98 0.47
N LEU A 67 -6.86 0.22 1.00
CA LEU A 67 -8.18 0.84 1.03
C LEU A 67 -8.70 1.09 -0.38
N GLN A 68 -7.80 1.47 -1.28
CA GLN A 68 -8.17 1.74 -2.66
C GLN A 68 -8.61 0.45 -3.37
N LEU A 69 -7.79 -0.58 -3.27
CA LEU A 69 -8.08 -1.87 -3.90
C LEU A 69 -9.31 -2.51 -3.26
N GLN A 70 -9.50 -2.27 -1.97
CA GLN A 70 -10.64 -2.83 -1.25
C GLN A 70 -11.84 -1.90 -1.33
N PRO A 71 -13.02 -2.45 -1.67
CA PRO A 71 -14.26 -1.65 -1.79
C PRO A 71 -14.80 -1.23 -0.43
N THR A 72 -14.94 0.07 -0.23
CA THR A 72 -15.45 0.60 1.03
C THR A 72 -16.76 1.34 0.81
N LYS A 73 -17.49 0.95 -0.23
CA LYS A 73 -18.78 1.58 -0.55
C LYS A 73 -19.91 0.55 -0.53
N GLU A 74 -19.61 -0.65 -1.01
CA GLU A 74 -20.61 -1.72 -1.06
C GLU A 74 -21.79 -1.33 -1.92
N ALA A 75 -22.65 -2.29 -2.23
CA ALA A 75 -23.83 -2.04 -3.05
C ALA A 75 -24.76 -3.25 -3.05
N GLY A 76 -26.01 -3.02 -3.41
CA GLY A 76 -26.99 -4.09 -3.45
C GLY A 76 -27.78 -4.20 -2.16
N GLU A 77 -28.69 -3.26 -1.94
CA GLU A 77 -29.52 -3.25 -0.74
C GLU A 77 -30.80 -4.05 -0.95
N ALA A 78 -31.31 -4.01 -2.17
CA ALA A 78 -32.54 -4.72 -2.51
C ALA A 78 -32.50 -5.21 -3.95
N SER A 79 -31.33 -5.66 -4.40
CA SER A 79 -31.17 -6.17 -5.76
C SER A 79 -31.75 -7.57 -5.89
N ALA A 80 -32.93 -7.67 -6.51
CA ALA A 80 -33.58 -8.95 -6.71
C ALA A 80 -33.90 -9.60 -5.37
N SER A 81 -35.13 -9.44 -4.90
CA SER A 81 -35.55 -10.03 -3.64
C SER A 81 -37.07 -10.04 -3.53
N TYR A 82 -37.70 -8.92 -3.90
CA TYR A 82 -39.15 -8.81 -3.83
C TYR A 82 -39.61 -7.45 -4.37
N PRO A 83 -39.19 -6.35 -3.73
CA PRO A 83 -39.56 -4.99 -4.15
C PRO A 83 -39.04 -4.66 -5.54
N THR A 84 -39.91 -4.08 -6.36
CA THR A 84 -39.54 -3.71 -7.73
C THR A 84 -40.18 -2.39 -8.12
N ALA A 85 -39.33 -1.41 -8.44
CA ALA A 85 -39.80 -0.09 -8.84
C ALA A 85 -38.78 0.62 -9.72
N GLY A 86 -39.18 0.97 -10.93
CA GLY A 86 -38.28 1.65 -11.84
C GLY A 86 -37.92 0.80 -13.05
N ALA A 87 -38.80 0.81 -14.06
CA ALA A 87 -38.58 0.04 -15.27
C ALA A 87 -38.09 0.94 -16.41
N GLN A 88 -37.26 0.37 -17.27
CA GLN A 88 -36.72 1.12 -18.41
C GLN A 88 -37.54 0.86 -19.66
N GLU A 89 -38.86 0.88 -19.51
CA GLU A 89 -39.77 0.65 -20.64
C GLU A 89 -39.53 -0.73 -21.25
N THR A 90 -39.13 -1.68 -20.41
CA THR A 90 -38.88 -3.05 -20.87
C THR A 90 -40.15 -3.88 -20.85
N GLU A 91 -41.05 -3.55 -19.93
CA GLU A 91 -42.31 -4.28 -19.80
C GLU A 91 -43.12 -4.18 -21.09
N ALA A 92 -42.97 -3.08 -21.81
CA ALA A 92 -43.69 -2.87 -23.06
C ALA A 92 -42.99 -3.58 -24.22
N LEU A 93 -41.85 -3.04 -24.61
CA LEU A 93 -41.08 -3.63 -25.72
C LEU A 93 -40.16 -4.74 -25.21
N VAL A 94 -39.21 -5.14 -26.05
CA VAL A 94 -38.28 -6.20 -25.68
C VAL A 94 -37.53 -5.86 -24.39
N PRO A 95 -37.36 -6.85 -23.49
CA PRO A 95 -36.66 -6.63 -22.21
C PRO A 95 -35.24 -6.11 -22.42
N ARG A 96 -34.68 -5.53 -21.36
CA ARG A 96 -33.32 -4.99 -21.43
C ARG A 96 -32.32 -6.08 -21.77
N GLY A 97 -31.20 -5.68 -22.36
CA GLY A 97 -30.17 -6.63 -22.74
C GLY A 97 -28.94 -6.54 -21.86
N SER A 98 -28.88 -7.38 -20.85
CA SER A 98 -27.75 -7.39 -19.93
C SER A 98 -27.36 -8.81 -19.53
N GLY A 99 -26.33 -8.94 -18.72
CA GLY A 99 -25.89 -10.25 -18.28
C GLY A 99 -24.82 -10.18 -17.21
N PHE A 100 -23.63 -10.68 -17.54
CA PHE A 100 -22.50 -10.66 -16.60
C PHE A 100 -21.77 -9.33 -16.65
N GLY A 101 -21.44 -8.80 -15.47
CA GLY A 101 -20.73 -7.54 -15.40
C GLY A 101 -19.98 -7.36 -14.10
N THR A 102 -19.51 -8.48 -13.53
CA THR A 102 -18.77 -8.44 -12.28
C THR A 102 -17.28 -8.57 -12.53
N SER A 103 -16.61 -7.43 -12.69
CA SER A 103 -15.17 -7.42 -12.94
C SER A 103 -14.58 -6.03 -12.67
N PRO A 104 -13.74 -5.90 -11.63
CA PRO A 104 -13.12 -4.61 -11.28
C PRO A 104 -12.12 -4.14 -12.34
N LEU A 105 -11.29 -5.07 -12.82
CA LEU A 105 -10.30 -4.74 -13.83
C LEU A 105 -9.65 -6.02 -14.37
N THR A 106 -8.76 -5.85 -15.35
CA THR A 106 -8.06 -6.99 -15.95
C THR A 106 -7.09 -7.61 -14.96
N PRO A 107 -6.76 -8.91 -15.14
CA PRO A 107 -5.85 -9.62 -14.26
C PRO A 107 -4.41 -9.11 -14.38
N SER A 108 -4.09 -8.07 -13.61
CA SER A 108 -2.75 -7.49 -13.62
C SER A 108 -2.58 -6.49 -12.49
N ALA A 109 -3.59 -5.68 -12.26
CA ALA A 109 -3.55 -4.68 -11.20
C ALA A 109 -3.66 -5.34 -9.82
N ARG A 110 -4.58 -6.29 -9.69
CA ARG A 110 -4.77 -7.00 -8.44
C ARG A 110 -3.50 -7.72 -8.02
N ILE A 111 -2.92 -8.47 -8.95
CA ILE A 111 -1.69 -9.21 -8.68
C ILE A 111 -0.53 -8.27 -8.40
N SER A 112 -0.38 -7.25 -9.24
CA SER A 112 0.69 -6.27 -9.09
C SER A 112 0.52 -5.49 -7.78
N ALA A 113 -0.71 -5.10 -7.48
CA ALA A 113 -1.00 -4.35 -6.27
C ALA A 113 -0.64 -5.16 -5.03
N LEU A 114 -1.10 -6.40 -4.97
CA LEU A 114 -0.82 -7.27 -3.84
C LEU A 114 0.65 -7.67 -3.81
N ASN A 115 1.28 -7.71 -4.98
CA ASN A 115 2.68 -8.07 -5.09
C ASN A 115 3.58 -7.01 -4.42
N ILE A 116 3.30 -5.75 -4.71
CA ILE A 116 4.08 -4.66 -4.14
C ILE A 116 3.79 -4.51 -2.65
N VAL A 117 2.54 -4.74 -2.26
CA VAL A 117 2.15 -4.64 -0.86
C VAL A 117 2.96 -5.60 -0.01
N GLY A 118 2.96 -6.87 -0.40
CA GLY A 118 3.70 -7.88 0.34
C GLY A 118 5.19 -7.56 0.35
N ASP A 119 5.71 -7.15 -0.80
CA ASP A 119 7.12 -6.81 -0.91
C ASP A 119 7.45 -5.58 -0.06
N LEU A 120 6.49 -4.66 0.01
CA LEU A 120 6.65 -3.43 0.78
C LEU A 120 6.73 -3.75 2.27
N LEU A 121 5.70 -4.42 2.78
CA LEU A 121 5.63 -4.78 4.19
C LEU A 121 6.86 -5.60 4.59
N ARG A 122 7.39 -6.37 3.64
CA ARG A 122 8.57 -7.18 3.89
C ARG A 122 9.80 -6.31 4.07
N LYS A 123 9.93 -5.28 3.25
CA LYS A 123 11.06 -4.37 3.34
C LYS A 123 11.11 -3.68 4.69
N VAL A 124 10.00 -3.07 5.08
CA VAL A 124 9.91 -2.39 6.37
C VAL A 124 10.21 -3.34 7.53
N GLY A 125 9.68 -4.55 7.42
CA GLY A 125 9.90 -5.54 8.47
C GLY A 125 11.37 -5.84 8.70
N ALA A 126 12.10 -6.09 7.60
CA ALA A 126 13.51 -6.38 7.67
C ALA A 126 14.30 -5.18 8.16
N LEU A 127 13.89 -3.99 7.73
CA LEU A 127 14.56 -2.76 8.13
C LEU A 127 14.30 -2.46 9.61
N GLU A 128 13.10 -2.77 10.08
CA GLU A 128 12.73 -2.54 11.47
C GLU A 128 13.54 -3.43 12.40
N SER A 129 13.59 -4.72 12.07
CA SER A 129 14.33 -5.69 12.88
C SER A 129 15.83 -5.38 12.85
N LYS A 130 16.29 -4.86 11.73
CA LYS A 130 17.71 -4.52 11.58
C LYS A 130 18.08 -3.35 12.48
N LEU A 131 17.25 -2.31 12.48
CA LEU A 131 17.49 -1.14 13.30
C LEU A 131 17.49 -1.50 14.79
N ALA A 132 16.49 -2.25 15.20
CA ALA A 132 16.37 -2.67 16.59
C ALA A 132 17.55 -3.54 17.00
N ALA A 133 17.90 -4.49 16.15
CA ALA A 133 19.02 -5.39 16.42
C ALA A 133 20.34 -4.63 16.50
N CYS A 134 20.58 -3.77 15.51
CA CYS A 134 21.80 -2.98 15.47
C CYS A 134 21.86 -2.01 16.66
N ARG A 135 20.70 -1.53 17.07
CA ARG A 135 20.61 -0.60 18.18
C ARG A 135 21.02 -1.27 19.49
N ASN A 136 20.44 -2.45 19.74
CA ASN A 136 20.76 -3.20 20.96
C ASN A 136 22.24 -3.55 21.02
N PHE A 137 22.82 -3.86 19.87
CA PHE A 137 24.23 -4.22 19.79
C PHE A 137 25.11 -2.98 20.01
N ALA A 138 24.62 -1.84 19.54
CA ALA A 138 25.36 -0.59 19.69
C ALA A 138 25.46 -0.17 21.15
N LYS A 139 24.34 -0.23 21.86
CA LYS A 139 24.29 0.14 23.26
C LYS A 139 24.97 -0.92 24.13
N ASP A 140 24.79 -2.18 23.76
CA ASP A 140 25.38 -3.29 24.50
C ASP A 140 26.90 -3.22 24.45
N GLN A 141 27.44 -2.81 23.30
CA GLN A 141 28.87 -2.71 23.12
C GLN A 141 29.45 -1.59 23.99
N ALA A 142 28.66 -0.54 24.20
CA ALA A 142 29.08 0.60 25.01
C ALA A 142 28.91 0.30 26.49
N SER A 143 27.72 -0.18 26.86
CA SER A 143 27.43 -0.50 28.25
C SER A 143 28.27 -1.68 28.73
N ARG A 144 28.47 -2.65 27.84
CA ARG A 144 29.26 -3.83 28.16
C ARG A 144 28.63 -4.59 29.32
N LYS A 145 28.07 -5.76 29.02
CA LYS A 145 27.43 -6.59 30.03
C LYS A 145 28.20 -7.88 30.24
N GLY A 1 -3.28 22.47 -17.87
CA GLY A 1 -2.98 21.55 -19.00
C GLY A 1 -4.15 21.40 -19.96
N SER A 2 -5.16 20.64 -19.54
CA SER A 2 -6.34 20.42 -20.36
C SER A 2 -7.56 20.11 -19.50
N GLU A 3 -8.72 20.03 -20.14
CA GLU A 3 -9.97 19.76 -19.43
C GLU A 3 -10.96 19.05 -20.34
N PHE A 4 -10.45 18.22 -21.25
CA PHE A 4 -11.30 17.49 -22.18
C PHE A 4 -10.57 16.27 -22.73
N GLY A 5 -10.74 15.13 -22.07
CA GLY A 5 -10.09 13.91 -22.52
C GLY A 5 -11.08 12.92 -23.12
N PRO A 6 -11.15 12.84 -24.46
CA PRO A 6 -12.06 11.92 -25.14
C PRO A 6 -11.65 10.46 -24.96
N TRP A 7 -11.68 9.99 -23.72
CA TRP A 7 -11.31 8.62 -23.41
C TRP A 7 -11.75 8.25 -21.99
N LYS A 8 -11.91 6.96 -21.75
CA LYS A 8 -12.32 6.47 -20.43
C LYS A 8 -11.11 6.22 -19.55
N GLU A 9 -10.34 5.18 -19.87
CA GLU A 9 -9.15 4.84 -19.10
C GLU A 9 -9.52 4.53 -17.65
N ASP A 10 -9.93 3.30 -17.40
CA ASP A 10 -10.30 2.87 -16.04
C ASP A 10 -9.21 2.01 -15.42
N SER A 11 -8.48 1.28 -16.27
CA SER A 11 -7.42 0.41 -15.78
C SER A 11 -6.06 1.11 -15.86
N HIS A 12 -6.08 2.43 -15.90
CA HIS A 12 -4.85 3.21 -15.98
C HIS A 12 -4.72 4.14 -14.77
N ILE A 13 -5.85 4.72 -14.36
CA ILE A 13 -5.86 5.63 -13.22
C ILE A 13 -5.38 4.92 -11.94
N VAL A 14 -5.89 3.71 -11.72
CA VAL A 14 -5.52 2.93 -10.55
C VAL A 14 -4.04 2.54 -10.60
N SER A 15 -3.60 2.07 -11.76
CA SER A 15 -2.21 1.65 -11.95
C SER A 15 -1.27 2.84 -11.75
N ALA A 16 -1.73 4.03 -12.11
CA ALA A 16 -0.93 5.23 -11.97
C ALA A 16 -0.60 5.52 -10.51
N GLU A 17 -1.62 5.39 -9.66
CA GLU A 17 -1.44 5.64 -8.23
C GLU A 17 -0.40 4.69 -7.64
N VAL A 18 -0.48 3.43 -8.02
CA VAL A 18 0.46 2.42 -7.52
C VAL A 18 1.86 2.68 -8.04
N GLY A 19 1.95 3.13 -9.29
CA GLY A 19 3.24 3.42 -9.88
C GLY A 19 3.99 4.51 -9.14
N GLU A 20 3.33 5.64 -8.91
CA GLU A 20 3.94 6.76 -8.22
C GLU A 20 4.26 6.38 -6.77
N LYS A 21 3.41 5.56 -6.18
CA LYS A 21 3.61 5.12 -4.80
C LYS A 21 4.86 4.26 -4.68
N CYS A 22 5.07 3.38 -5.65
CA CYS A 22 6.22 2.50 -5.66
C CYS A 22 7.51 3.30 -5.82
N GLU A 23 7.46 4.32 -6.66
CA GLU A 23 8.61 5.17 -6.91
C GLU A 23 8.96 5.99 -5.67
N ALA A 24 7.93 6.48 -4.99
CA ALA A 24 8.12 7.28 -3.78
C ALA A 24 8.51 6.41 -2.60
N ILE A 25 7.88 5.25 -2.48
CA ILE A 25 8.18 4.33 -1.39
C ILE A 25 9.62 3.86 -1.45
N GLY A 26 10.14 3.68 -2.66
CA GLY A 26 11.51 3.23 -2.83
C GLY A 26 12.52 4.33 -2.52
N VAL A 27 12.34 5.49 -3.15
CA VAL A 27 13.23 6.61 -2.93
C VAL A 27 13.27 6.96 -1.45
N LYS A 28 12.18 6.66 -0.76
CA LYS A 28 12.07 6.95 0.66
C LYS A 28 12.95 5.99 1.46
N LEU A 29 12.77 4.70 1.24
CA LEU A 29 13.54 3.69 1.94
C LEU A 29 15.02 3.80 1.58
N LEU A 30 15.31 4.27 0.37
CA LEU A 30 16.68 4.43 -0.08
C LEU A 30 17.38 5.52 0.72
N HIS A 31 16.73 6.67 0.83
CA HIS A 31 17.29 7.79 1.57
C HIS A 31 17.41 7.44 3.06
N LEU A 32 16.45 6.67 3.55
CA LEU A 32 16.46 6.26 4.96
C LEU A 32 17.61 5.31 5.25
N GLU A 33 17.92 4.45 4.27
CA GLU A 33 19.00 3.49 4.42
C GLU A 33 20.35 4.20 4.49
N ASP A 34 20.56 5.16 3.61
CA ASP A 34 21.81 5.92 3.57
C ASP A 34 21.96 6.75 4.84
N GLN A 35 20.84 7.22 5.37
CA GLN A 35 20.85 8.04 6.58
C GLN A 35 20.90 7.15 7.82
N LEU A 36 20.31 5.97 7.73
CA LEU A 36 20.29 5.04 8.85
C LEU A 36 21.67 4.44 9.08
N LEU A 37 22.41 4.23 8.00
CA LEU A 37 23.75 3.66 8.09
C LEU A 37 24.70 4.62 8.80
N GLY A 38 24.75 5.86 8.32
CA GLY A 38 25.63 6.85 8.92
C GLY A 38 25.15 7.27 10.30
N ALA A 39 23.83 7.26 10.50
CA ALA A 39 23.24 7.65 11.77
C ALA A 39 23.47 6.57 12.83
N MET A 40 23.85 5.37 12.40
CA MET A 40 24.09 4.27 13.32
C MET A 40 25.20 4.61 14.31
N TYR A 41 26.36 4.98 13.78
CA TYR A 41 27.50 5.33 14.62
C TYR A 41 27.38 6.76 15.15
N SER A 42 27.17 7.71 14.23
CA SER A 42 27.03 9.11 14.60
C SER A 42 25.57 9.47 14.88
N HIS A 43 25.36 10.44 15.75
CA HIS A 43 24.03 10.89 16.11
C HIS A 43 23.25 9.79 16.84
N ASP A 44 22.80 8.78 16.08
CA ASP A 44 22.05 7.66 16.63
C ASP A 44 20.57 8.02 16.81
N GLU A 45 20.31 9.14 17.46
CA GLU A 45 18.94 9.59 17.69
C GLU A 45 18.26 9.97 16.37
N ALA A 46 19.06 10.36 15.38
CA ALA A 46 18.54 10.74 14.08
C ALA A 46 17.76 9.60 13.44
N LEU A 47 18.38 8.42 13.39
CA LEU A 47 17.75 7.25 12.79
C LEU A 47 16.44 6.92 13.51
N PHE A 48 16.39 7.20 14.79
CA PHE A 48 15.19 6.93 15.59
C PHE A 48 14.04 7.83 15.16
N GLN A 49 14.32 9.13 15.09
CA GLN A 49 13.31 10.11 14.69
C GLN A 49 12.92 9.91 13.24
N SER A 50 13.91 9.67 12.39
CA SER A 50 13.68 9.47 10.96
C SER A 50 12.80 8.24 10.74
N LEU A 51 13.12 7.16 11.44
CA LEU A 51 12.35 5.92 11.33
C LEU A 51 10.90 6.12 11.78
N GLN A 52 10.72 6.94 12.81
CA GLN A 52 9.39 7.21 13.34
C GLN A 52 8.51 7.84 12.27
N GLY A 53 8.97 8.96 11.70
CA GLY A 53 8.22 9.64 10.68
C GLY A 53 8.05 8.79 9.43
N GLU A 54 9.08 8.02 9.11
CA GLU A 54 9.05 7.15 7.94
C GLU A 54 8.06 6.01 8.15
N LEU A 55 8.03 5.47 9.37
CA LEU A 55 7.11 4.38 9.70
C LEU A 55 5.67 4.83 9.60
N GLN A 56 5.43 6.09 9.96
CA GLN A 56 4.08 6.66 9.91
C GLN A 56 3.65 6.88 8.46
N THR A 57 4.58 7.38 7.65
CA THR A 57 4.30 7.63 6.23
C THR A 57 3.90 6.35 5.53
N VAL A 58 4.73 5.31 5.65
CA VAL A 58 4.45 4.03 5.02
C VAL A 58 3.14 3.45 5.54
N LYS A 59 2.88 3.64 6.83
CA LYS A 59 1.65 3.14 7.43
C LYS A 59 0.43 3.65 6.68
N GLU A 60 0.42 4.96 6.40
CA GLU A 60 -0.66 5.57 5.67
C GLU A 60 -0.67 5.11 4.22
N THR A 61 0.53 4.78 3.71
CA THR A 61 0.67 4.32 2.34
C THR A 61 0.01 2.96 2.16
N LEU A 62 0.35 2.02 3.02
CA LEU A 62 -0.21 0.67 2.96
C LEU A 62 -1.73 0.71 3.17
N GLN A 63 -2.16 1.49 4.15
CA GLN A 63 -3.58 1.62 4.45
C GLN A 63 -4.34 2.19 3.26
N ALA A 64 -3.72 3.14 2.57
CA ALA A 64 -4.34 3.77 1.41
C ALA A 64 -4.50 2.78 0.27
N MET A 65 -3.51 1.89 0.12
CA MET A 65 -3.55 0.89 -0.94
C MET A 65 -4.68 -0.10 -0.70
N ILE A 66 -4.88 -0.48 0.55
CA ILE A 66 -5.93 -1.43 0.91
C ILE A 66 -7.32 -0.80 0.75
N LEU A 67 -7.43 0.47 1.13
CA LEU A 67 -8.70 1.19 1.03
C LEU A 67 -9.05 1.44 -0.43
N GLN A 68 -8.05 1.79 -1.23
CA GLN A 68 -8.26 2.06 -2.64
C GLN A 68 -8.50 0.76 -3.42
N LEU A 69 -7.89 -0.31 -2.96
CA LEU A 69 -8.03 -1.62 -3.61
C LEU A 69 -9.41 -2.21 -3.34
N GLN A 70 -9.82 -2.19 -2.07
CA GLN A 70 -11.13 -2.72 -1.68
C GLN A 70 -12.18 -1.62 -1.68
N PRO A 71 -13.15 -1.68 -2.63
CA PRO A 71 -14.22 -0.68 -2.72
C PRO A 71 -15.02 -0.56 -1.43
N THR A 72 -16.19 0.06 -1.52
CA THR A 72 -17.05 0.24 -0.35
C THR A 72 -18.52 0.10 -0.74
N LYS A 73 -18.79 -0.73 -1.74
CA LYS A 73 -20.16 -0.95 -2.20
C LYS A 73 -20.77 0.35 -2.72
N GLU A 74 -21.06 0.37 -4.02
CA GLU A 74 -21.65 1.55 -4.65
C GLU A 74 -23.16 1.44 -4.69
N ALA A 75 -23.82 1.84 -3.59
CA ALA A 75 -25.27 1.79 -3.50
C ALA A 75 -25.77 0.36 -3.57
N GLY A 76 -25.83 -0.20 -4.78
CA GLY A 76 -26.30 -1.56 -4.95
C GLY A 76 -25.31 -2.42 -5.72
N GLU A 77 -25.29 -2.25 -7.04
CA GLU A 77 -24.37 -3.01 -7.89
C GLU A 77 -23.89 -2.16 -9.06
N ALA A 78 -24.83 -1.62 -9.82
CA ALA A 78 -24.48 -0.78 -10.97
C ALA A 78 -25.28 0.51 -10.96
N SER A 79 -26.59 0.40 -10.72
CA SER A 79 -27.47 1.56 -10.68
C SER A 79 -28.78 1.22 -9.99
N ALA A 80 -29.59 0.39 -10.65
CA ALA A 80 -30.89 -0.01 -10.11
C ALA A 80 -31.77 1.19 -9.85
N SER A 81 -31.66 2.20 -10.70
CA SER A 81 -32.46 3.42 -10.57
C SER A 81 -32.86 3.96 -11.93
N TYR A 82 -31.90 4.57 -12.63
CA TYR A 82 -32.15 5.13 -13.95
C TYR A 82 -32.40 4.03 -14.98
N PRO A 83 -31.42 3.14 -15.18
CA PRO A 83 -31.55 2.03 -16.16
C PRO A 83 -32.64 1.04 -15.76
N THR A 84 -33.52 0.73 -16.70
CA THR A 84 -34.61 -0.21 -16.45
C THR A 84 -35.09 -0.85 -17.75
N ALA A 85 -35.31 -0.02 -18.76
CA ALA A 85 -35.78 -0.50 -20.06
C ALA A 85 -34.66 -1.20 -20.82
N GLY A 86 -35.04 -2.01 -21.81
CA GLY A 86 -34.05 -2.72 -22.59
C GLY A 86 -34.07 -4.22 -22.31
N ALA A 87 -34.06 -5.01 -23.37
CA ALA A 87 -34.08 -6.46 -23.24
C ALA A 87 -33.11 -7.12 -24.22
N GLN A 88 -31.96 -7.54 -23.71
CA GLN A 88 -30.95 -8.18 -24.55
C GLN A 88 -31.14 -9.69 -24.58
N GLU A 89 -31.96 -10.16 -25.52
CA GLU A 89 -32.23 -11.59 -25.66
C GLU A 89 -33.12 -11.85 -26.87
N THR A 90 -34.11 -10.99 -27.06
CA THR A 90 -35.04 -11.14 -28.17
C THR A 90 -34.66 -10.20 -29.32
N GLU A 91 -34.25 -8.98 -28.97
CA GLU A 91 -33.86 -8.00 -29.97
C GLU A 91 -32.49 -8.35 -30.57
N ALA A 92 -31.57 -8.77 -29.72
CA ALA A 92 -30.23 -9.14 -30.17
C ALA A 92 -30.09 -10.66 -30.29
N LEU A 93 -29.27 -11.09 -31.24
CA LEU A 93 -29.05 -12.51 -31.47
C LEU A 93 -28.30 -13.14 -30.29
N VAL A 94 -27.10 -12.67 -30.03
CA VAL A 94 -26.28 -13.17 -28.94
C VAL A 94 -26.96 -12.93 -27.58
N PRO A 95 -26.90 -13.92 -26.67
CA PRO A 95 -27.51 -13.80 -25.35
C PRO A 95 -26.70 -12.92 -24.41
N ARG A 96 -27.11 -11.67 -24.25
CA ARG A 96 -26.41 -10.74 -23.39
C ARG A 96 -27.18 -10.53 -22.08
N GLY A 97 -26.60 -11.00 -20.98
CA GLY A 97 -27.25 -10.86 -19.69
C GLY A 97 -26.70 -9.69 -18.89
N SER A 98 -25.43 -9.36 -19.12
CA SER A 98 -24.78 -8.26 -18.41
C SER A 98 -24.37 -7.16 -19.38
N GLY A 99 -24.07 -5.98 -18.85
CA GLY A 99 -23.67 -4.86 -19.68
C GLY A 99 -22.19 -4.59 -19.61
N PHE A 100 -21.74 -3.59 -20.36
CA PHE A 100 -20.32 -3.22 -20.37
C PHE A 100 -19.94 -2.50 -19.09
N GLY A 101 -19.37 -3.24 -18.14
CA GLY A 101 -18.96 -2.66 -16.88
C GLY A 101 -19.17 -3.60 -15.71
N THR A 102 -18.68 -4.83 -15.85
CA THR A 102 -18.81 -5.83 -14.80
C THR A 102 -17.43 -6.29 -14.32
N SER A 103 -16.46 -5.40 -14.39
CA SER A 103 -15.10 -5.72 -13.95
C SER A 103 -14.30 -4.44 -13.71
N PRO A 104 -13.45 -4.43 -12.66
CA PRO A 104 -12.62 -3.27 -12.34
C PRO A 104 -11.44 -3.11 -13.29
N LEU A 105 -10.83 -4.23 -13.66
CA LEU A 105 -9.69 -4.22 -14.57
C LEU A 105 -9.25 -5.63 -14.92
N THR A 106 -8.36 -5.75 -15.89
CA THR A 106 -7.85 -7.05 -16.32
C THR A 106 -6.75 -7.55 -15.39
N PRO A 107 -6.45 -8.85 -15.43
CA PRO A 107 -5.41 -9.45 -14.58
C PRO A 107 -4.06 -8.77 -14.75
N SER A 108 -3.85 -7.69 -14.02
CA SER A 108 -2.60 -6.94 -14.09
C SER A 108 -2.47 -5.98 -12.93
N ALA A 109 -3.56 -5.27 -12.62
CA ALA A 109 -3.56 -4.31 -11.52
C ALA A 109 -3.69 -5.03 -10.18
N ARG A 110 -4.57 -6.02 -10.12
CA ARG A 110 -4.79 -6.78 -8.89
C ARG A 110 -3.51 -7.49 -8.46
N ILE A 111 -2.88 -8.18 -9.40
CA ILE A 111 -1.64 -8.90 -9.12
C ILE A 111 -0.52 -7.93 -8.76
N SER A 112 -0.41 -6.86 -9.54
CA SER A 112 0.62 -5.85 -9.30
C SER A 112 0.42 -5.19 -7.95
N ALA A 113 -0.84 -4.97 -7.59
CA ALA A 113 -1.18 -4.34 -6.33
C ALA A 113 -0.72 -5.20 -5.15
N LEU A 114 -1.03 -6.48 -5.20
CA LEU A 114 -0.63 -7.41 -4.15
C LEU A 114 0.87 -7.66 -4.18
N ASN A 115 1.48 -7.47 -5.35
CA ASN A 115 2.91 -7.68 -5.52
C ASN A 115 3.70 -6.59 -4.81
N ILE A 116 3.30 -5.34 -5.00
CA ILE A 116 3.98 -4.22 -4.37
C ILE A 116 3.74 -4.20 -2.86
N VAL A 117 2.51 -4.53 -2.46
CA VAL A 117 2.16 -4.55 -1.04
C VAL A 117 3.05 -5.53 -0.28
N GLY A 118 3.14 -6.75 -0.79
CA GLY A 118 3.97 -7.76 -0.15
C GLY A 118 5.43 -7.36 -0.13
N ASP A 119 5.91 -6.84 -1.25
CA ASP A 119 7.30 -6.41 -1.35
C ASP A 119 7.57 -5.24 -0.41
N LEU A 120 6.59 -4.35 -0.30
CA LEU A 120 6.71 -3.18 0.58
C LEU A 120 6.84 -3.62 2.03
N LEU A 121 5.88 -4.41 2.49
CA LEU A 121 5.88 -4.89 3.87
C LEU A 121 7.18 -5.63 4.18
N ARG A 122 7.72 -6.31 3.17
CA ARG A 122 8.97 -7.05 3.33
C ARG A 122 10.12 -6.11 3.67
N LYS A 123 10.25 -5.04 2.89
CA LYS A 123 11.31 -4.06 3.09
C LYS A 123 11.19 -3.44 4.48
N VAL A 124 9.99 -3.00 4.84
CA VAL A 124 9.75 -2.38 6.14
C VAL A 124 9.99 -3.38 7.26
N GLY A 125 9.69 -4.65 7.00
CA GLY A 125 9.88 -5.68 7.99
C GLY A 125 11.34 -5.81 8.42
N ALA A 126 12.22 -5.94 7.44
CA ALA A 126 13.64 -6.07 7.71
C ALA A 126 14.20 -4.79 8.34
N LEU A 127 13.66 -3.65 7.91
CA LEU A 127 14.11 -2.36 8.43
C LEU A 127 13.68 -2.19 9.89
N GLU A 128 12.43 -2.53 10.19
CA GLU A 128 11.91 -2.43 11.54
C GLU A 128 12.67 -3.35 12.48
N SER A 129 12.94 -4.57 12.03
CA SER A 129 13.65 -5.56 12.83
C SER A 129 15.07 -5.07 13.13
N LYS A 130 15.68 -4.41 12.15
CA LYS A 130 17.04 -3.89 12.31
C LYS A 130 17.08 -2.81 13.38
N LEU A 131 16.07 -1.94 13.39
CA LEU A 131 15.99 -0.87 14.37
C LEU A 131 15.90 -1.42 15.78
N ALA A 132 15.00 -2.37 15.99
CA ALA A 132 14.83 -2.99 17.30
C ALA A 132 16.05 -3.80 17.69
N ALA A 133 16.72 -4.38 16.71
CA ALA A 133 17.92 -5.17 16.95
C ALA A 133 19.07 -4.31 17.45
N CYS A 134 19.37 -3.25 16.70
CA CYS A 134 20.45 -2.34 17.07
C CYS A 134 20.12 -1.61 18.37
N ARG A 135 18.84 -1.32 18.57
CA ARG A 135 18.39 -0.61 19.76
C ARG A 135 18.61 -1.47 21.00
N ASN A 136 18.24 -2.75 20.91
CA ASN A 136 18.40 -3.68 22.03
C ASN A 136 19.87 -3.85 22.39
N PHE A 137 20.71 -3.91 21.35
CA PHE A 137 22.15 -4.08 21.57
C PHE A 137 22.75 -2.83 22.20
N ALA A 138 22.25 -1.66 21.80
CA ALA A 138 22.74 -0.40 22.33
C ALA A 138 22.23 -0.17 23.75
N LYS A 139 21.04 -0.67 24.04
CA LYS A 139 20.44 -0.51 25.35
C LYS A 139 21.16 -1.37 26.38
N ASP A 140 21.56 -2.57 25.97
CA ASP A 140 22.27 -3.49 26.86
C ASP A 140 23.67 -2.99 27.15
N GLN A 141 24.36 -2.50 26.11
CA GLN A 141 25.71 -1.99 26.26
C GLN A 141 25.74 -0.78 27.19
N ALA A 142 24.65 -0.02 27.20
CA ALA A 142 24.56 1.16 28.04
C ALA A 142 24.62 0.79 29.52
N SER A 143 23.97 -0.31 29.87
CA SER A 143 23.95 -0.79 31.26
C SER A 143 24.97 -1.89 31.47
N ARG A 144 26.03 -1.89 30.67
CA ARG A 144 27.08 -2.90 30.77
C ARG A 144 26.51 -4.31 30.65
N LYS A 145 27.37 -5.30 30.77
CA LYS A 145 26.95 -6.69 30.67
C LYS A 145 25.94 -7.04 31.77
N GLY A 1 -21.38 -10.22 -8.48
CA GLY A 1 -21.41 -9.01 -7.62
C GLY A 1 -22.84 -8.60 -7.27
N SER A 2 -23.00 -7.35 -6.84
CA SER A 2 -24.31 -6.83 -6.48
C SER A 2 -24.99 -6.18 -7.67
N GLU A 3 -26.13 -5.54 -7.42
CA GLU A 3 -26.87 -4.87 -8.47
C GLU A 3 -26.56 -3.38 -8.51
N PHE A 4 -25.27 -3.05 -8.36
CA PHE A 4 -24.83 -1.66 -8.37
C PHE A 4 -23.31 -1.58 -8.47
N GLY A 5 -22.82 -1.31 -9.67
CA GLY A 5 -21.39 -1.21 -9.88
C GLY A 5 -20.93 0.22 -10.10
N PRO A 6 -19.74 0.60 -9.59
CA PRO A 6 -19.21 1.96 -9.74
C PRO A 6 -19.16 2.40 -11.19
N TRP A 7 -20.15 3.20 -11.59
CA TRP A 7 -20.22 3.71 -12.95
C TRP A 7 -19.15 4.75 -13.21
N LYS A 8 -18.39 4.58 -14.29
CA LYS A 8 -17.32 5.52 -14.63
C LYS A 8 -16.27 5.57 -13.53
N GLU A 9 -15.42 4.55 -13.48
CA GLU A 9 -14.37 4.48 -12.47
C GLU A 9 -12.98 4.45 -13.12
N ASP A 10 -12.91 3.88 -14.32
CA ASP A 10 -11.64 3.79 -15.04
C ASP A 10 -10.65 2.90 -14.29
N SER A 11 -10.28 1.79 -14.90
CA SER A 11 -9.35 0.84 -14.29
C SER A 11 -7.91 1.10 -14.78
N HIS A 12 -7.66 2.31 -15.27
CA HIS A 12 -6.34 2.67 -15.76
C HIS A 12 -5.68 3.68 -14.83
N ILE A 13 -6.50 4.51 -14.19
CA ILE A 13 -6.00 5.53 -13.27
C ILE A 13 -5.48 4.89 -11.98
N VAL A 14 -6.14 3.80 -11.56
CA VAL A 14 -5.75 3.10 -10.35
C VAL A 14 -4.32 2.57 -10.46
N SER A 15 -3.94 2.16 -11.68
CA SER A 15 -2.60 1.63 -11.91
C SER A 15 -1.55 2.73 -11.78
N ALA A 16 -1.93 3.96 -12.12
CA ALA A 16 -1.02 5.09 -12.04
C ALA A 16 -0.65 5.40 -10.60
N GLU A 17 -1.58 5.13 -9.69
CA GLU A 17 -1.36 5.38 -8.27
C GLU A 17 -0.21 4.53 -7.74
N VAL A 18 -0.26 3.24 -8.01
CA VAL A 18 0.78 2.31 -7.57
C VAL A 18 2.14 2.71 -8.11
N GLY A 19 2.15 3.32 -9.29
CA GLY A 19 3.39 3.74 -9.91
C GLY A 19 4.04 4.90 -9.17
N GLU A 20 3.27 5.96 -8.95
CA GLU A 20 3.76 7.14 -8.24
C GLU A 20 4.08 6.80 -6.79
N LYS A 21 3.28 5.92 -6.21
CA LYS A 21 3.47 5.50 -4.82
C LYS A 21 4.75 4.67 -4.68
N CYS A 22 4.87 3.65 -5.52
CA CYS A 22 6.03 2.77 -5.49
C CYS A 22 7.32 3.57 -5.68
N GLU A 23 7.26 4.60 -6.51
CA GLU A 23 8.43 5.44 -6.78
C GLU A 23 8.82 6.24 -5.53
N ALA A 24 7.84 6.84 -4.88
CA ALA A 24 8.09 7.64 -3.69
C ALA A 24 8.48 6.76 -2.50
N ILE A 25 7.81 5.62 -2.37
CA ILE A 25 8.10 4.69 -1.29
C ILE A 25 9.54 4.19 -1.35
N GLY A 26 9.98 3.80 -2.53
CA GLY A 26 11.33 3.30 -2.69
C GLY A 26 12.38 4.36 -2.42
N VAL A 27 12.24 5.50 -3.10
CA VAL A 27 13.19 6.60 -2.91
C VAL A 27 13.24 7.01 -1.44
N LYS A 28 12.13 6.77 -0.74
CA LYS A 28 12.05 7.11 0.68
C LYS A 28 12.83 6.12 1.53
N LEU A 29 12.52 4.84 1.37
CA LEU A 29 13.19 3.79 2.13
C LEU A 29 14.67 3.72 1.76
N LEU A 30 14.99 4.09 0.52
CA LEU A 30 16.37 4.08 0.05
C LEU A 30 17.18 5.17 0.73
N HIS A 31 16.62 6.38 0.75
CA HIS A 31 17.29 7.52 1.36
C HIS A 31 17.48 7.29 2.86
N LEU A 32 16.52 6.62 3.48
CA LEU A 32 16.57 6.34 4.90
C LEU A 32 17.70 5.36 5.22
N GLU A 33 17.83 4.33 4.39
CA GLU A 33 18.87 3.33 4.59
C GLU A 33 20.26 3.95 4.50
N ASP A 34 20.48 4.74 3.45
CA ASP A 34 21.78 5.39 3.23
C ASP A 34 22.09 6.36 4.37
N GLN A 35 21.05 6.99 4.91
CA GLN A 35 21.22 7.94 6.01
C GLN A 35 21.28 7.23 7.35
N LEU A 36 20.63 6.08 7.44
CA LEU A 36 20.62 5.30 8.68
C LEU A 36 21.98 4.64 8.92
N LEU A 37 22.61 4.18 7.85
CA LEU A 37 23.91 3.52 7.94
C LEU A 37 24.93 4.45 8.58
N GLY A 38 25.11 5.63 8.00
CA GLY A 38 26.07 6.58 8.52
C GLY A 38 25.62 7.18 9.85
N ALA A 39 24.35 7.55 9.93
CA ALA A 39 23.80 8.13 11.15
C ALA A 39 23.84 7.14 12.31
N MET A 40 23.86 5.85 11.98
CA MET A 40 23.90 4.81 13.00
C MET A 40 24.97 5.09 14.05
N TYR A 41 26.21 5.18 13.59
CA TYR A 41 27.34 5.45 14.47
C TYR A 41 27.44 6.94 14.81
N SER A 42 27.00 7.78 13.88
CA SER A 42 27.04 9.22 14.08
C SER A 42 25.85 9.71 14.91
N HIS A 43 24.71 9.88 14.26
CA HIS A 43 23.50 10.34 14.94
C HIS A 43 22.56 9.18 15.22
N ASP A 44 22.71 8.56 16.38
CA ASP A 44 21.88 7.43 16.78
C ASP A 44 20.42 7.86 16.94
N GLU A 45 20.20 9.14 17.19
CA GLU A 45 18.85 9.66 17.36
C GLU A 45 18.18 9.94 16.02
N ALA A 46 18.99 10.17 14.99
CA ALA A 46 18.47 10.46 13.66
C ALA A 46 17.63 9.30 13.13
N LEU A 47 18.18 8.09 13.19
CA LEU A 47 17.48 6.91 12.70
C LEU A 47 16.18 6.69 13.47
N PHE A 48 16.20 7.00 14.76
CA PHE A 48 15.02 6.84 15.60
C PHE A 48 13.88 7.72 15.12
N GLN A 49 14.17 9.00 14.91
CA GLN A 49 13.16 9.95 14.45
C GLN A 49 12.80 9.69 12.99
N SER A 50 13.78 9.21 12.22
CA SER A 50 13.56 8.93 10.80
C SER A 50 12.62 7.73 10.63
N LEU A 51 12.89 6.66 11.37
CA LEU A 51 12.07 5.46 11.30
C LEU A 51 10.64 5.75 11.77
N GLN A 52 10.52 6.49 12.85
CA GLN A 52 9.22 6.84 13.41
C GLN A 52 8.35 7.54 12.37
N GLY A 53 8.87 8.62 11.79
CA GLY A 53 8.13 9.36 10.79
C GLY A 53 7.95 8.58 9.50
N GLU A 54 8.92 7.73 9.19
CA GLU A 54 8.86 6.93 7.97
C GLU A 54 7.90 5.76 8.14
N LEU A 55 7.76 5.27 9.36
CA LEU A 55 6.87 4.15 9.66
C LEU A 55 5.42 4.61 9.68
N GLN A 56 5.19 5.83 10.16
CA GLN A 56 3.83 6.37 10.23
C GLN A 56 3.34 6.74 8.83
N THR A 57 4.18 7.44 8.08
CA THR A 57 3.83 7.86 6.72
C THR A 57 3.54 6.64 5.84
N VAL A 58 4.45 5.67 5.87
CA VAL A 58 4.28 4.46 5.06
C VAL A 58 3.00 3.72 5.45
N LYS A 59 2.77 3.61 6.75
CA LYS A 59 1.58 2.93 7.26
C LYS A 59 0.33 3.55 6.66
N GLU A 60 0.33 4.88 6.54
CA GLU A 60 -0.80 5.60 5.97
C GLU A 60 -1.01 5.23 4.50
N THR A 61 0.08 5.18 3.74
CA THR A 61 0.00 4.84 2.32
C THR A 61 -0.40 3.39 2.14
N LEU A 62 0.06 2.52 3.04
CA LEU A 62 -0.26 1.10 2.97
C LEU A 62 -1.77 0.89 3.09
N GLN A 63 -2.39 1.61 4.03
CA GLN A 63 -3.82 1.50 4.24
C GLN A 63 -4.59 2.12 3.08
N ALA A 64 -4.00 3.16 2.47
CA ALA A 64 -4.63 3.83 1.35
C ALA A 64 -4.70 2.93 0.13
N MET A 65 -3.55 2.39 -0.27
CA MET A 65 -3.48 1.52 -1.44
C MET A 65 -4.39 0.30 -1.26
N ILE A 66 -4.28 -0.36 -0.11
CA ILE A 66 -5.10 -1.54 0.15
C ILE A 66 -6.59 -1.21 0.09
N LEU A 67 -6.94 -0.01 0.55
CA LEU A 67 -8.33 0.44 0.53
C LEU A 67 -8.87 0.47 -0.89
N GLN A 68 -8.15 1.12 -1.79
CA GLN A 68 -8.56 1.23 -3.18
C GLN A 68 -8.63 -0.16 -3.82
N LEU A 69 -7.76 -1.06 -3.37
CA LEU A 69 -7.72 -2.43 -3.90
C LEU A 69 -9.00 -3.18 -3.55
N GLN A 70 -9.43 -3.05 -2.30
CA GLN A 70 -10.64 -3.72 -1.83
C GLN A 70 -11.86 -2.79 -1.96
N PRO A 71 -12.71 -3.01 -2.97
CA PRO A 71 -13.91 -2.18 -3.18
C PRO A 71 -14.94 -2.36 -2.08
N THR A 72 -14.87 -1.50 -1.06
CA THR A 72 -15.80 -1.57 0.05
C THR A 72 -16.42 -0.20 0.33
N LYS A 73 -16.48 0.63 -0.70
CA LYS A 73 -17.05 1.98 -0.58
C LYS A 73 -17.70 2.41 -1.89
N GLU A 74 -18.30 3.60 -1.87
CA GLU A 74 -18.96 4.14 -3.06
C GLU A 74 -18.24 5.38 -3.57
N ALA A 75 -17.72 6.17 -2.64
CA ALA A 75 -16.99 7.39 -3.00
C ALA A 75 -17.85 8.31 -3.86
N GLY A 76 -19.17 8.25 -3.65
CA GLY A 76 -20.08 9.08 -4.42
C GLY A 76 -20.55 10.28 -3.64
N GLU A 77 -20.64 11.43 -4.32
CA GLU A 77 -21.08 12.67 -3.68
C GLU A 77 -21.85 13.54 -4.67
N ALA A 78 -21.18 13.96 -5.73
CA ALA A 78 -21.81 14.79 -6.76
C ALA A 78 -22.53 13.95 -7.79
N SER A 79 -21.86 12.91 -8.27
CA SER A 79 -22.43 12.01 -9.27
C SER A 79 -23.69 11.33 -8.72
N ALA A 80 -24.73 11.26 -9.56
CA ALA A 80 -25.98 10.63 -9.16
C ALA A 80 -26.35 9.50 -10.12
N SER A 81 -26.27 9.78 -11.42
CA SER A 81 -26.60 8.79 -12.43
C SER A 81 -28.05 8.33 -12.30
N TYR A 82 -28.92 8.94 -13.11
CA TYR A 82 -30.35 8.60 -13.09
C TYR A 82 -30.57 7.21 -13.67
N PRO A 83 -31.72 6.59 -13.35
CA PRO A 83 -32.06 5.25 -13.85
C PRO A 83 -32.16 5.20 -15.37
N THR A 84 -31.33 4.38 -15.99
CA THR A 84 -31.32 4.24 -17.43
C THR A 84 -32.41 3.27 -17.91
N ALA A 85 -32.24 2.00 -17.57
CA ALA A 85 -33.20 0.98 -17.95
C ALA A 85 -33.37 0.92 -19.47
N GLY A 86 -32.62 0.01 -20.11
CA GLY A 86 -32.70 -0.13 -21.54
C GLY A 86 -33.30 -1.47 -21.97
N ALA A 87 -33.16 -1.79 -23.25
CA ALA A 87 -33.68 -3.04 -23.78
C ALA A 87 -32.61 -3.83 -24.52
N GLN A 88 -32.75 -5.14 -24.56
CA GLN A 88 -31.80 -6.00 -25.25
C GLN A 88 -32.40 -7.36 -25.55
N GLU A 89 -33.72 -7.39 -25.76
CA GLU A 89 -34.42 -8.63 -26.07
C GLU A 89 -34.82 -8.68 -27.54
N THR A 90 -35.64 -7.72 -27.95
CA THR A 90 -36.10 -7.65 -29.34
C THR A 90 -35.04 -7.01 -30.24
N GLU A 91 -34.61 -5.82 -29.87
CA GLU A 91 -33.60 -5.09 -30.63
C GLU A 91 -32.26 -5.82 -30.58
N ALA A 92 -31.86 -6.21 -29.39
CA ALA A 92 -30.59 -6.91 -29.20
C ALA A 92 -30.78 -8.42 -29.28
N LEU A 93 -29.80 -9.11 -29.85
CA LEU A 93 -29.86 -10.56 -29.99
C LEU A 93 -29.52 -11.25 -28.68
N VAL A 94 -28.69 -10.60 -27.87
CA VAL A 94 -28.28 -11.15 -26.58
C VAL A 94 -28.95 -10.39 -25.43
N PRO A 95 -29.81 -11.07 -24.65
CA PRO A 95 -30.50 -10.45 -23.52
C PRO A 95 -29.55 -10.13 -22.37
N ARG A 96 -28.43 -10.84 -22.32
CA ARG A 96 -27.44 -10.62 -21.27
C ARG A 96 -26.83 -9.23 -21.37
N GLY A 97 -26.20 -8.94 -22.51
CA GLY A 97 -25.57 -7.65 -22.70
C GLY A 97 -24.09 -7.67 -22.39
N SER A 98 -23.75 -7.78 -21.12
CA SER A 98 -22.36 -7.80 -20.69
C SER A 98 -22.20 -8.61 -19.40
N GLY A 99 -20.96 -8.73 -18.93
CA GLY A 99 -20.70 -9.47 -17.72
C GLY A 99 -19.60 -8.84 -16.89
N PHE A 100 -19.32 -9.44 -15.72
CA PHE A 100 -18.29 -8.94 -14.83
C PHE A 100 -17.21 -9.99 -14.60
N GLY A 101 -16.22 -9.64 -13.78
CA GLY A 101 -15.13 -10.56 -13.50
C GLY A 101 -15.14 -11.03 -12.05
N THR A 102 -14.00 -11.54 -11.60
CA THR A 102 -13.87 -12.03 -10.22
C THR A 102 -13.16 -11.00 -9.35
N SER A 103 -12.23 -10.25 -9.95
CA SER A 103 -11.48 -9.24 -9.23
C SER A 103 -11.81 -7.84 -9.73
N PRO A 104 -11.51 -6.79 -8.94
CA PRO A 104 -11.78 -5.41 -9.31
C PRO A 104 -11.09 -5.02 -10.62
N LEU A 105 -9.95 -5.66 -10.89
CA LEU A 105 -9.19 -5.37 -12.10
C LEU A 105 -8.48 -6.63 -12.59
N THR A 106 -8.16 -6.65 -13.88
CA THR A 106 -7.47 -7.79 -14.48
C THR A 106 -6.15 -8.07 -13.76
N PRO A 107 -5.74 -9.35 -13.72
CA PRO A 107 -4.49 -9.75 -13.06
C PRO A 107 -3.31 -8.90 -13.48
N SER A 108 -3.06 -7.82 -12.74
CA SER A 108 -1.95 -6.92 -13.05
C SER A 108 -1.86 -5.82 -12.01
N ALA A 109 -3.00 -5.20 -11.69
CA ALA A 109 -3.05 -4.13 -10.71
C ALA A 109 -3.12 -4.68 -9.30
N ARG A 110 -4.01 -5.67 -9.10
CA ARG A 110 -4.18 -6.29 -7.80
C ARG A 110 -2.94 -7.09 -7.40
N ILE A 111 -2.43 -7.89 -8.33
CA ILE A 111 -1.24 -8.69 -8.08
C ILE A 111 -0.04 -7.80 -7.77
N SER A 112 0.13 -6.75 -8.56
CA SER A 112 1.25 -5.83 -8.36
C SER A 112 1.07 -5.01 -7.10
N ALA A 113 -0.19 -4.65 -6.81
CA ALA A 113 -0.50 -3.87 -5.62
C ALA A 113 -0.35 -4.71 -4.35
N LEU A 114 -0.74 -5.97 -4.44
CA LEU A 114 -0.66 -6.88 -3.30
C LEU A 114 0.78 -7.36 -3.10
N ASN A 115 1.51 -7.50 -4.21
CA ASN A 115 2.89 -7.94 -4.16
C ASN A 115 3.79 -6.86 -3.58
N ILE A 116 3.56 -5.61 -3.97
CA ILE A 116 4.36 -4.49 -3.49
C ILE A 116 4.06 -4.20 -2.01
N VAL A 117 2.78 -4.17 -1.66
CA VAL A 117 2.38 -3.91 -0.29
C VAL A 117 2.99 -4.93 0.66
N GLY A 118 2.93 -6.21 0.28
CA GLY A 118 3.50 -7.26 1.09
C GLY A 118 5.01 -7.15 1.17
N ASP A 119 5.63 -6.82 0.04
CA ASP A 119 7.08 -6.66 -0.03
C ASP A 119 7.53 -5.43 0.73
N LEU A 120 6.68 -4.41 0.75
CA LEU A 120 6.99 -3.16 1.43
C LEU A 120 7.11 -3.39 2.93
N LEU A 121 6.05 -3.93 3.53
CA LEU A 121 6.06 -4.20 4.96
C LEU A 121 7.17 -5.19 5.33
N ARG A 122 7.40 -6.16 4.45
CA ARG A 122 8.43 -7.16 4.68
C ARG A 122 9.78 -6.49 4.91
N LYS A 123 10.11 -5.56 4.02
CA LYS A 123 11.37 -4.82 4.11
C LYS A 123 11.37 -3.94 5.36
N VAL A 124 10.19 -3.42 5.71
CA VAL A 124 10.04 -2.57 6.88
C VAL A 124 10.33 -3.35 8.15
N GLY A 125 9.77 -4.56 8.24
CA GLY A 125 9.99 -5.39 9.41
C GLY A 125 11.45 -5.74 9.60
N ALA A 126 12.10 -6.13 8.51
CA ALA A 126 13.52 -6.50 8.57
C ALA A 126 14.37 -5.29 8.97
N LEU A 127 14.00 -4.12 8.45
CA LEU A 127 14.73 -2.89 8.75
C LEU A 127 14.48 -2.46 10.19
N GLU A 128 13.24 -2.61 10.65
CA GLU A 128 12.87 -2.24 12.00
C GLU A 128 13.63 -3.09 13.01
N SER A 129 13.72 -4.38 12.74
CA SER A 129 14.43 -5.31 13.63
C SER A 129 15.91 -4.98 13.69
N LYS A 130 16.49 -4.68 12.52
CA LYS A 130 17.90 -4.33 12.44
C LYS A 130 18.21 -3.10 13.26
N LEU A 131 17.27 -2.16 13.31
CA LEU A 131 17.44 -0.93 14.07
C LEU A 131 17.40 -1.22 15.56
N ALA A 132 16.33 -1.86 16.01
CA ALA A 132 16.18 -2.19 17.42
C ALA A 132 17.32 -3.07 17.91
N ALA A 133 17.78 -3.96 17.03
CA ALA A 133 18.88 -4.87 17.36
C ALA A 133 20.21 -4.13 17.36
N CYS A 134 20.35 -3.17 16.45
CA CYS A 134 21.58 -2.38 16.35
C CYS A 134 21.74 -1.47 17.56
N ARG A 135 20.69 -0.73 17.88
CA ARG A 135 20.73 0.19 19.02
C ARG A 135 20.90 -0.59 20.32
N ASN A 136 20.25 -1.74 20.42
CA ASN A 136 20.34 -2.57 21.61
C ASN A 136 21.74 -3.14 21.77
N PHE A 137 22.38 -3.47 20.65
CA PHE A 137 23.72 -4.02 20.67
C PHE A 137 24.72 -3.02 21.25
N ALA A 138 24.79 -1.84 20.63
CA ALA A 138 25.70 -0.80 21.10
C ALA A 138 25.36 -0.37 22.52
N LYS A 139 24.07 -0.23 22.81
CA LYS A 139 23.63 0.17 24.13
C LYS A 139 24.08 -0.83 25.19
N ASP A 140 24.12 -2.10 24.82
CA ASP A 140 24.54 -3.16 25.74
C ASP A 140 26.05 -3.30 25.73
N GLN A 141 26.66 -3.25 24.56
CA GLN A 141 28.11 -3.38 24.42
C GLN A 141 28.82 -2.25 25.16
N ALA A 142 28.26 -1.05 25.07
CA ALA A 142 28.84 0.12 25.72
C ALA A 142 28.66 0.04 27.23
N SER A 143 27.42 -0.17 27.67
CA SER A 143 27.12 -0.27 29.09
C SER A 143 27.88 -1.42 29.73
N ARG A 144 28.12 -2.48 28.96
CA ARG A 144 28.83 -3.64 29.47
C ARG A 144 30.30 -3.32 29.71
N LYS A 145 30.92 -2.64 28.75
CA LYS A 145 32.32 -2.25 28.86
C LYS A 145 32.51 -1.22 29.96
N GLY A 1 -0.08 5.67 -29.73
CA GLY A 1 -0.64 4.72 -28.73
C GLY A 1 -2.15 4.76 -28.68
N SER A 2 -2.74 3.99 -27.77
CA SER A 2 -4.19 3.93 -27.61
C SER A 2 -4.85 3.34 -28.86
N GLU A 3 -4.93 4.14 -29.92
CA GLU A 3 -5.55 3.69 -31.16
C GLU A 3 -7.05 3.53 -30.99
N PHE A 4 -7.44 2.58 -30.14
CA PHE A 4 -8.86 2.32 -29.87
C PHE A 4 -9.39 3.28 -28.82
N GLY A 5 -8.53 3.69 -27.90
CA GLY A 5 -8.94 4.61 -26.85
C GLY A 5 -9.11 3.91 -25.51
N PRO A 6 -7.99 3.59 -24.82
CA PRO A 6 -8.04 2.92 -23.52
C PRO A 6 -8.91 3.66 -22.52
N TRP A 7 -8.61 4.94 -22.31
CA TRP A 7 -9.37 5.76 -21.37
C TRP A 7 -10.75 6.07 -21.92
N LYS A 8 -11.79 5.58 -21.24
CA LYS A 8 -13.16 5.81 -21.66
C LYS A 8 -13.94 6.56 -20.58
N GLU A 9 -13.93 6.02 -19.37
CA GLU A 9 -14.64 6.64 -18.26
C GLU A 9 -13.73 6.75 -17.03
N ASP A 10 -13.09 5.64 -16.68
CA ASP A 10 -12.20 5.61 -15.51
C ASP A 10 -11.38 4.33 -15.50
N SER A 11 -10.22 4.35 -16.15
CA SER A 11 -9.34 3.19 -16.20
C SER A 11 -7.87 3.61 -16.18
N HIS A 12 -7.03 2.75 -15.61
CA HIS A 12 -5.58 3.01 -15.51
C HIS A 12 -5.25 3.92 -14.33
N ILE A 13 -6.26 4.63 -13.81
CA ILE A 13 -6.04 5.52 -12.68
C ILE A 13 -5.63 4.74 -11.44
N VAL A 14 -6.19 3.55 -11.29
CA VAL A 14 -5.89 2.68 -10.16
C VAL A 14 -4.46 2.17 -10.23
N SER A 15 -4.00 1.86 -11.43
CA SER A 15 -2.64 1.36 -11.64
C SER A 15 -1.63 2.49 -11.51
N ALA A 16 -2.02 3.68 -11.96
CA ALA A 16 -1.15 4.84 -11.91
C ALA A 16 -0.79 5.18 -10.46
N GLU A 17 -1.77 5.06 -9.57
CA GLU A 17 -1.56 5.35 -8.16
C GLU A 17 -0.49 4.43 -7.58
N VAL A 18 -0.55 3.15 -7.96
CA VAL A 18 0.41 2.17 -7.48
C VAL A 18 1.81 2.44 -8.05
N GLY A 19 1.85 2.97 -9.27
CA GLY A 19 3.12 3.27 -9.90
C GLY A 19 3.86 4.40 -9.21
N GLU A 20 3.17 5.52 -9.01
CA GLU A 20 3.76 6.67 -8.34
C GLU A 20 4.14 6.32 -6.91
N LYS A 21 3.23 5.63 -6.22
CA LYS A 21 3.47 5.21 -4.84
C LYS A 21 4.73 4.36 -4.75
N CYS A 22 4.84 3.38 -5.65
CA CYS A 22 6.00 2.49 -5.68
C CYS A 22 7.29 3.30 -5.77
N GLU A 23 7.30 4.27 -6.67
CA GLU A 23 8.47 5.14 -6.85
C GLU A 23 8.81 5.83 -5.54
N ALA A 24 7.78 6.20 -4.78
CA ALA A 24 7.97 6.86 -3.50
C ALA A 24 8.58 5.90 -2.48
N ILE A 25 8.22 4.64 -2.56
CA ILE A 25 8.75 3.63 -1.65
C ILE A 25 10.26 3.48 -1.81
N GLY A 26 10.71 3.31 -3.05
CA GLY A 26 12.13 3.17 -3.30
C GLY A 26 12.91 4.39 -2.86
N VAL A 27 12.50 5.56 -3.33
CA VAL A 27 13.17 6.80 -2.95
C VAL A 27 13.16 6.96 -1.44
N LYS A 28 12.15 6.37 -0.80
CA LYS A 28 12.03 6.43 0.65
C LYS A 28 13.04 5.51 1.33
N LEU A 29 13.02 4.24 0.96
CA LEU A 29 13.94 3.27 1.53
C LEU A 29 15.38 3.66 1.24
N LEU A 30 15.61 4.28 0.10
CA LEU A 30 16.94 4.71 -0.30
C LEU A 30 17.44 5.83 0.61
N HIS A 31 16.59 6.85 0.79
CA HIS A 31 16.94 7.98 1.65
C HIS A 31 17.04 7.54 3.10
N LEU A 32 16.20 6.60 3.49
CA LEU A 32 16.19 6.09 4.87
C LEU A 32 17.46 5.31 5.15
N GLU A 33 17.87 4.46 4.20
CA GLU A 33 19.07 3.65 4.36
C GLU A 33 20.30 4.55 4.54
N ASP A 34 20.45 5.53 3.66
CA ASP A 34 21.57 6.46 3.75
C ASP A 34 21.57 7.21 5.07
N GLN A 35 20.37 7.55 5.55
CA GLN A 35 20.22 8.26 6.80
C GLN A 35 20.44 7.33 7.99
N LEU A 36 20.06 6.06 7.81
CA LEU A 36 20.21 5.07 8.87
C LEU A 36 21.69 4.87 9.23
N LEU A 37 22.53 4.83 8.20
CA LEU A 37 23.97 4.63 8.41
C LEU A 37 24.56 5.82 9.15
N GLY A 38 24.13 7.02 8.79
CA GLY A 38 24.64 8.22 9.44
C GLY A 38 24.24 8.30 10.89
N ALA A 39 22.95 8.12 11.16
CA ALA A 39 22.44 8.16 12.52
C ALA A 39 23.11 7.12 13.41
N MET A 40 23.43 5.97 12.80
CA MET A 40 24.08 4.89 13.53
C MET A 40 25.43 5.33 14.07
N TYR A 41 26.23 5.96 13.21
CA TYR A 41 27.55 6.44 13.59
C TYR A 41 27.46 7.76 14.34
N SER A 42 26.45 8.56 14.01
CA SER A 42 26.25 9.85 14.64
C SER A 42 26.04 9.69 16.15
N HIS A 43 24.84 9.28 16.53
CA HIS A 43 24.51 9.07 17.95
C HIS A 43 23.55 7.91 18.13
N ASP A 44 22.26 8.17 17.94
CA ASP A 44 21.23 7.13 18.08
C ASP A 44 19.84 7.72 17.92
N GLU A 45 19.63 8.91 18.46
CA GLU A 45 18.34 9.59 18.38
C GLU A 45 17.93 9.79 16.93
N ALA A 46 18.88 10.19 16.09
CA ALA A 46 18.62 10.42 14.68
C ALA A 46 18.13 9.15 13.99
N LEU A 47 18.62 8.01 14.46
CA LEU A 47 18.23 6.72 13.91
C LEU A 47 16.74 6.46 14.11
N PHE A 48 16.29 6.61 15.35
CA PHE A 48 14.88 6.40 15.69
C PHE A 48 14.00 7.46 15.04
N GLN A 49 14.49 8.69 15.00
CA GLN A 49 13.75 9.79 14.41
C GLN A 49 13.46 9.51 12.94
N SER A 50 14.50 9.19 12.18
CA SER A 50 14.36 8.90 10.76
C SER A 50 13.41 7.72 10.54
N LEU A 51 13.52 6.71 11.41
CA LEU A 51 12.66 5.54 11.31
C LEU A 51 11.22 5.87 11.66
N GLN A 52 11.03 6.75 12.63
CA GLN A 52 9.71 7.16 13.06
C GLN A 52 8.93 7.76 11.89
N GLY A 53 9.49 8.79 11.27
CA GLY A 53 8.83 9.43 10.15
C GLY A 53 8.67 8.50 8.97
N GLU A 54 9.65 7.63 8.76
CA GLU A 54 9.61 6.67 7.66
C GLU A 54 8.49 5.67 7.85
N LEU A 55 8.40 5.11 9.05
CA LEU A 55 7.35 4.13 9.36
C LEU A 55 5.97 4.75 9.22
N GLN A 56 5.86 6.04 9.54
CA GLN A 56 4.59 6.74 9.43
C GLN A 56 4.17 6.86 7.97
N THR A 57 5.13 7.17 7.11
CA THR A 57 4.88 7.32 5.69
C THR A 57 4.41 6.00 5.08
N VAL A 58 5.20 4.95 5.28
CA VAL A 58 4.86 3.63 4.74
C VAL A 58 3.50 3.17 5.24
N LYS A 59 3.17 3.53 6.47
CA LYS A 59 1.89 3.15 7.06
C LYS A 59 0.75 3.84 6.32
N GLU A 60 0.97 5.10 5.95
CA GLU A 60 -0.03 5.87 5.23
C GLU A 60 -0.24 5.34 3.81
N THR A 61 0.86 5.06 3.12
CA THR A 61 0.80 4.56 1.75
C THR A 61 0.12 3.19 1.71
N LEU A 62 0.46 2.33 2.67
CA LEU A 62 -0.12 0.99 2.73
C LEU A 62 -1.62 1.07 3.00
N GLN A 63 -2.00 1.83 4.00
CA GLN A 63 -3.40 1.99 4.37
C GLN A 63 -4.22 2.50 3.18
N ALA A 64 -3.64 3.43 2.44
CA ALA A 64 -4.32 4.00 1.28
C ALA A 64 -4.50 2.96 0.19
N MET A 65 -3.52 2.08 0.04
CA MET A 65 -3.58 1.02 -0.96
C MET A 65 -4.69 0.03 -0.65
N ILE A 66 -4.76 -0.39 0.61
CA ILE A 66 -5.78 -1.34 1.04
C ILE A 66 -7.17 -0.72 0.99
N LEU A 67 -7.25 0.55 1.39
CA LEU A 67 -8.52 1.27 1.39
C LEU A 67 -9.06 1.43 -0.03
N GLN A 68 -8.17 1.72 -0.96
CA GLN A 68 -8.54 1.89 -2.36
C GLN A 68 -8.83 0.55 -3.02
N LEU A 69 -8.08 -0.48 -2.60
CA LEU A 69 -8.26 -1.82 -3.16
C LEU A 69 -9.56 -2.43 -2.67
N GLN A 70 -9.86 -2.25 -1.39
CA GLN A 70 -11.09 -2.79 -0.80
C GLN A 70 -12.27 -1.87 -1.09
N PRO A 71 -13.26 -2.33 -1.87
CA PRO A 71 -14.45 -1.53 -2.21
C PRO A 71 -15.10 -0.93 -0.97
N THR A 72 -15.43 0.36 -1.04
CA THR A 72 -16.07 1.06 0.07
C THR A 72 -17.58 1.17 -0.15
N LYS A 73 -18.31 0.16 0.31
CA LYS A 73 -19.76 0.14 0.17
C LYS A 73 -20.45 0.27 1.51
N GLU A 74 -20.31 -0.76 2.35
CA GLU A 74 -20.92 -0.74 3.68
C GLU A 74 -19.86 -0.58 4.75
N ALA A 75 -20.29 -0.58 6.02
CA ALA A 75 -19.38 -0.43 7.14
C ALA A 75 -19.33 -1.69 7.98
N GLY A 76 -20.49 -2.21 8.34
CA GLY A 76 -20.56 -3.43 9.13
C GLY A 76 -21.58 -3.33 10.25
N GLU A 77 -21.98 -4.48 10.79
CA GLU A 77 -22.95 -4.51 11.88
C GLU A 77 -24.27 -3.91 11.44
N ALA A 78 -25.16 -3.68 12.41
CA ALA A 78 -26.47 -3.11 12.13
C ALA A 78 -27.27 -4.00 11.18
N SER A 79 -28.48 -3.57 10.86
CA SER A 79 -29.35 -4.32 9.96
C SER A 79 -29.65 -5.71 10.53
N ALA A 80 -30.74 -6.30 10.07
CA ALA A 80 -31.15 -7.63 10.53
C ALA A 80 -30.88 -8.68 9.46
N SER A 81 -31.16 -8.33 8.21
CA SER A 81 -30.95 -9.24 7.08
C SER A 81 -29.46 -9.40 6.79
N TYR A 82 -29.11 -10.52 6.17
CA TYR A 82 -27.70 -10.80 5.83
C TYR A 82 -27.30 -10.22 4.47
N PRO A 83 -28.23 -10.15 3.49
CA PRO A 83 -27.90 -9.62 2.16
C PRO A 83 -27.99 -8.10 2.12
N THR A 84 -26.97 -7.47 1.55
CA THR A 84 -26.94 -6.01 1.46
C THR A 84 -27.76 -5.53 0.26
N ALA A 85 -28.76 -4.70 0.54
CA ALA A 85 -29.62 -4.16 -0.50
C ALA A 85 -30.34 -5.28 -1.26
N GLY A 86 -31.64 -5.37 -1.08
CA GLY A 86 -32.42 -6.40 -1.75
C GLY A 86 -32.92 -5.94 -3.10
N ALA A 87 -32.03 -5.42 -3.93
CA ALA A 87 -32.41 -4.94 -5.26
C ALA A 87 -31.16 -4.70 -6.11
N GLN A 88 -31.32 -4.86 -7.43
CA GLN A 88 -30.22 -4.67 -8.36
C GLN A 88 -30.69 -3.93 -9.61
N GLU A 89 -30.63 -2.60 -9.58
CA GLU A 89 -31.05 -1.78 -10.70
C GLU A 89 -30.34 -0.43 -10.69
N THR A 90 -30.40 0.25 -9.54
CA THR A 90 -29.77 1.56 -9.40
C THR A 90 -28.42 1.43 -8.70
N GLU A 91 -28.39 0.67 -7.61
CA GLU A 91 -27.17 0.46 -6.84
C GLU A 91 -26.18 -0.38 -7.62
N ALA A 92 -26.69 -1.37 -8.34
CA ALA A 92 -25.84 -2.25 -9.15
C ALA A 92 -25.52 -1.62 -10.50
N LEU A 93 -24.36 -1.99 -11.05
CA LEU A 93 -23.94 -1.46 -12.34
C LEU A 93 -23.99 -2.55 -13.42
N VAL A 94 -23.49 -3.73 -13.08
CA VAL A 94 -23.47 -4.85 -14.00
C VAL A 94 -24.81 -5.59 -14.00
N PRO A 95 -25.23 -6.14 -15.15
CA PRO A 95 -26.50 -6.87 -15.27
C PRO A 95 -26.44 -8.24 -14.59
N ARG A 96 -27.55 -8.95 -14.61
CA ARG A 96 -27.64 -10.27 -14.00
C ARG A 96 -27.26 -11.36 -15.00
N GLY A 97 -26.23 -12.14 -14.67
CA GLY A 97 -25.80 -13.20 -15.56
C GLY A 97 -25.27 -14.40 -14.81
N SER A 98 -24.36 -14.16 -13.87
CA SER A 98 -23.78 -15.23 -13.07
C SER A 98 -24.10 -15.05 -11.59
N GLY A 99 -23.92 -13.82 -11.10
CA GLY A 99 -24.20 -13.54 -9.71
C GLY A 99 -23.67 -12.18 -9.27
N PHE A 100 -22.70 -12.18 -8.36
CA PHE A 100 -22.12 -10.94 -7.87
C PHE A 100 -20.68 -10.78 -8.38
N GLY A 101 -20.09 -9.63 -8.09
CA GLY A 101 -18.73 -9.36 -8.52
C GLY A 101 -18.38 -7.90 -8.48
N THR A 102 -17.10 -7.60 -8.28
CA THR A 102 -16.62 -6.22 -8.22
C THR A 102 -15.26 -6.08 -8.86
N SER A 103 -15.03 -6.83 -9.95
CA SER A 103 -13.77 -6.79 -10.65
C SER A 103 -13.81 -5.77 -11.81
N PRO A 104 -13.11 -4.64 -11.67
CA PRO A 104 -13.08 -3.60 -12.71
C PRO A 104 -12.34 -4.06 -13.97
N LEU A 105 -11.23 -4.76 -13.77
CA LEU A 105 -10.43 -5.24 -14.89
C LEU A 105 -9.96 -6.67 -14.63
N THR A 106 -9.27 -7.25 -15.60
CA THR A 106 -8.76 -8.61 -15.47
C THR A 106 -7.80 -8.73 -14.29
N PRO A 107 -7.46 -9.96 -13.88
CA PRO A 107 -6.54 -10.21 -12.77
C PRO A 107 -5.13 -9.73 -13.05
N SER A 108 -4.96 -8.42 -13.23
CA SER A 108 -3.66 -7.84 -13.52
C SER A 108 -3.32 -6.75 -12.51
N ALA A 109 -4.32 -5.96 -12.12
CA ALA A 109 -4.12 -4.89 -11.16
C ALA A 109 -4.13 -5.41 -9.73
N ARG A 110 -4.87 -6.49 -9.52
CA ARG A 110 -4.97 -7.09 -8.18
C ARG A 110 -3.61 -7.58 -7.70
N ILE A 111 -2.92 -8.33 -8.56
CA ILE A 111 -1.60 -8.86 -8.22
C ILE A 111 -0.60 -7.73 -8.02
N SER A 112 -0.75 -6.65 -8.80
CA SER A 112 0.15 -5.51 -8.71
C SER A 112 0.09 -4.89 -7.32
N ALA A 113 -1.12 -4.56 -6.87
CA ALA A 113 -1.31 -3.95 -5.55
C ALA A 113 -0.92 -4.93 -4.44
N LEU A 114 -1.47 -6.14 -4.49
CA LEU A 114 -1.20 -7.16 -3.49
C LEU A 114 0.30 -7.46 -3.42
N ASN A 115 0.90 -7.70 -4.58
CA ASN A 115 2.33 -7.99 -4.65
C ASN A 115 3.15 -6.88 -4.01
N ILE A 116 2.73 -5.64 -4.22
CA ILE A 116 3.43 -4.49 -3.67
C ILE A 116 3.43 -4.55 -2.15
N VAL A 117 2.27 -4.81 -1.57
CA VAL A 117 2.15 -4.90 -0.11
C VAL A 117 3.08 -5.96 0.47
N GLY A 118 3.09 -7.13 -0.16
CA GLY A 118 3.96 -8.20 0.30
C GLY A 118 5.43 -7.84 0.21
N ASP A 119 5.85 -7.36 -0.95
CA ASP A 119 7.23 -6.97 -1.17
C ASP A 119 7.63 -5.82 -0.24
N LEU A 120 6.72 -4.87 -0.07
CA LEU A 120 6.96 -3.72 0.80
C LEU A 120 7.15 -4.16 2.24
N LEU A 121 6.20 -4.93 2.75
CA LEU A 121 6.26 -5.43 4.12
C LEU A 121 7.56 -6.18 4.37
N ARG A 122 8.03 -6.88 3.34
CA ARG A 122 9.27 -7.65 3.45
C ARG A 122 10.47 -6.72 3.56
N LYS A 123 10.43 -5.64 2.78
CA LYS A 123 11.52 -4.66 2.79
C LYS A 123 11.56 -3.91 4.11
N VAL A 124 10.38 -3.52 4.59
CA VAL A 124 10.28 -2.80 5.86
C VAL A 124 10.72 -3.69 7.01
N GLY A 125 10.33 -4.95 6.97
CA GLY A 125 10.70 -5.89 8.01
C GLY A 125 12.19 -6.03 8.15
N ALA A 126 12.88 -6.22 7.03
CA ALA A 126 14.33 -6.37 7.03
C ALA A 126 15.00 -5.12 7.59
N LEU A 127 14.50 -3.95 7.19
CA LEU A 127 15.05 -2.69 7.65
C LEU A 127 14.75 -2.49 9.13
N GLU A 128 13.55 -2.86 9.55
CA GLU A 128 13.13 -2.71 10.94
C GLU A 128 14.03 -3.56 11.85
N SER A 129 14.31 -4.79 11.42
CA SER A 129 15.15 -5.68 12.21
C SER A 129 16.59 -5.17 12.25
N LYS A 130 17.03 -4.55 11.15
CA LYS A 130 18.37 -4.01 11.07
C LYS A 130 18.55 -2.86 12.07
N LEU A 131 17.54 -2.01 12.17
CA LEU A 131 17.58 -0.88 13.10
C LEU A 131 17.56 -1.37 14.55
N ALA A 132 16.75 -2.40 14.80
CA ALA A 132 16.63 -2.96 16.14
C ALA A 132 17.86 -3.78 16.51
N ALA A 133 18.44 -4.45 15.51
CA ALA A 133 19.63 -5.26 15.71
C ALA A 133 20.86 -4.38 15.90
N CYS A 134 20.95 -3.31 15.12
CA CYS A 134 22.07 -2.39 15.20
C CYS A 134 22.09 -1.69 16.56
N ARG A 135 20.96 -1.15 16.97
CA ARG A 135 20.85 -0.47 18.25
C ARG A 135 21.16 -1.42 19.40
N ASN A 136 20.62 -2.63 19.33
CA ASN A 136 20.84 -3.64 20.35
C ASN A 136 22.33 -4.00 20.45
N PHE A 137 22.96 -4.15 19.30
CA PHE A 137 24.38 -4.50 19.25
C PHE A 137 25.22 -3.40 19.87
N ALA A 138 24.87 -2.15 19.59
CA ALA A 138 25.58 -1.00 20.14
C ALA A 138 25.35 -0.87 21.64
N LYS A 139 24.13 -1.17 22.07
CA LYS A 139 23.77 -1.08 23.48
C LYS A 139 24.40 -2.23 24.27
N ASP A 140 24.44 -3.41 23.65
CA ASP A 140 25.02 -4.59 24.30
C ASP A 140 26.52 -4.40 24.52
N GLN A 141 27.18 -3.71 23.60
CA GLN A 141 28.61 -3.45 23.70
C GLN A 141 28.92 -2.54 24.87
N ALA A 142 27.96 -1.68 25.22
CA ALA A 142 28.13 -0.74 26.32
C ALA A 142 28.28 -1.48 27.65
N SER A 143 27.69 -2.67 27.73
CA SER A 143 27.77 -3.46 28.95
C SER A 143 28.70 -4.66 28.77
N ARG A 144 29.79 -4.43 28.05
CA ARG A 144 30.77 -5.50 27.80
C ARG A 144 32.00 -5.32 28.69
N LYS A 145 32.84 -6.33 28.73
CA LYS A 145 34.06 -6.29 29.54
C LYS A 145 35.26 -6.83 28.75
N GLY A 1 -19.05 3.11 -8.44
CA GLY A 1 -19.16 3.18 -6.96
C GLY A 1 -17.80 3.24 -6.28
N SER A 2 -17.71 4.00 -5.20
CA SER A 2 -16.46 4.13 -4.46
C SER A 2 -16.65 5.00 -3.22
N GLU A 3 -15.74 4.85 -2.25
CA GLU A 3 -15.82 5.62 -1.02
C GLU A 3 -15.78 7.12 -1.31
N PHE A 4 -15.12 7.49 -2.40
CA PHE A 4 -15.02 8.90 -2.79
C PHE A 4 -15.82 9.17 -4.05
N GLY A 5 -15.56 8.38 -5.10
CA GLY A 5 -16.27 8.56 -6.34
C GLY A 5 -15.45 9.27 -7.40
N PRO A 6 -14.28 8.72 -7.78
CA PRO A 6 -13.40 9.33 -8.78
C PRO A 6 -13.97 9.24 -10.19
N TRP A 7 -14.50 8.06 -10.53
CA TRP A 7 -15.09 7.83 -11.84
C TRP A 7 -16.17 6.76 -11.77
N LYS A 8 -16.85 6.53 -12.90
CA LYS A 8 -17.90 5.53 -12.97
C LYS A 8 -17.41 4.27 -13.67
N GLU A 9 -16.85 4.44 -14.87
CA GLU A 9 -16.34 3.31 -15.64
C GLU A 9 -14.82 3.39 -15.76
N ASP A 10 -14.14 3.33 -14.62
CA ASP A 10 -12.69 3.39 -14.60
C ASP A 10 -12.10 2.24 -13.79
N SER A 11 -10.86 1.88 -14.09
CA SER A 11 -10.18 0.79 -13.39
C SER A 11 -8.69 0.81 -13.65
N HIS A 12 -8.32 1.04 -14.91
CA HIS A 12 -6.91 1.08 -15.31
C HIS A 12 -6.16 2.13 -14.50
N ILE A 13 -6.88 3.11 -13.97
CA ILE A 13 -6.27 4.18 -13.19
C ILE A 13 -5.55 3.62 -11.96
N VAL A 14 -6.02 2.47 -11.48
CA VAL A 14 -5.42 1.83 -10.32
C VAL A 14 -3.92 1.60 -10.52
N SER A 15 -3.54 1.29 -11.76
CA SER A 15 -2.14 1.04 -12.09
C SER A 15 -1.31 2.30 -11.89
N ALA A 16 -1.83 3.44 -12.32
CA ALA A 16 -1.13 4.70 -12.19
C ALA A 16 -0.84 5.01 -10.73
N GLU A 17 -1.78 4.69 -9.86
CA GLU A 17 -1.62 4.94 -8.43
C GLU A 17 -0.40 4.21 -7.89
N VAL A 18 -0.30 2.92 -8.21
CA VAL A 18 0.82 2.12 -7.75
C VAL A 18 2.15 2.66 -8.28
N GLY A 19 2.10 3.27 -9.46
CA GLY A 19 3.31 3.82 -10.06
C GLY A 19 3.86 4.98 -9.25
N GLU A 20 3.02 5.96 -8.96
CA GLU A 20 3.43 7.13 -8.19
C GLU A 20 3.78 6.72 -6.76
N LYS A 21 2.90 5.95 -6.13
CA LYS A 21 3.12 5.50 -4.77
C LYS A 21 4.43 4.70 -4.67
N CYS A 22 4.59 3.74 -5.57
CA CYS A 22 5.80 2.91 -5.60
C CYS A 22 7.05 3.79 -5.67
N GLU A 23 6.99 4.83 -6.49
CA GLU A 23 8.11 5.74 -6.65
C GLU A 23 8.45 6.39 -5.30
N ALA A 24 7.42 6.76 -4.55
CA ALA A 24 7.61 7.39 -3.25
C ALA A 24 8.23 6.41 -2.25
N ILE A 25 7.79 5.16 -2.31
CA ILE A 25 8.29 4.13 -1.41
C ILE A 25 9.81 3.96 -1.57
N GLY A 26 10.26 3.88 -2.82
CA GLY A 26 11.69 3.71 -3.07
C GLY A 26 12.50 4.90 -2.60
N VAL A 27 12.11 6.09 -3.03
CA VAL A 27 12.81 7.30 -2.63
C VAL A 27 12.84 7.41 -1.12
N LYS A 28 11.82 6.85 -0.47
CA LYS A 28 11.71 6.88 0.97
C LYS A 28 12.71 5.91 1.61
N LEU A 29 12.65 4.64 1.19
CA LEU A 29 13.55 3.63 1.72
C LEU A 29 15.00 3.96 1.36
N LEU A 30 15.18 4.63 0.21
CA LEU A 30 16.52 5.00 -0.23
C LEU A 30 17.12 6.04 0.71
N HIS A 31 16.36 7.08 1.01
CA HIS A 31 16.82 8.13 1.91
C HIS A 31 16.95 7.60 3.33
N LEU A 32 16.09 6.64 3.67
CA LEU A 32 16.10 6.03 5.00
C LEU A 32 17.34 5.18 5.20
N GLU A 33 17.69 4.39 4.18
CA GLU A 33 18.86 3.53 4.25
C GLU A 33 20.13 4.35 4.39
N ASP A 34 20.25 5.40 3.59
CA ASP A 34 21.42 6.27 3.63
C ASP A 34 21.51 6.99 4.97
N GLN A 35 20.37 7.35 5.53
CA GLN A 35 20.32 8.05 6.81
C GLN A 35 20.48 7.06 7.97
N LEU A 36 20.03 5.84 7.76
CA LEU A 36 20.12 4.80 8.78
C LEU A 36 21.58 4.44 9.05
N LEU A 37 22.29 4.03 8.00
CA LEU A 37 23.69 3.65 8.11
C LEU A 37 24.53 4.81 8.63
N GLY A 38 24.22 6.02 8.16
CA GLY A 38 24.96 7.19 8.59
C GLY A 38 24.77 7.48 10.07
N ALA A 39 23.52 7.68 10.48
CA ALA A 39 23.20 7.97 11.87
C ALA A 39 23.58 6.80 12.78
N MET A 40 23.69 5.61 12.20
CA MET A 40 24.06 4.43 12.97
C MET A 40 25.43 4.60 13.61
N TYR A 41 26.44 4.80 12.78
CA TYR A 41 27.81 4.99 13.27
C TYR A 41 28.02 6.42 13.75
N SER A 42 27.32 7.37 13.14
CA SER A 42 27.44 8.77 13.50
C SER A 42 26.82 9.04 14.86
N HIS A 43 25.48 9.07 14.91
CA HIS A 43 24.76 9.32 16.14
C HIS A 43 23.96 8.08 16.55
N ASP A 44 22.77 8.28 17.12
CA ASP A 44 21.92 7.19 17.55
C ASP A 44 20.45 7.59 17.55
N GLU A 45 20.18 8.78 18.07
CA GLU A 45 18.80 9.29 18.13
C GLU A 45 18.35 9.78 16.76
N ALA A 46 19.31 10.14 15.90
CA ALA A 46 18.99 10.63 14.57
C ALA A 46 18.26 9.57 13.74
N LEU A 47 18.82 8.37 13.70
CA LEU A 47 18.22 7.28 12.94
C LEU A 47 16.88 6.86 13.57
N PHE A 48 16.83 6.85 14.89
CA PHE A 48 15.62 6.49 15.60
C PHE A 48 14.47 7.43 15.24
N GLN A 49 14.74 8.73 15.28
CA GLN A 49 13.74 9.72 14.95
C GLN A 49 13.27 9.58 13.51
N SER A 50 14.23 9.46 12.59
CA SER A 50 13.91 9.30 11.18
C SER A 50 13.06 8.06 10.95
N LEU A 51 13.35 6.99 11.70
CA LEU A 51 12.59 5.75 11.58
C LEU A 51 11.14 5.96 11.96
N GLN A 52 10.91 6.71 13.04
CA GLN A 52 9.56 6.99 13.50
C GLN A 52 8.76 7.70 12.42
N GLY A 53 9.33 8.75 11.85
CA GLY A 53 8.65 9.50 10.80
C GLY A 53 8.47 8.67 9.55
N GLU A 54 9.47 7.85 9.24
CA GLU A 54 9.41 6.99 8.06
C GLU A 54 8.40 5.87 8.25
N LEU A 55 8.24 5.42 9.48
CA LEU A 55 7.30 4.36 9.80
C LEU A 55 5.86 4.84 9.65
N GLN A 56 5.61 6.06 10.08
CA GLN A 56 4.27 6.64 9.99
C GLN A 56 3.92 6.94 8.53
N THR A 57 4.92 7.37 7.77
CA THR A 57 4.72 7.69 6.36
C THR A 57 4.35 6.44 5.57
N VAL A 58 5.17 5.40 5.70
CA VAL A 58 4.93 4.15 5.00
C VAL A 58 3.59 3.54 5.40
N LYS A 59 3.23 3.72 6.67
CA LYS A 59 1.98 3.19 7.19
C LYS A 59 0.78 3.83 6.50
N GLU A 60 0.86 5.15 6.31
CA GLU A 60 -0.22 5.88 5.65
C GLU A 60 -0.40 5.41 4.21
N THR A 61 0.70 5.34 3.47
CA THR A 61 0.66 4.89 2.09
C THR A 61 0.12 3.46 1.99
N LEU A 62 0.39 2.68 3.02
CA LEU A 62 -0.07 1.29 3.06
C LEU A 62 -1.58 1.23 3.25
N GLN A 63 -2.09 2.06 4.15
CA GLN A 63 -3.52 2.10 4.44
C GLN A 63 -4.30 2.54 3.20
N ALA A 64 -3.69 3.41 2.40
CA ALA A 64 -4.32 3.91 1.18
C ALA A 64 -4.37 2.84 0.10
N MET A 65 -3.25 2.14 -0.08
CA MET A 65 -3.16 1.08 -1.08
C MET A 65 -4.17 -0.02 -0.80
N ILE A 66 -4.30 -0.40 0.47
CA ILE A 66 -5.24 -1.45 0.86
C ILE A 66 -6.68 -0.97 0.72
N LEU A 67 -6.93 0.29 1.08
CA LEU A 67 -8.26 0.86 0.99
C LEU A 67 -8.70 1.00 -0.47
N GLN A 68 -7.74 1.35 -1.33
CA GLN A 68 -8.02 1.51 -2.75
C GLN A 68 -8.15 0.16 -3.44
N LEU A 69 -7.39 -0.82 -2.96
CA LEU A 69 -7.42 -2.17 -3.53
C LEU A 69 -8.67 -2.91 -3.10
N GLN A 70 -8.94 -2.91 -1.79
CA GLN A 70 -10.10 -3.58 -1.24
C GLN A 70 -11.39 -3.04 -1.87
N PRO A 71 -12.12 -3.87 -2.64
CA PRO A 71 -13.36 -3.46 -3.29
C PRO A 71 -14.48 -3.22 -2.29
N THR A 72 -15.70 -3.05 -2.80
CA THR A 72 -16.86 -2.81 -1.94
C THR A 72 -17.76 -4.03 -1.90
N LYS A 73 -17.16 -5.19 -1.66
CA LYS A 73 -17.92 -6.44 -1.58
C LYS A 73 -18.62 -6.74 -2.90
N GLU A 74 -18.05 -7.65 -3.69
CA GLU A 74 -18.61 -8.01 -4.98
C GLU A 74 -19.11 -9.45 -4.96
N ALA A 75 -18.37 -10.32 -4.28
CA ALA A 75 -18.72 -11.73 -4.18
C ALA A 75 -19.99 -11.92 -3.37
N GLY A 76 -21.13 -12.03 -4.06
CA GLY A 76 -22.40 -12.21 -3.38
C GLY A 76 -23.32 -13.15 -4.12
N GLU A 77 -22.74 -14.09 -4.87
CA GLU A 77 -23.52 -15.05 -5.63
C GLU A 77 -23.50 -16.42 -4.96
N ALA A 78 -24.48 -17.25 -5.31
CA ALA A 78 -24.58 -18.60 -4.75
C ALA A 78 -23.92 -19.62 -5.66
N SER A 79 -24.46 -19.77 -6.86
CA SER A 79 -23.94 -20.72 -7.83
C SER A 79 -22.69 -20.17 -8.52
N ALA A 80 -21.81 -21.05 -8.94
CA ALA A 80 -20.57 -20.66 -9.61
C ALA A 80 -20.58 -21.11 -11.07
N SER A 81 -20.09 -20.26 -11.95
CA SER A 81 -20.03 -20.57 -13.38
C SER A 81 -18.62 -20.37 -13.92
N TYR A 82 -18.38 -20.89 -15.13
CA TYR A 82 -17.07 -20.77 -15.76
C TYR A 82 -17.21 -20.53 -17.26
N PRO A 83 -16.74 -19.38 -17.77
CA PRO A 83 -16.82 -19.04 -19.20
C PRO A 83 -16.25 -20.15 -20.08
N THR A 84 -17.14 -20.90 -20.73
CA THR A 84 -16.71 -21.99 -21.61
C THR A 84 -17.22 -21.76 -23.02
N ALA A 85 -17.32 -20.50 -23.43
CA ALA A 85 -17.80 -20.16 -24.76
C ALA A 85 -17.64 -18.65 -25.02
N GLY A 86 -16.55 -18.28 -25.67
CA GLY A 86 -16.31 -16.89 -25.97
C GLY A 86 -15.02 -16.67 -26.75
N ALA A 87 -14.76 -17.56 -27.70
CA ALA A 87 -13.55 -17.47 -28.51
C ALA A 87 -13.60 -16.25 -29.42
N GLN A 88 -12.73 -15.28 -29.15
CA GLN A 88 -12.67 -14.06 -29.93
C GLN A 88 -11.24 -13.51 -30.00
N GLU A 89 -10.28 -14.42 -30.14
CA GLU A 89 -8.87 -14.04 -30.23
C GLU A 89 -8.39 -14.04 -31.68
N THR A 90 -8.25 -15.22 -32.25
CA THR A 90 -7.79 -15.35 -33.64
C THR A 90 -8.89 -15.91 -34.52
N GLU A 91 -9.67 -16.85 -33.97
CA GLU A 91 -10.76 -17.47 -34.71
C GLU A 91 -11.80 -16.43 -35.13
N ALA A 92 -11.99 -15.43 -34.28
CA ALA A 92 -12.95 -14.36 -34.57
C ALA A 92 -12.26 -13.13 -35.14
N LEU A 93 -12.79 -12.61 -36.24
CA LEU A 93 -12.22 -11.43 -36.89
C LEU A 93 -13.11 -10.21 -36.67
N VAL A 94 -13.78 -10.17 -35.53
CA VAL A 94 -14.66 -9.05 -35.20
C VAL A 94 -14.23 -8.37 -33.90
N PRO A 95 -14.55 -7.08 -33.75
CA PRO A 95 -14.18 -6.31 -32.55
C PRO A 95 -14.97 -6.74 -31.32
N ARG A 96 -16.25 -7.03 -31.53
CA ARG A 96 -17.12 -7.46 -30.43
C ARG A 96 -17.41 -8.95 -30.52
N GLY A 97 -16.70 -9.74 -29.71
CA GLY A 97 -16.89 -11.17 -29.71
C GLY A 97 -17.76 -11.64 -28.55
N SER A 98 -17.72 -10.90 -27.46
CA SER A 98 -18.51 -11.25 -26.28
C SER A 98 -18.58 -10.08 -25.31
N GLY A 99 -19.80 -9.73 -24.89
CA GLY A 99 -19.98 -8.63 -23.97
C GLY A 99 -20.23 -9.09 -22.55
N PHE A 100 -19.40 -10.02 -22.08
CA PHE A 100 -19.53 -10.55 -20.72
C PHE A 100 -18.19 -10.60 -20.02
N GLY A 101 -17.97 -9.68 -19.08
CA GLY A 101 -16.72 -9.63 -18.35
C GLY A 101 -16.93 -9.54 -16.85
N THR A 102 -16.10 -10.27 -16.10
CA THR A 102 -16.20 -10.27 -14.64
C THR A 102 -15.04 -9.53 -14.02
N SER A 103 -13.84 -9.81 -14.50
CA SER A 103 -12.63 -9.16 -13.98
C SER A 103 -12.32 -7.88 -14.76
N PRO A 104 -11.71 -6.89 -14.09
CA PRO A 104 -11.37 -5.61 -14.73
C PRO A 104 -10.22 -5.75 -15.73
N LEU A 105 -9.19 -6.50 -15.34
CA LEU A 105 -8.04 -6.71 -16.20
C LEU A 105 -7.32 -8.01 -15.84
N THR A 106 -6.35 -8.39 -16.67
CA THR A 106 -5.58 -9.62 -16.43
C THR A 106 -4.87 -9.55 -15.08
N PRO A 107 -4.41 -10.71 -14.58
CA PRO A 107 -3.71 -10.79 -13.28
C PRO A 107 -2.36 -10.08 -13.32
N SER A 108 -2.40 -8.75 -13.47
CA SER A 108 -1.18 -7.95 -13.51
C SER A 108 -1.25 -6.81 -12.50
N ALA A 109 -2.39 -6.13 -12.45
CA ALA A 109 -2.58 -5.02 -11.53
C ALA A 109 -2.81 -5.52 -10.11
N ARG A 110 -3.80 -6.40 -9.95
CA ARG A 110 -4.12 -6.95 -8.64
C ARG A 110 -2.93 -7.69 -8.05
N ILE A 111 -2.28 -8.51 -8.87
CA ILE A 111 -1.13 -9.28 -8.44
C ILE A 111 0.04 -8.34 -8.08
N SER A 112 0.29 -7.36 -8.93
CA SER A 112 1.36 -6.40 -8.70
C SER A 112 1.07 -5.54 -7.49
N ALA A 113 -0.21 -5.23 -7.27
CA ALA A 113 -0.63 -4.41 -6.15
C ALA A 113 -0.43 -5.16 -4.83
N LEU A 114 -0.94 -6.37 -4.77
CA LEU A 114 -0.82 -7.19 -3.56
C LEU A 114 0.63 -7.65 -3.37
N ASN A 115 1.36 -7.79 -4.47
CA ASN A 115 2.75 -8.22 -4.41
C ASN A 115 3.64 -7.14 -3.82
N ILE A 116 3.47 -5.90 -4.28
CA ILE A 116 4.27 -4.79 -3.79
C ILE A 116 3.93 -4.48 -2.33
N VAL A 117 2.65 -4.59 -1.98
CA VAL A 117 2.21 -4.34 -0.62
C VAL A 117 2.90 -5.28 0.36
N GLY A 118 2.82 -6.58 0.08
CA GLY A 118 3.45 -7.56 0.94
C GLY A 118 4.95 -7.39 0.99
N ASP A 119 5.55 -7.11 -0.15
CA ASP A 119 6.99 -6.92 -0.24
C ASP A 119 7.40 -5.62 0.46
N LEU A 120 6.54 -4.63 0.40
CA LEU A 120 6.79 -3.34 1.02
C LEU A 120 6.96 -3.51 2.53
N LEU A 121 5.93 -4.07 3.17
CA LEU A 121 5.97 -4.29 4.61
C LEU A 121 7.10 -5.24 4.98
N ARG A 122 7.40 -6.17 4.08
CA ARG A 122 8.47 -7.14 4.30
C ARG A 122 9.80 -6.42 4.55
N LYS A 123 10.07 -5.41 3.73
CA LYS A 123 11.30 -4.63 3.85
C LYS A 123 11.25 -3.80 5.13
N VAL A 124 10.08 -3.26 5.44
CA VAL A 124 9.91 -2.46 6.64
C VAL A 124 10.13 -3.30 7.89
N GLY A 125 9.63 -4.53 7.87
CA GLY A 125 9.78 -5.42 9.00
C GLY A 125 11.24 -5.73 9.28
N ALA A 126 11.96 -6.16 8.25
CA ALA A 126 13.37 -6.48 8.38
C ALA A 126 14.18 -5.26 8.81
N LEU A 127 13.79 -4.10 8.30
CA LEU A 127 14.47 -2.85 8.61
C LEU A 127 14.22 -2.47 10.07
N GLU A 128 12.96 -2.53 10.49
CA GLU A 128 12.59 -2.20 11.86
C GLU A 128 13.30 -3.12 12.85
N SER A 129 13.21 -4.42 12.60
CA SER A 129 13.85 -5.41 13.47
C SER A 129 15.36 -5.25 13.45
N LYS A 130 15.91 -4.97 12.27
CA LYS A 130 17.34 -4.78 12.12
C LYS A 130 17.83 -3.59 12.95
N LEU A 131 17.04 -2.53 12.95
CA LEU A 131 17.38 -1.33 13.71
C LEU A 131 17.46 -1.63 15.21
N ALA A 132 16.41 -2.27 15.72
CA ALA A 132 16.34 -2.62 17.13
C ALA A 132 17.49 -3.55 17.51
N ALA A 133 17.82 -4.48 16.63
CA ALA A 133 18.90 -5.42 16.86
C ALA A 133 20.25 -4.72 16.82
N CYS A 134 20.43 -3.86 15.82
CA CYS A 134 21.69 -3.12 15.66
C CYS A 134 21.95 -2.25 16.88
N ARG A 135 20.90 -1.58 17.36
CA ARG A 135 21.01 -0.70 18.51
C ARG A 135 21.45 -1.48 19.74
N ASN A 136 20.78 -2.61 19.98
CA ASN A 136 21.10 -3.45 21.13
C ASN A 136 22.51 -4.04 20.99
N PHE A 137 22.93 -4.27 19.76
CA PHE A 137 24.25 -4.83 19.48
C PHE A 137 25.33 -3.79 19.75
N ALA A 138 25.01 -2.53 19.50
CA ALA A 138 25.96 -1.44 19.71
C ALA A 138 26.12 -1.12 21.19
N LYS A 139 25.01 -1.08 21.91
CA LYS A 139 25.02 -0.79 23.34
C LYS A 139 25.58 -1.98 24.13
N ASP A 140 25.35 -3.18 23.61
CA ASP A 140 25.83 -4.40 24.26
C ASP A 140 27.33 -4.56 24.08
N GLN A 141 27.82 -4.20 22.90
CA GLN A 141 29.23 -4.31 22.59
C GLN A 141 30.04 -3.24 23.34
N ALA A 142 29.42 -2.09 23.57
CA ALA A 142 30.07 -1.00 24.27
C ALA A 142 30.44 -1.40 25.70
N SER A 143 29.56 -2.18 26.34
CA SER A 143 29.79 -2.64 27.70
C SER A 143 29.81 -4.16 27.77
N ARG A 144 30.25 -4.79 26.69
CA ARG A 144 30.32 -6.25 26.63
C ARG A 144 30.92 -6.71 25.30
N LYS A 145 30.87 -8.02 25.07
CA LYS A 145 31.40 -8.59 23.84
C LYS A 145 30.28 -9.06 22.92
N GLY A 1 0.44 18.26 -23.03
CA GLY A 1 -0.71 18.47 -22.12
C GLY A 1 -2.03 18.03 -22.73
N SER A 2 -2.62 16.99 -22.16
CA SER A 2 -3.89 16.47 -22.66
C SER A 2 -5.06 17.02 -21.84
N GLU A 3 -6.23 17.06 -22.45
CA GLU A 3 -7.42 17.56 -21.78
C GLU A 3 -8.42 16.44 -21.53
N PHE A 4 -7.90 15.23 -21.31
CA PHE A 4 -8.74 14.07 -21.04
C PHE A 4 -8.02 13.06 -20.16
N GLY A 5 -6.79 12.73 -20.54
CA GLY A 5 -6.01 11.78 -19.78
C GLY A 5 -6.11 10.36 -20.33
N PRO A 6 -5.05 9.55 -20.15
CA PRO A 6 -5.03 8.17 -20.65
C PRO A 6 -5.98 7.26 -19.87
N TRP A 7 -7.27 7.36 -20.19
CA TRP A 7 -8.28 6.55 -19.52
C TRP A 7 -8.36 6.88 -18.04
N LYS A 8 -9.57 6.92 -17.50
CA LYS A 8 -9.79 7.22 -16.09
C LYS A 8 -11.15 6.73 -15.62
N GLU A 9 -11.24 5.45 -15.33
CA GLU A 9 -12.49 4.85 -14.86
C GLU A 9 -12.30 4.14 -13.53
N ASP A 10 -11.55 3.05 -13.54
CA ASP A 10 -11.28 2.28 -12.33
C ASP A 10 -10.32 1.13 -12.62
N SER A 11 -9.34 1.38 -13.47
CA SER A 11 -8.37 0.37 -13.83
C SER A 11 -6.99 0.99 -14.09
N HIS A 12 -6.95 1.93 -15.03
CA HIS A 12 -5.71 2.62 -15.37
C HIS A 12 -5.35 3.66 -14.31
N ILE A 13 -6.37 4.24 -13.70
CA ILE A 13 -6.16 5.25 -12.68
C ILE A 13 -5.57 4.63 -11.41
N VAL A 14 -6.13 3.49 -11.00
CA VAL A 14 -5.66 2.81 -9.80
C VAL A 14 -4.22 2.33 -9.98
N SER A 15 -3.87 1.97 -11.20
CA SER A 15 -2.52 1.50 -11.50
C SER A 15 -1.52 2.64 -11.44
N ALA A 16 -1.98 3.85 -11.76
CA ALA A 16 -1.12 5.02 -11.73
C ALA A 16 -0.73 5.38 -10.31
N GLU A 17 -1.70 5.32 -9.40
CA GLU A 17 -1.46 5.64 -8.00
C GLU A 17 -0.35 4.75 -7.42
N VAL A 18 -0.45 3.45 -7.68
CA VAL A 18 0.54 2.49 -7.19
C VAL A 18 1.88 2.68 -7.89
N GLY A 19 1.82 3.08 -9.15
CA GLY A 19 3.05 3.29 -9.92
C GLY A 19 3.86 4.44 -9.39
N GLU A 20 3.23 5.60 -9.22
CA GLU A 20 3.91 6.79 -8.71
C GLU A 20 4.35 6.57 -7.28
N LYS A 21 3.57 5.82 -6.52
CA LYS A 21 3.88 5.55 -5.11
C LYS A 21 5.00 4.52 -5.02
N CYS A 22 4.99 3.54 -5.91
CA CYS A 22 6.00 2.49 -5.92
C CYS A 22 7.38 3.07 -6.20
N GLU A 23 7.45 4.03 -7.12
CA GLU A 23 8.71 4.65 -7.48
C GLU A 23 9.21 5.56 -6.36
N ALA A 24 8.34 6.46 -5.90
CA ALA A 24 8.69 7.37 -4.83
C ALA A 24 9.00 6.62 -3.54
N ILE A 25 8.11 5.71 -3.16
CA ILE A 25 8.30 4.93 -1.95
C ILE A 25 9.61 4.15 -2.00
N GLY A 26 9.94 3.63 -3.17
CA GLY A 26 11.18 2.89 -3.32
C GLY A 26 12.39 3.73 -2.99
N VAL A 27 12.48 4.90 -3.62
CA VAL A 27 13.59 5.80 -3.35
C VAL A 27 13.62 6.17 -1.87
N LYS A 28 12.45 6.12 -1.25
CA LYS A 28 12.32 6.44 0.16
C LYS A 28 13.10 5.46 1.02
N LEU A 29 12.81 4.17 0.85
CA LEU A 29 13.49 3.11 1.60
C LEU A 29 15.00 3.14 1.32
N LEU A 30 15.37 3.49 0.10
CA LEU A 30 16.77 3.56 -0.28
C LEU A 30 17.51 4.60 0.56
N HIS A 31 16.94 5.80 0.63
CA HIS A 31 17.54 6.88 1.41
C HIS A 31 17.60 6.50 2.89
N LEU A 32 16.62 5.72 3.33
CA LEU A 32 16.56 5.29 4.72
C LEU A 32 17.80 4.49 5.10
N GLU A 33 18.10 3.46 4.30
CA GLU A 33 19.27 2.62 4.54
C GLU A 33 20.55 3.45 4.50
N ASP A 34 20.66 4.33 3.52
CA ASP A 34 21.83 5.18 3.37
C ASP A 34 21.99 6.10 4.58
N GLN A 35 20.88 6.58 5.10
CA GLN A 35 20.89 7.47 6.26
C GLN A 35 21.08 6.69 7.56
N LEU A 36 20.56 5.46 7.57
CA LEU A 36 20.67 4.61 8.75
C LEU A 36 22.12 4.33 9.09
N LEU A 37 22.90 3.95 8.08
CA LEU A 37 24.32 3.65 8.27
C LEU A 37 25.07 4.88 8.76
N GLY A 38 24.73 6.03 8.21
CA GLY A 38 25.39 7.27 8.60
C GLY A 38 25.03 7.70 10.01
N ALA A 39 23.74 7.74 10.30
CA ALA A 39 23.26 8.14 11.62
C ALA A 39 23.55 7.06 12.67
N MET A 40 23.90 5.86 12.21
CA MET A 40 24.20 4.75 13.11
C MET A 40 25.28 5.14 14.12
N TYR A 41 26.41 5.62 13.60
CA TYR A 41 27.52 6.03 14.45
C TYR A 41 27.28 7.42 15.02
N SER A 42 26.79 8.32 14.18
CA SER A 42 26.52 9.70 14.59
C SER A 42 25.08 9.85 15.07
N HIS A 43 24.90 10.02 16.37
CA HIS A 43 23.58 10.18 16.95
C HIS A 43 22.69 8.97 16.64
N ASP A 44 22.54 8.09 17.63
CA ASP A 44 21.72 6.89 17.46
C ASP A 44 20.25 7.18 17.70
N GLU A 45 19.96 8.29 18.37
CA GLU A 45 18.58 8.68 18.66
C GLU A 45 17.96 9.40 17.47
N ALA A 46 18.79 10.14 16.74
CA ALA A 46 18.33 10.88 15.57
C ALA A 46 17.69 9.95 14.55
N LEU A 47 18.38 8.87 14.21
CA LEU A 47 17.88 7.90 13.25
C LEU A 47 16.60 7.25 13.76
N PHE A 48 16.51 7.09 15.08
CA PHE A 48 15.33 6.49 15.69
C PHE A 48 14.08 7.30 15.36
N GLN A 49 14.15 8.60 15.57
CA GLN A 49 13.03 9.49 15.28
C GLN A 49 12.78 9.56 13.78
N SER A 50 13.85 9.80 13.03
CA SER A 50 13.76 9.88 11.57
C SER A 50 13.06 8.64 11.01
N LEU A 51 13.50 7.47 11.47
CA LEU A 51 12.92 6.22 11.02
C LEU A 51 11.44 6.14 11.42
N GLN A 52 11.12 6.69 12.58
CA GLN A 52 9.74 6.70 13.06
C GLN A 52 8.84 7.37 12.03
N GLY A 53 9.34 8.46 11.45
CA GLY A 53 8.57 9.17 10.44
C GLY A 53 8.47 8.39 9.15
N GLU A 54 9.55 7.73 8.75
CA GLU A 54 9.58 6.94 7.53
C GLU A 54 8.54 5.83 7.59
N LEU A 55 8.43 5.21 8.76
CA LEU A 55 7.47 4.12 8.97
C LEU A 55 6.05 4.65 9.02
N GLN A 56 5.88 5.84 9.58
CA GLN A 56 4.56 6.46 9.70
C GLN A 56 3.98 6.77 8.32
N THR A 57 4.85 7.13 7.37
CA THR A 57 4.41 7.45 6.02
C THR A 57 4.13 6.19 5.20
N VAL A 58 5.01 5.20 5.32
CA VAL A 58 4.84 3.95 4.59
C VAL A 58 3.61 3.18 5.09
N LYS A 59 3.34 3.30 6.39
CA LYS A 59 2.20 2.63 6.99
C LYS A 59 0.91 3.35 6.59
N GLU A 60 0.95 4.68 6.63
CA GLU A 60 -0.20 5.49 6.28
C GLU A 60 -0.48 5.40 4.78
N THR A 61 0.59 5.43 3.97
CA THR A 61 0.44 5.35 2.53
C THR A 61 -0.13 3.99 2.12
N LEU A 62 0.39 2.92 2.73
CA LEU A 62 -0.09 1.58 2.43
C LEU A 62 -1.55 1.46 2.82
N GLN A 63 -1.94 2.12 3.91
CA GLN A 63 -3.31 2.09 4.38
C GLN A 63 -4.24 2.67 3.33
N ALA A 64 -3.83 3.80 2.73
CA ALA A 64 -4.62 4.44 1.70
C ALA A 64 -4.82 3.51 0.51
N MET A 65 -3.74 2.83 0.12
CA MET A 65 -3.78 1.91 -1.00
C MET A 65 -4.80 0.79 -0.74
N ILE A 66 -4.68 0.14 0.41
CA ILE A 66 -5.59 -0.93 0.78
C ILE A 66 -7.04 -0.44 0.81
N LEU A 67 -7.20 0.83 1.16
CA LEU A 67 -8.53 1.43 1.23
C LEU A 67 -9.12 1.61 -0.16
N GLN A 68 -8.26 1.87 -1.14
CA GLN A 68 -8.70 2.06 -2.51
C GLN A 68 -9.01 0.71 -3.18
N LEU A 69 -8.22 -0.30 -2.84
CA LEU A 69 -8.41 -1.63 -3.39
C LEU A 69 -9.63 -2.32 -2.78
N GLN A 70 -9.94 -1.94 -1.53
CA GLN A 70 -11.08 -2.51 -0.83
C GLN A 70 -12.29 -1.57 -0.89
N PRO A 71 -13.23 -1.82 -1.81
CA PRO A 71 -14.43 -0.99 -1.95
C PRO A 71 -15.40 -1.16 -0.79
N THR A 72 -15.42 -0.19 0.11
CA THR A 72 -16.31 -0.23 1.27
C THR A 72 -17.25 0.96 1.28
N LYS A 73 -18.05 1.10 0.22
CA LYS A 73 -18.98 2.21 0.10
C LYS A 73 -20.09 2.08 1.15
N GLU A 74 -21.00 3.05 1.17
CA GLU A 74 -22.11 3.06 2.11
C GLU A 74 -23.43 2.79 1.40
N ALA A 75 -24.37 2.19 2.12
CA ALA A 75 -25.69 1.89 1.56
C ALA A 75 -26.73 2.89 2.03
N GLY A 76 -26.55 3.41 3.24
CA GLY A 76 -27.49 4.37 3.78
C GLY A 76 -28.61 3.71 4.57
N GLU A 77 -29.80 3.64 3.97
CA GLU A 77 -30.95 3.04 4.61
C GLU A 77 -31.31 1.71 3.95
N ALA A 78 -31.05 1.62 2.64
CA ALA A 78 -31.34 0.41 1.89
C ALA A 78 -30.40 -0.73 2.28
N SER A 79 -30.92 -1.70 3.02
CA SER A 79 -30.13 -2.84 3.45
C SER A 79 -31.03 -4.00 3.89
N ALA A 80 -31.37 -4.85 2.93
CA ALA A 80 -32.22 -6.00 3.21
C ALA A 80 -33.59 -5.56 3.72
N SER A 81 -34.54 -6.49 3.74
CA SER A 81 -35.89 -6.19 4.21
C SER A 81 -36.53 -5.09 3.38
N TYR A 82 -37.74 -4.69 3.76
CA TYR A 82 -38.46 -3.64 3.05
C TYR A 82 -38.72 -4.05 1.60
N PRO A 83 -39.92 -4.59 1.31
CA PRO A 83 -40.29 -5.03 -0.04
C PRO A 83 -40.02 -3.96 -1.08
N THR A 84 -39.62 -4.39 -2.28
CA THR A 84 -39.33 -3.47 -3.37
C THR A 84 -40.60 -3.00 -4.06
N ALA A 85 -40.74 -1.69 -4.20
CA ALA A 85 -41.92 -1.11 -4.84
C ALA A 85 -41.65 0.33 -5.28
N GLY A 86 -41.74 0.58 -6.57
CA GLY A 86 -41.51 1.91 -7.10
C GLY A 86 -40.19 2.05 -7.81
N ALA A 87 -39.94 1.13 -8.75
CA ALA A 87 -38.69 1.16 -9.51
C ALA A 87 -38.96 0.98 -11.00
N GLN A 88 -37.90 1.10 -11.81
CA GLN A 88 -38.03 0.96 -13.24
C GLN A 88 -38.18 -0.51 -13.64
N GLU A 89 -37.38 -1.37 -13.02
CA GLU A 89 -37.43 -2.80 -13.30
C GLU A 89 -36.47 -3.57 -12.40
N THR A 90 -36.99 -4.07 -11.29
CA THR A 90 -36.17 -4.82 -10.33
C THR A 90 -36.58 -6.30 -10.33
N GLU A 91 -37.88 -6.55 -10.40
CA GLU A 91 -38.39 -7.91 -10.41
C GLU A 91 -37.82 -8.71 -11.59
N ALA A 92 -37.47 -8.01 -12.66
CA ALA A 92 -36.92 -8.64 -13.85
C ALA A 92 -35.64 -9.42 -13.51
N LEU A 93 -34.61 -8.69 -13.10
CA LEU A 93 -33.33 -9.31 -12.75
C LEU A 93 -32.47 -8.35 -11.93
N VAL A 94 -32.04 -7.26 -12.55
CA VAL A 94 -31.20 -6.28 -11.89
C VAL A 94 -31.97 -4.98 -11.62
N PRO A 95 -32.02 -4.52 -10.36
CA PRO A 95 -32.72 -3.28 -10.00
C PRO A 95 -32.25 -2.08 -10.81
N ARG A 96 -30.98 -1.74 -10.66
CA ARG A 96 -30.40 -0.61 -11.37
C ARG A 96 -29.21 -1.05 -12.21
N GLY A 97 -28.76 -0.19 -13.11
CA GLY A 97 -27.63 -0.50 -13.96
C GLY A 97 -26.32 0.04 -13.42
N SER A 98 -26.12 -0.12 -12.12
CA SER A 98 -24.90 0.36 -11.47
C SER A 98 -24.12 -0.78 -10.84
N GLY A 99 -24.70 -1.40 -9.81
CA GLY A 99 -24.06 -2.50 -9.14
C GLY A 99 -24.32 -2.52 -7.65
N PHE A 100 -25.21 -3.41 -7.23
CA PHE A 100 -25.55 -3.52 -5.81
C PHE A 100 -24.55 -4.41 -5.07
N GLY A 101 -23.98 -5.36 -5.79
CA GLY A 101 -23.01 -6.26 -5.19
C GLY A 101 -21.77 -5.54 -4.71
N THR A 102 -20.61 -5.95 -5.22
CA THR A 102 -19.35 -5.34 -4.84
C THR A 102 -18.20 -5.91 -5.66
N SER A 103 -17.59 -5.06 -6.50
CA SER A 103 -16.48 -5.48 -7.34
C SER A 103 -15.56 -4.30 -7.66
N PRO A 104 -14.37 -4.26 -7.06
CA PRO A 104 -13.41 -3.17 -7.30
C PRO A 104 -12.98 -3.08 -8.77
N LEU A 105 -12.13 -4.01 -9.19
CA LEU A 105 -11.64 -4.03 -10.56
C LEU A 105 -11.24 -5.45 -10.97
N THR A 106 -10.74 -5.58 -12.20
CA THR A 106 -10.32 -6.88 -12.71
C THR A 106 -9.15 -7.43 -11.90
N PRO A 107 -9.11 -8.77 -11.70
CA PRO A 107 -8.03 -9.42 -10.94
C PRO A 107 -6.66 -9.19 -11.58
N SER A 108 -6.02 -8.10 -11.18
CA SER A 108 -4.69 -7.76 -11.70
C SER A 108 -4.02 -6.69 -10.86
N ALA A 109 -4.78 -5.65 -10.52
CA ALA A 109 -4.26 -4.57 -9.70
C ALA A 109 -4.30 -4.92 -8.22
N ARG A 110 -5.33 -5.67 -7.82
CA ARG A 110 -5.48 -6.08 -6.42
C ARG A 110 -4.28 -6.93 -5.98
N ILE A 111 -3.93 -7.92 -6.79
CA ILE A 111 -2.81 -8.80 -6.48
C ILE A 111 -1.51 -8.01 -6.43
N SER A 112 -1.30 -7.14 -7.42
CA SER A 112 -0.10 -6.33 -7.50
C SER A 112 -0.03 -5.35 -6.34
N ALA A 113 -1.17 -4.72 -6.03
CA ALA A 113 -1.26 -3.77 -4.94
C ALA A 113 -1.04 -4.45 -3.59
N LEU A 114 -1.53 -5.68 -3.48
CA LEU A 114 -1.39 -6.44 -2.25
C LEU A 114 0.04 -6.95 -2.09
N ASN A 115 0.70 -7.16 -3.23
CA ASN A 115 2.08 -7.65 -3.22
C ASN A 115 3.04 -6.55 -2.80
N ILE A 116 2.88 -5.37 -3.39
CA ILE A 116 3.75 -4.23 -3.06
C ILE A 116 3.58 -3.82 -1.61
N VAL A 117 2.33 -3.69 -1.16
CA VAL A 117 2.04 -3.31 0.22
C VAL A 117 2.64 -4.33 1.18
N GLY A 118 2.44 -5.60 0.87
CA GLY A 118 2.98 -6.66 1.71
C GLY A 118 4.49 -6.67 1.72
N ASP A 119 5.08 -6.43 0.55
CA ASP A 119 6.53 -6.39 0.41
C ASP A 119 7.10 -5.18 1.16
N LEU A 120 6.36 -4.08 1.12
CA LEU A 120 6.78 -2.85 1.80
C LEU A 120 6.92 -3.10 3.30
N LEU A 121 5.89 -3.69 3.90
CA LEU A 121 5.90 -3.98 5.33
C LEU A 121 7.07 -4.93 5.66
N ARG A 122 7.29 -5.91 4.80
CA ARG A 122 8.36 -6.87 5.00
C ARG A 122 9.71 -6.16 5.02
N LYS A 123 9.93 -5.28 4.06
CA LYS A 123 11.17 -4.52 3.98
C LYS A 123 11.38 -3.70 5.25
N VAL A 124 10.30 -3.10 5.73
CA VAL A 124 10.35 -2.29 6.94
C VAL A 124 10.60 -3.17 8.17
N GLY A 125 10.05 -4.38 8.14
CA GLY A 125 10.23 -5.30 9.24
C GLY A 125 11.68 -5.67 9.45
N ALA A 126 12.40 -5.87 8.35
CA ALA A 126 13.81 -6.24 8.42
C ALA A 126 14.66 -5.03 8.80
N LEU A 127 14.27 -3.86 8.29
CA LEU A 127 14.98 -2.62 8.58
C LEU A 127 14.84 -2.24 10.05
N GLU A 128 13.59 -2.25 10.53
CA GLU A 128 13.32 -1.91 11.92
C GLU A 128 13.93 -2.94 12.86
N SER A 129 13.95 -4.20 12.43
CA SER A 129 14.51 -5.28 13.23
C SER A 129 15.98 -5.01 13.52
N LYS A 130 16.74 -4.73 12.46
CA LYS A 130 18.17 -4.45 12.61
C LYS A 130 18.38 -3.13 13.34
N LEU A 131 17.45 -2.20 13.17
CA LEU A 131 17.53 -0.90 13.81
C LEU A 131 17.56 -1.06 15.33
N ALA A 132 16.56 -1.74 15.88
CA ALA A 132 16.48 -1.96 17.32
C ALA A 132 17.65 -2.82 17.80
N ALA A 133 18.06 -3.78 16.99
CA ALA A 133 19.15 -4.66 17.33
C ALA A 133 20.44 -3.87 17.56
N CYS A 134 20.73 -2.94 16.66
CA CYS A 134 21.92 -2.11 16.76
C CYS A 134 21.80 -1.13 17.92
N ARG A 135 20.61 -0.54 18.07
CA ARG A 135 20.37 0.42 19.14
C ARG A 135 20.54 -0.24 20.50
N ASN A 136 19.89 -1.38 20.69
CA ASN A 136 19.97 -2.12 21.95
C ASN A 136 21.40 -2.51 22.25
N PHE A 137 22.13 -2.92 21.22
CA PHE A 137 23.52 -3.34 21.38
C PHE A 137 24.41 -2.13 21.68
N ALA A 138 24.17 -1.03 20.98
CA ALA A 138 24.95 0.19 21.16
C ALA A 138 24.84 0.69 22.60
N LYS A 139 23.61 0.67 23.14
CA LYS A 139 23.38 1.13 24.50
C LYS A 139 23.96 0.14 25.51
N ASP A 140 23.81 -1.15 25.22
CA ASP A 140 24.32 -2.19 26.11
C ASP A 140 25.85 -2.17 26.15
N GLN A 141 26.46 -1.92 24.99
CA GLN A 141 27.91 -1.88 24.89
C GLN A 141 28.47 -0.71 25.70
N ALA A 142 27.71 0.37 25.79
CA ALA A 142 28.13 1.55 26.53
C ALA A 142 28.38 1.21 27.99
N SER A 143 27.59 0.28 28.52
CA SER A 143 27.73 -0.13 29.91
C SER A 143 28.67 -1.34 30.04
N ARG A 144 28.70 -2.15 29.00
CA ARG A 144 29.55 -3.35 28.99
C ARG A 144 29.18 -4.29 30.14
N LYS A 145 29.69 -5.51 30.08
CA LYS A 145 29.41 -6.51 31.10
C LYS A 145 27.91 -6.80 31.17
N GLY A 1 -32.22 7.00 -18.05
CA GLY A 1 -32.79 8.35 -17.76
C GLY A 1 -31.76 9.33 -17.27
N SER A 2 -30.73 8.81 -16.59
CA SER A 2 -29.66 9.64 -16.05
C SER A 2 -28.32 9.28 -16.69
N GLU A 3 -28.13 9.73 -17.93
CA GLU A 3 -26.89 9.46 -18.65
C GLU A 3 -25.82 10.49 -18.31
N PHE A 4 -25.50 10.60 -17.03
CA PHE A 4 -24.50 11.56 -16.56
C PHE A 4 -23.11 11.16 -17.03
N GLY A 5 -22.84 9.85 -17.05
CA GLY A 5 -21.55 9.37 -17.49
C GLY A 5 -20.71 8.82 -16.34
N PRO A 6 -20.95 7.56 -15.94
CA PRO A 6 -20.21 6.94 -14.84
C PRO A 6 -18.70 6.98 -15.08
N TRP A 7 -18.29 6.74 -16.32
CA TRP A 7 -16.88 6.75 -16.67
C TRP A 7 -16.11 5.69 -15.90
N LYS A 8 -15.73 4.62 -16.58
CA LYS A 8 -14.99 3.53 -15.96
C LYS A 8 -14.35 2.62 -17.01
N GLU A 9 -13.98 3.21 -18.14
CA GLU A 9 -13.36 2.47 -19.23
C GLU A 9 -11.84 2.48 -19.09
N ASP A 10 -11.31 3.55 -18.52
CA ASP A 10 -9.86 3.68 -18.34
C ASP A 10 -9.32 2.53 -17.49
N SER A 11 -9.70 2.51 -16.22
CA SER A 11 -9.25 1.47 -15.29
C SER A 11 -7.73 1.45 -15.21
N HIS A 12 -7.10 2.58 -15.51
CA HIS A 12 -5.64 2.69 -15.47
C HIS A 12 -5.20 3.65 -14.38
N ILE A 13 -6.09 4.58 -14.00
CA ILE A 13 -5.78 5.55 -12.97
C ILE A 13 -5.47 4.87 -11.64
N VAL A 14 -6.28 3.88 -11.29
CA VAL A 14 -6.08 3.15 -10.05
C VAL A 14 -4.70 2.50 -10.01
N SER A 15 -4.24 2.02 -11.15
CA SER A 15 -2.94 1.38 -11.25
C SER A 15 -1.82 2.41 -11.21
N ALA A 16 -2.10 3.60 -11.75
CA ALA A 16 -1.12 4.67 -11.77
C ALA A 16 -0.71 5.07 -10.36
N GLU A 17 -1.66 4.98 -9.43
CA GLU A 17 -1.40 5.34 -8.03
C GLU A 17 -0.29 4.46 -7.46
N VAL A 18 -0.22 3.22 -7.92
CA VAL A 18 0.79 2.29 -7.45
C VAL A 18 2.16 2.60 -8.06
N GLY A 19 2.15 3.04 -9.32
CA GLY A 19 3.38 3.37 -10.00
C GLY A 19 4.13 4.50 -9.33
N GLU A 20 3.43 5.61 -9.09
CA GLU A 20 4.03 6.77 -8.44
C GLU A 20 4.36 6.44 -6.98
N LYS A 21 3.41 5.83 -6.28
CA LYS A 21 3.61 5.46 -4.89
C LYS A 21 4.83 4.54 -4.75
N CYS A 22 4.86 3.49 -5.55
CA CYS A 22 5.97 2.54 -5.52
C CYS A 22 7.30 3.27 -5.70
N GLU A 23 7.33 4.21 -6.64
CA GLU A 23 8.54 4.98 -6.90
C GLU A 23 8.96 5.73 -5.65
N ALA A 24 7.98 6.18 -4.88
CA ALA A 24 8.25 6.92 -3.65
C ALA A 24 8.77 5.98 -2.56
N ILE A 25 8.21 4.78 -2.50
CA ILE A 25 8.62 3.79 -1.51
C ILE A 25 10.09 3.42 -1.68
N GLY A 26 10.55 3.38 -2.93
CA GLY A 26 11.93 3.05 -3.21
C GLY A 26 12.88 4.17 -2.89
N VAL A 27 12.59 5.35 -3.43
CA VAL A 27 13.44 6.52 -3.18
C VAL A 27 13.55 6.78 -1.68
N LYS A 28 12.53 6.36 -0.94
CA LYS A 28 12.51 6.55 0.50
C LYS A 28 13.45 5.56 1.18
N LEU A 29 13.27 4.27 0.88
CA LEU A 29 14.10 3.22 1.47
C LEU A 29 15.57 3.46 1.15
N LEU A 30 15.84 3.97 -0.05
CA LEU A 30 17.21 4.24 -0.48
C LEU A 30 17.80 5.40 0.32
N HIS A 31 17.06 6.50 0.40
CA HIS A 31 17.52 7.67 1.14
C HIS A 31 17.69 7.35 2.62
N LEU A 32 16.71 6.66 3.18
CA LEU A 32 16.74 6.29 4.59
C LEU A 32 17.90 5.34 4.87
N GLU A 33 18.16 4.42 3.93
CA GLU A 33 19.24 3.46 4.06
C GLU A 33 20.58 4.17 4.22
N ASP A 34 20.86 5.10 3.31
CA ASP A 34 22.11 5.85 3.36
C ASP A 34 22.22 6.66 4.64
N GLN A 35 21.08 7.17 5.11
CA GLN A 35 21.04 7.97 6.33
C GLN A 35 21.16 7.06 7.56
N LEU A 36 20.64 5.84 7.45
CA LEU A 36 20.68 4.89 8.55
C LEU A 36 22.12 4.48 8.86
N LEU A 37 22.88 4.16 7.81
CA LEU A 37 24.27 3.76 7.97
C LEU A 37 25.08 4.87 8.63
N GLY A 38 25.02 6.07 8.06
CA GLY A 38 25.76 7.18 8.60
C GLY A 38 25.27 7.59 9.98
N ALA A 39 23.96 7.63 10.15
CA ALA A 39 23.36 8.00 11.43
C ALA A 39 23.56 6.91 12.48
N MET A 40 23.88 5.69 12.02
CA MET A 40 24.10 4.57 12.93
C MET A 40 25.16 4.92 13.97
N TYR A 41 26.35 5.27 13.50
CA TYR A 41 27.45 5.63 14.39
C TYR A 41 27.30 7.06 14.90
N SER A 42 26.83 7.94 14.02
CA SER A 42 26.65 9.34 14.38
C SER A 42 25.22 9.60 14.85
N HIS A 43 25.04 9.68 16.16
CA HIS A 43 23.73 9.91 16.74
C HIS A 43 22.74 8.82 16.34
N ASP A 44 22.43 7.94 17.28
CA ASP A 44 21.50 6.85 17.03
C ASP A 44 20.05 7.33 17.11
N GLU A 45 19.82 8.40 17.87
CA GLU A 45 18.48 8.96 18.03
C GLU A 45 17.87 9.30 16.67
N ALA A 46 18.72 9.71 15.74
CA ALA A 46 18.26 10.07 14.40
C ALA A 46 17.58 8.89 13.71
N LEU A 47 18.06 7.68 14.01
CA LEU A 47 17.50 6.47 13.42
C LEU A 47 16.03 6.29 13.84
N PHE A 48 15.74 6.60 15.09
CA PHE A 48 14.38 6.48 15.62
C PHE A 48 13.47 7.52 15.01
N GLN A 49 13.93 8.77 14.98
CA GLN A 49 13.16 9.86 14.43
C GLN A 49 12.88 9.63 12.93
N SER A 50 13.93 9.26 12.20
CA SER A 50 13.80 9.01 10.77
C SER A 50 12.79 7.89 10.50
N LEU A 51 12.91 6.81 11.25
CA LEU A 51 12.01 5.67 11.09
C LEU A 51 10.59 6.04 11.51
N GLN A 52 10.49 6.92 12.50
CA GLN A 52 9.19 7.35 13.00
C GLN A 52 8.38 8.00 11.88
N GLY A 53 8.97 8.98 11.21
CA GLY A 53 8.29 9.65 10.13
C GLY A 53 8.14 8.77 8.90
N GLU A 54 9.09 7.87 8.70
CA GLU A 54 9.06 6.96 7.56
C GLU A 54 8.00 5.88 7.76
N LEU A 55 7.80 5.48 9.00
CA LEU A 55 6.82 4.44 9.33
C LEU A 55 5.41 5.00 9.29
N GLN A 56 5.26 6.26 9.69
CA GLN A 56 3.95 6.91 9.70
C GLN A 56 3.47 7.16 8.27
N THR A 57 4.36 7.71 7.45
CA THR A 57 4.03 7.99 6.05
C THR A 57 3.74 6.71 5.28
N VAL A 58 4.62 5.72 5.41
CA VAL A 58 4.45 4.45 4.73
C VAL A 58 3.14 3.78 5.15
N LYS A 59 2.76 3.96 6.41
CA LYS A 59 1.53 3.39 6.93
C LYS A 59 0.33 4.07 6.28
N GLU A 60 0.45 5.36 6.04
CA GLU A 60 -0.62 6.12 5.41
C GLU A 60 -0.89 5.63 3.99
N THR A 61 0.18 5.35 3.25
CA THR A 61 0.05 4.85 1.89
C THR A 61 -0.45 3.41 1.88
N LEU A 62 -0.09 2.65 2.91
CA LEU A 62 -0.51 1.26 3.03
C LEU A 62 -2.02 1.17 3.25
N GLN A 63 -2.53 2.02 4.13
CA GLN A 63 -3.96 2.03 4.44
C GLN A 63 -4.77 2.60 3.28
N ALA A 64 -4.19 3.57 2.58
CA ALA A 64 -4.86 4.19 1.44
C ALA A 64 -4.98 3.22 0.28
N MET A 65 -3.91 2.47 0.02
CA MET A 65 -3.90 1.50 -1.06
C MET A 65 -4.84 0.34 -0.76
N ILE A 66 -4.68 -0.25 0.42
CA ILE A 66 -5.52 -1.38 0.83
C ILE A 66 -6.99 -0.99 0.82
N LEU A 67 -7.28 0.26 1.17
CA LEU A 67 -8.64 0.76 1.20
C LEU A 67 -9.20 0.91 -0.21
N GLN A 68 -8.36 1.36 -1.13
CA GLN A 68 -8.77 1.55 -2.52
C GLN A 68 -8.92 0.20 -3.23
N LEU A 69 -8.12 -0.77 -2.82
CA LEU A 69 -8.16 -2.10 -3.42
C LEU A 69 -9.33 -2.90 -2.87
N GLN A 70 -9.40 -3.01 -1.54
CA GLN A 70 -10.46 -3.76 -0.89
C GLN A 70 -11.45 -2.81 -0.21
N PRO A 71 -12.58 -2.50 -0.88
CA PRO A 71 -13.60 -1.60 -0.32
C PRO A 71 -14.32 -2.21 0.88
N THR A 72 -15.34 -1.52 1.36
CA THR A 72 -16.12 -1.99 2.51
C THR A 72 -17.58 -2.16 2.14
N LYS A 73 -17.91 -3.27 1.51
CA LYS A 73 -19.29 -3.55 1.10
C LYS A 73 -19.48 -5.04 0.82
N GLU A 74 -20.67 -5.40 0.36
CA GLU A 74 -20.99 -6.79 0.07
C GLU A 74 -21.59 -6.92 -1.34
N ALA A 75 -22.55 -6.05 -1.64
CA ALA A 75 -23.21 -6.06 -2.94
C ALA A 75 -22.55 -5.08 -3.90
N GLY A 76 -22.83 -3.79 -3.70
CA GLY A 76 -22.26 -2.77 -4.55
C GLY A 76 -23.31 -2.04 -5.37
N GLU A 77 -23.07 -1.94 -6.67
CA GLU A 77 -24.01 -1.26 -7.57
C GLU A 77 -25.07 -2.24 -8.10
N ALA A 78 -26.29 -1.75 -8.25
CA ALA A 78 -27.38 -2.58 -8.73
C ALA A 78 -28.17 -1.86 -9.83
N SER A 79 -28.92 -0.84 -9.44
CA SER A 79 -29.72 -0.07 -10.37
C SER A 79 -29.01 1.23 -10.76
N ALA A 80 -28.81 1.42 -12.05
CA ALA A 80 -28.14 2.62 -12.56
C ALA A 80 -28.20 2.69 -14.08
N SER A 81 -27.45 1.81 -14.74
CA SER A 81 -27.42 1.79 -16.19
C SER A 81 -27.98 0.47 -16.73
N TYR A 82 -29.19 0.51 -17.26
CA TYR A 82 -29.83 -0.68 -17.81
C TYR A 82 -29.18 -1.10 -19.12
N PRO A 83 -29.26 -0.24 -20.16
CA PRO A 83 -28.68 -0.54 -21.47
C PRO A 83 -27.16 -0.67 -21.42
N THR A 84 -26.62 -1.57 -22.23
CA THR A 84 -25.18 -1.80 -22.29
C THR A 84 -24.68 -1.88 -23.73
N ALA A 85 -24.18 -0.77 -24.24
CA ALA A 85 -23.67 -0.71 -25.60
C ALA A 85 -22.24 -1.23 -25.69
N GLY A 86 -21.47 -1.00 -24.63
CA GLY A 86 -20.09 -1.45 -24.60
C GLY A 86 -19.97 -2.96 -24.71
N ALA A 87 -19.00 -3.42 -25.50
CA ALA A 87 -18.79 -4.84 -25.69
C ALA A 87 -17.30 -5.20 -25.56
N GLN A 88 -17.02 -6.50 -25.50
CA GLN A 88 -15.64 -6.97 -25.36
C GLN A 88 -15.37 -8.12 -26.33
N GLU A 89 -14.63 -7.84 -27.39
CA GLU A 89 -14.30 -8.85 -28.39
C GLU A 89 -15.57 -9.42 -29.02
N THR A 90 -16.56 -8.58 -29.22
CA THR A 90 -17.83 -9.00 -29.81
C THR A 90 -17.67 -9.24 -31.31
N GLU A 91 -16.84 -8.42 -31.95
CA GLU A 91 -16.59 -8.55 -33.38
C GLU A 91 -15.89 -9.86 -33.70
N ALA A 92 -15.05 -10.32 -32.78
CA ALA A 92 -14.31 -11.55 -32.96
C ALA A 92 -15.22 -12.77 -32.82
N LEU A 93 -14.68 -13.95 -33.06
CA LEU A 93 -15.45 -15.18 -32.95
C LEU A 93 -15.22 -15.86 -31.60
N VAL A 94 -14.02 -15.67 -31.05
CA VAL A 94 -13.67 -16.26 -29.76
C VAL A 94 -14.50 -15.64 -28.64
N PRO A 95 -15.34 -16.45 -27.97
CA PRO A 95 -16.19 -15.96 -26.87
C PRO A 95 -15.39 -15.20 -25.81
N ARG A 96 -15.95 -14.09 -25.34
CA ARG A 96 -15.29 -13.27 -24.33
C ARG A 96 -15.05 -14.08 -23.06
N GLY A 97 -14.48 -13.43 -22.05
CA GLY A 97 -14.20 -14.09 -20.80
C GLY A 97 -15.46 -14.43 -20.02
N SER A 98 -15.64 -13.78 -18.88
CA SER A 98 -16.81 -14.01 -18.04
C SER A 98 -17.88 -12.96 -18.30
N GLY A 99 -19.01 -13.38 -18.86
CA GLY A 99 -20.09 -12.46 -19.15
C GLY A 99 -20.82 -12.00 -17.90
N PHE A 100 -20.84 -12.86 -16.88
CA PHE A 100 -21.51 -12.54 -15.63
C PHE A 100 -20.48 -12.20 -14.55
N GLY A 101 -20.39 -10.91 -14.22
CA GLY A 101 -19.45 -10.48 -13.20
C GLY A 101 -19.57 -9.01 -12.89
N THR A 102 -18.60 -8.47 -12.16
CA THR A 102 -18.60 -7.06 -11.79
C THR A 102 -17.28 -6.65 -11.15
N SER A 103 -16.19 -7.25 -11.63
CA SER A 103 -14.87 -6.95 -11.10
C SER A 103 -14.32 -5.66 -11.70
N PRO A 104 -13.56 -4.88 -10.92
CA PRO A 104 -12.97 -3.62 -11.39
C PRO A 104 -12.18 -3.80 -12.68
N LEU A 105 -11.30 -4.79 -12.71
CA LEU A 105 -10.48 -5.05 -13.88
C LEU A 105 -9.84 -6.43 -13.80
N THR A 106 -9.06 -6.78 -14.82
CA THR A 106 -8.39 -8.07 -14.86
C THR A 106 -7.45 -8.23 -13.67
N PRO A 107 -7.17 -9.49 -13.26
CA PRO A 107 -6.28 -9.77 -12.13
C PRO A 107 -4.83 -9.42 -12.44
N SER A 108 -4.57 -8.14 -12.69
CA SER A 108 -3.21 -7.68 -13.01
C SER A 108 -2.82 -6.53 -12.10
N ALA A 109 -3.75 -5.60 -11.88
CA ALA A 109 -3.49 -4.45 -11.03
C ALA A 109 -3.61 -4.80 -9.56
N ARG A 110 -4.47 -5.77 -9.25
CA ARG A 110 -4.67 -6.20 -7.88
C ARG A 110 -3.42 -6.88 -7.33
N ILE A 111 -2.88 -7.82 -8.08
CA ILE A 111 -1.68 -8.54 -7.66
C ILE A 111 -0.51 -7.59 -7.47
N SER A 112 -0.45 -6.55 -8.30
CA SER A 112 0.63 -5.58 -8.21
C SER A 112 0.54 -4.78 -6.91
N ALA A 113 -0.68 -4.39 -6.54
CA ALA A 113 -0.90 -3.63 -5.32
C ALA A 113 -0.73 -4.51 -4.08
N LEU A 114 -1.17 -5.76 -4.18
CA LEU A 114 -1.07 -6.69 -3.06
C LEU A 114 0.34 -7.25 -2.94
N ASN A 115 1.00 -7.42 -4.08
CA ASN A 115 2.37 -7.95 -4.09
C ASN A 115 3.36 -6.88 -3.61
N ILE A 116 3.11 -5.64 -3.98
CA ILE A 116 3.99 -4.54 -3.58
C ILE A 116 3.81 -4.23 -2.09
N VAL A 117 2.56 -4.17 -1.64
CA VAL A 117 2.27 -3.89 -0.24
C VAL A 117 2.91 -4.96 0.65
N GLY A 118 2.73 -6.22 0.27
CA GLY A 118 3.31 -7.30 1.04
C GLY A 118 4.82 -7.21 1.10
N ASP A 119 5.43 -6.86 -0.03
CA ASP A 119 6.87 -6.71 -0.11
C ASP A 119 7.32 -5.50 0.70
N LEU A 120 6.46 -4.48 0.73
CA LEU A 120 6.75 -3.25 1.47
C LEU A 120 6.89 -3.55 2.96
N LEU A 121 5.83 -4.14 3.53
CA LEU A 121 5.83 -4.48 4.95
C LEU A 121 7.01 -5.39 5.29
N ARG A 122 7.30 -6.33 4.40
CA ARG A 122 8.42 -7.26 4.60
C ARG A 122 9.73 -6.50 4.74
N LYS A 123 9.92 -5.48 3.90
CA LYS A 123 11.13 -4.67 3.94
C LYS A 123 11.20 -3.87 5.23
N VAL A 124 10.04 -3.35 5.65
CA VAL A 124 9.96 -2.56 6.87
C VAL A 124 10.34 -3.40 8.08
N GLY A 125 9.84 -4.62 8.13
CA GLY A 125 10.14 -5.51 9.24
C GLY A 125 11.62 -5.81 9.35
N ALA A 126 12.23 -6.19 8.23
CA ALA A 126 13.65 -6.50 8.20
C ALA A 126 14.48 -5.26 8.54
N LEU A 127 14.03 -4.11 8.07
CA LEU A 127 14.72 -2.85 8.32
C LEU A 127 14.60 -2.47 9.79
N GLU A 128 13.41 -2.63 10.35
CA GLU A 128 13.17 -2.30 11.74
C GLU A 128 14.00 -3.17 12.67
N SER A 129 14.06 -4.47 12.34
CA SER A 129 14.83 -5.41 13.13
C SER A 129 16.32 -5.08 13.08
N LYS A 130 16.79 -4.67 11.91
CA LYS A 130 18.19 -4.30 11.74
C LYS A 130 18.55 -3.12 12.63
N LEU A 131 17.66 -2.14 12.70
CA LEU A 131 17.89 -0.96 13.52
C LEU A 131 17.94 -1.33 15.00
N ALA A 132 16.96 -2.12 15.45
CA ALA A 132 16.88 -2.54 16.83
C ALA A 132 18.09 -3.41 17.20
N ALA A 133 18.54 -4.21 16.24
CA ALA A 133 19.68 -5.09 16.46
C ALA A 133 20.95 -4.28 16.74
N CYS A 134 21.19 -3.27 15.92
CA CYS A 134 22.36 -2.42 16.09
C CYS A 134 22.31 -1.68 17.42
N ARG A 135 21.10 -1.27 17.81
CA ARG A 135 20.91 -0.55 19.07
C ARG A 135 21.33 -1.41 20.24
N ASN A 136 20.81 -2.63 20.31
CA ASN A 136 21.13 -3.55 21.39
C ASN A 136 22.58 -3.99 21.30
N PHE A 137 23.11 -4.05 20.09
CA PHE A 137 24.50 -4.45 19.87
C PHE A 137 25.45 -3.50 20.59
N ALA A 138 25.24 -2.20 20.40
CA ALA A 138 26.08 -1.19 21.03
C ALA A 138 25.68 -0.96 22.48
N LYS A 139 24.38 -1.11 22.75
CA LYS A 139 23.86 -0.91 24.11
C LYS A 139 24.29 -2.06 25.02
N ASP A 140 24.41 -3.25 24.45
CA ASP A 140 24.80 -4.42 25.22
C ASP A 140 26.33 -4.53 25.29
N GLN A 141 26.99 -4.22 24.19
CA GLN A 141 28.44 -4.29 24.12
C GLN A 141 29.07 -3.27 25.08
N ALA A 142 28.38 -2.17 25.30
CA ALA A 142 28.87 -1.13 26.19
C ALA A 142 28.75 -1.55 27.65
N SER A 143 27.52 -1.90 28.07
CA SER A 143 27.27 -2.33 29.43
C SER A 143 27.23 -3.85 29.53
N ARG A 144 27.97 -4.51 28.65
CA ARG A 144 28.03 -5.98 28.64
C ARG A 144 26.63 -6.57 28.48
N LYS A 145 26.53 -7.89 28.58
CA LYS A 145 25.25 -8.58 28.43
C LYS A 145 24.64 -8.87 29.80
N GLY A 1 -11.34 8.49 1.24
CA GLY A 1 -12.33 7.63 0.54
C GLY A 1 -13.39 8.44 -0.19
N SER A 2 -14.11 7.78 -1.09
CA SER A 2 -15.17 8.44 -1.86
C SER A 2 -16.32 7.49 -2.13
N GLU A 3 -16.01 6.32 -2.68
CA GLU A 3 -17.02 5.32 -2.98
C GLU A 3 -18.04 5.87 -3.99
N PHE A 4 -17.58 6.76 -4.85
CA PHE A 4 -18.45 7.36 -5.86
C PHE A 4 -17.64 8.19 -6.86
N GLY A 5 -17.56 7.72 -8.10
CA GLY A 5 -16.83 8.43 -9.12
C GLY A 5 -17.58 8.51 -10.43
N PRO A 6 -18.12 9.71 -10.78
CA PRO A 6 -18.88 9.89 -12.02
C PRO A 6 -18.11 9.39 -13.24
N TRP A 7 -18.31 8.12 -13.58
CA TRP A 7 -17.65 7.52 -14.73
C TRP A 7 -18.33 6.22 -15.13
N LYS A 8 -17.78 5.55 -16.14
CA LYS A 8 -18.33 4.29 -16.62
C LYS A 8 -17.36 3.14 -16.36
N GLU A 9 -16.11 3.33 -16.75
CA GLU A 9 -15.09 2.31 -16.56
C GLU A 9 -13.70 2.89 -16.83
N ASP A 10 -13.17 3.64 -15.86
CA ASP A 10 -11.86 4.24 -15.99
C ASP A 10 -10.79 3.38 -15.32
N SER A 11 -9.79 2.97 -16.08
CA SER A 11 -8.71 2.15 -15.55
C SER A 11 -7.36 2.78 -15.84
N HIS A 12 -6.89 3.63 -14.94
CA HIS A 12 -5.62 4.31 -15.10
C HIS A 12 -5.16 4.94 -13.79
N ILE A 13 -6.10 5.55 -13.08
CA ILE A 13 -5.79 6.20 -11.80
C ILE A 13 -5.24 5.19 -10.80
N VAL A 14 -5.86 4.02 -10.74
CA VAL A 14 -5.44 2.97 -9.82
C VAL A 14 -4.02 2.51 -10.14
N SER A 15 -3.72 2.38 -11.43
CA SER A 15 -2.41 1.94 -11.87
C SER A 15 -1.37 3.04 -11.67
N ALA A 16 -1.80 4.29 -11.77
CA ALA A 16 -0.92 5.44 -11.60
C ALA A 16 -0.61 5.67 -10.12
N GLU A 17 -1.61 5.45 -9.28
CA GLU A 17 -1.44 5.64 -7.83
C GLU A 17 -0.32 4.76 -7.29
N VAL A 18 -0.31 3.50 -7.71
CA VAL A 18 0.70 2.55 -7.27
C VAL A 18 2.04 2.85 -7.91
N GLY A 19 2.00 3.42 -9.11
CA GLY A 19 3.23 3.74 -9.83
C GLY A 19 4.03 4.82 -9.14
N GLU A 20 3.37 5.94 -8.84
CA GLU A 20 4.02 7.06 -8.19
C GLU A 20 4.33 6.74 -6.73
N LYS A 21 3.47 5.95 -6.09
CA LYS A 21 3.65 5.56 -4.71
C LYS A 21 4.85 4.63 -4.55
N CYS A 22 4.91 3.61 -5.39
CA CYS A 22 6.00 2.64 -5.34
C CYS A 22 7.32 3.29 -5.70
N GLU A 23 7.30 4.22 -6.63
CA GLU A 23 8.51 4.92 -7.06
C GLU A 23 9.01 5.86 -5.97
N ALA A 24 8.11 6.70 -5.49
CA ALA A 24 8.46 7.66 -4.43
C ALA A 24 8.79 6.94 -3.13
N ILE A 25 7.93 6.00 -2.73
CA ILE A 25 8.15 5.25 -1.50
C ILE A 25 9.48 4.52 -1.54
N GLY A 26 9.86 4.02 -2.71
CA GLY A 26 11.11 3.31 -2.86
C GLY A 26 12.30 4.21 -2.59
N VAL A 27 12.34 5.35 -3.28
CA VAL A 27 13.42 6.31 -3.09
C VAL A 27 13.49 6.73 -1.62
N LYS A 28 12.35 6.66 -0.94
CA LYS A 28 12.26 7.03 0.45
C LYS A 28 13.00 6.02 1.33
N LEU A 29 12.63 4.75 1.20
CA LEU A 29 13.26 3.69 1.98
C LEU A 29 14.76 3.62 1.70
N LEU A 30 15.14 3.75 0.44
CA LEU A 30 16.54 3.71 0.06
C LEU A 30 17.32 4.83 0.71
N HIS A 31 16.77 6.04 0.68
CA HIS A 31 17.41 7.20 1.27
C HIS A 31 17.53 7.03 2.79
N LEU A 32 16.50 6.46 3.40
CA LEU A 32 16.49 6.25 4.83
C LEU A 32 17.60 5.29 5.25
N GLU A 33 17.73 4.19 4.51
CA GLU A 33 18.76 3.19 4.81
C GLU A 33 20.15 3.80 4.71
N ASP A 34 20.35 4.65 3.70
CA ASP A 34 21.65 5.30 3.51
C ASP A 34 22.01 6.15 4.72
N GLN A 35 21.06 6.95 5.19
CA GLN A 35 21.30 7.81 6.34
C GLN A 35 21.36 7.00 7.63
N LEU A 36 20.55 5.95 7.70
CA LEU A 36 20.51 5.08 8.88
C LEU A 36 21.88 4.47 9.15
N LEU A 37 22.55 4.04 8.08
CA LEU A 37 23.87 3.44 8.20
C LEU A 37 24.86 4.39 8.86
N GLY A 38 25.02 5.56 8.28
CA GLY A 38 25.93 6.55 8.83
C GLY A 38 25.43 7.14 10.14
N ALA A 39 24.14 7.45 10.19
CA ALA A 39 23.54 8.02 11.38
C ALA A 39 23.59 7.05 12.55
N MET A 40 23.71 5.76 12.25
CA MET A 40 23.78 4.73 13.28
C MET A 40 24.91 5.01 14.26
N TYR A 41 26.14 5.07 13.75
CA TYR A 41 27.31 5.35 14.58
C TYR A 41 27.42 6.83 14.92
N SER A 42 26.86 7.67 14.05
CA SER A 42 26.90 9.11 14.27
C SER A 42 26.25 9.50 15.59
N HIS A 43 25.01 9.06 15.80
CA HIS A 43 24.28 9.36 17.02
C HIS A 43 23.21 8.32 17.31
N ASP A 44 22.56 7.82 16.26
CA ASP A 44 21.51 6.82 16.39
C ASP A 44 20.20 7.46 16.86
N GLU A 45 20.12 8.79 16.76
CA GLU A 45 18.93 9.52 17.18
C GLU A 45 18.27 10.18 15.98
N ALA A 46 19.09 10.77 15.12
CA ALA A 46 18.60 11.44 13.92
C ALA A 46 17.81 10.47 13.05
N LEU A 47 18.32 9.25 12.92
CA LEU A 47 17.65 8.23 12.13
C LEU A 47 16.35 7.80 12.80
N PHE A 48 16.33 7.83 14.12
CA PHE A 48 15.15 7.45 14.88
C PHE A 48 13.97 8.35 14.51
N GLN A 49 14.20 9.66 14.54
CA GLN A 49 13.16 10.62 14.21
C GLN A 49 12.71 10.43 12.76
N SER A 50 13.68 10.41 11.84
CA SER A 50 13.38 10.23 10.43
C SER A 50 12.66 8.91 10.20
N LEU A 51 13.03 7.89 10.96
CA LEU A 51 12.42 6.58 10.84
C LEU A 51 10.96 6.63 11.29
N GLN A 52 10.69 7.38 12.36
CA GLN A 52 9.34 7.51 12.86
C GLN A 52 8.42 8.09 11.80
N GLY A 53 8.87 9.16 11.15
CA GLY A 53 8.07 9.77 10.12
C GLY A 53 7.97 8.91 8.87
N GLU A 54 9.00 8.11 8.62
CA GLU A 54 9.01 7.23 7.46
C GLU A 54 8.09 6.03 7.68
N LEU A 55 7.98 5.60 8.93
CA LEU A 55 7.13 4.47 9.27
C LEU A 55 5.66 4.88 9.29
N GLN A 56 5.40 6.12 9.71
CA GLN A 56 4.05 6.64 9.77
C GLN A 56 3.50 6.86 8.36
N THR A 57 4.32 7.48 7.51
CA THR A 57 3.92 7.75 6.13
C THR A 57 3.68 6.46 5.37
N VAL A 58 4.66 5.55 5.41
CA VAL A 58 4.54 4.27 4.72
C VAL A 58 3.31 3.50 5.17
N LYS A 59 3.04 3.55 6.48
CA LYS A 59 1.88 2.86 7.04
C LYS A 59 0.59 3.46 6.48
N GLU A 60 0.57 4.78 6.33
CA GLU A 60 -0.60 5.48 5.81
C GLU A 60 -0.78 5.17 4.32
N THR A 61 0.33 5.08 3.59
CA THR A 61 0.27 4.80 2.16
C THR A 61 -0.15 3.35 1.91
N LEU A 62 0.23 2.47 2.82
CA LEU A 62 -0.11 1.06 2.70
C LEU A 62 -1.56 0.81 3.09
N GLN A 63 -2.05 1.57 4.06
CA GLN A 63 -3.43 1.45 4.52
C GLN A 63 -4.38 1.99 3.46
N ALA A 64 -3.97 3.05 2.78
CA ALA A 64 -4.79 3.66 1.74
C ALA A 64 -4.84 2.77 0.50
N MET A 65 -3.70 2.23 0.12
CA MET A 65 -3.62 1.35 -1.05
C MET A 65 -4.51 0.12 -0.86
N ILE A 66 -4.35 -0.54 0.28
CA ILE A 66 -5.14 -1.73 0.57
C ILE A 66 -6.63 -1.39 0.61
N LEU A 67 -6.96 -0.23 1.16
CA LEU A 67 -8.35 0.21 1.25
C LEU A 67 -8.89 0.58 -0.12
N GLN A 68 -8.01 1.08 -0.98
CA GLN A 68 -8.40 1.48 -2.33
C GLN A 68 -8.65 0.25 -3.22
N LEU A 69 -7.87 -0.81 -2.97
CA LEU A 69 -8.00 -2.04 -3.75
C LEU A 69 -9.31 -2.76 -3.41
N GLN A 70 -9.48 -3.07 -2.13
CA GLN A 70 -10.69 -3.76 -1.66
C GLN A 70 -11.67 -2.77 -1.03
N PRO A 71 -12.66 -2.30 -1.81
CA PRO A 71 -13.65 -1.35 -1.31
C PRO A 71 -14.58 -1.96 -0.27
N THR A 72 -15.06 -3.17 -0.55
CA THR A 72 -15.96 -3.87 0.35
C THR A 72 -15.97 -5.37 0.05
N LYS A 73 -16.49 -5.72 -1.12
CA LYS A 73 -16.57 -7.12 -1.54
C LYS A 73 -17.48 -7.91 -0.61
N GLU A 74 -18.38 -8.70 -1.20
CA GLU A 74 -19.31 -9.50 -0.42
C GLU A 74 -19.64 -10.80 -1.15
N ALA A 75 -20.52 -11.60 -0.55
CA ALA A 75 -20.91 -12.87 -1.14
C ALA A 75 -22.24 -12.76 -1.87
N GLY A 76 -22.32 -13.37 -3.05
CA GLY A 76 -23.54 -13.32 -3.84
C GLY A 76 -23.35 -13.84 -5.25
N GLU A 77 -24.11 -14.87 -5.60
CA GLU A 77 -24.02 -15.46 -6.93
C GLU A 77 -25.21 -15.07 -7.79
N ALA A 78 -24.94 -14.46 -8.93
CA ALA A 78 -25.98 -14.02 -9.85
C ALA A 78 -26.01 -14.89 -11.11
N SER A 79 -26.88 -15.88 -11.12
CA SER A 79 -27.01 -16.79 -12.26
C SER A 79 -28.42 -16.74 -12.83
N ALA A 80 -28.72 -17.69 -13.71
CA ALA A 80 -30.03 -17.77 -14.34
C ALA A 80 -30.33 -16.50 -15.14
N SER A 81 -31.19 -16.64 -16.15
CA SER A 81 -31.56 -15.52 -17.00
C SER A 81 -32.65 -14.68 -16.35
N TYR A 82 -32.86 -13.47 -16.86
CA TYR A 82 -33.87 -12.57 -16.33
C TYR A 82 -33.90 -11.26 -17.12
N PRO A 83 -32.79 -10.50 -17.12
CA PRO A 83 -32.71 -9.22 -17.82
C PRO A 83 -32.88 -9.39 -19.34
N THR A 84 -34.00 -8.90 -19.85
CA THR A 84 -34.28 -9.00 -21.28
C THR A 84 -33.21 -8.28 -22.10
N ALA A 85 -32.25 -9.05 -22.59
CA ALA A 85 -31.17 -8.48 -23.39
C ALA A 85 -31.07 -9.16 -24.76
N GLY A 86 -31.13 -10.49 -24.75
CA GLY A 86 -31.06 -11.25 -25.99
C GLY A 86 -29.76 -12.01 -26.13
N ALA A 87 -29.13 -12.32 -25.00
CA ALA A 87 -27.86 -13.06 -25.00
C ALA A 87 -26.81 -12.31 -25.80
N GLN A 88 -25.55 -12.73 -25.64
CA GLN A 88 -24.44 -12.10 -26.35
C GLN A 88 -23.54 -13.16 -26.99
N GLU A 89 -24.13 -14.02 -27.81
CA GLU A 89 -23.38 -15.07 -28.48
C GLU A 89 -22.73 -16.01 -27.47
N THR A 90 -23.52 -16.92 -26.92
CA THR A 90 -23.02 -17.88 -25.94
C THR A 90 -22.92 -19.27 -26.54
N GLU A 91 -23.81 -19.57 -27.47
CA GLU A 91 -23.82 -20.88 -28.12
C GLU A 91 -22.62 -21.03 -29.06
N ALA A 92 -22.18 -19.91 -29.63
CA ALA A 92 -21.05 -19.92 -30.55
C ALA A 92 -19.82 -19.30 -29.89
N LEU A 93 -19.02 -20.13 -29.24
CA LEU A 93 -17.81 -19.66 -28.58
C LEU A 93 -18.14 -18.64 -27.50
N VAL A 94 -17.22 -18.45 -26.55
CA VAL A 94 -17.42 -17.51 -25.46
C VAL A 94 -18.60 -17.92 -24.59
N PRO A 95 -18.32 -18.66 -23.49
CA PRO A 95 -19.37 -19.12 -22.57
C PRO A 95 -20.29 -17.97 -22.12
N ARG A 96 -21.26 -18.30 -21.28
CA ARG A 96 -22.20 -17.31 -20.78
C ARG A 96 -21.55 -16.46 -19.68
N GLY A 97 -22.03 -15.23 -19.54
CA GLY A 97 -21.50 -14.33 -18.52
C GLY A 97 -22.38 -14.26 -17.29
N SER A 98 -23.04 -13.12 -17.12
CA SER A 98 -23.93 -12.93 -15.98
C SER A 98 -24.94 -11.82 -16.25
N GLY A 99 -25.88 -11.64 -15.32
CA GLY A 99 -26.90 -10.62 -15.50
C GLY A 99 -26.34 -9.21 -15.38
N PHE A 100 -25.64 -8.95 -14.28
CA PHE A 100 -25.05 -7.65 -14.04
C PHE A 100 -23.56 -7.75 -13.75
N GLY A 101 -22.77 -6.89 -14.38
CA GLY A 101 -21.33 -6.91 -14.17
C GLY A 101 -20.68 -5.58 -14.47
N THR A 102 -19.35 -5.55 -14.44
CA THR A 102 -18.60 -4.33 -14.71
C THR A 102 -17.15 -4.63 -15.06
N SER A 103 -16.53 -5.50 -14.26
CA SER A 103 -15.15 -5.88 -14.48
C SER A 103 -14.23 -4.66 -14.38
N PRO A 104 -13.44 -4.54 -13.30
CA PRO A 104 -12.53 -3.41 -13.11
C PRO A 104 -11.32 -3.48 -14.03
N LEU A 105 -10.70 -4.65 -14.10
CA LEU A 105 -9.52 -4.85 -14.94
C LEU A 105 -9.01 -6.27 -14.84
N THR A 106 -7.91 -6.56 -15.54
CA THR A 106 -7.32 -7.89 -15.51
C THR A 106 -6.24 -7.99 -14.44
N PRO A 107 -5.83 -9.22 -14.09
CA PRO A 107 -4.79 -9.45 -13.08
C PRO A 107 -3.47 -8.79 -13.43
N SER A 108 -3.32 -7.52 -13.04
CA SER A 108 -2.10 -6.77 -13.32
C SER A 108 -2.04 -5.51 -12.46
N ALA A 109 -3.16 -4.81 -12.36
CA ALA A 109 -3.22 -3.58 -11.58
C ALA A 109 -3.41 -3.90 -10.09
N ARG A 110 -4.28 -4.85 -9.80
CA ARG A 110 -4.54 -5.25 -8.43
C ARG A 110 -3.42 -6.12 -7.89
N ILE A 111 -2.94 -7.05 -8.70
CA ILE A 111 -1.86 -7.95 -8.30
C ILE A 111 -0.60 -7.16 -7.95
N SER A 112 -0.28 -6.16 -8.77
CA SER A 112 0.90 -5.34 -8.55
C SER A 112 0.78 -4.56 -7.23
N ALA A 113 -0.42 -4.08 -6.95
CA ALA A 113 -0.67 -3.32 -5.72
C ALA A 113 -0.36 -4.16 -4.49
N LEU A 114 -0.94 -5.34 -4.43
CA LEU A 114 -0.73 -6.24 -3.30
C LEU A 114 0.73 -6.71 -3.26
N ASN A 115 1.39 -6.70 -4.41
CA ASN A 115 2.78 -7.12 -4.51
C ASN A 115 3.70 -6.13 -3.79
N ILE A 116 3.49 -4.84 -4.03
CA ILE A 116 4.29 -3.81 -3.41
C ILE A 116 4.01 -3.73 -1.92
N VAL A 117 2.75 -3.93 -1.55
CA VAL A 117 2.35 -3.89 -0.14
C VAL A 117 3.11 -4.94 0.67
N GLY A 118 3.15 -6.16 0.14
CA GLY A 118 3.86 -7.23 0.82
C GLY A 118 5.35 -6.97 0.89
N ASP A 119 5.90 -6.43 -0.20
CA ASP A 119 7.32 -6.12 -0.27
C ASP A 119 7.68 -4.99 0.69
N LEU A 120 6.79 -4.00 0.79
CA LEU A 120 6.99 -2.87 1.67
C LEU A 120 7.08 -3.33 3.12
N LEU A 121 6.06 -4.07 3.56
CA LEU A 121 6.03 -4.59 4.92
C LEU A 121 7.25 -5.44 5.21
N ARG A 122 7.70 -6.18 4.20
CA ARG A 122 8.87 -7.05 4.35
C ARG A 122 10.12 -6.20 4.58
N LYS A 123 10.35 -5.23 3.71
CA LYS A 123 11.51 -4.36 3.83
C LYS A 123 11.48 -3.60 5.15
N VAL A 124 10.30 -3.09 5.50
CA VAL A 124 10.13 -2.35 6.74
C VAL A 124 10.30 -3.26 7.95
N GLY A 125 9.86 -4.52 7.79
CA GLY A 125 10.00 -5.48 8.88
C GLY A 125 11.43 -5.68 9.31
N ALA A 126 12.30 -5.99 8.35
CA ALA A 126 13.71 -6.21 8.63
C ALA A 126 14.35 -4.93 9.16
N LEU A 127 13.96 -3.80 8.60
CA LEU A 127 14.48 -2.50 9.02
C LEU A 127 13.98 -2.14 10.41
N GLU A 128 12.76 -2.56 10.72
CA GLU A 128 12.16 -2.30 12.02
C GLU A 128 12.83 -3.12 13.11
N SER A 129 13.05 -4.40 12.83
CA SER A 129 13.70 -5.30 13.78
C SER A 129 15.10 -4.80 14.12
N LYS A 130 15.84 -4.40 13.10
CA LYS A 130 17.20 -3.90 13.28
C LYS A 130 17.18 -2.63 14.11
N LEU A 131 16.20 -1.76 13.86
CA LEU A 131 16.07 -0.51 14.59
C LEU A 131 15.86 -0.76 16.07
N ALA A 132 14.97 -1.70 16.38
CA ALA A 132 14.67 -2.04 17.77
C ALA A 132 15.93 -2.51 18.49
N ALA A 133 16.69 -3.39 17.85
CA ALA A 133 17.91 -3.92 18.44
C ALA A 133 18.90 -2.80 18.72
N CYS A 134 18.94 -1.81 17.85
CA CYS A 134 19.84 -0.67 18.00
C CYS A 134 19.46 0.16 19.22
N ARG A 135 18.23 0.66 19.23
CA ARG A 135 17.74 1.47 20.33
C ARG A 135 17.75 0.68 21.63
N ASN A 136 17.38 -0.59 21.55
CA ASN A 136 17.35 -1.46 22.72
C ASN A 136 18.75 -1.65 23.28
N PHE A 137 19.73 -1.76 22.40
CA PHE A 137 21.12 -1.95 22.80
C PHE A 137 21.65 -0.70 23.52
N ALA A 138 21.22 0.46 23.06
CA ALA A 138 21.64 1.72 23.66
C ALA A 138 20.87 2.01 24.94
N LYS A 139 19.60 1.63 24.96
CA LYS A 139 18.75 1.85 26.13
C LYS A 139 19.23 1.01 27.31
N ASP A 140 19.67 -0.22 27.02
CA ASP A 140 20.15 -1.12 28.06
C ASP A 140 21.40 -0.56 28.73
N GLN A 141 22.20 0.19 27.96
CA GLN A 141 23.42 0.78 28.47
C GLN A 141 23.10 1.90 29.46
N ALA A 142 22.27 2.85 29.04
CA ALA A 142 21.90 3.97 29.89
C ALA A 142 21.20 3.48 31.16
N SER A 143 20.33 2.50 31.02
CA SER A 143 19.60 1.95 32.15
C SER A 143 20.56 1.36 33.18
N ARG A 144 21.70 0.86 32.70
CA ARG A 144 22.70 0.27 33.58
C ARG A 144 23.28 1.33 34.52
N LYS A 145 23.32 1.01 35.81
CA LYS A 145 23.85 1.93 36.81
C LYS A 145 24.24 1.19 38.07
N GLY A 1 -16.03 16.65 -21.67
CA GLY A 1 -16.28 15.24 -21.26
C GLY A 1 -15.58 14.24 -22.15
N SER A 2 -15.64 12.97 -21.76
CA SER A 2 -15.00 11.91 -22.53
C SER A 2 -15.88 10.65 -22.54
N GLU A 3 -16.76 10.56 -23.53
CA GLU A 3 -17.65 9.41 -23.65
C GLU A 3 -17.21 8.49 -24.78
N PHE A 4 -15.91 8.45 -25.04
CA PHE A 4 -15.36 7.61 -26.10
C PHE A 4 -15.85 6.17 -25.97
N GLY A 5 -16.15 5.75 -24.75
CA GLY A 5 -16.63 4.41 -24.52
C GLY A 5 -15.75 3.62 -23.56
N PRO A 6 -14.45 3.43 -23.89
CA PRO A 6 -13.52 2.70 -23.04
C PRO A 6 -13.66 3.04 -21.56
N TRP A 7 -13.45 4.30 -21.22
CA TRP A 7 -13.57 4.75 -19.83
C TRP A 7 -14.77 5.67 -19.65
N LYS A 8 -15.51 5.45 -18.57
CA LYS A 8 -16.69 6.26 -18.28
C LYS A 8 -16.39 7.29 -17.19
N GLU A 9 -16.32 6.82 -15.95
CA GLU A 9 -16.04 7.71 -14.82
C GLU A 9 -14.53 7.82 -14.59
N ASP A 10 -13.85 6.67 -14.58
CA ASP A 10 -12.41 6.65 -14.36
C ASP A 10 -11.87 5.22 -14.43
N SER A 11 -10.68 5.06 -14.99
CA SER A 11 -10.06 3.75 -15.12
C SER A 11 -8.54 3.88 -15.25
N HIS A 12 -7.82 2.91 -14.66
CA HIS A 12 -6.35 2.89 -14.70
C HIS A 12 -5.75 3.78 -13.61
N ILE A 13 -6.55 4.69 -13.07
CA ILE A 13 -6.07 5.59 -12.02
C ILE A 13 -5.61 4.81 -10.80
N VAL A 14 -6.27 3.68 -10.53
CA VAL A 14 -5.92 2.84 -9.40
C VAL A 14 -4.50 2.30 -9.55
N SER A 15 -4.16 1.89 -10.76
CA SER A 15 -2.84 1.35 -11.04
C SER A 15 -1.79 2.46 -11.11
N ALA A 16 -2.19 3.60 -11.66
CA ALA A 16 -1.30 4.74 -11.79
C ALA A 16 -0.81 5.20 -10.42
N GLU A 17 -1.71 5.21 -9.45
CA GLU A 17 -1.36 5.63 -8.09
C GLU A 17 -0.26 4.74 -7.52
N VAL A 18 -0.27 3.46 -7.92
CA VAL A 18 0.74 2.51 -7.44
C VAL A 18 2.10 2.82 -8.03
N GLY A 19 2.11 3.25 -9.28
CA GLY A 19 3.37 3.58 -9.95
C GLY A 19 4.06 4.78 -9.31
N GLU A 20 3.33 5.87 -9.15
CA GLU A 20 3.88 7.07 -8.55
C GLU A 20 4.24 6.83 -7.09
N LYS A 21 3.31 6.23 -6.35
CA LYS A 21 3.53 5.92 -4.95
C LYS A 21 4.73 5.00 -4.78
N CYS A 22 4.75 3.91 -5.55
CA CYS A 22 5.84 2.94 -5.48
C CYS A 22 7.19 3.64 -5.68
N GLU A 23 7.22 4.60 -6.60
CA GLU A 23 8.44 5.35 -6.88
C GLU A 23 8.91 6.09 -5.64
N ALA A 24 7.99 6.79 -4.98
CA ALA A 24 8.31 7.53 -3.78
C ALA A 24 8.66 6.58 -2.63
N ILE A 25 7.99 5.44 -2.59
CA ILE A 25 8.23 4.45 -1.54
C ILE A 25 9.67 3.93 -1.61
N GLY A 26 10.14 3.66 -2.82
CA GLY A 26 11.49 3.15 -2.99
C GLY A 26 12.53 4.18 -2.62
N VAL A 27 12.42 5.37 -3.21
CA VAL A 27 13.36 6.44 -2.92
C VAL A 27 13.38 6.74 -1.42
N LYS A 28 12.26 6.46 -0.77
CA LYS A 28 12.13 6.68 0.66
C LYS A 28 12.94 5.66 1.45
N LEU A 29 12.68 4.39 1.20
CA LEU A 29 13.38 3.31 1.89
C LEU A 29 14.87 3.35 1.56
N LEU A 30 15.20 3.84 0.37
CA LEU A 30 16.58 3.94 -0.06
C LEU A 30 17.33 4.95 0.79
N HIS A 31 16.76 6.14 0.94
CA HIS A 31 17.37 7.19 1.73
C HIS A 31 17.39 6.81 3.21
N LEU A 32 16.39 6.04 3.62
CA LEU A 32 16.29 5.60 5.01
C LEU A 32 17.44 4.65 5.36
N GLU A 33 17.77 3.75 4.44
CA GLU A 33 18.85 2.80 4.66
C GLU A 33 20.20 3.51 4.68
N ASP A 34 20.38 4.45 3.77
CA ASP A 34 21.63 5.20 3.69
C ASP A 34 21.83 6.07 4.92
N GLN A 35 20.72 6.54 5.49
CA GLN A 35 20.76 7.38 6.68
C GLN A 35 20.85 6.54 7.95
N LEU A 36 20.15 5.42 7.96
CA LEU A 36 20.15 4.51 9.10
C LEU A 36 21.57 4.02 9.41
N LEU A 37 22.25 3.57 8.37
CA LEU A 37 23.62 3.06 8.52
C LEU A 37 24.54 4.15 9.07
N GLY A 38 24.43 5.35 8.51
CA GLY A 38 25.26 6.45 8.97
C GLY A 38 24.89 6.94 10.36
N ALA A 39 23.59 7.18 10.56
CA ALA A 39 23.10 7.64 11.86
C ALA A 39 23.42 6.65 12.97
N MET A 40 23.66 5.39 12.59
CA MET A 40 23.98 4.35 13.56
C MET A 40 25.20 4.73 14.39
N TYR A 41 26.33 4.95 13.71
CA TYR A 41 27.56 5.32 14.39
C TYR A 41 27.57 6.81 14.72
N SER A 42 26.90 7.60 13.90
CA SER A 42 26.84 9.05 14.11
C SER A 42 25.93 9.39 15.28
N HIS A 43 24.62 9.33 15.05
CA HIS A 43 23.65 9.64 16.09
C HIS A 43 22.40 8.78 15.94
N ASP A 44 22.17 7.90 16.92
CA ASP A 44 21.02 7.02 16.90
C ASP A 44 19.72 7.81 17.01
N GLU A 45 19.80 9.05 17.49
CA GLU A 45 18.63 9.89 17.64
C GLU A 45 18.13 10.37 16.28
N ALA A 46 19.05 10.57 15.35
CA ALA A 46 18.69 11.03 14.01
C ALA A 46 17.89 9.97 13.26
N LEU A 47 18.40 8.75 13.24
CA LEU A 47 17.73 7.65 12.56
C LEU A 47 16.39 7.34 13.22
N PHE A 48 16.34 7.49 14.55
CA PHE A 48 15.12 7.24 15.29
C PHE A 48 13.99 8.15 14.83
N GLN A 49 14.28 9.45 14.77
CA GLN A 49 13.28 10.43 14.34
C GLN A 49 12.85 10.16 12.90
N SER A 50 13.84 10.03 12.02
CA SER A 50 13.56 9.77 10.61
C SER A 50 12.78 8.47 10.43
N LEU A 51 13.15 7.47 11.21
CA LEU A 51 12.48 6.17 11.15
C LEU A 51 11.02 6.30 11.57
N GLN A 52 10.77 7.12 12.58
CA GLN A 52 9.41 7.34 13.06
C GLN A 52 8.52 7.88 11.95
N GLY A 53 8.93 9.01 11.37
CA GLY A 53 8.16 9.60 10.29
C GLY A 53 8.13 8.72 9.06
N GLU A 54 9.20 7.98 8.84
CA GLU A 54 9.30 7.08 7.69
C GLU A 54 8.27 5.95 7.81
N LEU A 55 8.12 5.42 9.01
CA LEU A 55 7.16 4.34 9.26
C LEU A 55 5.73 4.84 9.07
N GLN A 56 5.44 6.02 9.60
CA GLN A 56 4.11 6.60 9.48
C GLN A 56 3.75 6.88 8.03
N THR A 57 4.77 7.20 7.23
CA THR A 57 4.57 7.48 5.82
C THR A 57 4.15 6.23 5.05
N VAL A 58 4.98 5.19 5.13
CA VAL A 58 4.68 3.94 4.44
C VAL A 58 3.40 3.32 4.98
N LYS A 59 3.19 3.45 6.28
CA LYS A 59 2.00 2.90 6.93
C LYS A 59 0.74 3.55 6.35
N GLU A 60 0.84 4.86 6.11
CA GLU A 60 -0.28 5.62 5.55
C GLU A 60 -0.59 5.16 4.13
N THR A 61 0.45 5.02 3.32
CA THR A 61 0.28 4.59 1.94
C THR A 61 -0.15 3.12 1.87
N LEU A 62 0.23 2.35 2.90
CA LEU A 62 -0.13 0.94 2.97
C LEU A 62 -1.64 0.79 3.12
N GLN A 63 -2.21 1.55 4.05
CA GLN A 63 -3.64 1.50 4.31
C GLN A 63 -4.41 2.03 3.11
N ALA A 64 -3.88 3.07 2.48
CA ALA A 64 -4.53 3.66 1.31
C ALA A 64 -4.54 2.69 0.14
N MET A 65 -3.42 2.00 -0.08
CA MET A 65 -3.31 1.03 -1.16
C MET A 65 -4.35 -0.07 -1.00
N ILE A 66 -4.43 -0.65 0.18
CA ILE A 66 -5.38 -1.72 0.47
C ILE A 66 -6.82 -1.19 0.45
N LEU A 67 -6.97 0.07 0.84
CA LEU A 67 -8.29 0.71 0.87
C LEU A 67 -8.85 0.86 -0.55
N GLN A 68 -7.98 1.26 -1.47
CA GLN A 68 -8.39 1.45 -2.86
C GLN A 68 -8.65 0.10 -3.54
N LEU A 69 -7.80 -0.88 -3.24
CA LEU A 69 -7.93 -2.21 -3.82
C LEU A 69 -9.21 -2.89 -3.33
N GLN A 70 -9.34 -3.01 -2.01
CA GLN A 70 -10.51 -3.65 -1.42
C GLN A 70 -11.69 -2.68 -1.38
N PRO A 71 -12.92 -3.21 -1.41
CA PRO A 71 -14.14 -2.38 -1.38
C PRO A 71 -14.36 -1.73 -0.01
N THR A 72 -14.53 -0.41 -0.02
CA THR A 72 -14.75 0.34 1.22
C THR A 72 -15.83 1.40 1.03
N LYS A 73 -16.86 1.05 0.27
CA LYS A 73 -17.96 1.98 0.02
C LYS A 73 -18.86 2.10 1.24
N GLU A 74 -18.88 3.28 1.84
CA GLU A 74 -19.71 3.52 3.02
C GLU A 74 -20.86 4.47 2.69
N ALA A 75 -21.90 4.43 3.52
CA ALA A 75 -23.06 5.28 3.31
C ALA A 75 -23.72 5.00 1.96
N GLY A 76 -23.63 3.76 1.50
CA GLY A 76 -24.21 3.38 0.23
C GLY A 76 -23.56 4.08 -0.93
N GLU A 77 -24.35 4.81 -1.72
CA GLU A 77 -23.83 5.53 -2.88
C GLU A 77 -24.56 6.86 -3.05
N ALA A 78 -25.88 6.83 -2.97
CA ALA A 78 -26.69 8.03 -3.13
C ALA A 78 -26.49 8.66 -4.50
N SER A 79 -26.41 7.82 -5.53
CA SER A 79 -26.22 8.29 -6.89
C SER A 79 -27.04 7.46 -7.87
N ALA A 80 -28.14 8.02 -8.34
CA ALA A 80 -29.01 7.34 -9.29
C ALA A 80 -29.77 8.34 -10.16
N SER A 81 -29.95 8.00 -11.42
CA SER A 81 -30.66 8.86 -12.37
C SER A 81 -31.64 8.05 -13.20
N TYR A 82 -32.74 8.69 -13.61
CA TYR A 82 -33.75 8.04 -14.41
C TYR A 82 -33.91 8.74 -15.77
N PRO A 83 -33.13 8.31 -16.77
CA PRO A 83 -33.19 8.90 -18.12
C PRO A 83 -34.49 8.59 -18.83
N THR A 84 -35.30 9.63 -19.06
CA THR A 84 -36.58 9.47 -19.72
C THR A 84 -36.42 9.60 -21.24
N ALA A 85 -36.46 8.46 -21.93
CA ALA A 85 -36.32 8.46 -23.38
C ALA A 85 -37.31 7.49 -24.02
N GLY A 86 -37.39 6.29 -23.47
CA GLY A 86 -38.30 5.29 -24.00
C GLY A 86 -38.01 3.89 -23.49
N ALA A 87 -37.94 2.94 -24.41
CA ALA A 87 -37.65 1.56 -24.05
C ALA A 87 -37.01 0.81 -25.21
N GLN A 88 -35.76 0.37 -25.01
CA GLN A 88 -35.03 -0.35 -26.03
C GLN A 88 -35.58 -1.76 -26.20
N GLU A 89 -35.45 -2.57 -25.15
CA GLU A 89 -35.93 -3.95 -25.17
C GLU A 89 -36.30 -4.42 -23.77
N THR A 90 -36.81 -3.50 -22.96
CA THR A 90 -37.21 -3.82 -21.59
C THR A 90 -38.26 -4.93 -21.57
N GLU A 91 -39.08 -4.97 -22.61
CA GLU A 91 -40.12 -5.99 -22.72
C GLU A 91 -39.52 -7.38 -22.88
N ALA A 92 -38.40 -7.45 -23.60
CA ALA A 92 -37.73 -8.72 -23.84
C ALA A 92 -37.13 -9.27 -22.56
N LEU A 93 -36.06 -8.62 -22.08
CA LEU A 93 -35.40 -9.05 -20.86
C LEU A 93 -34.25 -8.11 -20.51
N VAL A 94 -33.33 -7.93 -21.47
CA VAL A 94 -32.18 -7.06 -21.26
C VAL A 94 -32.38 -5.72 -21.98
N PRO A 95 -32.07 -4.59 -21.30
CA PRO A 95 -32.22 -3.26 -21.88
C PRO A 95 -31.18 -2.98 -22.96
N ARG A 96 -29.95 -3.40 -22.71
CA ARG A 96 -28.86 -3.20 -23.65
C ARG A 96 -28.46 -4.52 -24.32
N GLY A 97 -27.73 -5.35 -23.58
CA GLY A 97 -27.30 -6.63 -24.11
C GLY A 97 -25.89 -6.58 -24.68
N SER A 98 -25.51 -5.41 -25.19
CA SER A 98 -24.18 -5.23 -25.77
C SER A 98 -23.09 -5.51 -24.74
N GLY A 99 -23.16 -4.80 -23.62
CA GLY A 99 -22.18 -4.99 -22.56
C GLY A 99 -22.78 -4.83 -21.18
N PHE A 100 -22.05 -5.29 -20.17
CA PHE A 100 -22.51 -5.20 -18.79
C PHE A 100 -21.34 -5.13 -17.82
N GLY A 101 -20.40 -6.06 -17.97
CA GLY A 101 -19.24 -6.08 -17.09
C GLY A 101 -18.05 -5.37 -17.70
N THR A 102 -17.38 -4.53 -16.91
CA THR A 102 -16.22 -3.79 -17.38
C THR A 102 -15.27 -3.48 -16.23
N SER A 103 -14.20 -4.25 -16.13
CA SER A 103 -13.20 -4.07 -15.08
C SER A 103 -11.84 -3.72 -15.67
N PRO A 104 -11.34 -2.50 -15.41
CA PRO A 104 -10.04 -2.06 -15.92
C PRO A 104 -8.88 -2.82 -15.31
N LEU A 105 -9.08 -3.34 -14.10
CA LEU A 105 -8.04 -4.09 -13.41
C LEU A 105 -7.76 -5.40 -14.11
N THR A 106 -6.49 -5.65 -14.42
CA THR A 106 -6.08 -6.87 -15.08
C THR A 106 -5.48 -7.85 -14.08
N PRO A 107 -5.16 -9.08 -14.52
CA PRO A 107 -4.58 -10.11 -13.65
C PRO A 107 -3.16 -9.76 -13.20
N SER A 108 -2.71 -8.55 -13.49
CA SER A 108 -1.36 -8.12 -13.12
C SER A 108 -1.42 -6.91 -12.16
N ALA A 109 -2.45 -6.10 -12.31
CA ALA A 109 -2.61 -4.92 -11.47
C ALA A 109 -2.96 -5.31 -10.03
N ARG A 110 -3.62 -6.46 -9.88
CA ARG A 110 -4.00 -6.93 -8.55
C ARG A 110 -2.82 -7.55 -7.83
N ILE A 111 -2.10 -8.44 -8.50
CA ILE A 111 -0.93 -9.09 -7.91
C ILE A 111 0.16 -8.09 -7.62
N SER A 112 0.35 -7.12 -8.51
CA SER A 112 1.37 -6.10 -8.34
C SER A 112 1.11 -5.26 -7.09
N ALA A 113 -0.16 -4.95 -6.87
CA ALA A 113 -0.56 -4.15 -5.71
C ALA A 113 -0.47 -4.95 -4.42
N LEU A 114 -1.07 -6.14 -4.42
CA LEU A 114 -1.06 -7.00 -3.24
C LEU A 114 0.35 -7.50 -2.94
N ASN A 115 1.11 -7.80 -3.97
CA ASN A 115 2.48 -8.29 -3.81
C ASN A 115 3.38 -7.21 -3.21
N ILE A 116 3.30 -6.00 -3.73
CA ILE A 116 4.11 -4.90 -3.22
C ILE A 116 3.76 -4.59 -1.76
N VAL A 117 2.49 -4.70 -1.42
CA VAL A 117 2.04 -4.44 -0.05
C VAL A 117 2.71 -5.40 0.91
N GLY A 118 2.63 -6.70 0.62
CA GLY A 118 3.24 -7.70 1.48
C GLY A 118 4.75 -7.51 1.56
N ASP A 119 5.35 -7.07 0.46
CA ASP A 119 6.80 -6.85 0.42
C ASP A 119 7.17 -5.56 1.14
N LEU A 120 6.24 -4.60 1.14
CA LEU A 120 6.48 -3.32 1.79
C LEU A 120 6.56 -3.48 3.31
N LEU A 121 5.57 -4.13 3.89
CA LEU A 121 5.53 -4.34 5.34
C LEU A 121 6.59 -5.34 5.77
N ARG A 122 6.78 -6.41 5.01
CA ARG A 122 7.79 -7.41 5.35
C ARG A 122 9.16 -6.75 5.49
N LYS A 123 9.49 -5.88 4.53
CA LYS A 123 10.76 -5.17 4.57
C LYS A 123 10.80 -4.27 5.79
N VAL A 124 9.67 -3.64 6.09
CA VAL A 124 9.56 -2.75 7.25
C VAL A 124 9.73 -3.54 8.54
N GLY A 125 9.22 -4.77 8.55
CA GLY A 125 9.35 -5.62 9.72
C GLY A 125 10.78 -5.92 10.06
N ALA A 126 11.55 -6.36 9.06
CA ALA A 126 12.96 -6.67 9.27
C ALA A 126 13.72 -5.45 9.76
N LEU A 127 13.39 -4.29 9.19
CA LEU A 127 14.04 -3.04 9.57
C LEU A 127 13.61 -2.63 10.98
N GLU A 128 12.35 -2.89 11.31
CA GLU A 128 11.83 -2.55 12.63
C GLU A 128 12.54 -3.35 13.72
N SER A 129 12.63 -4.66 13.52
CA SER A 129 13.31 -5.53 14.48
C SER A 129 14.77 -5.13 14.63
N LYS A 130 15.39 -4.76 13.52
CA LYS A 130 16.79 -4.35 13.52
C LYS A 130 16.97 -3.09 14.36
N LEU A 131 15.97 -2.21 14.32
CA LEU A 131 16.03 -0.97 15.08
C LEU A 131 15.97 -1.24 16.58
N ALA A 132 15.05 -2.12 16.98
CA ALA A 132 14.90 -2.46 18.39
C ALA A 132 16.18 -3.08 18.95
N ALA A 133 16.76 -4.00 18.19
CA ALA A 133 17.99 -4.66 18.60
C ALA A 133 19.13 -3.65 18.75
N CYS A 134 19.15 -2.67 17.85
CA CYS A 134 20.19 -1.64 17.88
C CYS A 134 19.99 -0.73 19.09
N ARG A 135 18.74 -0.48 19.45
CA ARG A 135 18.41 0.37 20.59
C ARG A 135 18.98 -0.22 21.88
N ASN A 136 18.69 -1.50 22.12
CA ASN A 136 19.17 -2.18 23.31
C ASN A 136 20.69 -2.27 23.31
N PHE A 137 21.26 -2.45 22.12
CA PHE A 137 22.71 -2.55 21.99
C PHE A 137 23.37 -1.19 22.21
N ALA A 138 22.69 -0.13 21.80
CA ALA A 138 23.19 1.23 21.96
C ALA A 138 23.09 1.68 23.42
N LYS A 139 21.92 1.44 24.02
CA LYS A 139 21.70 1.83 25.40
C LYS A 139 22.61 1.05 26.34
N ASP A 140 22.83 -0.23 26.02
CA ASP A 140 23.69 -1.08 26.83
C ASP A 140 25.16 -0.75 26.59
N GLN A 141 25.48 -0.33 25.38
CA GLN A 141 26.84 0.02 25.02
C GLN A 141 27.31 1.26 25.79
N ALA A 142 26.36 2.13 26.13
CA ALA A 142 26.67 3.35 26.86
C ALA A 142 27.38 3.05 28.17
N SER A 143 27.08 1.89 28.75
CA SER A 143 27.69 1.48 30.00
C SER A 143 29.13 1.01 29.78
N ARG A 144 29.35 0.32 28.66
CA ARG A 144 30.68 -0.17 28.32
C ARG A 144 31.17 -1.14 29.39
N LYS A 145 30.94 -2.44 29.15
CA LYS A 145 31.37 -3.47 30.10
C LYS A 145 31.43 -4.84 29.42
N GLY A 1 -17.50 16.45 -2.32
CA GLY A 1 -17.96 15.20 -2.99
C GLY A 1 -17.32 14.99 -4.34
N SER A 2 -17.96 15.51 -5.39
CA SER A 2 -17.44 15.37 -6.74
C SER A 2 -17.68 16.64 -7.54
N GLU A 3 -18.91 17.16 -7.49
CA GLU A 3 -19.27 18.37 -8.22
C GLU A 3 -19.32 18.12 -9.72
N PHE A 4 -18.17 17.77 -10.30
CA PHE A 4 -18.08 17.50 -11.72
C PHE A 4 -17.57 16.07 -11.97
N GLY A 5 -16.86 15.87 -13.06
CA GLY A 5 -16.34 14.56 -13.38
C GLY A 5 -15.34 14.58 -14.52
N PRO A 6 -14.05 14.77 -14.22
CA PRO A 6 -13.00 14.83 -15.24
C PRO A 6 -12.56 13.44 -15.72
N TRP A 7 -13.19 12.40 -15.18
CA TRP A 7 -12.86 11.03 -15.55
C TRP A 7 -14.06 10.32 -16.19
N LYS A 8 -13.89 9.05 -16.48
CA LYS A 8 -14.97 8.26 -17.10
C LYS A 8 -14.54 6.80 -17.25
N GLU A 9 -13.29 6.58 -17.63
CA GLU A 9 -12.77 5.22 -17.81
C GLU A 9 -12.69 4.50 -16.47
N ASP A 10 -11.99 5.10 -15.52
CA ASP A 10 -11.83 4.52 -14.19
C ASP A 10 -11.09 3.17 -14.28
N SER A 11 -9.77 3.25 -14.36
CA SER A 11 -8.95 2.04 -14.45
C SER A 11 -7.47 2.40 -14.43
N HIS A 12 -7.10 3.46 -15.15
CA HIS A 12 -5.72 3.91 -15.21
C HIS A 12 -5.38 4.82 -14.04
N ILE A 13 -6.39 5.56 -13.57
CA ILE A 13 -6.19 6.47 -12.45
C ILE A 13 -5.75 5.71 -11.19
N VAL A 14 -6.41 4.60 -10.92
CA VAL A 14 -6.09 3.78 -9.75
C VAL A 14 -4.70 3.18 -9.88
N SER A 15 -4.35 2.75 -11.10
CA SER A 15 -3.05 2.15 -11.35
C SER A 15 -1.93 3.19 -11.22
N ALA A 16 -2.26 4.44 -11.55
CA ALA A 16 -1.29 5.52 -11.46
C ALA A 16 -0.85 5.75 -10.02
N GLU A 17 -1.80 5.63 -9.09
CA GLU A 17 -1.51 5.83 -7.67
C GLU A 17 -0.48 4.81 -7.19
N VAL A 18 -0.57 3.58 -7.71
CA VAL A 18 0.35 2.53 -7.33
C VAL A 18 1.72 2.75 -7.96
N GLY A 19 1.74 3.28 -9.18
CA GLY A 19 2.98 3.53 -9.86
C GLY A 19 3.82 4.59 -9.17
N GLU A 20 3.21 5.74 -8.91
CA GLU A 20 3.90 6.84 -8.24
C GLU A 20 4.30 6.43 -6.83
N LYS A 21 3.39 5.74 -6.14
CA LYS A 21 3.65 5.29 -4.78
C LYS A 21 4.88 4.39 -4.74
N CYS A 22 4.90 3.38 -5.61
CA CYS A 22 6.02 2.46 -5.69
C CYS A 22 7.34 3.21 -5.86
N GLU A 23 7.36 4.17 -6.78
CA GLU A 23 8.54 4.98 -7.03
C GLU A 23 9.02 5.63 -5.75
N ALA A 24 8.07 6.09 -4.94
CA ALA A 24 8.39 6.74 -3.68
C ALA A 24 9.00 5.74 -2.69
N ILE A 25 8.50 4.51 -2.72
CA ILE A 25 9.00 3.46 -1.85
C ILE A 25 10.49 3.22 -2.07
N GLY A 26 10.88 3.06 -3.33
CA GLY A 26 12.28 2.82 -3.65
C GLY A 26 13.17 3.98 -3.24
N VAL A 27 12.81 5.18 -3.68
CA VAL A 27 13.59 6.36 -3.33
C VAL A 27 13.66 6.51 -1.81
N LYS A 28 12.66 5.99 -1.13
CA LYS A 28 12.60 6.06 0.32
C LYS A 28 13.56 5.07 0.95
N LEU A 29 13.45 3.80 0.55
CA LEU A 29 14.32 2.76 1.09
C LEU A 29 15.78 3.08 0.82
N LEU A 30 16.04 3.79 -0.27
CA LEU A 30 17.40 4.17 -0.63
C LEU A 30 17.92 5.26 0.32
N HIS A 31 17.13 6.30 0.49
CA HIS A 31 17.50 7.40 1.37
C HIS A 31 17.50 6.95 2.83
N LEU A 32 16.64 5.99 3.15
CA LEU A 32 16.54 5.47 4.50
C LEU A 32 17.77 4.65 4.86
N GLU A 33 18.17 3.75 3.96
CA GLU A 33 19.34 2.91 4.19
C GLU A 33 20.59 3.76 4.37
N ASP A 34 20.81 4.69 3.45
CA ASP A 34 21.98 5.56 3.51
C ASP A 34 21.98 6.41 4.78
N GLN A 35 20.78 6.81 5.20
CA GLN A 35 20.64 7.63 6.40
C GLN A 35 20.68 6.77 7.66
N LEU A 36 20.27 5.51 7.53
CA LEU A 36 20.25 4.58 8.65
C LEU A 36 21.67 4.31 9.15
N LEU A 37 22.55 3.97 8.22
CA LEU A 37 23.94 3.67 8.56
C LEU A 37 24.65 4.92 9.09
N GLY A 38 24.38 6.05 8.46
CA GLY A 38 25.01 7.29 8.88
C GLY A 38 24.49 7.78 10.21
N ALA A 39 23.16 7.86 10.34
CA ALA A 39 22.53 8.31 11.57
C ALA A 39 22.84 7.38 12.73
N MET A 40 23.29 6.16 12.42
CA MET A 40 23.61 5.19 13.45
C MET A 40 24.68 5.73 14.39
N TYR A 41 25.84 6.08 13.84
CA TYR A 41 26.94 6.62 14.63
C TYR A 41 26.69 8.08 14.98
N SER A 42 26.37 8.88 13.95
CA SER A 42 26.12 10.30 14.15
C SER A 42 24.78 10.52 14.83
N HIS A 43 24.78 10.48 16.16
CA HIS A 43 23.56 10.68 16.93
C HIS A 43 22.53 9.61 16.61
N ASP A 44 22.23 8.76 17.59
CA ASP A 44 21.25 7.68 17.40
C ASP A 44 19.84 8.24 17.38
N GLU A 45 19.63 9.38 18.02
CA GLU A 45 18.32 10.00 18.08
C GLU A 45 17.75 10.21 16.68
N ALA A 46 18.59 10.67 15.76
CA ALA A 46 18.17 10.90 14.38
C ALA A 46 17.68 9.60 13.74
N LEU A 47 18.27 8.49 14.14
CA LEU A 47 17.88 7.19 13.60
C LEU A 47 16.43 6.87 13.93
N PHE A 48 16.07 7.04 15.20
CA PHE A 48 14.70 6.77 15.65
C PHE A 48 13.71 7.71 14.95
N GLN A 49 14.06 8.99 14.90
CA GLN A 49 13.21 9.99 14.26
C GLN A 49 12.98 9.66 12.80
N SER A 50 14.06 9.31 12.10
CA SER A 50 13.98 8.96 10.69
C SER A 50 13.02 7.79 10.47
N LEU A 51 13.20 6.73 11.25
CA LEU A 51 12.34 5.56 11.14
C LEU A 51 10.91 5.89 11.54
N GLN A 52 10.76 6.84 12.46
CA GLN A 52 9.46 7.26 12.93
C GLN A 52 8.59 7.76 11.76
N GLY A 53 9.11 8.75 11.05
CA GLY A 53 8.39 9.30 9.91
C GLY A 53 8.34 8.35 8.74
N GLU A 54 9.42 7.56 8.58
CA GLU A 54 9.51 6.60 7.49
C GLU A 54 8.41 5.55 7.62
N LEU A 55 8.23 5.03 8.83
CA LEU A 55 7.21 4.02 9.10
C LEU A 55 5.82 4.63 9.06
N GLN A 56 5.71 5.87 9.52
CA GLN A 56 4.43 6.56 9.54
C GLN A 56 3.90 6.79 8.13
N THR A 57 4.77 7.28 7.25
CA THR A 57 4.39 7.56 5.86
C THR A 57 4.16 6.26 5.10
N VAL A 58 4.93 5.23 5.43
CA VAL A 58 4.79 3.95 4.76
C VAL A 58 3.51 3.24 5.19
N LYS A 59 3.13 3.43 6.45
CA LYS A 59 1.93 2.82 6.98
C LYS A 59 0.70 3.51 6.40
N GLU A 60 0.82 4.82 6.17
CA GLU A 60 -0.27 5.60 5.60
C GLU A 60 -0.55 5.19 4.17
N THR A 61 0.52 4.99 3.39
CA THR A 61 0.38 4.59 2.00
C THR A 61 -0.15 3.16 1.88
N LEU A 62 0.27 2.30 2.81
CA LEU A 62 -0.18 0.90 2.80
C LEU A 62 -1.68 0.84 3.06
N GLN A 63 -2.12 1.49 4.15
CA GLN A 63 -3.53 1.49 4.52
C GLN A 63 -4.37 2.09 3.39
N ALA A 64 -3.93 3.22 2.87
CA ALA A 64 -4.65 3.89 1.78
C ALA A 64 -4.74 2.99 0.56
N MET A 65 -3.72 2.16 0.36
CA MET A 65 -3.68 1.24 -0.77
C MET A 65 -4.76 0.17 -0.62
N ILE A 66 -4.82 -0.45 0.56
CA ILE A 66 -5.81 -1.48 0.84
C ILE A 66 -7.22 -0.92 0.79
N LEU A 67 -7.38 0.30 1.31
CA LEU A 67 -8.68 0.95 1.33
C LEU A 67 -9.19 1.21 -0.10
N GLN A 68 -8.29 1.72 -0.94
CA GLN A 68 -8.64 2.01 -2.33
C GLN A 68 -8.83 0.71 -3.11
N LEU A 69 -8.08 -0.33 -2.73
CA LEU A 69 -8.17 -1.62 -3.39
C LEU A 69 -9.58 -2.20 -3.24
N GLN A 70 -10.11 -2.15 -2.02
CA GLN A 70 -11.44 -2.67 -1.74
C GLN A 70 -12.49 -1.59 -1.93
N PRO A 71 -13.60 -1.91 -2.64
CA PRO A 71 -14.68 -0.96 -2.88
C PRO A 71 -15.47 -0.63 -1.60
N THR A 72 -15.79 -1.67 -0.84
CA THR A 72 -16.54 -1.50 0.40
C THR A 72 -16.71 -2.83 1.12
N LYS A 73 -15.96 -3.00 2.20
CA LYS A 73 -16.04 -4.23 2.99
C LYS A 73 -17.36 -4.34 3.73
N GLU A 74 -17.72 -3.26 4.43
CA GLU A 74 -18.96 -3.23 5.20
C GLU A 74 -19.65 -1.88 5.05
N ALA A 75 -20.97 -1.88 5.12
CA ALA A 75 -21.75 -0.65 5.01
C ALA A 75 -23.15 -0.83 5.57
N GLY A 76 -23.95 -1.68 4.92
CA GLY A 76 -25.30 -1.92 5.38
C GLY A 76 -26.07 -2.84 4.44
N GLU A 77 -27.16 -2.34 3.88
CA GLU A 77 -27.98 -3.12 2.97
C GLU A 77 -28.53 -4.36 3.66
N ALA A 78 -29.80 -4.30 4.05
CA ALA A 78 -30.45 -5.42 4.72
C ALA A 78 -31.43 -6.12 3.80
N SER A 79 -32.39 -5.37 3.27
CA SER A 79 -33.40 -5.93 2.36
C SER A 79 -33.36 -5.21 1.01
N ALA A 80 -33.91 -5.87 -0.01
CA ALA A 80 -33.95 -5.30 -1.35
C ALA A 80 -35.37 -5.03 -1.79
N SER A 81 -35.73 -3.75 -1.88
CA SER A 81 -37.07 -3.36 -2.29
C SER A 81 -37.02 -2.43 -3.51
N TYR A 82 -36.11 -1.48 -3.48
CA TYR A 82 -35.95 -0.53 -4.57
C TYR A 82 -35.15 -1.15 -5.72
N PRO A 83 -35.81 -1.42 -6.86
CA PRO A 83 -35.14 -2.00 -8.04
C PRO A 83 -34.23 -1.01 -8.75
N THR A 84 -32.96 -1.36 -8.87
CA THR A 84 -31.98 -0.49 -9.52
C THR A 84 -31.89 -0.81 -11.01
N ALA A 85 -31.83 -2.10 -11.33
CA ALA A 85 -31.74 -2.54 -12.72
C ALA A 85 -30.51 -1.96 -13.40
N GLY A 86 -29.42 -2.72 -13.38
CA GLY A 86 -28.18 -2.27 -14.00
C GLY A 86 -27.40 -3.40 -14.63
N ALA A 87 -26.18 -3.09 -15.08
CA ALA A 87 -25.32 -4.08 -15.71
C ALA A 87 -23.86 -3.64 -15.68
N GLN A 88 -23.60 -2.46 -16.22
CA GLN A 88 -22.25 -1.91 -16.26
C GLN A 88 -22.28 -0.41 -16.55
N GLU A 89 -22.61 -0.06 -17.79
CA GLU A 89 -22.67 1.34 -18.20
C GLU A 89 -23.92 1.61 -19.02
N THR A 90 -24.96 0.80 -18.80
CA THR A 90 -26.22 0.96 -19.52
C THR A 90 -27.01 2.14 -18.98
N GLU A 91 -27.13 2.21 -17.65
CA GLU A 91 -27.86 3.29 -17.01
C GLU A 91 -27.25 4.65 -17.36
N ALA A 92 -25.95 4.66 -17.63
CA ALA A 92 -25.25 5.89 -17.99
C ALA A 92 -25.72 6.41 -19.34
N LEU A 93 -25.47 5.62 -20.38
CA LEU A 93 -25.86 6.01 -21.74
C LEU A 93 -25.63 4.86 -22.72
N VAL A 94 -24.40 4.36 -22.74
CA VAL A 94 -24.03 3.26 -23.64
C VAL A 94 -24.48 1.91 -23.07
N PRO A 95 -25.49 1.26 -23.69
CA PRO A 95 -25.99 -0.03 -23.23
C PRO A 95 -25.03 -1.17 -23.54
N ARG A 96 -25.10 -2.23 -22.74
CA ARG A 96 -24.23 -3.39 -22.93
C ARG A 96 -24.89 -4.66 -22.40
N GLY A 97 -24.55 -5.79 -23.00
CA GLY A 97 -25.12 -7.06 -22.58
C GLY A 97 -24.15 -7.88 -21.76
N SER A 98 -24.66 -8.96 -21.16
CA SER A 98 -23.83 -9.83 -20.34
C SER A 98 -23.21 -9.07 -19.18
N GLY A 99 -23.71 -9.31 -17.97
CA GLY A 99 -23.20 -8.64 -16.79
C GLY A 99 -22.67 -9.61 -15.76
N PHE A 100 -23.42 -10.69 -15.52
CA PHE A 100 -23.02 -11.71 -14.55
C PHE A 100 -23.03 -11.13 -13.14
N GLY A 101 -21.98 -10.36 -12.81
CA GLY A 101 -21.90 -9.76 -11.49
C GLY A 101 -21.30 -8.37 -11.52
N THR A 102 -19.97 -8.30 -11.41
CA THR A 102 -19.27 -7.01 -11.43
C THR A 102 -17.77 -7.22 -11.53
N SER A 103 -17.18 -6.65 -12.58
CA SER A 103 -15.74 -6.77 -12.80
C SER A 103 -15.06 -5.39 -12.79
N PRO A 104 -14.31 -5.07 -11.71
CA PRO A 104 -13.62 -3.79 -11.60
C PRO A 104 -12.72 -3.50 -12.79
N LEU A 105 -11.79 -4.41 -13.05
CA LEU A 105 -10.86 -4.27 -14.17
C LEU A 105 -10.16 -5.58 -14.47
N THR A 106 -9.24 -5.55 -15.43
CA THR A 106 -8.49 -6.76 -15.81
C THR A 106 -7.51 -7.16 -14.72
N PRO A 107 -7.10 -8.43 -14.70
CA PRO A 107 -6.16 -8.96 -13.71
C PRO A 107 -4.77 -8.33 -13.84
N SER A 108 -4.54 -7.24 -13.12
CA SER A 108 -3.26 -6.55 -13.16
C SER A 108 -3.13 -5.59 -11.98
N ALA A 109 -4.19 -4.86 -11.69
CA ALA A 109 -4.19 -3.91 -10.59
C ALA A 109 -4.28 -4.62 -9.25
N ARG A 110 -5.13 -5.64 -9.18
CA ARG A 110 -5.30 -6.40 -7.95
C ARG A 110 -4.01 -7.11 -7.56
N ILE A 111 -3.41 -7.81 -8.52
CA ILE A 111 -2.17 -8.53 -8.29
C ILE A 111 -1.01 -7.57 -8.02
N SER A 112 -0.94 -6.51 -8.81
CA SER A 112 0.11 -5.51 -8.65
C SER A 112 0.08 -4.89 -7.26
N ALA A 113 -1.10 -4.42 -6.85
CA ALA A 113 -1.26 -3.80 -5.54
C ALA A 113 -0.84 -4.75 -4.43
N LEU A 114 -1.44 -5.93 -4.40
CA LEU A 114 -1.11 -6.94 -3.39
C LEU A 114 0.37 -7.26 -3.41
N ASN A 115 0.98 -7.17 -4.59
CA ASN A 115 2.40 -7.46 -4.73
C ASN A 115 3.24 -6.35 -4.09
N ILE A 116 2.71 -5.13 -4.10
CA ILE A 116 3.41 -4.00 -3.51
C ILE A 116 3.38 -4.06 -1.99
N VAL A 117 2.19 -4.28 -1.43
CA VAL A 117 2.03 -4.36 0.01
C VAL A 117 2.87 -5.49 0.60
N GLY A 118 2.89 -6.64 -0.08
CA GLY A 118 3.66 -7.76 0.39
C GLY A 118 5.15 -7.50 0.34
N ASP A 119 5.62 -6.98 -0.78
CA ASP A 119 7.03 -6.68 -0.95
C ASP A 119 7.46 -5.53 -0.06
N LEU A 120 6.55 -4.57 0.13
CA LEU A 120 6.84 -3.40 0.97
C LEU A 120 6.97 -3.81 2.43
N LEU A 121 5.97 -4.53 2.94
CA LEU A 121 5.98 -4.99 4.32
C LEU A 121 7.24 -5.80 4.62
N ARG A 122 7.61 -6.68 3.69
CA ARG A 122 8.79 -7.51 3.85
C ARG A 122 10.04 -6.66 3.99
N LYS A 123 10.23 -5.73 3.05
CA LYS A 123 11.39 -4.84 3.07
C LYS A 123 11.41 -4.04 4.36
N VAL A 124 10.24 -3.58 4.80
CA VAL A 124 10.13 -2.80 6.03
C VAL A 124 10.46 -3.66 7.24
N GLY A 125 10.06 -4.93 7.19
CA GLY A 125 10.32 -5.84 8.29
C GLY A 125 11.80 -6.02 8.53
N ALA A 126 12.58 -6.17 7.47
CA ALA A 126 14.02 -6.34 7.57
C ALA A 126 14.68 -5.03 7.98
N LEU A 127 14.14 -3.92 7.50
CA LEU A 127 14.69 -2.60 7.82
C LEU A 127 14.46 -2.26 9.28
N GLU A 128 13.22 -2.42 9.74
CA GLU A 128 12.88 -2.12 11.12
C GLU A 128 13.61 -3.08 12.07
N SER A 129 13.84 -4.30 11.59
CA SER A 129 14.54 -5.31 12.39
C SER A 129 16.00 -4.93 12.54
N LYS A 130 16.57 -4.33 11.50
CA LYS A 130 17.96 -3.91 11.53
C LYS A 130 18.17 -2.78 12.52
N LEU A 131 17.22 -1.84 12.53
CA LEU A 131 17.30 -0.70 13.44
C LEU A 131 17.28 -1.17 14.88
N ALA A 132 16.31 -2.01 15.22
CA ALA A 132 16.18 -2.53 16.57
C ALA A 132 17.38 -3.40 16.93
N ALA A 133 17.95 -4.07 15.93
CA ALA A 133 19.11 -4.93 16.13
C ALA A 133 20.35 -4.09 16.44
N CYS A 134 20.68 -3.17 15.55
CA CYS A 134 21.85 -2.31 15.72
C CYS A 134 21.73 -1.49 17.00
N ARG A 135 20.51 -1.04 17.29
CA ARG A 135 20.26 -0.25 18.50
C ARG A 135 20.62 -1.03 19.75
N ASN A 136 20.11 -2.27 19.84
CA ASN A 136 20.39 -3.12 20.98
C ASN A 136 21.87 -3.48 21.04
N PHE A 137 22.49 -3.60 19.87
CA PHE A 137 23.91 -3.93 19.78
C PHE A 137 24.76 -2.84 20.44
N ALA A 138 24.44 -1.58 20.13
CA ALA A 138 25.17 -0.45 20.68
C ALA A 138 24.99 -0.37 22.19
N LYS A 139 23.75 -0.59 22.64
CA LYS A 139 23.45 -0.55 24.07
C LYS A 139 24.19 -1.65 24.82
N ASP A 140 24.30 -2.81 24.20
CA ASP A 140 24.99 -3.95 24.81
C ASP A 140 26.48 -3.66 24.94
N GLN A 141 27.01 -2.92 23.98
CA GLN A 141 28.44 -2.56 24.00
C GLN A 141 28.79 -1.78 25.26
N ALA A 142 27.82 -1.03 25.77
CA ALA A 142 28.03 -0.23 26.97
C ALA A 142 28.49 -1.09 28.14
N SER A 143 28.05 -2.35 28.16
CA SER A 143 28.43 -3.28 29.21
C SER A 143 29.89 -3.69 29.08
N ARG A 144 30.31 -3.96 27.85
CA ARG A 144 31.69 -4.36 27.58
C ARG A 144 31.99 -5.72 28.21
N LYS A 145 32.22 -5.72 29.52
CA LYS A 145 32.52 -6.95 30.25
C LYS A 145 32.12 -6.83 31.71
N GLY A 1 -11.39 22.08 4.19
CA GLY A 1 -12.67 22.52 3.58
C GLY A 1 -12.95 21.85 2.24
N SER A 2 -13.33 20.58 2.30
CA SER A 2 -13.63 19.82 1.09
C SER A 2 -15.13 19.75 0.84
N GLU A 3 -15.86 19.19 1.80
CA GLU A 3 -17.31 19.06 1.68
C GLU A 3 -17.68 18.03 0.61
N PHE A 4 -17.33 18.34 -0.63
CA PHE A 4 -17.62 17.45 -1.75
C PHE A 4 -17.11 16.04 -1.48
N GLY A 5 -15.98 15.96 -0.77
CA GLY A 5 -15.39 14.67 -0.45
C GLY A 5 -14.95 13.91 -1.69
N PRO A 6 -13.77 13.27 -1.66
CA PRO A 6 -13.24 12.51 -2.79
C PRO A 6 -13.91 11.14 -2.92
N TRP A 7 -15.24 11.14 -3.04
CA TRP A 7 -15.99 9.90 -3.18
C TRP A 7 -16.45 9.69 -4.62
N LYS A 8 -15.86 8.70 -5.29
CA LYS A 8 -16.20 8.39 -6.67
C LYS A 8 -15.94 9.60 -7.57
N GLU A 9 -14.66 9.87 -7.82
CA GLU A 9 -14.27 10.99 -8.68
C GLU A 9 -13.77 10.50 -10.03
N ASP A 10 -13.10 9.36 -10.02
CA ASP A 10 -12.57 8.78 -11.26
C ASP A 10 -12.68 7.26 -11.24
N SER A 11 -12.29 6.64 -12.35
CA SER A 11 -12.34 5.18 -12.46
C SER A 11 -11.28 4.67 -13.42
N HIS A 12 -10.75 3.47 -13.14
CA HIS A 12 -9.72 2.86 -13.96
C HIS A 12 -8.32 3.36 -13.59
N ILE A 13 -8.22 4.64 -13.23
CA ILE A 13 -6.93 5.21 -12.84
C ILE A 13 -6.47 4.67 -11.50
N VAL A 14 -6.17 3.37 -11.48
CA VAL A 14 -5.70 2.72 -10.27
C VAL A 14 -4.25 2.28 -10.40
N SER A 15 -3.86 1.94 -11.62
CA SER A 15 -2.49 1.50 -11.89
C SER A 15 -1.51 2.64 -11.69
N ALA A 16 -1.96 3.86 -11.97
CA ALA A 16 -1.12 5.04 -11.82
C ALA A 16 -0.80 5.29 -10.35
N GLU A 17 -1.79 5.11 -9.49
CA GLU A 17 -1.61 5.32 -8.06
C GLU A 17 -0.53 4.40 -7.52
N VAL A 18 -0.57 3.13 -7.93
CA VAL A 18 0.42 2.16 -7.48
C VAL A 18 1.79 2.46 -8.06
N GLY A 19 1.81 3.04 -9.26
CA GLY A 19 3.07 3.37 -9.91
C GLY A 19 3.80 4.49 -9.20
N GLU A 20 3.09 5.60 -8.97
CA GLU A 20 3.68 6.75 -8.29
C GLU A 20 3.98 6.40 -6.83
N LYS A 21 3.01 5.80 -6.17
CA LYS A 21 3.17 5.42 -4.77
C LYS A 21 4.37 4.50 -4.60
N CYS A 22 4.43 3.44 -5.40
CA CYS A 22 5.54 2.49 -5.34
C CYS A 22 6.88 3.21 -5.50
N GLU A 23 6.93 4.12 -6.45
CA GLU A 23 8.15 4.89 -6.70
C GLU A 23 8.62 5.59 -5.42
N ALA A 24 7.66 6.15 -4.69
CA ALA A 24 7.97 6.83 -3.44
C ALA A 24 8.53 5.87 -2.41
N ILE A 25 8.00 4.64 -2.41
CA ILE A 25 8.47 3.61 -1.48
C ILE A 25 9.96 3.35 -1.65
N GLY A 26 10.37 3.11 -2.89
CA GLY A 26 11.77 2.85 -3.17
C GLY A 26 12.67 4.00 -2.77
N VAL A 27 12.34 5.20 -3.24
CA VAL A 27 13.12 6.37 -2.90
C VAL A 27 13.20 6.55 -1.39
N LYS A 28 12.19 6.04 -0.70
CA LYS A 28 12.13 6.13 0.75
C LYS A 28 13.19 5.24 1.40
N LEU A 29 13.18 3.96 1.05
CA LEU A 29 14.14 3.01 1.59
C LEU A 29 15.57 3.43 1.28
N LEU A 30 15.75 4.11 0.16
CA LEU A 30 17.08 4.58 -0.24
C LEU A 30 17.55 5.71 0.67
N HIS A 31 16.70 6.70 0.85
CA HIS A 31 17.03 7.85 1.70
C HIS A 31 17.11 7.42 3.16
N LEU A 32 16.24 6.50 3.56
CA LEU A 32 16.21 6.01 4.93
C LEU A 32 17.50 5.26 5.27
N GLU A 33 17.88 4.33 4.40
CA GLU A 33 19.08 3.54 4.60
C GLU A 33 20.33 4.43 4.63
N ASP A 34 20.32 5.46 3.79
CA ASP A 34 21.44 6.39 3.72
C ASP A 34 21.62 7.14 5.04
N GLN A 35 20.51 7.56 5.63
CA GLN A 35 20.55 8.28 6.90
C GLN A 35 20.69 7.32 8.07
N LEU A 36 20.16 6.10 7.91
CA LEU A 36 20.23 5.10 8.96
C LEU A 36 21.67 4.65 9.20
N LEU A 37 22.41 4.50 8.11
CA LEU A 37 23.81 4.07 8.19
C LEU A 37 24.67 5.15 8.83
N GLY A 38 24.58 6.37 8.29
CA GLY A 38 25.36 7.48 8.82
C GLY A 38 25.03 7.77 10.27
N ALA A 39 23.75 7.78 10.61
CA ALA A 39 23.32 8.04 11.97
C ALA A 39 23.57 6.85 12.88
N MET A 40 23.74 5.68 12.28
CA MET A 40 23.99 4.45 13.03
C MET A 40 25.17 4.63 13.99
N TYR A 41 26.32 5.00 13.43
CA TYR A 41 27.53 5.21 14.22
C TYR A 41 27.52 6.56 14.90
N SER A 42 27.29 7.62 14.12
CA SER A 42 27.27 8.98 14.65
C SER A 42 25.86 9.37 15.06
N HIS A 43 25.66 9.64 16.35
CA HIS A 43 24.36 10.03 16.87
C HIS A 43 23.31 8.98 16.56
N ASP A 44 22.99 8.16 17.57
CA ASP A 44 21.99 7.11 17.40
C ASP A 44 20.60 7.60 17.80
N GLU A 45 20.24 8.77 17.30
CA GLU A 45 18.93 9.36 17.61
C GLU A 45 18.23 9.82 16.34
N ALA A 46 18.98 10.49 15.47
CA ALA A 46 18.43 10.98 14.21
C ALA A 46 17.81 9.85 13.39
N LEU A 47 18.39 8.66 13.51
CA LEU A 47 17.89 7.50 12.79
C LEU A 47 16.52 7.08 13.30
N PHE A 48 16.34 7.15 14.61
CA PHE A 48 15.06 6.79 15.23
C PHE A 48 13.95 7.74 14.78
N GLN A 49 14.25 9.03 14.79
CA GLN A 49 13.28 10.04 14.38
C GLN A 49 12.88 9.84 12.93
N SER A 50 13.88 9.70 12.06
CA SER A 50 13.62 9.51 10.64
C SER A 50 12.79 8.24 10.40
N LEU A 51 13.06 7.21 11.20
CA LEU A 51 12.32 5.95 11.09
C LEU A 51 10.85 6.16 11.43
N GLN A 52 10.60 6.92 12.49
CA GLN A 52 9.23 7.20 12.92
C GLN A 52 8.43 7.87 11.80
N GLY A 53 9.04 8.87 11.17
CA GLY A 53 8.38 9.56 10.09
C GLY A 53 8.19 8.68 8.86
N GLU A 54 9.10 7.73 8.68
CA GLU A 54 9.04 6.83 7.54
C GLU A 54 8.00 5.73 7.78
N LEU A 55 7.84 5.35 9.05
CA LEU A 55 6.88 4.31 9.42
C LEU A 55 5.46 4.86 9.38
N GLN A 56 5.30 6.12 9.76
CA GLN A 56 3.99 6.77 9.76
C GLN A 56 3.52 7.05 8.34
N THR A 57 4.41 7.63 7.54
CA THR A 57 4.09 7.95 6.16
C THR A 57 3.74 6.70 5.38
N VAL A 58 4.56 5.67 5.51
CA VAL A 58 4.33 4.41 4.82
C VAL A 58 3.01 3.79 5.27
N LYS A 59 2.73 3.89 6.57
CA LYS A 59 1.49 3.36 7.12
C LYS A 59 0.29 4.04 6.47
N GLU A 60 0.47 5.31 6.12
CA GLU A 60 -0.58 6.09 5.49
C GLU A 60 -0.84 5.57 4.08
N THR A 61 0.22 5.29 3.34
CA THR A 61 0.11 4.78 1.98
C THR A 61 -0.42 3.35 1.97
N LEU A 62 -0.02 2.58 2.99
CA LEU A 62 -0.44 1.19 3.11
C LEU A 62 -1.96 1.10 3.29
N GLN A 63 -2.48 1.89 4.22
CA GLN A 63 -3.92 1.90 4.49
C GLN A 63 -4.69 2.38 3.27
N ALA A 64 -4.19 3.44 2.63
CA ALA A 64 -4.83 3.99 1.44
C ALA A 64 -4.90 2.96 0.33
N MET A 65 -3.80 2.21 0.15
CA MET A 65 -3.74 1.18 -0.88
C MET A 65 -4.81 0.13 -0.66
N ILE A 66 -4.97 -0.30 0.59
CA ILE A 66 -5.97 -1.31 0.93
C ILE A 66 -7.38 -0.73 0.84
N LEU A 67 -7.50 0.57 1.08
CA LEU A 67 -8.79 1.24 1.03
C LEU A 67 -9.31 1.30 -0.40
N GLN A 68 -8.52 1.87 -1.29
CA GLN A 68 -8.90 1.98 -2.71
C GLN A 68 -9.05 0.60 -3.33
N LEU A 69 -8.25 -0.35 -2.87
CA LEU A 69 -8.30 -1.72 -3.39
C LEU A 69 -9.61 -2.39 -3.01
N GLN A 70 -9.98 -2.30 -1.74
CA GLN A 70 -11.20 -2.90 -1.25
C GLN A 70 -12.37 -1.93 -1.38
N PRO A 71 -13.61 -2.42 -1.23
CA PRO A 71 -14.81 -1.58 -1.33
C PRO A 71 -14.86 -0.50 -0.26
N THR A 72 -15.83 0.40 -0.37
CA THR A 72 -15.98 1.49 0.58
C THR A 72 -16.16 0.95 2.00
N LYS A 73 -17.08 -0.02 2.15
CA LYS A 73 -17.34 -0.62 3.45
C LYS A 73 -18.21 -1.87 3.29
N GLU A 74 -17.70 -3.00 3.80
CA GLU A 74 -18.41 -4.26 3.73
C GLU A 74 -18.51 -4.75 2.29
N ALA A 75 -19.29 -4.06 1.47
CA ALA A 75 -19.46 -4.42 0.07
C ALA A 75 -19.78 -3.20 -0.78
N GLY A 76 -20.02 -3.43 -2.06
CA GLY A 76 -20.32 -2.33 -2.97
C GLY A 76 -21.64 -2.55 -3.71
N GLU A 77 -21.59 -2.37 -5.03
CA GLU A 77 -22.79 -2.54 -5.86
C GLU A 77 -22.41 -2.64 -7.33
N ALA A 78 -21.84 -1.56 -7.86
CA ALA A 78 -21.44 -1.52 -9.27
C ALA A 78 -22.63 -1.74 -10.19
N SER A 79 -23.41 -0.69 -10.39
CA SER A 79 -24.59 -0.76 -11.26
C SER A 79 -24.25 -0.30 -12.67
N ALA A 80 -24.22 -1.24 -13.61
CA ALA A 80 -23.92 -0.92 -15.00
C ALA A 80 -24.71 -1.82 -15.96
N SER A 81 -24.71 -3.12 -15.68
CA SER A 81 -25.42 -4.08 -16.51
C SER A 81 -26.91 -4.06 -16.21
N TYR A 82 -27.71 -3.78 -17.23
CA TYR A 82 -29.16 -3.72 -17.08
C TYR A 82 -29.75 -5.12 -17.00
N PRO A 83 -30.98 -5.24 -16.46
CA PRO A 83 -31.66 -6.54 -16.33
C PRO A 83 -31.90 -7.20 -17.68
N THR A 84 -30.99 -8.10 -18.05
CA THR A 84 -31.10 -8.81 -19.33
C THR A 84 -32.02 -10.01 -19.20
N ALA A 85 -32.39 -10.60 -20.34
CA ALA A 85 -33.28 -11.76 -20.36
C ALA A 85 -32.56 -13.00 -19.83
N GLY A 86 -33.08 -13.55 -18.74
CA GLY A 86 -32.48 -14.74 -18.17
C GLY A 86 -31.66 -14.42 -16.92
N ALA A 87 -31.48 -15.42 -16.06
CA ALA A 87 -30.71 -15.25 -14.84
C ALA A 87 -29.23 -15.05 -15.15
N GLN A 88 -28.73 -15.77 -16.15
CA GLN A 88 -27.33 -15.66 -16.53
C GLN A 88 -26.42 -16.08 -15.40
N GLU A 89 -26.79 -17.16 -14.71
CA GLU A 89 -25.99 -17.66 -13.59
C GLU A 89 -26.42 -19.06 -13.21
N THR A 90 -25.98 -20.05 -14.00
CA THR A 90 -26.31 -21.45 -13.77
C THR A 90 -27.70 -21.79 -14.29
N GLU A 91 -28.69 -20.99 -13.90
CA GLU A 91 -30.07 -21.20 -14.34
C GLU A 91 -30.18 -21.09 -15.85
N ALA A 92 -29.58 -20.04 -16.41
CA ALA A 92 -29.62 -19.81 -17.85
C ALA A 92 -28.27 -20.13 -18.49
N LEU A 93 -28.18 -19.88 -19.78
CA LEU A 93 -26.94 -20.14 -20.52
C LEU A 93 -26.12 -18.85 -20.67
N VAL A 94 -24.82 -19.02 -20.93
CA VAL A 94 -23.93 -17.88 -21.09
C VAL A 94 -23.83 -17.07 -19.80
N PRO A 95 -22.61 -16.66 -19.42
CA PRO A 95 -22.38 -15.88 -18.20
C PRO A 95 -23.06 -14.51 -18.25
N ARG A 96 -22.82 -13.78 -19.34
CA ARG A 96 -23.42 -12.46 -19.52
C ARG A 96 -23.08 -11.89 -20.89
N GLY A 97 -21.82 -12.01 -21.28
CA GLY A 97 -21.40 -11.50 -22.57
C GLY A 97 -19.89 -11.34 -22.67
N SER A 98 -19.36 -10.34 -21.97
CA SER A 98 -17.93 -10.09 -21.98
C SER A 98 -17.49 -9.38 -20.70
N GLY A 99 -16.79 -10.11 -19.82
CA GLY A 99 -16.34 -9.52 -18.58
C GLY A 99 -17.11 -10.03 -17.38
N PHE A 100 -17.16 -9.22 -16.32
CA PHE A 100 -17.88 -9.59 -15.11
C PHE A 100 -18.14 -8.37 -14.24
N GLY A 101 -19.25 -8.40 -13.51
CA GLY A 101 -19.59 -7.29 -12.64
C GLY A 101 -19.25 -7.56 -11.19
N THR A 102 -18.16 -8.29 -10.97
CA THR A 102 -17.73 -8.61 -9.62
C THR A 102 -16.38 -7.95 -9.30
N SER A 103 -15.47 -7.97 -10.28
CA SER A 103 -14.16 -7.38 -10.10
C SER A 103 -14.11 -5.99 -10.74
N PRO A 104 -13.66 -4.97 -9.97
CA PRO A 104 -13.58 -3.59 -10.47
C PRO A 104 -12.64 -3.49 -11.67
N LEU A 105 -11.65 -4.38 -11.73
CA LEU A 105 -10.68 -4.38 -12.82
C LEU A 105 -10.22 -5.80 -13.14
N THR A 106 -9.72 -5.99 -14.35
CA THR A 106 -9.24 -7.31 -14.78
C THR A 106 -8.15 -7.81 -13.83
N PRO A 107 -8.03 -9.15 -13.67
CA PRO A 107 -7.03 -9.75 -12.79
C PRO A 107 -5.61 -9.31 -13.13
N SER A 108 -5.22 -8.14 -12.64
CA SER A 108 -3.89 -7.61 -12.90
C SER A 108 -3.53 -6.53 -11.88
N ALA A 109 -4.48 -5.64 -11.61
CA ALA A 109 -4.27 -4.56 -10.65
C ALA A 109 -4.27 -5.08 -9.22
N ARG A 110 -5.22 -5.98 -8.93
CA ARG A 110 -5.33 -6.56 -7.59
C ARG A 110 -4.05 -7.30 -7.22
N ILE A 111 -3.58 -8.15 -8.12
CA ILE A 111 -2.37 -8.92 -7.88
C ILE A 111 -1.16 -8.01 -7.73
N SER A 112 -1.05 -7.03 -8.63
CA SER A 112 0.05 -6.08 -8.59
C SER A 112 0.06 -5.30 -7.28
N ALA A 113 -1.12 -4.84 -6.88
CA ALA A 113 -1.26 -4.07 -5.64
C ALA A 113 -0.85 -4.92 -4.44
N LEU A 114 -1.31 -6.16 -4.41
CA LEU A 114 -0.99 -7.06 -3.31
C LEU A 114 0.48 -7.48 -3.36
N ASN A 115 1.07 -7.41 -4.55
CA ASN A 115 2.48 -7.76 -4.72
C ASN A 115 3.39 -6.73 -4.08
N ILE A 116 3.12 -5.46 -4.33
CA ILE A 116 3.93 -4.38 -3.77
C ILE A 116 3.72 -4.27 -2.27
N VAL A 117 2.49 -4.49 -1.82
CA VAL A 117 2.17 -4.42 -0.40
C VAL A 117 2.99 -5.44 0.39
N GLY A 118 2.92 -6.69 -0.04
CA GLY A 118 3.68 -7.74 0.62
C GLY A 118 5.18 -7.48 0.58
N ASP A 119 5.65 -7.02 -0.57
CA ASP A 119 7.07 -6.73 -0.74
C ASP A 119 7.47 -5.53 0.13
N LEU A 120 6.56 -4.57 0.24
CA LEU A 120 6.82 -3.38 1.05
C LEU A 120 6.93 -3.75 2.52
N LEU A 121 5.88 -4.38 3.05
CA LEU A 121 5.86 -4.78 4.45
C LEU A 121 7.08 -5.66 4.76
N ARG A 122 7.53 -6.41 3.77
CA ARG A 122 8.69 -7.29 3.93
C ARG A 122 9.95 -6.46 4.14
N LYS A 123 10.09 -5.39 3.35
CA LYS A 123 11.25 -4.52 3.44
C LYS A 123 11.29 -3.80 4.78
N VAL A 124 10.14 -3.25 5.19
CA VAL A 124 10.05 -2.53 6.44
C VAL A 124 10.42 -3.44 7.62
N GLY A 125 9.96 -4.68 7.56
CA GLY A 125 10.27 -5.64 8.61
C GLY A 125 11.75 -5.93 8.70
N ALA A 126 12.39 -6.09 7.55
CA ALA A 126 13.83 -6.38 7.50
C ALA A 126 14.64 -5.19 7.99
N LEU A 127 14.25 -3.99 7.56
CA LEU A 127 14.95 -2.78 7.96
C LEU A 127 14.73 -2.49 9.44
N GLU A 128 13.47 -2.57 9.88
CA GLU A 128 13.13 -2.33 11.27
C GLU A 128 13.86 -3.31 12.18
N SER A 129 13.82 -4.58 11.83
CA SER A 129 14.47 -5.62 12.62
C SER A 129 15.98 -5.38 12.67
N LYS A 130 16.53 -4.87 11.57
CA LYS A 130 17.96 -4.60 11.49
C LYS A 130 18.35 -3.51 12.49
N LEU A 131 17.55 -2.46 12.56
CA LEU A 131 17.81 -1.35 13.47
C LEU A 131 17.81 -1.84 14.92
N ALA A 132 16.82 -2.66 15.27
CA ALA A 132 16.71 -3.20 16.62
C ALA A 132 17.93 -4.05 16.95
N ALA A 133 18.44 -4.76 15.96
CA ALA A 133 19.60 -5.63 16.15
C ALA A 133 20.86 -4.80 16.36
N CYS A 134 21.10 -3.84 15.46
CA CYS A 134 22.28 -2.99 15.56
C CYS A 134 22.23 -2.15 16.82
N ARG A 135 21.03 -1.70 17.19
CA ARG A 135 20.85 -0.89 18.38
C ARG A 135 21.28 -1.65 19.62
N ASN A 136 20.73 -2.85 19.79
CA ASN A 136 21.06 -3.69 20.95
C ASN A 136 22.54 -4.08 20.92
N PHE A 137 23.08 -4.25 19.72
CA PHE A 137 24.48 -4.63 19.56
C PHE A 137 25.40 -3.54 20.10
N ALA A 138 25.08 -2.29 19.77
CA ALA A 138 25.88 -1.15 20.21
C ALA A 138 25.49 -0.73 21.64
N LYS A 139 24.23 -0.96 21.99
CA LYS A 139 23.74 -0.61 23.32
C LYS A 139 24.21 -1.63 24.36
N ASP A 140 24.33 -2.88 23.95
CA ASP A 140 24.78 -3.94 24.84
C ASP A 140 26.19 -3.67 25.35
N GLN A 141 27.07 -3.25 24.44
CA GLN A 141 28.45 -2.96 24.81
C GLN A 141 28.52 -1.78 25.77
N ALA A 142 27.57 -0.84 25.62
CA ALA A 142 27.53 0.33 26.48
C ALA A 142 27.20 -0.04 27.92
N SER A 143 26.43 -1.11 28.09
CA SER A 143 26.06 -1.57 29.42
C SER A 143 27.10 -2.55 29.98
N ARG A 144 27.53 -3.48 29.14
CA ARG A 144 28.53 -4.47 29.55
C ARG A 144 29.46 -4.82 28.39
N LYS A 145 30.75 -4.95 28.69
CA LYS A 145 31.74 -5.28 27.67
C LYS A 145 33.09 -5.57 28.32
N GLY A 1 -24.99 7.07 -30.37
CA GLY A 1 -24.78 6.45 -29.04
C GLY A 1 -23.30 6.30 -28.69
N SER A 2 -23.02 5.53 -27.66
CA SER A 2 -21.64 5.30 -27.23
C SER A 2 -21.08 4.04 -27.87
N GLU A 3 -21.69 2.90 -27.55
CA GLU A 3 -21.25 1.62 -28.10
C GLU A 3 -19.90 1.21 -27.51
N PHE A 4 -18.86 1.96 -27.85
CA PHE A 4 -17.52 1.68 -27.36
C PHE A 4 -17.14 2.63 -26.23
N GLY A 5 -17.30 3.94 -26.49
CA GLY A 5 -16.96 4.93 -25.49
C GLY A 5 -15.60 5.55 -25.71
N PRO A 6 -15.53 6.74 -26.33
CA PRO A 6 -14.26 7.42 -26.60
C PRO A 6 -13.52 7.83 -25.32
N TRP A 7 -14.26 7.81 -24.21
CA TRP A 7 -13.68 8.18 -22.91
C TRP A 7 -12.49 7.30 -22.58
N LYS A 8 -11.48 7.87 -21.93
CA LYS A 8 -10.28 7.13 -21.54
C LYS A 8 -9.77 7.58 -20.19
N GLU A 9 -10.39 7.09 -19.13
CA GLU A 9 -9.99 7.45 -17.77
C GLU A 9 -10.26 6.31 -16.80
N ASP A 10 -10.20 5.08 -17.31
CA ASP A 10 -10.44 3.89 -16.49
C ASP A 10 -9.40 2.81 -16.79
N SER A 11 -9.23 1.88 -15.86
CA SER A 11 -8.27 0.80 -16.03
C SER A 11 -6.87 1.35 -16.26
N HIS A 12 -6.61 2.54 -15.75
CA HIS A 12 -5.32 3.18 -15.89
C HIS A 12 -4.93 3.93 -14.62
N ILE A 13 -5.88 4.68 -14.06
CA ILE A 13 -5.64 5.44 -12.85
C ILE A 13 -5.25 4.52 -11.69
N VAL A 14 -5.95 3.40 -11.56
CA VAL A 14 -5.67 2.44 -10.50
C VAL A 14 -4.24 1.90 -10.63
N SER A 15 -3.76 1.79 -11.86
CA SER A 15 -2.42 1.30 -12.12
C SER A 15 -1.39 2.41 -11.93
N ALA A 16 -1.76 3.62 -12.31
CA ALA A 16 -0.88 4.77 -12.18
C ALA A 16 -0.55 5.04 -10.72
N GLU A 17 -1.52 4.80 -9.84
CA GLU A 17 -1.33 5.01 -8.41
C GLU A 17 -0.19 4.15 -7.88
N VAL A 18 -0.23 2.86 -8.21
CA VAL A 18 0.79 1.93 -7.78
C VAL A 18 2.17 2.33 -8.31
N GLY A 19 2.18 2.97 -9.48
CA GLY A 19 3.43 3.40 -10.08
C GLY A 19 4.09 4.51 -9.29
N GLU A 20 3.33 5.57 -9.01
CA GLU A 20 3.85 6.70 -8.25
C GLU A 20 4.07 6.31 -6.80
N LYS A 21 3.12 5.57 -6.24
CA LYS A 21 3.23 5.11 -4.86
C LYS A 21 4.47 4.26 -4.66
N CYS A 22 4.64 3.26 -5.52
CA CYS A 22 5.79 2.37 -5.45
C CYS A 22 7.08 3.16 -5.59
N GLU A 23 7.07 4.16 -6.46
CA GLU A 23 8.23 5.00 -6.69
C GLU A 23 8.66 5.68 -5.40
N ALA A 24 7.69 6.14 -4.63
CA ALA A 24 7.96 6.81 -3.36
C ALA A 24 8.53 5.83 -2.33
N ILE A 25 7.98 4.62 -2.31
CA ILE A 25 8.42 3.60 -1.37
C ILE A 25 9.89 3.25 -1.60
N GLY A 26 10.31 3.24 -2.87
CA GLY A 26 11.69 2.91 -3.19
C GLY A 26 12.66 4.01 -2.79
N VAL A 27 12.37 5.22 -3.24
CA VAL A 27 13.22 6.36 -2.92
C VAL A 27 13.34 6.51 -1.40
N LYS A 28 12.31 6.05 -0.70
CA LYS A 28 12.28 6.13 0.76
C LYS A 28 13.26 5.14 1.37
N LEU A 29 13.18 3.88 0.94
CA LEU A 29 14.06 2.84 1.46
C LEU A 29 15.52 3.18 1.16
N LEU A 30 15.76 3.78 0.01
CA LEU A 30 17.12 4.15 -0.38
C LEU A 30 17.63 5.32 0.47
N HIS A 31 16.82 6.37 0.57
CA HIS A 31 17.19 7.53 1.36
C HIS A 31 17.22 7.20 2.85
N LEU A 32 16.39 6.24 3.25
CA LEU A 32 16.31 5.81 4.64
C LEU A 32 17.55 4.99 5.02
N GLU A 33 17.91 4.04 4.16
CA GLU A 33 19.06 3.19 4.42
C GLU A 33 20.35 4.02 4.46
N ASP A 34 20.49 4.93 3.51
CA ASP A 34 21.67 5.78 3.44
C ASP A 34 21.76 6.68 4.67
N GLN A 35 20.62 7.24 5.08
CA GLN A 35 20.57 8.11 6.24
C GLN A 35 20.76 7.33 7.53
N LEU A 36 20.19 6.12 7.57
CA LEU A 36 20.29 5.26 8.75
C LEU A 36 21.72 4.80 8.96
N LEU A 37 22.42 4.52 7.86
CA LEU A 37 23.80 4.07 7.93
C LEU A 37 24.69 5.11 8.59
N GLY A 38 24.67 6.32 8.06
CA GLY A 38 25.47 7.39 8.62
C GLY A 38 25.05 7.75 10.03
N ALA A 39 23.75 7.92 10.23
CA ALA A 39 23.22 8.28 11.54
C ALA A 39 23.58 7.22 12.58
N MET A 40 23.69 5.97 12.13
CA MET A 40 24.03 4.86 13.01
C MET A 40 25.37 5.09 13.70
N TYR A 41 26.41 5.29 12.89
CA TYR A 41 27.76 5.52 13.42
C TYR A 41 27.92 6.97 13.84
N SER A 42 27.22 7.87 13.15
CA SER A 42 27.30 9.29 13.45
C SER A 42 26.62 9.61 14.77
N HIS A 43 25.29 9.54 14.79
CA HIS A 43 24.51 9.81 15.99
C HIS A 43 23.73 8.57 16.41
N ASP A 44 22.53 8.78 16.95
CA ASP A 44 21.70 7.65 17.39
C ASP A 44 20.24 8.08 17.53
N GLU A 45 20.01 9.20 18.20
CA GLU A 45 18.67 9.71 18.40
C GLU A 45 18.10 10.29 17.10
N ALA A 46 18.99 10.81 16.25
CA ALA A 46 18.59 11.39 14.98
C ALA A 46 17.85 10.37 14.11
N LEU A 47 18.45 9.20 13.95
CA LEU A 47 17.85 8.14 13.14
C LEU A 47 16.57 7.63 13.78
N PHE A 48 16.54 7.61 15.11
CA PHE A 48 15.37 7.13 15.84
C PHE A 48 14.13 7.93 15.45
N GLN A 49 14.24 9.25 15.49
CA GLN A 49 13.12 10.13 15.15
C GLN A 49 12.78 10.00 13.66
N SER A 50 13.81 10.08 12.82
CA SER A 50 13.62 9.96 11.38
C SER A 50 12.94 8.65 11.03
N LEU A 51 13.34 7.58 11.70
CA LEU A 51 12.75 6.26 11.46
C LEU A 51 11.27 6.28 11.79
N GLN A 52 10.91 6.89 12.91
CA GLN A 52 9.52 6.97 13.33
C GLN A 52 8.70 7.64 12.24
N GLY A 53 9.29 8.64 11.60
CA GLY A 53 8.61 9.35 10.53
C GLY A 53 8.34 8.46 9.34
N GLU A 54 9.32 7.66 8.95
CA GLU A 54 9.16 6.75 7.82
C GLU A 54 8.08 5.71 8.10
N LEU A 55 7.91 5.37 9.38
CA LEU A 55 6.91 4.40 9.78
C LEU A 55 5.51 4.98 9.67
N GLN A 56 5.38 6.26 10.02
CA GLN A 56 4.08 6.93 9.96
C GLN A 56 3.68 7.20 8.52
N THR A 57 4.61 7.75 7.74
CA THR A 57 4.35 8.05 6.34
C THR A 57 4.00 6.77 5.56
N VAL A 58 4.79 5.74 5.76
CA VAL A 58 4.55 4.46 5.08
C VAL A 58 3.22 3.86 5.50
N LYS A 59 2.89 4.01 6.78
CA LYS A 59 1.64 3.47 7.31
C LYS A 59 0.46 4.12 6.59
N GLU A 60 0.60 5.41 6.29
CA GLU A 60 -0.45 6.15 5.60
C GLU A 60 -0.62 5.66 4.17
N THR A 61 0.51 5.45 3.48
CA THR A 61 0.48 4.97 2.10
C THR A 61 0.00 3.52 2.03
N LEU A 62 0.24 2.77 3.10
CA LEU A 62 -0.17 1.38 3.16
C LEU A 62 -1.69 1.27 3.26
N GLN A 63 -2.28 2.11 4.10
CA GLN A 63 -3.72 2.11 4.29
C GLN A 63 -4.42 2.68 3.06
N ALA A 64 -3.76 3.60 2.37
CA ALA A 64 -4.31 4.22 1.18
C ALA A 64 -4.49 3.19 0.06
N MET A 65 -3.40 2.53 -0.30
CA MET A 65 -3.42 1.52 -1.36
C MET A 65 -4.40 0.40 -1.01
N ILE A 66 -4.32 -0.10 0.22
CA ILE A 66 -5.20 -1.17 0.67
C ILE A 66 -6.65 -0.69 0.73
N LEU A 67 -6.83 0.57 1.08
CA LEU A 67 -8.18 1.14 1.15
C LEU A 67 -8.80 1.27 -0.23
N GLN A 68 -8.01 1.74 -1.19
CA GLN A 68 -8.48 1.91 -2.56
C GLN A 68 -8.71 0.55 -3.21
N LEU A 69 -7.91 -0.44 -2.82
CA LEU A 69 -8.03 -1.78 -3.37
C LEU A 69 -9.31 -2.44 -2.90
N GLN A 70 -9.45 -2.59 -1.59
CA GLN A 70 -10.63 -3.21 -1.00
C GLN A 70 -11.81 -2.24 -1.00
N PRO A 71 -13.03 -2.73 -1.29
CA PRO A 71 -14.23 -1.89 -1.31
C PRO A 71 -14.40 -1.09 -0.03
N THR A 72 -15.22 -0.04 -0.10
CA THR A 72 -15.47 0.82 1.05
C THR A 72 -16.62 0.26 1.89
N LYS A 73 -17.60 -0.35 1.23
CA LYS A 73 -18.75 -0.91 1.91
C LYS A 73 -19.21 -2.20 1.25
N GLU A 74 -19.40 -2.15 -0.07
CA GLU A 74 -19.83 -3.31 -0.83
C GLU A 74 -18.82 -4.45 -0.70
N ALA A 75 -19.22 -5.64 -1.13
CA ALA A 75 -18.35 -6.81 -1.06
C ALA A 75 -18.25 -7.49 -2.42
N GLY A 76 -19.34 -8.15 -2.83
CA GLY A 76 -19.34 -8.83 -4.11
C GLY A 76 -20.06 -10.16 -4.05
N GLU A 77 -19.74 -10.97 -3.03
CA GLU A 77 -20.36 -12.27 -2.86
C GLU A 77 -20.57 -12.58 -1.39
N ALA A 78 -21.83 -12.52 -0.95
CA ALA A 78 -22.17 -12.79 0.44
C ALA A 78 -23.30 -13.81 0.54
N SER A 79 -23.37 -14.71 -0.44
CA SER A 79 -24.41 -15.73 -0.46
C SER A 79 -23.81 -17.11 -0.65
N ALA A 80 -24.15 -18.04 0.25
CA ALA A 80 -23.64 -19.40 0.17
C ALA A 80 -24.67 -20.40 0.72
N SER A 81 -25.23 -20.08 1.88
CA SER A 81 -26.22 -20.95 2.50
C SER A 81 -27.57 -20.83 1.80
N TYR A 82 -27.63 -21.25 0.54
CA TYR A 82 -28.86 -21.18 -0.23
C TYR A 82 -29.01 -22.42 -1.11
N PRO A 83 -30.18 -23.09 -1.06
CA PRO A 83 -30.43 -24.29 -1.86
C PRO A 83 -30.16 -24.06 -3.35
N THR A 84 -29.01 -24.52 -3.81
CA THR A 84 -28.63 -24.36 -5.21
C THR A 84 -28.49 -25.72 -5.89
N ALA A 85 -28.10 -25.70 -7.16
CA ALA A 85 -27.93 -26.93 -7.92
C ALA A 85 -26.82 -26.79 -8.96
N GLY A 86 -27.13 -26.08 -10.05
CA GLY A 86 -26.14 -25.87 -11.09
C GLY A 86 -26.57 -24.80 -12.09
N ALA A 87 -27.23 -25.21 -13.15
CA ALA A 87 -27.69 -24.29 -14.17
C ALA A 87 -29.11 -24.63 -14.63
N GLN A 88 -30.05 -23.73 -14.34
CA GLN A 88 -31.44 -23.94 -14.71
C GLN A 88 -31.69 -23.51 -16.16
N GLU A 89 -31.29 -22.28 -16.47
CA GLU A 89 -31.46 -21.74 -17.82
C GLU A 89 -30.40 -20.69 -18.13
N THR A 90 -29.23 -21.14 -18.54
CA THR A 90 -28.13 -20.24 -18.86
C THR A 90 -27.98 -20.10 -20.38
N GLU A 91 -28.30 -21.16 -21.11
CA GLU A 91 -28.19 -21.16 -22.56
C GLU A 91 -29.08 -20.07 -23.16
N ALA A 92 -30.24 -19.86 -22.56
CA ALA A 92 -31.18 -18.85 -23.04
C ALA A 92 -31.02 -17.54 -22.28
N LEU A 93 -31.59 -16.47 -22.82
CA LEU A 93 -31.50 -15.16 -22.19
C LEU A 93 -32.60 -14.98 -21.15
N VAL A 94 -32.28 -15.31 -19.91
CA VAL A 94 -33.24 -15.18 -18.81
C VAL A 94 -32.55 -14.78 -17.51
N PRO A 95 -32.77 -13.55 -17.03
CA PRO A 95 -32.17 -13.06 -15.79
C PRO A 95 -32.36 -14.01 -14.62
N ARG A 96 -31.34 -14.11 -13.77
CA ARG A 96 -31.39 -15.00 -12.61
C ARG A 96 -31.96 -14.27 -11.40
N GLY A 97 -31.34 -13.15 -11.06
CA GLY A 97 -31.79 -12.38 -9.91
C GLY A 97 -30.90 -12.56 -8.69
N SER A 98 -29.59 -12.59 -8.93
CA SER A 98 -28.63 -12.77 -7.84
C SER A 98 -27.38 -11.93 -8.08
N GLY A 99 -27.57 -10.79 -8.74
CA GLY A 99 -26.45 -9.90 -9.02
C GLY A 99 -25.47 -10.50 -10.02
N PHE A 100 -25.19 -9.74 -11.08
CA PHE A 100 -24.27 -10.20 -12.11
C PHE A 100 -23.11 -9.21 -12.29
N GLY A 101 -21.96 -9.56 -11.72
CA GLY A 101 -20.80 -8.70 -11.81
C GLY A 101 -19.92 -8.75 -10.57
N THR A 102 -18.62 -8.84 -10.78
CA THR A 102 -17.67 -8.89 -9.67
C THR A 102 -16.25 -8.62 -10.15
N SER A 103 -15.86 -9.28 -11.23
CA SER A 103 -14.53 -9.11 -11.80
C SER A 103 -14.27 -7.65 -12.17
N PRO A 104 -13.39 -6.96 -11.42
CA PRO A 104 -13.07 -5.55 -11.68
C PRO A 104 -12.23 -5.37 -12.95
N LEU A 105 -11.22 -6.20 -13.10
CA LEU A 105 -10.35 -6.14 -14.27
C LEU A 105 -9.43 -7.36 -14.33
N THR A 106 -8.55 -7.39 -15.33
CA THR A 106 -7.63 -8.51 -15.51
C THR A 106 -6.66 -8.60 -14.34
N PRO A 107 -6.32 -9.82 -13.89
CA PRO A 107 -5.39 -10.04 -12.77
C PRO A 107 -4.01 -9.45 -13.06
N SER A 108 -3.84 -8.18 -12.71
CA SER A 108 -2.57 -7.49 -12.92
C SER A 108 -2.50 -6.20 -12.12
N ALA A 109 -3.60 -5.44 -12.14
CA ALA A 109 -3.66 -4.18 -11.41
C ALA A 109 -3.87 -4.41 -9.92
N ARG A 110 -4.74 -5.36 -9.58
CA ARG A 110 -5.04 -5.68 -8.20
C ARG A 110 -3.93 -6.58 -7.61
N ILE A 111 -3.53 -7.58 -8.38
CA ILE A 111 -2.50 -8.51 -7.93
C ILE A 111 -1.18 -7.77 -7.69
N SER A 112 -0.86 -6.83 -8.58
CA SER A 112 0.37 -6.06 -8.45
C SER A 112 0.36 -5.21 -7.19
N ALA A 113 -0.77 -4.56 -6.92
CA ALA A 113 -0.91 -3.72 -5.75
C ALA A 113 -0.71 -4.53 -4.47
N LEU A 114 -1.34 -5.69 -4.40
CA LEU A 114 -1.22 -6.57 -3.24
C LEU A 114 0.18 -7.14 -3.13
N ASN A 115 0.82 -7.34 -4.28
CA ASN A 115 2.18 -7.89 -4.32
C ASN A 115 3.17 -6.92 -3.69
N ILE A 116 3.08 -5.64 -4.06
CA ILE A 116 3.97 -4.63 -3.52
C ILE A 116 3.71 -4.40 -2.04
N VAL A 117 2.44 -4.46 -1.64
CA VAL A 117 2.08 -4.26 -0.24
C VAL A 117 2.79 -5.26 0.65
N GLY A 118 2.66 -6.55 0.32
CA GLY A 118 3.31 -7.59 1.09
C GLY A 118 4.81 -7.44 1.09
N ASP A 119 5.36 -7.10 -0.07
CA ASP A 119 6.80 -6.91 -0.21
C ASP A 119 7.25 -5.67 0.56
N LEU A 120 6.37 -4.67 0.62
CA LEU A 120 6.66 -3.43 1.32
C LEU A 120 6.76 -3.68 2.82
N LEU A 121 5.71 -4.25 3.39
CA LEU A 121 5.68 -4.56 4.82
C LEU A 121 6.88 -5.42 5.21
N ARG A 122 7.24 -6.35 4.34
CA ARG A 122 8.37 -7.23 4.59
C ARG A 122 9.66 -6.43 4.67
N LYS A 123 9.81 -5.46 3.77
CA LYS A 123 10.99 -4.60 3.75
C LYS A 123 11.12 -3.82 5.05
N VAL A 124 10.03 -3.17 5.45
CA VAL A 124 10.01 -2.40 6.69
C VAL A 124 10.35 -3.28 7.89
N GLY A 125 9.83 -4.50 7.87
CA GLY A 125 10.10 -5.43 8.96
C GLY A 125 11.57 -5.70 9.13
N ALA A 126 12.25 -5.94 8.01
CA ALA A 126 13.68 -6.21 8.04
C ALA A 126 14.45 -5.04 8.64
N LEU A 127 14.15 -3.83 8.17
CA LEU A 127 14.80 -2.63 8.66
C LEU A 127 14.49 -2.43 10.14
N GLU A 128 13.22 -2.65 10.50
CA GLU A 128 12.80 -2.49 11.89
C GLU A 128 13.58 -3.43 12.81
N SER A 129 13.77 -4.66 12.35
CA SER A 129 14.51 -5.65 13.12
C SER A 129 15.96 -5.22 13.29
N LYS A 130 16.51 -4.58 12.26
CA LYS A 130 17.89 -4.11 12.30
C LYS A 130 18.07 -3.09 13.42
N LEU A 131 17.13 -2.16 13.51
CA LEU A 131 17.19 -1.13 14.54
C LEU A 131 17.14 -1.76 15.93
N ALA A 132 16.23 -2.71 16.11
CA ALA A 132 16.08 -3.40 17.39
C ALA A 132 17.37 -4.11 17.78
N ALA A 133 18.01 -4.73 16.79
CA ALA A 133 19.26 -5.45 17.03
C ALA A 133 20.35 -4.49 17.52
N CYS A 134 20.40 -3.31 16.90
CA CYS A 134 21.38 -2.31 17.27
C CYS A 134 21.11 -1.76 18.67
N ARG A 135 19.83 -1.64 19.02
CA ARG A 135 19.44 -1.15 20.33
C ARG A 135 19.97 -2.06 21.43
N ASN A 136 19.76 -3.36 21.27
CA ASN A 136 20.23 -4.33 22.24
C ASN A 136 21.75 -4.39 22.27
N PHE A 137 22.36 -4.16 21.12
CA PHE A 137 23.82 -4.19 21.00
C PHE A 137 24.43 -3.01 21.76
N ALA A 138 23.78 -1.86 21.68
CA ALA A 138 24.26 -0.66 22.36
C ALA A 138 24.12 -0.80 23.87
N LYS A 139 22.90 -1.11 24.32
CA LYS A 139 22.63 -1.27 25.75
C LYS A 139 23.46 -2.41 26.33
N ASP A 140 23.73 -3.42 25.51
CA ASP A 140 24.51 -4.57 25.94
C ASP A 140 25.92 -4.16 26.33
N GLN A 141 26.43 -3.13 25.66
CA GLN A 141 27.78 -2.63 25.92
C GLN A 141 27.89 -2.13 27.37
N ALA A 142 26.78 -1.61 27.89
CA ALA A 142 26.76 -1.09 29.25
C ALA A 142 26.65 -2.22 30.27
N SER A 143 25.99 -3.30 29.88
CA SER A 143 25.80 -4.45 30.75
C SER A 143 27.10 -5.25 30.88
N ARG A 144 27.80 -5.42 29.76
CA ARG A 144 29.06 -6.16 29.75
C ARG A 144 29.95 -5.69 28.61
N LYS A 145 29.62 -6.12 27.39
CA LYS A 145 30.40 -5.75 26.21
C LYS A 145 29.50 -5.58 25.00
N GLY A 1 -4.19 19.41 -16.74
CA GLY A 1 -4.02 18.54 -15.55
C GLY A 1 -5.11 18.74 -14.52
N SER A 2 -5.94 17.72 -14.35
CA SER A 2 -7.05 17.80 -13.38
C SER A 2 -6.73 16.96 -12.15
N GLU A 3 -6.16 17.61 -11.13
CA GLU A 3 -5.81 16.93 -9.89
C GLU A 3 -7.06 16.34 -9.23
N PHE A 4 -8.19 17.00 -9.42
CA PHE A 4 -9.45 16.54 -8.84
C PHE A 4 -10.29 15.80 -9.87
N GLY A 5 -10.01 14.50 -10.03
CA GLY A 5 -10.74 13.69 -10.99
C GLY A 5 -11.79 12.82 -10.33
N PRO A 6 -12.93 12.56 -11.01
CA PRO A 6 -14.00 11.74 -10.46
C PRO A 6 -13.50 10.36 -10.01
N TRP A 7 -13.36 10.19 -8.70
CA TRP A 7 -12.89 8.93 -8.14
C TRP A 7 -14.05 7.97 -7.91
N LYS A 8 -14.30 7.11 -8.89
CA LYS A 8 -15.39 6.13 -8.79
C LYS A 8 -14.93 4.76 -9.28
N GLU A 9 -14.62 4.68 -10.58
CA GLU A 9 -14.18 3.43 -11.17
C GLU A 9 -13.69 3.64 -12.59
N ASP A 10 -12.41 4.02 -12.73
CA ASP A 10 -11.82 4.27 -14.04
C ASP A 10 -11.15 3.01 -14.57
N SER A 11 -10.61 2.20 -13.66
CA SER A 11 -9.94 0.96 -14.05
C SER A 11 -8.73 1.24 -14.92
N HIS A 12 -8.11 2.40 -14.71
CA HIS A 12 -6.93 2.79 -15.48
C HIS A 12 -6.03 3.70 -14.66
N ILE A 13 -6.62 4.72 -14.04
CA ILE A 13 -5.86 5.66 -13.22
C ILE A 13 -5.32 4.98 -11.97
N VAL A 14 -6.01 3.94 -11.51
CA VAL A 14 -5.60 3.21 -10.32
C VAL A 14 -4.21 2.63 -10.49
N SER A 15 -3.88 2.23 -11.72
CA SER A 15 -2.57 1.65 -12.01
C SER A 15 -1.48 2.69 -11.83
N ALA A 16 -1.79 3.95 -12.10
CA ALA A 16 -0.83 5.04 -11.97
C ALA A 16 -0.53 5.32 -10.50
N GLU A 17 -1.55 5.17 -9.66
CA GLU A 17 -1.40 5.42 -8.23
C GLU A 17 -0.33 4.50 -7.63
N VAL A 18 -0.35 3.24 -8.06
CA VAL A 18 0.61 2.26 -7.56
C VAL A 18 2.02 2.58 -8.07
N GLY A 19 2.09 3.18 -9.25
CA GLY A 19 3.38 3.52 -9.82
C GLY A 19 4.07 4.65 -9.07
N GLU A 20 3.34 5.75 -8.87
CA GLU A 20 3.89 6.90 -8.17
C GLU A 20 4.27 6.52 -6.73
N LYS A 21 3.41 5.75 -6.08
CA LYS A 21 3.66 5.32 -4.71
C LYS A 21 4.90 4.43 -4.64
N CYS A 22 4.98 3.46 -5.55
CA CYS A 22 6.11 2.55 -5.60
C CYS A 22 7.42 3.30 -5.78
N GLU A 23 7.35 4.42 -6.51
CA GLU A 23 8.53 5.24 -6.76
C GLU A 23 9.00 5.93 -5.48
N ALA A 24 8.06 6.50 -4.75
CA ALA A 24 8.37 7.19 -3.50
C ALA A 24 8.81 6.20 -2.42
N ILE A 25 8.14 5.04 -2.40
CA ILE A 25 8.47 4.01 -1.41
C ILE A 25 9.90 3.54 -1.56
N GLY A 26 10.32 3.30 -2.80
CA GLY A 26 11.68 2.84 -3.05
C GLY A 26 12.71 3.88 -2.69
N VAL A 27 12.53 5.09 -3.22
CA VAL A 27 13.46 6.17 -2.93
C VAL A 27 13.56 6.40 -1.43
N LYS A 28 12.49 6.06 -0.72
CA LYS A 28 12.46 6.21 0.72
C LYS A 28 13.38 5.23 1.40
N LEU A 29 13.27 3.96 1.02
CA LEU A 29 14.11 2.91 1.59
C LEU A 29 15.59 3.19 1.33
N LEU A 30 15.89 3.69 0.14
CA LEU A 30 17.27 4.01 -0.24
C LEU A 30 17.82 5.13 0.65
N HIS A 31 17.05 6.20 0.80
CA HIS A 31 17.46 7.33 1.61
C HIS A 31 17.49 6.94 3.09
N LEU A 32 16.59 6.05 3.48
CA LEU A 32 16.51 5.59 4.86
C LEU A 32 17.79 4.87 5.26
N GLU A 33 18.18 3.88 4.47
CA GLU A 33 19.39 3.11 4.74
C GLU A 33 20.62 4.01 4.74
N ASP A 34 20.68 4.92 3.76
CA ASP A 34 21.80 5.84 3.66
C ASP A 34 21.89 6.74 4.88
N GLN A 35 20.74 7.19 5.37
CA GLN A 35 20.68 8.05 6.54
C GLN A 35 20.93 7.26 7.81
N LEU A 36 20.48 6.01 7.82
CA LEU A 36 20.66 5.14 8.98
C LEU A 36 22.13 4.85 9.22
N LEU A 37 22.88 4.68 8.14
CA LEU A 37 24.31 4.40 8.23
C LEU A 37 25.04 5.51 8.97
N GLY A 38 24.81 6.74 8.53
CA GLY A 38 25.46 7.89 9.16
C GLY A 38 24.94 8.14 10.56
N ALA A 39 23.62 8.07 10.72
CA ALA A 39 23.00 8.30 12.02
C ALA A 39 23.50 7.29 13.05
N MET A 40 23.88 6.10 12.58
CA MET A 40 24.39 5.05 13.46
C MET A 40 25.69 5.49 14.13
N TYR A 41 26.64 5.94 13.32
CA TYR A 41 27.94 6.39 13.83
C TYR A 41 27.84 7.81 14.36
N SER A 42 26.95 8.60 13.76
CA SER A 42 26.76 9.99 14.18
C SER A 42 26.32 10.07 15.63
N HIS A 43 25.04 9.78 15.87
CA HIS A 43 24.49 9.83 17.22
C HIS A 43 23.57 8.62 17.48
N ASP A 44 22.27 8.79 17.27
CA ASP A 44 21.31 7.71 17.48
C ASP A 44 19.88 8.23 17.37
N GLU A 45 19.65 9.47 17.80
CA GLU A 45 18.33 10.06 17.75
C GLU A 45 17.94 10.43 16.32
N ALA A 46 18.93 10.66 15.48
CA ALA A 46 18.69 11.02 14.08
C ALA A 46 17.93 9.91 13.35
N LEU A 47 18.45 8.69 13.45
CA LEU A 47 17.82 7.54 12.81
C LEU A 47 16.52 7.16 13.50
N PHE A 48 16.48 7.35 14.81
CA PHE A 48 15.29 7.02 15.59
C PHE A 48 14.09 7.84 15.13
N GLN A 49 14.32 9.13 14.91
CA GLN A 49 13.25 10.02 14.46
C GLN A 49 12.85 9.71 13.01
N SER A 50 13.86 9.56 12.16
CA SER A 50 13.63 9.26 10.75
C SER A 50 12.88 7.95 10.59
N LEU A 51 13.25 6.96 11.39
CA LEU A 51 12.62 5.65 11.35
C LEU A 51 11.15 5.74 11.76
N GLN A 52 10.88 6.50 12.82
CA GLN A 52 9.52 6.66 13.32
C GLN A 52 8.63 7.26 12.23
N GLY A 53 9.06 8.37 11.64
CA GLY A 53 8.29 9.01 10.60
C GLY A 53 8.11 8.13 9.38
N GLU A 54 9.09 7.27 9.13
CA GLU A 54 9.04 6.36 7.98
C GLU A 54 7.94 5.32 8.16
N LEU A 55 7.77 4.84 9.38
CA LEU A 55 6.76 3.84 9.68
C LEU A 55 5.36 4.44 9.67
N GLN A 56 5.26 5.70 10.12
CA GLN A 56 3.97 6.39 10.15
C GLN A 56 3.55 6.80 8.74
N THR A 57 4.46 7.39 8.00
CA THR A 57 4.17 7.82 6.63
C THR A 57 3.81 6.63 5.77
N VAL A 58 4.60 5.58 5.86
CA VAL A 58 4.36 4.36 5.09
C VAL A 58 3.04 3.72 5.50
N LYS A 59 2.78 3.71 6.80
CA LYS A 59 1.55 3.13 7.33
C LYS A 59 0.35 3.83 6.71
N GLU A 60 0.50 5.13 6.46
CA GLU A 60 -0.57 5.91 5.86
C GLU A 60 -0.80 5.51 4.41
N THR A 61 0.29 5.39 3.64
CA THR A 61 0.18 5.00 2.24
C THR A 61 -0.32 3.58 2.10
N LEU A 62 0.12 2.71 3.01
CA LEU A 62 -0.29 1.31 2.98
C LEU A 62 -1.79 1.18 3.19
N GLN A 63 -2.31 1.91 4.18
CA GLN A 63 -3.73 1.89 4.49
C GLN A 63 -4.56 2.38 3.30
N ALA A 64 -4.08 3.44 2.66
CA ALA A 64 -4.77 4.02 1.51
C ALA A 64 -4.87 3.02 0.37
N MET A 65 -3.78 2.28 0.14
CA MET A 65 -3.74 1.29 -0.92
C MET A 65 -4.80 0.22 -0.71
N ILE A 66 -4.81 -0.37 0.48
CA ILE A 66 -5.77 -1.42 0.81
C ILE A 66 -7.20 -0.88 0.75
N LEU A 67 -7.35 0.40 1.05
CA LEU A 67 -8.67 1.04 1.03
C LEU A 67 -9.21 1.14 -0.39
N GLN A 68 -8.43 1.78 -1.27
CA GLN A 68 -8.83 1.95 -2.66
C GLN A 68 -8.88 0.61 -3.38
N LEU A 69 -8.03 -0.32 -2.96
CA LEU A 69 -7.98 -1.64 -3.57
C LEU A 69 -9.20 -2.47 -3.18
N GLN A 70 -9.51 -2.52 -1.90
CA GLN A 70 -10.65 -3.27 -1.41
C GLN A 70 -11.83 -2.34 -1.10
N PRO A 71 -12.78 -2.20 -2.03
CA PRO A 71 -13.94 -1.33 -1.85
C PRO A 71 -14.92 -1.89 -0.82
N THR A 72 -15.28 -1.05 0.15
CA THR A 72 -16.20 -1.47 1.21
C THR A 72 -16.49 -0.31 2.16
N LYS A 73 -15.46 0.48 2.44
CA LYS A 73 -15.59 1.62 3.34
C LYS A 73 -15.77 2.92 2.55
N GLU A 74 -16.06 3.99 3.26
CA GLU A 74 -16.26 5.29 2.62
C GLU A 74 -15.07 6.22 2.87
N ALA A 75 -14.98 7.28 2.08
CA ALA A 75 -13.89 8.24 2.22
C ALA A 75 -14.28 9.38 3.16
N GLY A 76 -15.24 10.19 2.73
CA GLY A 76 -15.68 11.31 3.54
C GLY A 76 -16.73 10.90 4.56
N GLU A 77 -17.93 11.47 4.44
CA GLU A 77 -19.01 11.16 5.36
C GLU A 77 -20.33 11.68 4.82
N ALA A 78 -20.39 12.98 4.53
CA ALA A 78 -21.60 13.59 4.01
C ALA A 78 -22.76 13.45 4.99
N SER A 79 -23.85 14.16 4.73
CA SER A 79 -25.02 14.12 5.58
C SER A 79 -26.30 13.96 4.76
N ALA A 80 -27.26 13.23 5.31
CA ALA A 80 -28.54 12.99 4.64
C ALA A 80 -28.35 12.12 3.40
N SER A 81 -27.75 12.68 2.36
CA SER A 81 -27.50 11.95 1.12
C SER A 81 -26.01 11.74 0.90
N TYR A 82 -25.64 10.53 0.49
CA TYR A 82 -24.24 10.19 0.23
C TYR A 82 -23.80 10.66 -1.15
N PRO A 83 -24.62 10.41 -2.19
CA PRO A 83 -24.29 10.82 -3.57
C PRO A 83 -24.11 12.33 -3.70
N THR A 84 -23.09 12.74 -4.43
CA THR A 84 -22.81 14.15 -4.63
C THR A 84 -21.96 14.36 -5.88
N ALA A 85 -22.37 15.31 -6.73
CA ALA A 85 -21.64 15.62 -7.95
C ALA A 85 -21.63 14.42 -8.89
N GLY A 86 -21.77 14.69 -10.19
CA GLY A 86 -21.76 13.62 -11.17
C GLY A 86 -22.88 12.62 -10.95
N ALA A 87 -24.11 13.03 -11.22
CA ALA A 87 -25.26 12.16 -11.04
C ALA A 87 -25.58 11.41 -12.33
N GLN A 88 -26.09 10.18 -12.19
CA GLN A 88 -26.43 9.35 -13.34
C GLN A 88 -27.94 9.15 -13.42
N GLU A 89 -28.69 10.23 -13.23
CA GLU A 89 -30.14 10.17 -13.29
C GLU A 89 -30.66 10.83 -14.56
N THR A 90 -29.94 11.84 -15.03
CA THR A 90 -30.33 12.55 -16.26
C THR A 90 -29.14 13.26 -16.87
N GLU A 91 -28.34 13.91 -16.04
CA GLU A 91 -27.17 14.65 -16.51
C GLU A 91 -26.21 13.72 -17.24
N ALA A 92 -26.10 12.48 -16.76
CA ALA A 92 -25.22 11.49 -17.37
C ALA A 92 -25.70 11.11 -18.76
N LEU A 93 -27.02 11.15 -18.96
CA LEU A 93 -27.62 10.82 -20.24
C LEU A 93 -27.31 9.36 -20.62
N VAL A 94 -27.58 8.45 -19.70
CA VAL A 94 -27.33 7.03 -19.93
C VAL A 94 -28.37 6.17 -19.22
N PRO A 95 -28.89 5.13 -19.90
CA PRO A 95 -29.90 4.24 -19.32
C PRO A 95 -29.43 3.63 -17.99
N ARG A 96 -30.27 2.78 -17.41
CA ARG A 96 -29.95 2.14 -16.15
C ARG A 96 -29.67 0.65 -16.35
N GLY A 97 -28.94 0.06 -15.42
CA GLY A 97 -28.61 -1.35 -15.51
C GLY A 97 -28.24 -1.96 -14.18
N SER A 98 -28.64 -3.21 -13.97
CA SER A 98 -28.34 -3.91 -12.72
C SER A 98 -27.32 -5.02 -12.94
N GLY A 99 -26.91 -5.65 -11.85
CA GLY A 99 -25.93 -6.73 -11.95
C GLY A 99 -24.51 -6.22 -12.15
N PHE A 100 -23.61 -7.11 -12.51
CA PHE A 100 -22.22 -6.76 -12.73
C PHE A 100 -21.74 -7.22 -14.10
N GLY A 101 -20.64 -6.65 -14.57
CA GLY A 101 -20.11 -7.02 -15.86
C GLY A 101 -19.27 -8.29 -15.81
N THR A 102 -17.99 -8.16 -16.11
CA THR A 102 -17.08 -9.30 -16.09
C THR A 102 -15.72 -8.91 -15.54
N SER A 103 -15.51 -9.13 -14.25
CA SER A 103 -14.25 -8.79 -13.59
C SER A 103 -13.98 -7.28 -13.68
N PRO A 104 -13.20 -6.74 -12.73
CA PRO A 104 -12.87 -5.31 -12.70
C PRO A 104 -12.02 -4.90 -13.89
N LEU A 105 -10.93 -5.62 -14.12
CA LEU A 105 -10.03 -5.32 -15.23
C LEU A 105 -9.09 -6.50 -15.50
N THR A 106 -8.21 -6.33 -16.48
CA THR A 106 -7.27 -7.38 -16.85
C THR A 106 -6.31 -7.67 -15.70
N PRO A 107 -5.75 -8.89 -15.64
CA PRO A 107 -4.82 -9.29 -14.60
C PRO A 107 -3.46 -8.61 -14.73
N SER A 108 -3.30 -7.48 -14.06
CA SER A 108 -2.05 -6.73 -14.11
C SER A 108 -1.98 -5.71 -12.98
N ALA A 109 -3.10 -5.02 -12.75
CA ALA A 109 -3.17 -4.02 -11.69
C ALA A 109 -3.32 -4.65 -10.32
N ARG A 110 -3.91 -5.85 -10.29
CA ARG A 110 -4.12 -6.56 -9.03
C ARG A 110 -2.81 -7.12 -8.50
N ILE A 111 -2.06 -7.79 -9.36
CA ILE A 111 -0.78 -8.37 -8.98
C ILE A 111 0.22 -7.29 -8.54
N SER A 112 0.21 -6.16 -9.26
CA SER A 112 1.11 -5.07 -8.95
C SER A 112 0.80 -4.48 -7.58
N ALA A 113 -0.49 -4.44 -7.23
CA ALA A 113 -0.92 -3.90 -5.95
C ALA A 113 -0.58 -4.85 -4.81
N LEU A 114 -0.98 -6.11 -4.95
CA LEU A 114 -0.72 -7.12 -3.92
C LEU A 114 0.77 -7.43 -3.82
N ASN A 115 1.45 -7.46 -4.96
CA ASN A 115 2.88 -7.75 -4.98
C ASN A 115 3.69 -6.65 -4.31
N ILE A 116 3.37 -5.39 -4.65
CA ILE A 116 4.08 -4.26 -4.07
C ILE A 116 3.85 -4.17 -2.57
N VAL A 117 2.64 -4.49 -2.13
CA VAL A 117 2.29 -4.45 -0.71
C VAL A 117 3.17 -5.42 0.07
N GLY A 118 3.13 -6.69 -0.32
CA GLY A 118 3.95 -7.69 0.37
C GLY A 118 5.42 -7.37 0.31
N ASP A 119 5.87 -6.85 -0.83
CA ASP A 119 7.26 -6.49 -1.01
C ASP A 119 7.62 -5.26 -0.16
N LEU A 120 6.64 -4.36 0.00
CA LEU A 120 6.84 -3.16 0.78
C LEU A 120 6.94 -3.48 2.27
N LEU A 121 5.91 -4.14 2.79
CA LEU A 121 5.88 -4.52 4.21
C LEU A 121 7.09 -5.36 4.57
N ARG A 122 7.53 -6.19 3.63
CA ARG A 122 8.69 -7.04 3.85
C ARG A 122 9.97 -6.22 3.95
N LYS A 123 10.09 -5.21 3.08
CA LYS A 123 11.25 -4.33 3.07
C LYS A 123 11.29 -3.46 4.31
N VAL A 124 10.20 -2.76 4.58
CA VAL A 124 10.12 -1.88 5.75
C VAL A 124 10.23 -2.69 7.04
N GLY A 125 9.75 -3.93 7.01
CA GLY A 125 9.82 -4.77 8.18
C GLY A 125 11.24 -5.14 8.55
N ALA A 126 12.02 -5.55 7.55
CA ALA A 126 13.41 -5.91 7.77
C ALA A 126 14.24 -4.69 8.14
N LEU A 127 13.85 -3.54 7.61
CA LEU A 127 14.56 -2.29 7.88
C LEU A 127 14.46 -1.92 9.36
N GLU A 128 13.24 -1.96 9.89
CA GLU A 128 13.02 -1.63 11.29
C GLU A 128 13.73 -2.63 12.20
N SER A 129 13.67 -3.91 11.83
CA SER A 129 14.32 -4.95 12.61
C SER A 129 15.82 -4.73 12.65
N LYS A 130 16.39 -4.29 11.53
CA LYS A 130 17.81 -4.03 11.44
C LYS A 130 18.22 -2.91 12.39
N LEU A 131 17.41 -1.86 12.44
CA LEU A 131 17.69 -0.73 13.30
C LEU A 131 17.71 -1.16 14.77
N ALA A 132 16.78 -2.03 15.14
CA ALA A 132 16.71 -2.53 16.52
C ALA A 132 17.99 -3.26 16.90
N ALA A 133 18.43 -4.16 16.02
CA ALA A 133 19.65 -4.93 16.27
C ALA A 133 20.87 -4.01 16.27
N CYS A 134 20.81 -2.95 15.47
CA CYS A 134 21.91 -2.00 15.39
C CYS A 134 22.05 -1.21 16.69
N ARG A 135 20.94 -0.66 17.16
CA ARG A 135 20.93 0.12 18.39
C ARG A 135 21.41 -0.73 19.57
N ASN A 136 21.03 -2.00 19.56
CA ASN A 136 21.42 -2.92 20.63
C ASN A 136 22.92 -3.17 20.61
N PHE A 137 23.43 -3.54 19.44
CA PHE A 137 24.86 -3.80 19.29
C PHE A 137 25.67 -2.56 19.60
N ALA A 138 25.22 -1.41 19.10
CA ALA A 138 25.91 -0.15 19.32
C ALA A 138 25.95 0.19 20.81
N LYS A 139 24.84 -0.06 21.50
CA LYS A 139 24.74 0.22 22.92
C LYS A 139 25.75 -0.61 23.70
N ASP A 140 25.94 -1.86 23.29
CA ASP A 140 26.88 -2.76 23.94
C ASP A 140 28.26 -2.70 23.27
N GLN A 141 28.48 -1.68 22.46
CA GLN A 141 29.76 -1.52 21.76
C GLN A 141 30.41 -0.19 22.13
N ALA A 142 29.59 0.85 22.26
CA ALA A 142 30.10 2.18 22.61
C ALA A 142 30.65 2.19 24.03
N SER A 143 30.08 1.34 24.89
CA SER A 143 30.52 1.26 26.28
C SER A 143 31.78 0.42 26.41
N ARG A 144 31.89 -0.59 25.56
CA ARG A 144 33.06 -1.48 25.58
C ARG A 144 34.19 -0.90 24.73
N LYS A 145 33.88 -0.54 23.49
CA LYS A 145 34.87 0.02 22.59
C LYS A 145 36.01 -0.96 22.34
#